data_9MQG
#
_entry.id   9MQG
#
_cell.length_a   1.00
_cell.length_b   1.00
_cell.length_c   1.00
_cell.angle_alpha   90.00
_cell.angle_beta   90.00
_cell.angle_gamma   90.00
#
_symmetry.space_group_name_H-M   'P 1'
#
loop_
_entity.id
_entity.type
_entity.pdbx_description
1 polymer 'RM017 Fab heavy chain'
2 polymer 'RM017 Fab light chain'
3 polymer 'RM20A3 Fab light chain'
4 polymer 'RM20A3 Fab heavy chain'
5 polymer 'Envelope glycoprotein gp120'
6 polymer 'Transmembrane protein gp41'
7 branched 2-acetamido-2-deoxy-beta-D-glucopyranose-(1-4)-2-acetamido-2-deoxy-beta-D-glucopyranose
8 branched alpha-D-mannopyranose-(1-3)-[alpha-D-mannopyranose-(1-6)]beta-D-mannopyranose-(1-4)-2-acetamido-2-deoxy-beta-D-glucopyranose-(1-4)-2-acetamido-2-deoxy-beta-D-glucopyranose
9 branched alpha-D-mannopyranose-(1-2)-alpha-D-mannopyranose-(1-3)-beta-D-mannopyranose-(1-4)-2-acetamido-2-deoxy-beta-D-glucopyranose-(1-4)-2-acetamido-2-deoxy-beta-D-glucopyranose
10 branched beta-D-mannopyranose-(1-4)-2-acetamido-2-deoxy-beta-D-glucopyranose-(1-4)-2-acetamido-2-deoxy-beta-D-glucopyranose
11 non-polymer 2-acetamido-2-deoxy-beta-D-glucopyranose
#
loop_
_entity_poly.entity_id
_entity_poly.type
_entity_poly.pdbx_seq_one_letter_code
_entity_poly.pdbx_strand_id
1 'polypeptide(L)'
;DVQLVESGGGLVKPGGSLRLSCVASGFTFSSYLMHWVRQAPGKGLEWVSVISESGGNIYYSDSVKGRFTISRDNAKNSLF
LQMNSLRAEDTAVYYCTRGGLFHID(TYS)DDD(TYS)A(TYS)YYTGRGLDYWGQGVLVTVSAASTKGPSVFPLAPSSK
STSGGTAALGCLVKDYFPEPVTVSWNSGALTSGVHTFPAVLQSSGLYSLSSVVTVPSSSLGTQTYICNVNHKPSNTKVDK
KVEPKSC
;
H
2 'polypeptide(L)'
;DIVMTQTPLSLPVTPGEPASISCRSSQSLLNSEDGNTYLDWYLQKPGQSPQLLIYEVSNRASGVPDRFSGSGSDTDFTLE
ISRVEAEDVGVYYCMKALEFPFTFGPGTKLDIKRTVAAPSVFIFPPSDEQLKSGTASVVCLLNNFYPREAKVQWKVDNAL
QSGNSQESVTEQDSKDSTYSLSSTLTLSKADYEKHKVYACEVTHQGLSSPVTKSFNRGEC
;
L
3 'polypeptide(L)'
;ALTQPPSVSGSPGQSVTISCTGTSSDIGSYNYVSWYQQHPGKAPKLMIYDVTQRPSGVSDRFSGSKSGNTASLTISGLQA
DDEADYYCSAYAGRQTFYIFGGGTRLTVLGQPKASPTVTLFPPSSEEL
;
G,J,N
4 'polypeptide(L)'
;EVQLVETGGGLVQPGGSLKLSCRASGYTFSSFAMSWVRQAPGKGLEWVSLINDRGGLTFYVDSVKGRFTISRDNSKNTLS
LQMHSLRDGDTAVYYCATGGMSSALQSSKYYFDFWGQGALVTVSS
;
I,K,M
5 'polypeptide(L)'
;AENLWVTVYYGVPVWKDAETTLFCASDAKAYETEKHNVWATHACVSTDPNPQEIHLENVTEEFNMWKNNMVEQMHEDIIS
LWDQSLKPCVKLTPLCVGLQCTNVTNNITDDMRGELKNCSFNATTELRNKRQKVYSLFYRLDIVPMVDLWTNYRLISCNT
SAITQACPKVSFEPIPIHYCAPAGFAILKCKDKKFNGTGPCQNVSTVQCTHGIKPVVSTQLLLNGSLAEEEVIIRSENIT
NNAKNILVQLNTSVQINCTRPNNNTVKSIRIGPGQAFYYTGDIIGDIRQAHCNVSKATWNETLGKVVKQLRKHFGNNTII
RFAQSSGGDLEVTTHSFNCGGEFFYCNTSGLFNSTWISNTSVQGSNSTGSNDSITLPCRIKQIINMWQRIGQAMYAPPIQ
GVIRCVSNITGLILTRDGGSTNSTTETFRPGGGDMRDNWRSELYKYKVVKIEPLGVAPTRCKRRVVGRRRRRR
;
A,C,D
6 'polypeptide(L)'
;AVGIGAVSLGFLGAAGSTMGAASMTLTVQARNLLSGIVQQQSNLLRAPEPQQHLLKDTHWGIKQLQARVLAVEHYLRDQQ
LLGIWGCSGKLICCTNVPWNSSWSNRNLSEIWDNMTWLQWDKEISNYTQIIYGLLEESQNQQEKNEQDLLALD
;
B,E,F
#
loop_
_chem_comp.id
_chem_comp.type
_chem_comp.name
_chem_comp.formula
BMA D-saccharide, beta linking beta-D-mannopyranose 'C6 H12 O6'
MAN D-saccharide, alpha linking alpha-D-mannopyranose 'C6 H12 O6'
NAG D-saccharide, beta linking 2-acetamido-2-deoxy-beta-D-glucopyranose 'C8 H15 N O6'
#
# COMPACT_ATOMS: atom_id res chain seq x y z
N ASP A 1 33.19 -20.20 -72.43
CA ASP A 1 33.97 -21.41 -72.85
C ASP A 1 34.39 -22.22 -71.63
N VAL A 2 33.46 -23.01 -71.12
CA VAL A 2 33.72 -23.89 -69.97
C VAL A 2 34.29 -25.20 -70.48
N GLN A 3 35.45 -25.59 -69.95
CA GLN A 3 36.13 -26.82 -70.36
C GLN A 3 36.45 -27.65 -69.13
N LEU A 4 36.30 -28.97 -69.29
CA LEU A 4 36.64 -29.95 -68.26
C LEU A 4 37.29 -31.13 -68.95
N VAL A 5 38.56 -31.42 -68.64
CA VAL A 5 39.29 -32.49 -69.30
C VAL A 5 39.85 -33.44 -68.25
N GLU A 6 39.44 -34.71 -68.35
CA GLU A 6 39.89 -35.77 -67.44
C GLU A 6 41.14 -36.45 -68.00
N SER A 7 41.96 -36.95 -67.09
CA SER A 7 43.13 -37.75 -67.45
C SER A 7 43.43 -38.70 -66.28
N GLY A 8 44.33 -39.64 -66.55
CA GLY A 8 44.74 -40.61 -65.55
C GLY A 8 44.06 -41.97 -65.61
N GLY A 9 43.35 -42.27 -66.70
CA GLY A 9 42.68 -43.54 -66.82
C GLY A 9 43.63 -44.63 -67.29
N GLY A 10 43.04 -45.76 -67.70
CA GLY A 10 43.81 -46.91 -68.11
C GLY A 10 43.32 -48.18 -67.47
N LEU A 11 44.13 -49.24 -67.61
CA LEU A 11 43.85 -50.56 -67.11
C LEU A 11 44.58 -50.80 -65.79
N VAL A 12 43.83 -51.19 -64.77
CA VAL A 12 44.35 -51.50 -63.44
C VAL A 12 43.82 -52.88 -63.05
N LYS A 13 44.64 -53.65 -62.33
CA LYS A 13 44.19 -54.96 -61.90
C LYS A 13 43.26 -54.86 -60.70
N PRO A 14 42.33 -55.81 -60.52
CA PRO A 14 41.46 -55.79 -59.34
C PRO A 14 42.27 -55.76 -58.05
N GLY A 15 41.83 -54.93 -57.11
CA GLY A 15 42.50 -54.76 -55.83
C GLY A 15 43.51 -53.63 -55.80
N GLY A 16 43.83 -53.04 -56.96
CA GLY A 16 44.79 -51.97 -57.05
C GLY A 16 44.12 -50.63 -56.84
N SER A 17 44.83 -49.57 -57.23
CA SER A 17 44.34 -48.22 -57.04
C SER A 17 44.70 -47.37 -58.25
N LEU A 18 43.92 -46.32 -58.46
CA LEU A 18 44.12 -45.43 -59.60
C LEU A 18 43.56 -44.06 -59.24
N ARG A 19 44.27 -42.99 -59.60
CA ARG A 19 43.78 -41.64 -59.34
C ARG A 19 43.54 -40.88 -60.65
N LEU A 20 42.30 -40.41 -60.83
CA LEU A 20 41.89 -39.63 -61.98
C LEU A 20 42.02 -38.16 -61.63
N SER A 21 42.28 -37.32 -62.64
CA SER A 21 42.35 -35.88 -62.45
C SER A 21 41.63 -35.14 -63.55
N CYS A 22 40.69 -34.28 -63.15
CA CYS A 22 39.90 -33.43 -64.02
C CYS A 22 40.39 -32.00 -63.89
N VAL A 23 40.87 -31.44 -65.00
CA VAL A 23 41.37 -30.06 -65.03
C VAL A 23 40.27 -29.21 -65.66
N ALA A 24 39.92 -28.13 -64.98
CA ALA A 24 38.84 -27.24 -65.38
C ALA A 24 39.39 -25.89 -65.83
N SER A 25 38.67 -25.25 -66.74
CA SER A 25 39.01 -23.89 -67.16
C SER A 25 37.76 -23.19 -67.66
N GLY A 26 37.85 -21.87 -67.72
CA GLY A 26 36.79 -21.02 -68.21
C GLY A 26 35.86 -20.48 -67.15
N PHE A 27 36.06 -20.84 -65.89
CA PHE A 27 35.22 -20.38 -64.79
C PHE A 27 36.04 -20.44 -63.52
N THR A 28 35.56 -19.76 -62.47
CA THR A 28 36.23 -19.84 -61.19
C THR A 28 35.94 -21.20 -60.58
N PHE A 29 36.99 -21.98 -60.34
CA PHE A 29 36.80 -23.36 -59.90
C PHE A 29 36.26 -23.40 -58.47
N SER A 30 36.76 -22.52 -57.60
CA SER A 30 36.36 -22.46 -56.20
C SER A 30 34.91 -22.03 -55.98
N SER A 31 34.19 -21.60 -57.01
CA SER A 31 32.80 -21.19 -56.85
C SER A 31 31.75 -22.26 -57.16
N TYR A 32 32.13 -23.43 -57.70
CA TYR A 32 31.15 -24.43 -58.09
C TYR A 32 31.39 -25.80 -57.45
N LEU A 33 30.28 -26.49 -57.20
CA LEU A 33 30.31 -27.87 -56.70
C LEU A 33 30.86 -28.76 -57.79
N MET A 34 31.63 -29.78 -57.42
CA MET A 34 32.10 -30.73 -58.43
C MET A 34 31.56 -32.13 -58.18
N HIS A 35 31.15 -32.77 -59.28
CA HIS A 35 30.55 -34.09 -59.25
C HIS A 35 31.35 -35.07 -60.10
N TRP A 36 31.38 -36.34 -59.70
CA TRP A 36 31.81 -37.43 -60.56
C TRP A 36 30.62 -38.33 -60.82
N VAL A 37 30.50 -38.74 -62.09
CA VAL A 37 29.48 -39.66 -62.59
C VAL A 37 30.20 -40.70 -63.41
N ARG A 38 29.77 -41.97 -63.34
CA ARG A 38 30.40 -43.02 -64.12
C ARG A 38 29.35 -43.75 -64.94
N GLN A 39 29.79 -44.32 -66.06
CA GLN A 39 28.96 -45.13 -66.94
C GLN A 39 29.67 -46.43 -67.30
N ALA A 40 29.21 -47.55 -66.74
CA ALA A 40 29.83 -48.82 -67.06
C ALA A 40 29.46 -49.17 -68.51
N PRO A 41 30.33 -49.87 -69.24
CA PRO A 41 29.96 -50.24 -70.62
C PRO A 41 28.64 -51.02 -70.63
N GLY A 42 27.75 -50.62 -71.53
CA GLY A 42 26.47 -51.27 -71.67
C GLY A 42 25.42 -50.82 -70.68
N LYS A 43 25.78 -49.92 -69.76
CA LYS A 43 24.92 -49.42 -68.70
C LYS A 43 24.65 -47.92 -68.88
N GLY A 44 23.71 -47.43 -68.08
CA GLY A 44 23.36 -46.03 -68.07
C GLY A 44 24.30 -45.27 -67.15
N LEU A 45 23.92 -44.03 -66.84
CA LEU A 45 24.80 -43.20 -66.03
C LEU A 45 24.58 -43.53 -64.57
N GLU A 46 25.68 -43.61 -63.82
CA GLU A 46 25.66 -43.84 -62.38
C GLU A 46 26.36 -42.71 -61.66
N TRP A 47 25.65 -42.06 -60.74
CA TRP A 47 26.25 -40.97 -59.98
C TRP A 47 27.23 -41.57 -59.00
N VAL A 48 28.40 -40.94 -58.86
CA VAL A 48 29.47 -41.43 -57.98
C VAL A 48 29.63 -40.59 -56.72
N SER A 49 29.99 -39.32 -56.86
CA SER A 49 30.22 -38.56 -55.63
C SER A 49 30.28 -37.06 -55.90
N VAL A 50 30.11 -36.27 -54.84
CA VAL A 50 30.22 -34.82 -54.94
C VAL A 50 31.09 -34.26 -53.82
N ILE A 51 31.89 -33.25 -54.19
CA ILE A 51 32.72 -32.50 -53.27
C ILE A 51 32.33 -31.03 -53.35
N SER A 52 32.20 -30.41 -52.18
CA SER A 52 31.88 -29.00 -52.04
C SER A 52 33.07 -28.13 -52.47
N GLU A 53 32.79 -26.84 -52.65
CA GLU A 53 33.83 -25.92 -53.12
C GLU A 53 35.02 -25.85 -52.19
N SER A 54 34.78 -25.86 -50.88
CA SER A 54 35.89 -25.79 -49.94
C SER A 54 36.55 -27.13 -49.71
N GLY A 55 35.92 -28.23 -50.10
CA GLY A 55 36.42 -29.55 -49.82
C GLY A 55 36.01 -30.06 -48.46
N GLY A 56 35.26 -29.26 -47.69
CA GLY A 56 34.87 -29.65 -46.35
C GLY A 56 33.70 -30.62 -46.28
N ASN A 57 32.84 -30.63 -47.30
CA ASN A 57 31.65 -31.47 -47.30
C ASN A 57 31.70 -32.39 -48.50
N ILE A 58 31.76 -33.69 -48.23
CA ILE A 58 31.89 -34.72 -49.24
C ILE A 58 30.79 -35.74 -49.05
N TYR A 59 30.14 -36.15 -50.14
CA TYR A 59 29.15 -37.21 -50.04
C TYR A 59 29.34 -38.16 -51.20
N TYR A 60 29.26 -39.47 -50.91
CA TYR A 60 29.44 -40.53 -51.90
C TYR A 60 28.18 -41.37 -51.99
N SER A 61 27.91 -41.88 -53.19
CA SER A 61 26.83 -42.84 -53.35
C SER A 61 27.20 -44.11 -52.60
N ASP A 62 26.18 -44.78 -52.04
CA ASP A 62 26.42 -45.99 -51.26
C ASP A 62 27.24 -47.01 -52.05
N SER A 63 26.99 -47.11 -53.36
CA SER A 63 27.67 -48.11 -54.18
C SER A 63 29.17 -47.88 -54.28
N VAL A 64 29.65 -46.68 -53.97
CA VAL A 64 31.06 -46.32 -54.08
C VAL A 64 31.69 -45.88 -52.76
N LYS A 65 31.00 -46.05 -51.63
CA LYS A 65 31.61 -45.60 -50.38
C LYS A 65 32.81 -46.48 -50.02
N GLY A 66 33.81 -45.84 -49.43
CA GLY A 66 35.00 -46.56 -49.00
C GLY A 66 36.03 -46.74 -50.09
N ARG A 67 35.62 -47.33 -51.20
CA ARG A 67 36.51 -47.58 -52.32
C ARG A 67 36.98 -46.28 -53.00
N PHE A 68 36.10 -45.27 -53.06
CA PHE A 68 36.42 -44.02 -53.75
C PHE A 68 36.57 -42.87 -52.76
N THR A 69 37.58 -42.04 -53.00
CA THR A 69 37.81 -40.81 -52.25
C THR A 69 37.88 -39.64 -53.24
N ILE A 70 37.15 -38.57 -52.96
CA ILE A 70 37.11 -37.39 -53.83
C ILE A 70 37.83 -36.24 -53.13
N SER A 71 38.64 -35.51 -53.89
CA SER A 71 39.38 -34.38 -53.35
C SER A 71 39.53 -33.35 -54.46
N ARG A 72 39.89 -32.12 -54.08
CA ARG A 72 40.06 -31.08 -55.08
C ARG A 72 41.13 -30.11 -54.60
N ASP A 73 41.67 -29.35 -55.55
CA ASP A 73 42.66 -28.31 -55.29
C ASP A 73 42.22 -27.09 -56.09
N ASN A 74 41.71 -26.07 -55.38
CA ASN A 74 41.17 -24.90 -56.05
C ASN A 74 42.28 -24.04 -56.62
N ALA A 75 43.43 -23.99 -55.95
CA ALA A 75 44.54 -23.17 -56.45
C ALA A 75 45.00 -23.67 -57.81
N LYS A 76 44.97 -24.99 -58.01
CA LYS A 76 45.40 -25.60 -59.25
C LYS A 76 44.24 -25.79 -60.23
N ASN A 77 43.03 -25.39 -59.86
CA ASN A 77 41.85 -25.57 -60.68
C ASN A 77 41.69 -27.03 -61.12
N SER A 78 41.84 -27.96 -60.17
CA SER A 78 41.72 -29.37 -60.53
C SER A 78 41.00 -30.17 -59.46
N LEU A 79 40.34 -31.23 -59.93
CA LEU A 79 39.59 -32.19 -59.15
C LEU A 79 40.25 -33.56 -59.24
N PHE A 80 40.36 -34.29 -58.13
CA PHE A 80 40.97 -35.61 -58.13
C PHE A 80 39.98 -36.62 -57.58
N LEU A 81 40.08 -37.85 -58.09
CA LEU A 81 39.32 -38.98 -57.57
C LEU A 81 40.27 -40.16 -57.39
N GLN A 82 40.47 -40.59 -56.15
CA GLN A 82 41.38 -41.69 -55.81
C GLN A 82 40.55 -42.95 -55.61
N MET A 83 40.80 -43.96 -56.43
CA MET A 83 40.07 -45.21 -56.38
C MET A 83 40.93 -46.26 -55.71
N ASN A 84 40.35 -47.00 -54.77
CA ASN A 84 41.02 -48.10 -54.09
C ASN A 84 40.15 -49.34 -54.13
N SER A 85 40.81 -50.50 -54.02
CA SER A 85 40.14 -51.81 -53.97
C SER A 85 39.15 -51.98 -55.12
N LEU A 86 39.56 -51.56 -56.31
CA LEU A 86 38.67 -51.61 -57.47
C LEU A 86 38.20 -53.01 -57.79
N ARG A 87 36.91 -53.12 -58.08
CA ARG A 87 36.21 -54.35 -58.41
C ARG A 87 35.96 -54.39 -59.92
N ALA A 88 35.68 -55.59 -60.43
CA ALA A 88 35.36 -55.71 -61.86
C ALA A 88 34.17 -54.84 -62.23
N GLU A 89 33.22 -54.68 -61.30
CA GLU A 89 32.03 -53.86 -61.51
C GLU A 89 32.35 -52.38 -61.67
N ASP A 90 33.58 -51.96 -61.34
CA ASP A 90 33.97 -50.56 -61.42
C ASP A 90 34.50 -50.14 -62.78
N THR A 91 34.53 -51.04 -63.77
CA THR A 91 34.95 -50.63 -65.11
C THR A 91 33.92 -49.66 -65.65
N ALA A 92 34.37 -48.48 -66.05
CA ALA A 92 33.44 -47.48 -66.54
C ALA A 92 34.19 -46.30 -67.13
N VAL A 93 33.47 -45.50 -67.92
CA VAL A 93 33.95 -44.19 -68.30
C VAL A 93 33.50 -43.23 -67.20
N TYR A 94 34.46 -42.51 -66.62
CA TYR A 94 34.20 -41.55 -65.57
C TYR A 94 34.19 -40.14 -66.15
N TYR A 95 33.24 -39.34 -65.70
CA TYR A 95 33.11 -37.95 -66.13
C TYR A 95 33.09 -37.09 -64.89
N CYS A 96 33.72 -35.92 -65.00
CA CYS A 96 33.62 -34.87 -63.99
C CYS A 96 32.64 -33.84 -64.53
N THR A 97 31.86 -33.25 -63.62
CA THR A 97 30.96 -32.18 -64.02
C THR A 97 30.99 -31.06 -63.01
N ARG A 98 30.53 -29.91 -63.46
CA ARG A 98 30.36 -28.72 -62.64
C ARG A 98 28.94 -28.76 -62.10
N GLY A 99 28.76 -28.39 -60.85
CA GLY A 99 27.44 -28.38 -60.23
C GLY A 99 26.89 -26.98 -60.20
N GLY A 100 26.17 -26.66 -59.14
CA GLY A 100 25.58 -25.34 -59.06
C GLY A 100 26.59 -24.34 -58.58
N LEU A 101 26.16 -23.09 -58.52
CA LEU A 101 26.99 -21.98 -58.10
C LEU A 101 26.72 -21.74 -56.62
N PHE A 102 27.77 -21.84 -55.81
CA PHE A 102 27.68 -21.65 -54.38
C PHE A 102 28.45 -20.39 -54.05
N HIS A 103 27.87 -19.53 -53.21
CA HIS A 103 28.50 -18.28 -52.85
C HIS A 103 28.36 -18.04 -51.36
N ILE A 104 29.44 -17.60 -50.74
CA ILE A 104 29.42 -17.20 -49.35
C ILE A 104 29.43 -15.68 -49.36
N ASP A 105 28.37 -15.08 -48.83
CA ASP A 105 28.29 -13.63 -48.75
C ASP A 105 28.94 -13.20 -47.46
N TYS A 106 30.14 -12.66 -47.61
CA TYS A 106 30.98 -12.31 -46.48
CB TYS A 106 32.40 -11.98 -46.92
CG TYS A 106 33.21 -13.18 -47.30
CD1 TYS A 106 33.61 -14.09 -46.32
CD2 TYS A 106 33.60 -13.45 -48.61
CE1 TYS A 106 34.35 -15.21 -46.63
CE2 TYS A 106 34.35 -14.57 -48.94
CZ TYS A 106 34.73 -15.46 -47.94
OH TYS A 106 35.47 -16.59 -48.20
S TYS A 106 35.24 -17.46 -49.62
O1 TYS A 106 35.87 -16.66 -50.67
O2 TYS A 106 33.80 -17.57 -49.76
O3 TYS A 106 35.95 -18.69 -49.28
C TYS A 106 30.38 -11.12 -45.74
O TYS A 106 30.38 -11.08 -44.51
N ASP A 107 29.87 -10.16 -46.51
CA ASP A 107 29.35 -8.95 -45.92
C ASP A 107 28.09 -9.26 -45.15
N ASP A 108 27.30 -10.20 -45.68
CA ASP A 108 26.02 -10.57 -45.07
C ASP A 108 26.21 -11.70 -44.06
N ASP A 109 27.00 -11.42 -43.03
CA ASP A 109 27.28 -12.35 -41.94
C ASP A 109 27.66 -13.76 -42.43
N TYS A 110 28.45 -13.83 -43.50
CA TYS A 110 28.87 -15.10 -44.08
CB TYS A 110 29.79 -15.86 -43.10
CG TYS A 110 31.19 -15.34 -42.93
CD1 TYS A 110 32.25 -16.11 -43.36
CD2 TYS A 110 31.46 -14.10 -42.35
CE1 TYS A 110 33.56 -15.67 -43.21
CE2 TYS A 110 32.76 -13.65 -42.21
CZ TYS A 110 33.82 -14.44 -42.63
OH TYS A 110 35.13 -14.03 -42.50
S TYS A 110 35.58 -12.46 -42.88
O1 TYS A 110 35.09 -11.62 -41.78
O2 TYS A 110 34.93 -12.19 -44.15
O3 TYS A 110 37.02 -12.62 -42.94
C TYS A 110 27.69 -15.98 -44.44
O TYS A 110 27.71 -17.18 -44.24
N ALA A 111 26.65 -15.36 -45.00
CA ALA A 111 25.46 -16.10 -45.42
C ALA A 111 25.78 -17.04 -46.56
N TYS A 112 24.92 -18.02 -46.79
CA TYS A 112 25.12 -18.97 -47.89
CB TYS A 112 25.10 -20.41 -47.37
CG TYS A 112 26.21 -20.84 -46.46
CD1 TYS A 112 27.50 -20.35 -46.60
CD2 TYS A 112 25.99 -21.75 -45.44
CE1 TYS A 112 28.53 -20.75 -45.76
CE2 TYS A 112 26.99 -22.17 -44.59
CZ TYS A 112 28.27 -21.67 -44.74
OH TYS A 112 29.27 -22.07 -43.91
S TYS A 112 29.20 -21.54 -42.32
O1 TYS A 112 28.13 -22.35 -41.73
O2 TYS A 112 28.89 -20.13 -42.43
O3 TYS A 112 30.54 -21.88 -41.90
C TYS A 112 24.06 -18.83 -48.97
O TYS A 112 22.86 -18.81 -48.65
N TYR A 113 24.49 -18.72 -50.21
CA TYR A 113 23.59 -18.68 -51.37
C TYR A 113 23.96 -19.81 -52.28
N TYR A 114 22.98 -20.39 -52.95
CA TYR A 114 23.24 -21.47 -53.90
C TYR A 114 22.20 -21.42 -55.01
N THR A 115 22.68 -21.53 -56.25
CA THR A 115 21.85 -21.58 -57.44
C THR A 115 22.14 -22.91 -58.12
N GLY A 116 21.12 -23.74 -58.31
CA GLY A 116 21.33 -25.01 -58.96
C GLY A 116 21.09 -24.91 -60.45
N ARG A 117 21.87 -25.69 -61.20
CA ARG A 117 21.75 -25.77 -62.65
C ARG A 117 21.95 -27.22 -63.11
N GLY A 118 21.59 -28.18 -62.27
CA GLY A 118 21.83 -29.57 -62.58
C GLY A 118 23.32 -29.82 -62.62
N LEU A 119 23.75 -30.72 -63.51
CA LEU A 119 25.17 -31.04 -63.63
C LEU A 119 25.90 -30.14 -64.63
N ASP A 120 25.20 -29.15 -65.18
CA ASP A 120 25.76 -28.08 -66.04
C ASP A 120 26.70 -28.66 -67.11
N TYR A 121 27.94 -28.19 -67.22
CA TYR A 121 28.90 -28.68 -68.20
C TYR A 121 29.54 -30.01 -67.79
N TRP A 122 29.69 -30.89 -68.77
CA TRP A 122 30.32 -32.20 -68.63
C TRP A 122 31.68 -32.23 -69.32
N GLY A 123 32.59 -33.04 -68.79
CA GLY A 123 33.89 -33.23 -69.40
C GLY A 123 33.89 -34.25 -70.53
N GLN A 124 35.11 -34.49 -71.04
CA GLN A 124 35.30 -35.40 -72.18
C GLN A 124 35.09 -36.86 -71.80
N GLY A 125 35.53 -37.25 -70.61
CA GLY A 125 35.40 -38.62 -70.14
C GLY A 125 36.71 -39.39 -70.20
N VAL A 126 37.03 -40.10 -69.11
CA VAL A 126 38.24 -40.91 -68.99
C VAL A 126 37.83 -42.34 -68.66
N LEU A 127 38.37 -43.31 -69.39
CA LEU A 127 38.02 -44.71 -69.18
C LEU A 127 38.93 -45.38 -68.15
N VAL A 128 38.31 -46.04 -67.18
CA VAL A 128 39.00 -46.85 -66.17
C VAL A 128 38.54 -48.28 -66.38
N THR A 129 39.50 -49.19 -66.63
CA THR A 129 39.21 -50.59 -66.85
C THR A 129 39.79 -51.40 -65.70
N VAL A 130 38.97 -52.25 -65.09
CA VAL A 130 39.38 -53.10 -63.98
C VAL A 130 39.23 -54.54 -64.46
N SER A 131 40.37 -55.20 -64.71
CA SER A 131 40.35 -56.55 -65.25
C SER A 131 41.75 -57.14 -65.10
N ALA A 132 41.82 -58.46 -65.23
CA ALA A 132 43.10 -59.16 -65.18
C ALA A 132 42.98 -60.53 -65.84
N ASP B 1 16.83 -44.95 -51.02
CA ASP B 1 15.37 -45.16 -50.79
C ASP B 1 14.50 -44.57 -51.90
N ILE B 2 15.09 -43.71 -52.73
CA ILE B 2 14.40 -43.08 -53.86
C ILE B 2 15.03 -43.61 -55.13
N VAL B 3 14.20 -44.13 -56.04
CA VAL B 3 14.64 -44.66 -57.31
C VAL B 3 13.81 -44.03 -58.42
N MET B 4 14.35 -44.07 -59.63
CA MET B 4 13.68 -43.55 -60.82
C MET B 4 13.47 -44.68 -61.83
N THR B 5 12.31 -44.66 -62.49
CA THR B 5 11.96 -45.61 -63.54
C THR B 5 11.40 -44.86 -64.74
N GLN B 6 11.60 -45.42 -65.93
CA GLN B 6 11.11 -44.83 -67.17
C GLN B 6 10.45 -45.91 -68.02
N THR B 7 9.15 -45.73 -68.31
CA THR B 7 8.41 -46.73 -69.07
C THR B 7 8.86 -46.84 -70.53
N PRO B 8 8.96 -45.76 -71.32
CA PRO B 8 9.24 -45.91 -72.78
C PRO B 8 10.71 -46.16 -73.10
N LEU B 9 11.19 -47.36 -72.75
CA LEU B 9 12.61 -47.66 -72.90
C LEU B 9 13.06 -47.63 -74.35
N SER B 10 12.14 -47.83 -75.31
CA SER B 10 12.45 -47.78 -76.74
C SER B 10 11.31 -47.02 -77.39
N LEU B 11 11.61 -45.82 -77.90
CA LEU B 11 10.61 -44.92 -78.49
C LEU B 11 11.06 -44.40 -79.85
N PRO B 12 11.01 -45.22 -80.89
CA PRO B 12 11.30 -44.67 -82.23
C PRO B 12 10.25 -43.64 -82.60
N VAL B 13 10.68 -42.56 -83.24
CA VAL B 13 9.77 -41.52 -83.72
C VAL B 13 10.11 -41.14 -85.15
N THR B 14 9.06 -40.87 -85.93
CA THR B 14 9.22 -40.38 -87.29
C THR B 14 9.97 -39.04 -87.21
N PRO B 15 11.04 -38.84 -87.98
CA PRO B 15 11.79 -37.58 -87.84
C PRO B 15 10.91 -36.38 -88.19
N GLY B 16 11.05 -35.32 -87.40
CA GLY B 16 10.28 -34.11 -87.61
C GLY B 16 8.96 -34.05 -86.88
N GLU B 17 8.55 -35.13 -86.21
CA GLU B 17 7.28 -35.21 -85.47
C GLU B 17 7.52 -35.15 -83.96
N PRO B 18 6.51 -34.74 -83.18
CA PRO B 18 6.67 -34.68 -81.73
C PRO B 18 6.79 -36.05 -81.08
N ALA B 19 7.39 -36.06 -79.89
CA ALA B 19 7.51 -37.26 -79.07
C ALA B 19 7.69 -36.82 -77.63
N SER B 20 7.41 -37.74 -76.70
CA SER B 20 7.64 -37.46 -75.29
C SER B 20 8.15 -38.69 -74.55
N ILE B 21 8.99 -38.43 -73.55
CA ILE B 21 9.60 -39.45 -72.69
C ILE B 21 9.08 -39.24 -71.26
N SER B 22 8.38 -40.23 -70.73
CA SER B 22 7.86 -40.14 -69.37
C SER B 22 8.90 -40.61 -68.35
N CYS B 23 8.66 -40.24 -67.09
CA CYS B 23 9.51 -40.66 -65.99
C CYS B 23 8.70 -40.61 -64.69
N ARG B 24 8.90 -41.60 -63.82
CA ARG B 24 8.22 -41.65 -62.54
C ARG B 24 9.23 -41.85 -61.41
N SER B 25 9.02 -41.12 -60.32
CA SER B 25 9.80 -41.23 -59.10
C SER B 25 9.05 -42.12 -58.11
N SER B 26 9.81 -42.89 -57.32
CA SER B 26 9.18 -43.67 -56.25
C SER B 26 8.74 -42.79 -55.08
N GLN B 27 9.28 -41.57 -54.97
CA GLN B 27 8.94 -40.66 -53.90
C GLN B 27 8.82 -39.25 -54.48
N SER B 28 8.03 -38.41 -53.81
CA SER B 28 7.90 -37.03 -54.24
C SER B 28 9.24 -36.31 -54.27
N LEU B 29 9.46 -35.53 -55.32
CA LEU B 29 10.67 -34.73 -55.49
C LEU B 29 10.43 -33.26 -55.19
N LEU B 30 9.31 -32.91 -54.57
CA LEU B 30 9.00 -31.53 -54.22
C LEU B 30 9.78 -31.11 -52.99
N ASN B 31 10.42 -29.94 -53.04
CA ASN B 31 11.15 -29.39 -51.91
C ASN B 31 10.23 -28.44 -51.15
N SER B 32 9.79 -28.86 -49.96
CA SER B 32 8.85 -28.10 -49.16
C SER B 32 9.41 -26.76 -48.68
N GLU B 33 10.73 -26.56 -48.74
CA GLU B 33 11.31 -25.30 -48.29
C GLU B 33 11.02 -24.15 -49.23
N ASP B 34 10.89 -24.41 -50.54
CA ASP B 34 10.62 -23.35 -51.50
C ASP B 34 9.55 -23.70 -52.53
N GLY B 35 8.98 -24.91 -52.48
CA GLY B 35 7.93 -25.28 -53.39
C GLY B 35 8.40 -25.76 -54.75
N ASN B 36 9.71 -25.82 -54.97
CA ASN B 36 10.24 -26.24 -56.26
C ASN B 36 10.45 -27.75 -56.28
N THR B 37 10.35 -28.32 -57.47
CA THR B 37 10.59 -29.73 -57.71
C THR B 37 11.88 -29.83 -58.51
N TYR B 38 12.81 -30.64 -58.02
CA TYR B 38 14.16 -30.75 -58.58
C TYR B 38 14.30 -32.07 -59.33
N LEU B 39 14.39 -31.98 -60.66
CA LEU B 39 14.54 -33.15 -61.53
C LEU B 39 15.23 -32.69 -62.80
N ASP B 40 16.33 -33.34 -63.18
CA ASP B 40 17.04 -32.97 -64.39
C ASP B 40 16.84 -34.01 -65.49
N TRP B 41 16.90 -33.54 -66.74
CA TRP B 41 16.90 -34.39 -67.93
C TRP B 41 18.22 -34.21 -68.67
N TYR B 42 18.84 -35.34 -69.05
CA TYR B 42 20.10 -35.40 -69.76
C TYR B 42 19.97 -36.21 -71.03
N LEU B 43 20.79 -35.88 -72.04
CA LEU B 43 20.88 -36.63 -73.28
C LEU B 43 22.31 -36.98 -73.62
N GLN B 44 22.58 -38.27 -73.80
CA GLN B 44 23.88 -38.80 -74.18
C GLN B 44 23.82 -39.25 -75.63
N LYS B 45 24.47 -38.50 -76.49
CA LYS B 45 24.51 -38.83 -77.90
C LYS B 45 25.57 -39.91 -78.08
N PRO B 46 25.42 -40.84 -79.04
CA PRO B 46 26.44 -41.89 -79.19
C PRO B 46 27.83 -41.31 -79.41
N GLY B 47 28.79 -41.84 -78.64
CA GLY B 47 30.17 -41.44 -78.73
C GLY B 47 30.52 -40.16 -77.98
N GLN B 48 29.55 -39.53 -77.32
CA GLN B 48 29.74 -38.28 -76.60
C GLN B 48 29.36 -38.42 -75.14
N SER B 49 29.91 -37.54 -74.32
CA SER B 49 29.50 -37.45 -72.93
C SER B 49 28.08 -36.86 -72.87
N PRO B 50 27.32 -37.19 -71.83
CA PRO B 50 25.96 -36.63 -71.75
C PRO B 50 25.98 -35.14 -71.54
N GLN B 51 24.97 -34.47 -72.08
CA GLN B 51 24.78 -33.04 -71.93
C GLN B 51 23.50 -32.79 -71.14
N LEU B 52 23.45 -31.64 -70.49
CA LEU B 52 22.24 -31.25 -69.76
C LEU B 52 21.23 -30.67 -70.72
N LEU B 53 19.98 -31.13 -70.62
CA LEU B 53 18.89 -30.58 -71.40
C LEU B 53 17.99 -29.70 -70.53
N ILE B 54 17.43 -30.26 -69.47
CA ILE B 54 16.50 -29.53 -68.62
C ILE B 54 16.96 -29.62 -67.18
N TYR B 55 16.95 -28.49 -66.47
CA TYR B 55 17.24 -28.48 -65.05
C TYR B 55 15.94 -28.09 -64.37
N GLU B 56 15.70 -28.66 -63.19
CA GLU B 56 14.42 -28.54 -62.50
C GLU B 56 13.33 -29.16 -63.40
N VAL B 57 12.06 -29.17 -62.95
CA VAL B 57 11.04 -29.84 -63.77
C VAL B 57 10.87 -29.18 -65.13
N SER B 58 10.86 -27.84 -65.21
CA SER B 58 10.59 -27.17 -66.48
C SER B 58 11.58 -26.09 -66.93
N ASN B 59 12.74 -25.92 -66.30
CA ASN B 59 13.65 -24.85 -66.72
C ASN B 59 14.63 -25.35 -67.75
N ARG B 60 14.59 -24.75 -68.95
CA ARG B 60 15.46 -25.15 -70.05
C ARG B 60 16.88 -24.66 -69.81
N ALA B 61 17.86 -25.53 -70.06
CA ALA B 61 19.25 -25.13 -69.93
C ALA B 61 19.67 -24.27 -71.11
N SER B 62 20.61 -23.36 -70.87
CA SER B 62 21.09 -22.51 -71.95
C SER B 62 21.75 -23.36 -73.04
N GLY B 63 21.48 -23.00 -74.30
CA GLY B 63 22.04 -23.69 -75.43
C GLY B 63 21.17 -24.81 -75.95
N VAL B 64 20.10 -25.15 -75.24
CA VAL B 64 19.17 -26.22 -75.59
C VAL B 64 18.07 -25.66 -76.50
N PRO B 65 17.75 -26.30 -77.63
CA PRO B 65 16.66 -25.79 -78.48
C PRO B 65 15.35 -25.69 -77.70
N ASP B 66 14.54 -24.70 -78.10
CA ASP B 66 13.28 -24.42 -77.42
C ASP B 66 12.24 -25.52 -77.60
N ARG B 67 12.50 -26.49 -78.47
CA ARG B 67 11.59 -27.61 -78.68
C ARG B 67 11.52 -28.53 -77.46
N PHE B 68 12.53 -28.52 -76.60
CA PHE B 68 12.55 -29.38 -75.43
C PHE B 68 11.86 -28.66 -74.28
N SER B 69 10.86 -29.31 -73.70
CA SER B 69 10.12 -28.72 -72.57
C SER B 69 9.73 -29.79 -71.58
N GLY B 70 10.05 -29.57 -70.31
CA GLY B 70 9.70 -30.49 -69.25
C GLY B 70 8.41 -30.06 -68.55
N SER B 71 7.71 -31.03 -67.99
CA SER B 71 6.52 -30.76 -67.20
C SER B 71 6.33 -31.94 -66.26
N GLY B 72 5.49 -31.76 -65.24
CA GLY B 72 5.21 -32.88 -64.37
C GLY B 72 4.64 -32.48 -63.05
N SER B 73 4.25 -33.51 -62.30
CA SER B 73 3.69 -33.45 -60.96
C SER B 73 4.83 -33.77 -60.00
N ASP B 74 4.51 -33.93 -58.71
CA ASP B 74 5.57 -34.22 -57.75
C ASP B 74 6.27 -35.54 -58.05
N THR B 75 5.57 -36.52 -58.63
CA THR B 75 6.15 -37.82 -58.94
C THR B 75 6.06 -38.23 -60.41
N ASP B 76 5.19 -37.61 -61.22
CA ASP B 76 4.97 -37.98 -62.61
C ASP B 76 5.46 -36.87 -63.53
N PHE B 77 6.48 -37.17 -64.33
CA PHE B 77 7.15 -36.19 -65.16
C PHE B 77 7.14 -36.61 -66.62
N THR B 78 7.15 -35.63 -67.52
CA THR B 78 7.31 -35.89 -68.94
C THR B 78 8.23 -34.84 -69.56
N LEU B 79 9.12 -35.29 -70.44
CA LEU B 79 9.92 -34.43 -71.31
C LEU B 79 9.32 -34.50 -72.71
N GLU B 80 8.82 -33.38 -73.23
CA GLU B 80 8.21 -33.33 -74.54
C GLU B 80 9.13 -32.62 -75.52
N ILE B 81 9.20 -33.15 -76.74
CA ILE B 81 9.93 -32.54 -77.84
C ILE B 81 8.91 -32.30 -78.95
N SER B 82 8.76 -31.04 -79.37
CA SER B 82 7.75 -30.70 -80.37
C SER B 82 8.07 -31.31 -81.73
N ARG B 83 9.36 -31.51 -82.04
CA ARG B 83 9.80 -32.18 -83.26
C ARG B 83 11.15 -32.80 -82.96
N VAL B 84 11.32 -34.08 -83.32
CA VAL B 84 12.57 -34.80 -83.09
C VAL B 84 13.29 -34.97 -84.41
N GLU B 85 14.52 -34.47 -84.47
CA GLU B 85 15.42 -34.57 -85.62
C GLU B 85 16.53 -35.55 -85.26
N ALA B 86 17.41 -35.83 -86.22
CA ALA B 86 18.53 -36.73 -85.92
C ALA B 86 19.40 -36.16 -84.81
N GLU B 87 19.52 -34.83 -84.75
CA GLU B 87 20.33 -34.18 -83.73
C GLU B 87 19.73 -34.32 -82.33
N ASP B 88 18.47 -34.74 -82.21
CA ASP B 88 17.76 -34.85 -80.94
C ASP B 88 17.57 -36.28 -80.43
N VAL B 89 18.25 -37.27 -81.00
CA VAL B 89 18.08 -38.66 -80.57
C VAL B 89 19.37 -39.16 -79.93
N GLY B 90 19.21 -40.24 -79.16
CA GLY B 90 20.26 -40.79 -78.34
C GLY B 90 19.64 -41.31 -77.06
N VAL B 91 20.43 -41.51 -76.00
CA VAL B 91 19.90 -42.06 -74.76
C VAL B 91 19.58 -40.92 -73.79
N TYR B 92 18.35 -40.89 -73.31
CA TYR B 92 17.87 -39.89 -72.36
C TYR B 92 17.92 -40.46 -70.96
N TYR B 93 18.30 -39.63 -69.98
CA TYR B 93 18.32 -40.05 -68.59
C TYR B 93 17.55 -39.05 -67.73
N CYS B 94 16.77 -39.62 -66.81
CA CYS B 94 16.02 -38.90 -65.79
C CYS B 94 16.80 -38.95 -64.48
N MET B 95 17.22 -37.79 -63.96
CA MET B 95 18.02 -37.71 -62.74
C MET B 95 17.27 -36.96 -61.65
N LYS B 96 17.13 -37.58 -60.48
CA LYS B 96 16.41 -36.93 -59.38
C LYS B 96 17.35 -35.90 -58.78
N ALA B 97 16.79 -34.80 -58.24
CA ALA B 97 17.64 -33.78 -57.65
C ALA B 97 17.05 -33.15 -56.38
N LEU B 98 16.29 -33.90 -55.58
CA LEU B 98 15.73 -33.30 -54.36
C LEU B 98 16.71 -33.52 -53.21
N GLU B 99 16.94 -34.78 -52.85
CA GLU B 99 17.86 -35.08 -51.78
C GLU B 99 19.25 -35.08 -52.37
N PHE B 100 20.23 -34.79 -51.55
CA PHE B 100 21.60 -34.73 -52.07
C PHE B 100 22.07 -36.02 -52.73
N PRO B 101 21.76 -37.23 -52.24
CA PRO B 101 22.25 -38.42 -52.92
C PRO B 101 21.55 -38.59 -54.27
N PHE B 102 22.15 -38.00 -55.31
CA PHE B 102 21.57 -37.99 -56.64
C PHE B 102 21.68 -39.36 -57.27
N THR B 103 20.65 -39.75 -58.03
CA THR B 103 20.65 -41.00 -58.77
C THR B 103 20.04 -40.77 -60.14
N PHE B 104 20.31 -41.70 -61.05
CA PHE B 104 19.76 -41.69 -62.40
C PHE B 104 18.82 -42.87 -62.59
N GLY B 105 17.84 -42.69 -63.46
CA GLY B 105 16.96 -43.78 -63.84
C GLY B 105 17.62 -44.68 -64.86
N PRO B 106 16.87 -45.69 -65.30
CA PRO B 106 17.45 -46.64 -66.27
C PRO B 106 17.71 -45.99 -67.62
N GLY B 107 17.02 -44.91 -67.94
CA GLY B 107 17.17 -44.24 -69.22
C GLY B 107 16.29 -44.84 -70.29
N THR B 108 16.13 -44.08 -71.38
CA THR B 108 15.37 -44.52 -72.54
C THR B 108 16.17 -44.23 -73.80
N LYS B 109 15.97 -45.03 -74.83
CA LYS B 109 16.61 -44.80 -76.13
C LYS B 109 15.63 -44.14 -77.09
N LEU B 110 15.92 -42.90 -77.48
CA LEU B 110 15.11 -42.18 -78.45
C LEU B 110 15.83 -42.38 -79.77
N ASP B 111 15.09 -42.69 -80.83
CA ASP B 111 15.69 -42.96 -82.14
C ASP B 111 14.76 -42.45 -83.25
N ILE B 112 15.22 -42.65 -84.49
CA ILE B 112 14.53 -42.21 -85.70
C ILE B 112 14.02 -43.45 -86.41
N LYS B 113 12.74 -43.44 -86.78
CA LYS B 113 12.16 -44.56 -87.52
C LYS B 113 12.72 -44.60 -88.94
N ALA C 1 -12.93 20.11 60.63
CA ALA C 1 -14.10 19.40 61.12
C ALA C 1 -13.74 18.08 61.81
N LEU C 2 -12.50 17.95 62.27
CA LEU C 2 -12.07 16.80 63.06
C LEU C 2 -12.23 17.15 64.53
N THR C 3 -12.47 16.12 65.34
CA THR C 3 -12.63 16.29 66.79
C THR C 3 -11.44 15.69 67.52
N GLN C 4 -10.81 16.51 68.34
CA GLN C 4 -9.67 16.15 69.17
C GLN C 4 -9.87 16.84 70.51
N PRO C 5 -9.35 16.29 71.60
CA PRO C 5 -9.60 16.92 72.90
C PRO C 5 -8.73 18.15 73.09
N PRO C 6 -9.18 19.12 73.89
CA PRO C 6 -8.29 20.18 74.37
C PRO C 6 -7.49 19.75 75.61
N SER C 7 -6.52 20.59 75.94
CA SER C 7 -5.82 20.57 77.22
C SER C 7 -5.22 19.21 77.61
N VAL C 8 -4.52 18.59 76.66
CA VAL C 8 -3.76 17.38 76.97
C VAL C 8 -2.51 17.84 77.70
N SER C 9 -2.13 17.16 78.78
CA SER C 9 -0.98 17.63 79.55
C SER C 9 -0.27 16.48 80.26
N GLY C 10 0.91 16.80 80.76
CA GLY C 10 1.70 15.88 81.57
C GLY C 10 2.96 16.57 82.02
N SER C 11 3.72 15.88 82.86
CA SER C 11 4.97 16.41 83.39
C SER C 11 6.13 16.15 82.44
N PRO C 12 7.22 16.92 82.56
CA PRO C 12 8.42 16.63 81.77
C PRO C 12 8.89 15.19 81.98
N GLY C 13 9.26 14.54 80.88
CA GLY C 13 9.71 13.17 80.92
C GLY C 13 8.61 12.14 80.76
N GLN C 14 7.35 12.54 80.89
CA GLN C 14 6.23 11.63 80.77
C GLN C 14 5.73 11.63 79.33
N SER C 15 5.08 10.52 78.95
CA SER C 15 4.51 10.39 77.62
C SER C 15 3.06 10.84 77.65
N VAL C 16 2.64 11.52 76.59
CA VAL C 16 1.26 11.96 76.39
C VAL C 16 0.84 11.52 75.00
N THR C 17 -0.47 11.42 74.80
CA THR C 17 -1.04 11.13 73.49
C THR C 17 -2.08 12.17 73.15
N ILE C 18 -2.00 12.70 71.93
CA ILE C 18 -2.97 13.64 71.38
C ILE C 18 -3.59 12.91 70.20
N SER C 19 -4.91 12.85 70.15
CA SER C 19 -5.55 12.11 69.08
C SER C 19 -6.75 12.88 68.56
N CYS C 20 -7.09 12.57 67.31
CA CYS C 20 -8.23 13.18 66.63
C CYS C 20 -9.02 12.08 65.92
N THR C 21 -10.34 12.23 65.96
CA THR C 21 -11.25 11.29 65.31
C THR C 21 -11.99 11.98 64.17
N GLY C 22 -11.97 11.34 63.02
CA GLY C 22 -12.65 11.84 61.83
C GLY C 22 -13.78 10.91 61.47
N THR C 23 -13.99 10.66 60.18
CA THR C 23 -15.06 9.81 59.70
C THR C 23 -14.51 8.84 58.66
N SER C 24 -15.41 8.01 58.11
CA SER C 24 -15.00 6.98 57.16
C SER C 24 -14.57 7.52 55.81
N SER C 25 -14.89 8.78 55.50
CA SER C 25 -14.51 9.37 54.22
C SER C 25 -13.16 10.08 54.23
N ASP C 26 -12.53 10.27 55.40
CA ASP C 26 -11.26 11.00 55.48
C ASP C 26 -10.16 10.24 56.20
N ILE C 27 -10.09 10.23 57.54
CA ILE C 27 -9.01 9.52 58.22
C ILE C 27 -9.11 8.02 57.93
N GLY C 28 -10.32 7.49 57.90
CA GLY C 28 -10.55 6.08 57.64
C GLY C 28 -10.50 5.67 56.20
N SER C 29 -10.22 6.60 55.29
CA SER C 29 -10.18 6.34 53.86
C SER C 29 -8.76 6.52 53.32
N TYR C 30 -8.16 7.68 53.56
CA TYR C 30 -6.85 8.01 53.02
C TYR C 30 -5.88 8.05 54.19
N ASN C 31 -4.73 7.38 54.04
CA ASN C 31 -3.71 7.40 55.08
C ASN C 31 -2.74 8.58 54.86
N TYR C 32 -3.31 9.78 54.82
CA TYR C 32 -2.54 11.01 54.63
C TYR C 32 -2.93 11.99 55.74
N VAL C 33 -2.50 11.69 56.97
CA VAL C 33 -2.82 12.50 58.13
C VAL C 33 -1.52 13.10 58.60
N SER C 34 -1.49 14.43 58.71
CA SER C 34 -0.33 15.16 59.18
C SER C 34 -0.67 15.90 60.46
N TRP C 35 0.35 16.21 61.24
CA TRP C 35 0.22 16.96 62.48
C TRP C 35 1.10 18.20 62.44
N TYR C 36 0.57 19.31 62.95
CA TYR C 36 1.32 20.56 63.01
C TYR C 36 1.40 21.07 64.43
N GLN C 37 2.53 21.70 64.74
CA GLN C 37 2.82 22.29 66.04
C GLN C 37 2.88 23.81 65.86
N GLN C 38 1.97 24.53 66.51
CA GLN C 38 1.90 25.99 66.41
C GLN C 38 2.16 26.62 67.76
N HIS C 39 3.33 27.23 67.93
CA HIS C 39 3.58 27.92 69.17
C HIS C 39 2.82 29.24 69.13
N PRO C 40 2.28 29.74 70.24
CA PRO C 40 1.58 31.04 70.17
C PRO C 40 2.49 32.10 69.58
N GLY C 41 1.95 32.86 68.64
CA GLY C 41 2.70 33.91 67.99
C GLY C 41 3.52 33.45 66.79
N LYS C 42 3.56 32.14 66.51
CA LYS C 42 4.34 31.57 65.42
C LYS C 42 3.44 30.83 64.45
N ALA C 43 3.94 30.68 63.22
CA ALA C 43 3.27 29.86 62.23
C ALA C 43 3.37 28.37 62.56
N PRO C 44 2.39 27.56 62.14
CA PRO C 44 2.50 26.11 62.37
C PRO C 44 3.73 25.51 61.68
N LYS C 45 4.33 24.54 62.36
CA LYS C 45 5.46 23.75 61.85
C LYS C 45 4.97 22.33 61.60
N LEU C 46 5.45 21.69 60.54
CA LEU C 46 5.10 20.31 60.27
C LEU C 46 5.87 19.37 61.19
N MET C 47 5.16 18.47 61.87
CA MET C 47 5.80 17.50 62.76
C MET C 47 5.68 16.07 62.25
N ILE C 48 4.50 15.67 61.78
CA ILE C 48 4.23 14.32 61.30
C ILE C 48 3.50 14.44 59.97
N TYR C 49 3.82 13.54 59.04
CA TYR C 49 3.10 13.46 57.77
C TYR C 49 2.95 12.00 57.40
N ASP C 50 1.96 11.72 56.54
CA ASP C 50 1.65 10.36 56.09
C ASP C 50 1.47 9.42 57.28
N VAL C 51 0.79 9.92 58.31
CA VAL C 51 0.44 9.21 59.53
C VAL C 51 1.65 8.89 60.40
N THR C 52 2.64 8.17 59.86
CA THR C 52 3.78 7.72 60.65
C THR C 52 5.10 8.42 60.34
N GLN C 53 5.19 9.21 59.28
CA GLN C 53 6.47 9.76 58.86
C GLN C 53 6.65 11.14 59.46
N ARG C 54 7.91 11.54 59.61
CA ARG C 54 8.26 12.87 60.11
C ARG C 54 9.31 13.49 59.20
N PRO C 55 9.31 14.82 59.06
CA PRO C 55 10.30 15.46 58.21
C PRO C 55 11.67 15.50 58.88
N SER C 56 12.70 15.61 58.06
CA SER C 56 14.03 15.86 58.61
C SER C 56 14.02 17.22 59.29
N GLY C 57 14.75 17.33 60.40
CA GLY C 57 14.83 18.57 61.14
C GLY C 57 14.15 18.54 62.50
N VAL C 58 13.39 17.50 62.81
CA VAL C 58 12.74 17.35 64.10
C VAL C 58 13.29 16.10 64.79
N SER C 59 13.01 15.99 66.08
CA SER C 59 13.47 14.89 66.90
C SER C 59 12.61 13.64 66.70
N ASP C 60 13.11 12.53 67.25
CA ASP C 60 12.45 11.24 67.19
C ASP C 60 11.38 11.08 68.27
N ARG C 61 11.19 12.11 69.11
CA ARG C 61 10.19 12.05 70.15
C ARG C 61 8.78 12.01 69.55
N PHE C 62 8.57 12.74 68.47
CA PHE C 62 7.27 12.86 67.83
C PHE C 62 7.06 11.70 66.86
N SER C 63 5.96 10.99 67.03
CA SER C 63 5.63 9.85 66.18
C SER C 63 4.12 9.69 66.19
N GLY C 64 3.61 8.76 65.38
CA GLY C 64 2.17 8.59 65.38
C GLY C 64 1.73 7.30 64.72
N SER C 65 0.42 7.10 64.75
CA SER C 65 -0.22 5.91 64.22
C SER C 65 -1.66 6.25 63.87
N LYS C 66 -2.33 5.31 63.20
CA LYS C 66 -3.72 5.46 62.81
C LYS C 66 -4.43 4.12 63.01
N SER C 67 -5.64 4.20 63.56
CA SER C 67 -6.48 3.01 63.73
C SER C 67 -7.92 3.41 63.51
N GLY C 68 -8.61 2.70 62.61
CA GLY C 68 -9.99 3.03 62.34
C GLY C 68 -10.05 4.44 61.78
N ASN C 69 -10.87 5.27 62.42
CA ASN C 69 -11.05 6.66 62.01
C ASN C 69 -10.31 7.61 62.96
N THR C 70 -9.42 7.09 63.80
CA THR C 70 -8.70 7.89 64.78
C THR C 70 -7.20 7.90 64.53
N ALA C 71 -6.62 9.11 64.48
CA ALA C 71 -5.20 9.32 64.32
C ALA C 71 -4.64 9.67 65.69
N SER C 72 -3.40 9.24 65.97
CA SER C 72 -2.79 9.47 67.28
C SER C 72 -1.33 9.88 67.16
N LEU C 73 -1.00 10.97 67.85
CA LEU C 73 0.33 11.56 67.97
C LEU C 73 0.88 11.28 69.36
N THR C 74 2.10 10.75 69.43
CA THR C 74 2.77 10.52 70.70
C THR C 74 4.01 11.40 70.69
N ILE C 75 4.32 11.96 71.86
CA ILE C 75 5.42 12.91 72.02
C ILE C 75 6.56 12.36 72.86
N SER C 76 6.47 11.12 73.33
CA SER C 76 7.53 10.58 74.22
C SER C 76 7.67 11.54 75.40
N GLY C 77 8.83 11.60 76.04
CA GLY C 77 8.98 12.45 77.21
C GLY C 77 8.83 13.92 76.84
N LEU C 78 8.04 14.64 77.64
CA LEU C 78 7.81 16.05 77.40
C LEU C 78 9.00 16.92 77.78
N GLN C 79 9.15 18.01 77.04
CA GLN C 79 10.15 19.05 77.30
C GLN C 79 9.43 20.39 77.27
N ALA C 80 10.02 21.38 77.93
CA ALA C 80 9.42 22.71 78.01
C ALA C 80 9.13 23.31 76.63
N ASP C 81 9.92 22.95 75.62
CA ASP C 81 9.74 23.51 74.29
C ASP C 81 8.56 22.93 73.53
N ASP C 82 7.84 21.96 74.11
CA ASP C 82 6.70 21.34 73.48
C ASP C 82 5.37 22.04 73.79
N GLU C 83 5.38 23.11 74.58
CA GLU C 83 4.14 23.77 74.92
C GLU C 83 3.62 24.57 73.73
N ALA C 84 2.76 23.93 72.93
CA ALA C 84 2.27 24.50 71.68
C ALA C 84 0.90 23.91 71.37
N ASP C 85 0.18 24.57 70.47
CA ASP C 85 -1.12 24.09 70.00
C ASP C 85 -0.92 23.13 68.83
N TYR C 86 -1.37 21.89 68.99
CA TYR C 86 -1.22 20.88 67.96
C TYR C 86 -2.52 20.72 67.18
N TYR C 87 -2.38 20.51 65.86
CA TYR C 87 -3.52 20.33 64.97
C TYR C 87 -3.35 19.12 64.07
N CYS C 88 -4.46 18.43 63.80
CA CYS C 88 -4.57 17.42 62.76
C CYS C 88 -4.93 18.06 61.43
N SER C 89 -4.39 17.48 60.36
CA SER C 89 -4.81 17.84 59.01
C SER C 89 -4.93 16.54 58.23
N ALA C 90 -6.15 16.20 57.80
CA ALA C 90 -6.37 14.96 57.07
C ALA C 90 -6.84 15.27 55.66
N TYR C 91 -6.34 14.50 54.70
CA TYR C 91 -6.85 14.59 53.35
C TYR C 91 -8.26 14.00 53.34
N ALA C 92 -9.17 14.65 52.63
CA ALA C 92 -10.56 14.16 52.59
C ALA C 92 -11.11 14.09 51.17
N GLY C 93 -10.31 13.64 50.23
CA GLY C 93 -10.75 13.46 48.86
C GLY C 93 -10.63 14.70 48.00
N ARG C 94 -11.27 14.62 46.83
CA ARG C 94 -11.15 15.66 45.82
C ARG C 94 -12.08 16.84 46.07
N GLN C 95 -13.24 16.61 46.70
CA GLN C 95 -14.19 17.70 46.90
C GLN C 95 -13.80 18.57 48.10
N THR C 96 -13.34 17.93 49.17
CA THR C 96 -12.89 18.59 50.39
C THR C 96 -11.44 18.16 50.53
N PHE C 97 -10.50 19.02 50.16
CA PHE C 97 -9.11 18.57 50.14
C PHE C 97 -8.55 18.32 51.53
N TYR C 98 -8.75 19.24 52.47
CA TYR C 98 -8.20 19.04 53.82
C TYR C 98 -9.24 19.41 54.87
N ILE C 99 -9.23 18.62 55.94
CA ILE C 99 -10.06 18.87 57.11
C ILE C 99 -9.14 19.00 58.30
N PHE C 100 -9.28 20.10 59.05
CA PHE C 100 -8.49 20.35 60.25
C PHE C 100 -9.34 20.18 61.49
N GLY C 101 -8.69 19.78 62.58
CA GLY C 101 -9.30 19.71 63.88
C GLY C 101 -9.09 21.01 64.64
N GLY C 102 -9.58 21.04 65.87
CA GLY C 102 -9.35 22.19 66.71
C GLY C 102 -7.97 22.02 67.30
N GLY C 103 -7.52 23.00 68.07
CA GLY C 103 -6.19 22.89 68.64
C GLY C 103 -6.20 22.23 70.01
N THR C 104 -5.12 21.53 70.30
CA THR C 104 -4.88 20.94 71.62
C THR C 104 -3.79 21.74 72.30
N ARG C 105 -4.12 22.40 73.41
CA ARG C 105 -3.13 23.19 74.11
C ARG C 105 -2.34 22.23 75.00
N LEU C 106 -1.09 21.94 74.62
CA LEU C 106 -0.29 20.99 75.38
C LEU C 106 0.42 21.74 76.49
N THR C 107 0.18 21.32 77.73
CA THR C 107 0.76 21.94 78.91
C THR C 107 1.83 21.00 79.47
N VAL C 108 3.02 21.55 79.70
CA VAL C 108 4.14 20.81 80.27
C VAL C 108 4.28 21.28 81.71
N LEU C 109 4.04 20.38 82.65
CA LEU C 109 3.98 20.73 84.06
C LEU C 109 5.37 20.80 84.66
N GLU D 1 -34.46 -26.96 41.25
CA GLU D 1 -34.43 -26.35 42.60
C GLU D 1 -33.21 -25.44 42.74
N VAL D 2 -33.43 -24.24 43.27
CA VAL D 2 -32.39 -23.26 43.52
C VAL D 2 -32.34 -22.98 45.02
N GLN D 3 -31.14 -23.05 45.59
CA GLN D 3 -30.96 -22.79 47.02
C GLN D 3 -29.86 -21.76 47.26
N LEU D 4 -30.10 -20.92 48.26
CA LEU D 4 -29.15 -19.93 48.77
C LEU D 4 -29.13 -20.07 50.28
N VAL D 5 -27.98 -20.41 50.86
CA VAL D 5 -27.88 -20.63 52.30
C VAL D 5 -26.80 -19.72 52.89
N GLU D 6 -27.21 -18.84 53.79
CA GLU D 6 -26.30 -17.94 54.49
C GLU D 6 -25.63 -18.68 55.63
N THR D 7 -24.32 -18.50 55.76
CA THR D 7 -23.52 -19.12 56.81
C THR D 7 -22.80 -18.07 57.68
N GLY D 8 -23.36 -16.87 57.76
CA GLY D 8 -22.74 -15.80 58.50
C GLY D 8 -22.92 -15.91 60.00
N GLY D 9 -22.38 -14.90 60.70
CA GLY D 9 -22.35 -14.88 62.14
C GLY D 9 -23.58 -14.25 62.78
N GLY D 10 -23.48 -14.02 64.09
CA GLY D 10 -24.55 -13.48 64.90
C GLY D 10 -24.32 -12.10 65.51
N LEU D 11 -24.05 -12.06 66.81
CA LEU D 11 -23.96 -10.81 67.57
C LEU D 11 -22.53 -10.25 67.59
N VAL D 12 -22.41 -8.98 67.23
CA VAL D 12 -21.16 -8.23 67.26
C VAL D 12 -21.43 -6.91 67.97
N GLN D 13 -20.42 -6.41 68.68
CA GLN D 13 -20.56 -5.17 69.41
C GLN D 13 -20.48 -3.96 68.45
N PRO D 14 -21.12 -2.83 68.82
CA PRO D 14 -21.05 -1.64 67.95
C PRO D 14 -19.61 -1.25 67.65
N GLY D 15 -19.37 -0.89 66.39
CA GLY D 15 -18.06 -0.50 65.93
C GLY D 15 -17.22 -1.64 65.37
N GLY D 16 -17.66 -2.89 65.53
CA GLY D 16 -16.93 -4.04 65.07
C GLY D 16 -17.33 -4.36 63.64
N SER D 17 -17.06 -5.60 63.23
CA SER D 17 -17.35 -6.02 61.87
C SER D 17 -17.80 -7.47 61.86
N LEU D 18 -18.56 -7.82 60.82
CA LEU D 18 -19.06 -9.17 60.63
C LEU D 18 -19.09 -9.51 59.15
N LYS D 19 -18.65 -10.71 58.80
CA LYS D 19 -18.69 -11.19 57.42
C LYS D 19 -19.79 -12.21 57.26
N LEU D 20 -20.60 -12.05 56.22
CA LEU D 20 -21.63 -12.99 55.80
C LEU D 20 -21.13 -13.73 54.57
N SER D 21 -21.57 -14.99 54.43
CA SER D 21 -21.23 -15.79 53.28
C SER D 21 -22.42 -16.63 52.88
N CYS D 22 -22.81 -16.52 51.61
CA CYS D 22 -23.93 -17.22 51.02
C CYS D 22 -23.44 -18.28 50.04
N ARG D 23 -23.84 -19.52 50.28
CA ARG D 23 -23.55 -20.66 49.42
C ARG D 23 -24.73 -20.82 48.47
N ALA D 24 -24.47 -20.77 47.17
CA ALA D 24 -25.51 -20.86 46.16
C ALA D 24 -25.39 -22.18 45.41
N SER D 25 -26.53 -22.76 45.08
CA SER D 25 -26.54 -23.99 44.28
C SER D 25 -27.83 -24.08 43.48
N GLY D 26 -27.80 -24.94 42.47
CA GLY D 26 -28.94 -25.22 41.63
C GLY D 26 -29.02 -24.40 40.36
N TYR D 27 -28.05 -23.53 40.10
CA TYR D 27 -28.05 -22.68 38.92
C TYR D 27 -26.60 -22.30 38.65
N THR D 28 -26.34 -21.75 37.46
CA THR D 28 -25.01 -21.27 37.16
C THR D 28 -24.84 -19.94 37.88
N PHE D 29 -23.91 -19.91 38.84
CA PHE D 29 -23.74 -18.73 39.68
C PHE D 29 -23.31 -17.52 38.87
N SER D 30 -22.34 -17.70 37.97
CA SER D 30 -21.79 -16.61 37.17
C SER D 30 -22.78 -16.01 36.18
N SER D 31 -23.95 -16.61 35.97
CA SER D 31 -24.93 -16.07 35.04
C SER D 31 -25.92 -15.10 35.64
N PHE D 32 -25.93 -14.92 36.97
CA PHE D 32 -26.90 -14.06 37.64
C PHE D 32 -26.21 -13.03 38.51
N ALA D 33 -26.88 -11.88 38.65
CA ALA D 33 -26.47 -10.86 39.61
C ALA D 33 -26.90 -11.30 41.00
N MET D 34 -26.20 -10.80 42.02
CA MET D 34 -26.50 -11.15 43.39
C MET D 34 -26.65 -9.88 44.22
N SER D 35 -27.42 -9.99 45.30
CA SER D 35 -27.64 -8.85 46.17
C SER D 35 -27.90 -9.30 47.60
N TRP D 36 -27.80 -8.33 48.52
CA TRP D 36 -28.17 -8.52 49.90
C TRP D 36 -29.31 -7.56 50.20
N VAL D 37 -30.35 -8.08 50.84
CA VAL D 37 -31.54 -7.34 51.26
C VAL D 37 -31.73 -7.59 52.75
N ARG D 38 -32.06 -6.57 53.54
CA ARG D 38 -32.23 -6.80 54.97
C ARG D 38 -33.62 -6.38 55.41
N GLN D 39 -34.05 -7.02 56.51
CA GLN D 39 -35.33 -6.75 57.16
C GLN D 39 -35.15 -6.60 58.66
N ALA D 40 -35.40 -5.41 59.20
CA ALA D 40 -35.27 -5.24 60.63
C ALA D 40 -36.33 -6.14 61.28
N PRO D 41 -36.09 -6.63 62.52
CA PRO D 41 -37.07 -7.56 63.13
C PRO D 41 -38.53 -7.13 63.07
N GLY D 42 -38.82 -5.82 63.19
CA GLY D 42 -40.18 -5.33 63.15
C GLY D 42 -40.57 -4.52 61.92
N LYS D 43 -39.75 -4.51 60.88
CA LYS D 43 -39.97 -3.68 59.69
C LYS D 43 -40.11 -4.55 58.44
N GLY D 44 -40.20 -3.88 57.30
CA GLY D 44 -40.29 -4.53 56.01
C GLY D 44 -38.91 -4.75 55.44
N LEU D 45 -38.86 -4.98 54.14
CA LEU D 45 -37.58 -5.30 53.51
C LEU D 45 -36.85 -4.01 53.14
N GLU D 46 -35.53 -4.07 53.20
CA GLU D 46 -34.67 -2.97 52.78
C GLU D 46 -33.54 -3.53 51.92
N TRP D 47 -33.32 -2.96 50.75
CA TRP D 47 -32.21 -3.38 49.91
C TRP D 47 -30.93 -2.79 50.49
N VAL D 48 -29.86 -3.59 50.53
CA VAL D 48 -28.58 -3.17 51.09
C VAL D 48 -27.52 -3.03 50.00
N SER D 49 -27.33 -4.06 49.18
CA SER D 49 -26.25 -3.98 48.20
C SER D 49 -26.55 -4.87 47.01
N LEU D 50 -25.90 -4.56 45.89
CA LEU D 50 -26.04 -5.29 44.64
C LEU D 50 -24.67 -5.45 43.99
N ILE D 51 -24.38 -6.65 43.51
CA ILE D 51 -23.16 -6.95 42.78
C ILE D 51 -23.54 -7.59 41.44
N ASN D 52 -22.77 -7.26 40.40
CA ASN D 52 -23.03 -7.73 39.06
C ASN D 52 -22.66 -9.21 38.94
N ASP D 53 -22.88 -9.79 37.75
CA ASP D 53 -22.63 -11.21 37.57
C ASP D 53 -21.14 -11.52 37.57
N ARG D 54 -20.31 -10.63 37.04
CA ARG D 54 -18.87 -10.84 37.01
C ARG D 54 -18.19 -10.37 38.28
N GLY D 55 -18.85 -9.54 39.08
CA GLY D 55 -18.29 -9.01 40.31
C GLY D 55 -17.57 -7.69 40.15
N GLY D 56 -17.39 -7.21 38.91
CA GLY D 56 -16.68 -5.97 38.69
C GLY D 56 -17.36 -4.73 39.24
N LEU D 57 -18.69 -4.71 39.23
CA LEU D 57 -19.46 -3.55 39.67
C LEU D 57 -20.26 -3.85 40.92
N THR D 58 -20.23 -2.91 41.87
CA THR D 58 -20.99 -3.01 43.10
C THR D 58 -21.75 -1.71 43.33
N PHE D 59 -22.92 -1.82 43.95
CA PHE D 59 -23.76 -0.68 44.30
C PHE D 59 -24.26 -0.86 45.72
N TYR D 60 -24.44 0.26 46.43
CA TYR D 60 -24.88 0.23 47.82
C TYR D 60 -25.91 1.32 48.08
N VAL D 61 -26.70 1.14 49.14
CA VAL D 61 -27.51 2.24 49.65
C VAL D 61 -26.56 3.21 50.33
N ASP D 62 -26.88 4.51 50.24
CA ASP D 62 -26.02 5.53 50.83
C ASP D 62 -25.73 5.27 52.30
N SER D 63 -26.70 4.73 53.03
CA SER D 63 -26.51 4.51 54.46
C SER D 63 -25.42 3.50 54.80
N VAL D 64 -24.98 2.67 53.84
CA VAL D 64 -23.91 1.70 54.06
C VAL D 64 -22.77 1.85 53.07
N LYS D 65 -22.80 2.89 52.22
CA LYS D 65 -21.90 2.95 51.07
C LYS D 65 -20.44 2.92 51.49
N GLY D 66 -20.10 3.56 52.61
CA GLY D 66 -18.73 3.59 53.08
C GLY D 66 -18.39 2.55 54.12
N ARG D 67 -19.29 1.62 54.41
CA ARG D 67 -19.11 0.63 55.47
C ARG D 67 -19.16 -0.81 55.01
N PHE D 68 -19.96 -1.16 54.00
CA PHE D 68 -20.13 -2.55 53.58
C PHE D 68 -19.40 -2.78 52.27
N THR D 69 -18.78 -3.96 52.15
CA THR D 69 -18.13 -4.41 50.93
C THR D 69 -18.79 -5.70 50.46
N ILE D 70 -19.22 -5.76 49.20
CA ILE D 70 -19.86 -6.94 48.63
C ILE D 70 -18.88 -7.54 47.63
N SER D 71 -18.72 -8.86 47.67
CA SER D 71 -17.80 -9.53 46.76
C SER D 71 -18.34 -10.91 46.42
N ARG D 72 -17.79 -11.48 45.35
CA ARG D 72 -18.19 -12.80 44.87
C ARG D 72 -16.97 -13.61 44.53
N ASP D 73 -17.12 -14.94 44.61
CA ASP D 73 -16.10 -15.87 44.16
C ASP D 73 -16.86 -16.87 43.29
N ASN D 74 -16.69 -16.73 41.97
CA ASN D 74 -17.44 -17.52 41.02
C ASN D 74 -16.83 -18.90 40.80
N SER D 75 -15.69 -19.20 41.40
CA SER D 75 -15.09 -20.53 41.29
C SER D 75 -15.63 -21.44 42.36
N LYS D 76 -15.93 -20.86 43.53
CA LYS D 76 -16.51 -21.56 44.66
C LYS D 76 -18.02 -21.39 44.71
N ASN D 77 -18.59 -20.55 43.85
CA ASN D 77 -20.02 -20.28 43.82
C ASN D 77 -20.51 -19.70 45.15
N THR D 78 -19.77 -18.70 45.65
CA THR D 78 -20.16 -18.05 46.90
C THR D 78 -20.23 -16.54 46.76
N LEU D 79 -21.05 -15.94 47.61
CA LEU D 79 -21.22 -14.50 47.74
C LEU D 79 -20.83 -14.09 49.15
N SER D 80 -20.02 -13.05 49.30
CA SER D 80 -19.62 -12.58 50.62
C SER D 80 -20.00 -11.12 50.81
N LEU D 81 -20.29 -10.75 52.06
CA LEU D 81 -20.52 -9.36 52.44
C LEU D 81 -19.77 -9.06 53.73
N GLN D 82 -18.84 -8.12 53.69
CA GLN D 82 -18.06 -7.73 54.85
C GLN D 82 -18.63 -6.41 55.34
N MET D 83 -19.22 -6.43 56.54
CA MET D 83 -19.86 -5.25 57.12
C MET D 83 -18.97 -4.69 58.22
N HIS D 84 -18.45 -3.49 58.00
CA HIS D 84 -17.59 -2.79 58.94
C HIS D 84 -18.40 -1.74 59.68
N SER D 85 -17.90 -1.34 60.84
CA SER D 85 -18.48 -0.25 61.64
C SER D 85 -19.99 -0.46 61.85
N LEU D 86 -20.34 -1.65 62.31
CA LEU D 86 -21.74 -1.99 62.52
C LEU D 86 -22.37 -1.06 63.54
N ARG D 87 -23.61 -0.67 63.27
CA ARG D 87 -24.40 0.23 64.10
C ARG D 87 -25.62 -0.50 64.63
N ASP D 88 -26.22 0.06 65.70
CA ASP D 88 -27.41 -0.54 66.27
C ASP D 88 -28.54 -0.62 65.25
N GLY D 89 -28.59 0.34 64.31
CA GLY D 89 -29.62 0.36 63.29
C GLY D 89 -29.47 -0.71 62.23
N ASP D 90 -28.38 -1.47 62.24
CA ASP D 90 -28.12 -2.52 61.28
C ASP D 90 -28.63 -3.88 61.75
N THR D 91 -29.28 -3.97 62.91
CA THR D 91 -29.81 -5.26 63.34
C THR D 91 -30.93 -5.65 62.40
N ALA D 92 -30.81 -6.82 61.78
CA ALA D 92 -31.79 -7.25 60.80
C ALA D 92 -31.50 -8.68 60.38
N VAL D 93 -32.49 -9.30 59.75
CA VAL D 93 -32.23 -10.53 59.03
C VAL D 93 -31.75 -10.14 57.64
N TYR D 94 -30.60 -10.67 57.23
CA TYR D 94 -29.99 -10.39 55.95
C TYR D 94 -30.22 -11.57 55.00
N TYR D 95 -30.93 -11.32 53.91
CA TYR D 95 -31.27 -12.33 52.94
C TYR D 95 -30.36 -12.20 51.73
N CYS D 96 -29.84 -13.33 51.30
CA CYS D 96 -29.08 -13.49 50.07
C CYS D 96 -30.07 -13.64 48.94
N ALA D 97 -29.94 -12.84 47.87
CA ALA D 97 -30.89 -12.98 46.78
C ALA D 97 -30.21 -12.93 45.43
N THR D 98 -30.77 -13.71 44.51
CA THR D 98 -30.31 -13.81 43.14
C THR D 98 -31.27 -13.01 42.27
N GLY D 99 -30.73 -12.08 41.50
CA GLY D 99 -31.41 -11.16 40.62
C GLY D 99 -31.01 -9.74 40.92
N GLY D 100 -31.78 -8.80 40.40
CA GLY D 100 -31.51 -7.39 40.57
C GLY D 100 -30.75 -6.70 39.45
N MET D 101 -30.15 -7.44 38.52
CA MET D 101 -29.41 -6.79 37.45
C MET D 101 -29.18 -7.79 36.32
N SER D 102 -29.00 -7.26 35.10
CA SER D 102 -28.65 -8.05 33.93
C SER D 102 -27.44 -7.44 33.25
N SER D 103 -26.53 -8.29 32.79
CA SER D 103 -25.27 -7.83 32.21
C SER D 103 -25.39 -7.51 30.72
N ALA D 104 -26.24 -6.52 30.40
CA ALA D 104 -26.36 -5.94 29.06
C ALA D 104 -26.81 -6.86 27.92
N LEU D 105 -26.33 -8.10 27.87
CA LEU D 105 -26.68 -9.03 26.79
C LEU D 105 -27.79 -9.99 27.21
N GLN D 106 -28.27 -9.88 28.45
CA GLN D 106 -29.32 -10.69 29.03
C GLN D 106 -30.60 -9.89 29.02
N SER D 107 -31.74 -10.57 29.13
CA SER D 107 -32.98 -9.82 29.21
C SER D 107 -33.01 -9.05 30.52
N SER D 108 -33.87 -8.04 30.58
CA SER D 108 -33.94 -7.19 31.75
C SER D 108 -34.53 -7.95 32.93
N LYS D 109 -34.06 -7.59 34.12
CA LYS D 109 -34.66 -8.08 35.36
C LYS D 109 -35.17 -6.91 36.21
N TYR D 110 -34.30 -6.34 37.03
CA TYR D 110 -34.67 -5.30 37.99
C TYR D 110 -35.67 -5.85 39.00
N TYR D 111 -35.52 -7.13 39.32
CA TYR D 111 -36.30 -7.81 40.33
C TYR D 111 -35.41 -8.93 40.85
N PHE D 112 -35.80 -9.52 41.96
CA PHE D 112 -35.01 -10.57 42.61
C PHE D 112 -35.72 -11.91 42.39
N ASP D 113 -35.03 -12.87 41.78
CA ASP D 113 -35.64 -14.16 41.45
C ASP D 113 -35.64 -15.17 42.59
N PHE D 114 -34.56 -15.23 43.36
CA PHE D 114 -34.44 -16.25 44.41
C PHE D 114 -33.99 -15.61 45.71
N TRP D 115 -34.52 -16.09 46.82
CA TRP D 115 -34.17 -15.60 48.16
C TRP D 115 -33.64 -16.74 49.00
N GLY D 116 -32.65 -16.45 49.84
CA GLY D 116 -32.11 -17.43 50.75
C GLY D 116 -32.91 -17.52 52.04
N GLN D 117 -32.43 -18.39 52.93
CA GLN D 117 -33.14 -18.59 54.19
C GLN D 117 -33.08 -17.35 55.06
N GLY D 118 -31.92 -16.69 55.08
CA GLY D 118 -31.71 -15.46 55.81
C GLY D 118 -30.95 -15.64 57.11
N ALA D 119 -29.87 -14.87 57.28
CA ALA D 119 -29.05 -14.91 58.49
C ALA D 119 -29.52 -13.80 59.41
N LEU D 120 -29.54 -14.04 60.71
CA LEU D 120 -29.92 -13.01 61.66
C LEU D 120 -28.68 -12.35 62.24
N VAL D 121 -28.52 -11.05 61.96
CA VAL D 121 -27.37 -10.27 62.40
C VAL D 121 -27.88 -9.26 63.42
N THR D 122 -27.26 -9.26 64.60
CA THR D 122 -27.63 -8.36 65.68
C THR D 122 -26.42 -7.56 66.13
N VAL D 123 -26.69 -6.36 66.65
CA VAL D 123 -25.66 -5.48 67.20
C VAL D 123 -26.07 -5.13 68.61
N SER D 124 -25.12 -5.27 69.55
CA SER D 124 -25.38 -4.98 70.95
C SER D 124 -25.61 -3.48 71.15
N ALA E 1 -39.51 4.18 50.63
CA ALA E 1 -40.02 5.46 50.19
C ALA E 1 -41.39 5.37 49.52
N LEU E 2 -41.93 4.15 49.39
CA LEU E 2 -43.25 3.95 48.85
C LEU E 2 -44.28 3.88 49.97
N THR E 3 -45.50 4.36 49.67
CA THR E 3 -46.61 4.29 50.60
C THR E 3 -47.48 3.10 50.23
N GLN E 4 -47.71 2.22 51.20
CA GLN E 4 -48.50 1.02 51.03
C GLN E 4 -49.32 0.86 52.30
N PRO E 5 -50.59 0.44 52.22
CA PRO E 5 -51.37 0.30 53.45
C PRO E 5 -50.78 -0.77 54.34
N PRO E 6 -50.89 -0.62 55.67
CA PRO E 6 -50.37 -1.68 56.56
C PRO E 6 -51.13 -2.98 56.51
N SER E 7 -52.41 -2.99 56.13
CA SER E 7 -53.14 -4.26 56.08
C SER E 7 -54.36 -4.15 55.19
N VAL E 8 -54.75 -5.29 54.62
CA VAL E 8 -55.99 -5.46 53.88
C VAL E 8 -56.63 -6.77 54.33
N SER E 9 -57.91 -6.92 54.00
CA SER E 9 -58.63 -8.16 54.28
C SER E 9 -59.77 -8.30 53.28
N GLY E 10 -60.32 -9.52 53.23
CA GLY E 10 -61.50 -9.75 52.42
C GLY E 10 -62.00 -11.16 52.61
N SER E 11 -63.17 -11.41 52.04
CA SER E 11 -63.80 -12.72 52.17
C SER E 11 -63.01 -13.79 51.41
N PRO E 12 -62.93 -15.03 51.94
CA PRO E 12 -62.29 -16.11 51.19
C PRO E 12 -62.96 -16.31 49.83
N GLY E 13 -62.15 -16.55 48.81
CA GLY E 13 -62.65 -16.77 47.47
C GLY E 13 -62.90 -15.52 46.66
N GLN E 14 -62.77 -14.33 47.26
CA GLN E 14 -63.02 -13.07 46.60
C GLN E 14 -61.69 -12.44 46.24
N SER E 15 -61.73 -11.31 45.55
CA SER E 15 -60.53 -10.59 45.14
C SER E 15 -60.22 -9.45 46.10
N VAL E 16 -58.93 -9.25 46.37
CA VAL E 16 -58.44 -8.14 47.18
C VAL E 16 -57.39 -7.39 46.38
N THR E 17 -57.36 -6.07 46.52
CA THR E 17 -56.36 -5.24 45.86
C THR E 17 -55.43 -4.61 46.88
N ILE E 18 -54.13 -4.80 46.67
CA ILE E 18 -53.05 -4.23 47.47
C ILE E 18 -52.33 -3.25 46.57
N SER E 19 -52.09 -2.03 47.03
CA SER E 19 -51.42 -1.07 46.15
C SER E 19 -50.37 -0.25 46.86
N CYS E 20 -49.39 0.17 46.07
CA CYS E 20 -48.26 0.99 46.48
C CYS E 20 -48.30 2.28 45.66
N THR E 21 -48.10 3.41 46.34
CA THR E 21 -48.03 4.71 45.69
C THR E 21 -46.62 5.23 45.82
N GLY E 22 -46.01 5.56 44.68
CA GLY E 22 -44.66 6.10 44.62
C GLY E 22 -44.64 7.48 44.02
N THR E 23 -43.58 7.79 43.29
CA THR E 23 -43.40 9.08 42.65
C THR E 23 -42.99 8.85 41.19
N SER E 24 -42.82 9.95 40.46
CA SER E 24 -42.49 9.84 39.05
C SER E 24 -41.11 9.22 38.82
N SER E 25 -40.19 9.39 39.77
CA SER E 25 -38.84 8.85 39.62
C SER E 25 -38.75 7.36 39.89
N ASP E 26 -39.81 6.70 40.39
CA ASP E 26 -39.76 5.27 40.67
C ASP E 26 -40.90 4.50 40.00
N ILE E 27 -42.13 4.54 40.52
CA ILE E 27 -43.19 3.74 39.90
C ILE E 27 -43.49 4.27 38.50
N GLY E 28 -43.57 5.58 38.37
CA GLY E 28 -43.90 6.25 37.12
C GLY E 28 -42.99 6.05 35.93
N SER E 29 -41.72 6.41 36.11
CA SER E 29 -40.74 6.34 35.03
C SER E 29 -40.36 4.92 34.62
N TYR E 30 -40.31 3.97 35.55
CA TYR E 30 -39.84 2.62 35.25
C TYR E 30 -40.92 1.58 35.46
N ASN E 31 -41.11 0.72 34.47
CA ASN E 31 -42.08 -0.38 34.54
C ASN E 31 -41.41 -1.64 35.09
N TYR E 32 -40.76 -1.52 36.25
CA TYR E 32 -40.03 -2.62 36.88
C TYR E 32 -40.51 -2.89 38.29
N VAL E 33 -41.78 -2.63 38.56
CA VAL E 33 -42.32 -2.84 39.89
C VAL E 33 -42.61 -4.33 40.05
N SER E 34 -42.13 -4.91 41.15
CA SER E 34 -42.38 -6.31 41.46
C SER E 34 -43.07 -6.42 42.81
N TRP E 35 -43.76 -7.54 43.02
CA TRP E 35 -44.44 -7.85 44.27
C TRP E 35 -43.90 -9.13 44.87
N TYR E 36 -43.75 -9.12 46.21
CA TYR E 36 -43.27 -10.25 47.00
C TYR E 36 -44.26 -10.65 48.07
N GLN E 37 -44.30 -11.95 48.35
CA GLN E 37 -45.14 -12.57 49.38
C GLN E 37 -44.21 -13.17 50.44
N GLN E 38 -44.26 -12.65 51.67
CA GLN E 38 -43.41 -13.13 52.75
C GLN E 38 -44.27 -13.73 53.85
N HIS E 39 -44.24 -15.05 53.97
CA HIS E 39 -44.99 -15.68 55.06
C HIS E 39 -44.20 -15.48 56.35
N PRO E 40 -44.85 -15.29 57.51
CA PRO E 40 -44.07 -15.13 58.74
C PRO E 40 -43.14 -16.32 58.96
N GLY E 41 -41.90 -16.01 59.32
CA GLY E 41 -40.90 -17.03 59.58
C GLY E 41 -40.16 -17.52 58.35
N LYS E 42 -40.55 -17.08 57.16
CA LYS E 42 -39.95 -17.51 55.91
C LYS E 42 -39.40 -16.31 55.13
N ALA E 43 -38.49 -16.62 54.20
CA ALA E 43 -37.96 -15.60 53.31
C ALA E 43 -39.02 -15.17 52.29
N PRO E 44 -38.99 -13.92 51.80
CA PRO E 44 -39.95 -13.51 50.78
C PRO E 44 -39.84 -14.34 49.52
N LYS E 45 -40.99 -14.59 48.90
CA LYS E 45 -41.10 -15.27 47.61
C LYS E 45 -41.49 -14.24 46.55
N LEU E 46 -40.96 -14.38 45.35
CA LEU E 46 -41.32 -13.48 44.25
C LEU E 46 -42.69 -13.89 43.70
N MET E 47 -43.61 -12.93 43.64
CA MET E 47 -44.96 -13.18 43.13
C MET E 47 -45.21 -12.57 41.78
N ILE E 48 -44.78 -11.32 41.55
CA ILE E 48 -44.99 -10.64 40.27
C ILE E 48 -43.73 -9.87 39.94
N TYR E 49 -43.35 -9.83 38.66
CA TYR E 49 -42.24 -9.02 38.21
C TYR E 49 -42.62 -8.30 36.93
N ASP E 50 -41.90 -7.21 36.66
CA ASP E 50 -42.15 -6.36 35.50
C ASP E 50 -43.59 -5.89 35.47
N VAL E 51 -44.09 -5.52 36.65
CA VAL E 51 -45.41 -4.98 36.92
C VAL E 51 -46.51 -6.04 36.77
N THR E 52 -46.59 -6.69 35.59
CA THR E 52 -47.67 -7.63 35.31
C THR E 52 -47.27 -9.09 35.11
N GLN E 53 -45.98 -9.40 34.95
CA GLN E 53 -45.58 -10.74 34.54
C GLN E 53 -45.28 -11.59 35.77
N ARG E 54 -46.03 -12.75 35.94
CA ARG E 54 -45.77 -13.64 37.06
C ARG E 54 -44.67 -14.65 36.73
N PRO E 55 -43.85 -15.07 37.69
CA PRO E 55 -42.87 -16.13 37.41
C PRO E 55 -43.54 -17.50 37.40
N SER E 56 -42.85 -18.45 36.77
CA SER E 56 -43.34 -19.82 36.79
C SER E 56 -43.38 -20.32 38.23
N GLY E 57 -44.42 -21.10 38.54
CA GLY E 57 -44.62 -21.64 39.87
C GLY E 57 -45.66 -20.90 40.67
N VAL E 58 -46.05 -19.70 40.22
CA VAL E 58 -47.08 -18.88 40.83
C VAL E 58 -48.36 -19.08 40.03
N SER E 59 -49.47 -19.23 40.73
CA SER E 59 -50.76 -19.44 40.10
C SER E 59 -51.29 -18.14 39.48
N ASP E 60 -52.35 -18.29 38.69
CA ASP E 60 -52.97 -17.19 37.95
C ASP E 60 -53.83 -16.30 38.83
N ARG E 61 -53.93 -16.58 40.12
CA ARG E 61 -54.73 -15.76 41.02
C ARG E 61 -54.05 -14.45 41.38
N PHE E 62 -52.74 -14.33 41.13
CA PHE E 62 -51.97 -13.14 41.45
C PHE E 62 -51.69 -12.40 40.15
N SER E 63 -52.14 -11.14 40.06
CA SER E 63 -51.93 -10.38 38.84
C SER E 63 -51.84 -8.91 39.20
N GLY E 64 -50.91 -8.16 38.59
CA GLY E 64 -50.76 -6.75 38.88
C GLY E 64 -51.08 -5.84 37.70
N SER E 65 -50.93 -4.54 37.99
CA SER E 65 -51.16 -3.47 37.03
C SER E 65 -50.56 -2.20 37.60
N LYS E 66 -50.49 -1.16 36.76
CA LYS E 66 -50.08 0.15 37.24
C LYS E 66 -50.78 1.23 36.42
N SER E 67 -50.90 2.40 37.04
CA SER E 67 -51.38 3.61 36.38
C SER E 67 -50.76 4.80 37.09
N GLY E 68 -50.30 5.77 36.31
CA GLY E 68 -49.69 6.94 36.92
C GLY E 68 -48.49 6.50 37.73
N ASN E 69 -48.48 6.90 39.00
CA ASN E 69 -47.41 6.55 39.92
C ASN E 69 -47.87 5.52 40.95
N THR E 70 -49.01 4.85 40.69
CA THR E 70 -49.56 3.86 41.60
C THR E 70 -49.56 2.49 40.94
N ALA E 71 -49.03 1.51 41.66
CA ALA E 71 -48.99 0.12 41.22
C ALA E 71 -49.87 -0.70 42.14
N SER E 72 -50.48 -1.77 41.60
CA SER E 72 -51.31 -2.60 42.45
C SER E 72 -51.22 -4.07 42.03
N LEU E 73 -51.54 -4.92 43.00
CA LEU E 73 -51.63 -6.36 42.89
C LEU E 73 -53.03 -6.80 43.30
N THR E 74 -53.70 -7.56 42.45
CA THR E 74 -55.01 -8.11 42.73
C THR E 74 -54.80 -9.59 42.97
N ILE E 75 -55.33 -10.08 44.08
CA ILE E 75 -55.26 -11.48 44.46
C ILE E 75 -56.67 -12.02 44.47
N SER E 76 -57.02 -12.83 43.47
CA SER E 76 -58.35 -13.39 43.37
C SER E 76 -58.36 -14.74 44.09
N GLY E 77 -59.56 -15.24 44.39
CA GLY E 77 -59.65 -16.59 44.91
C GLY E 77 -58.92 -16.82 46.22
N LEU E 78 -58.99 -15.86 47.15
CA LEU E 78 -58.21 -15.93 48.38
C LEU E 78 -58.34 -17.27 49.11
N GLN E 79 -57.19 -17.84 49.45
CA GLN E 79 -57.05 -19.11 50.15
C GLN E 79 -56.57 -18.86 51.57
N ALA E 80 -56.82 -19.85 52.43
CA ALA E 80 -56.32 -19.76 53.81
C ALA E 80 -54.81 -19.65 53.87
N ASP E 81 -54.10 -20.14 52.84
CA ASP E 81 -52.64 -20.16 52.80
C ASP E 81 -52.05 -18.88 52.21
N ASP E 82 -52.88 -17.89 51.89
CA ASP E 82 -52.42 -16.63 51.33
C ASP E 82 -52.12 -15.57 52.39
N GLU E 83 -52.25 -15.90 53.68
CA GLU E 83 -51.95 -14.94 54.73
C GLU E 83 -50.44 -14.72 54.79
N ALA E 84 -50.01 -13.54 54.40
CA ALA E 84 -48.59 -13.21 54.30
C ALA E 84 -48.46 -11.70 54.26
N ASP E 85 -47.25 -11.22 54.49
CA ASP E 85 -46.93 -9.81 54.33
C ASP E 85 -46.48 -9.57 52.89
N TYR E 86 -47.17 -8.68 52.18
CA TYR E 86 -46.87 -8.38 50.80
C TYR E 86 -46.06 -7.09 50.71
N TYR E 87 -45.07 -7.07 49.80
CA TYR E 87 -44.22 -5.91 49.61
C TYR E 87 -44.07 -5.57 48.14
N CYS E 88 -43.86 -4.28 47.87
CA CYS E 88 -43.47 -3.79 46.56
C CYS E 88 -41.96 -3.59 46.50
N SER E 89 -41.41 -3.77 45.29
CA SER E 89 -40.04 -3.39 45.00
C SER E 89 -40.03 -2.59 43.71
N ALA E 90 -39.78 -1.30 43.81
CA ALA E 90 -39.77 -0.40 42.66
C ALA E 90 -38.33 -0.12 42.28
N TYR E 91 -38.07 0.00 40.97
CA TYR E 91 -36.74 0.40 40.51
C TYR E 91 -36.77 1.92 40.39
N ALA E 92 -35.79 2.59 41.00
CA ALA E 92 -35.75 4.05 41.04
C ALA E 92 -34.48 4.61 40.41
N GLY E 93 -33.94 3.91 39.42
CA GLY E 93 -32.77 4.39 38.70
C GLY E 93 -31.46 3.91 39.28
N ARG E 94 -30.38 4.34 38.64
CA ARG E 94 -29.05 3.90 39.05
C ARG E 94 -28.57 4.55 40.34
N GLN E 95 -29.14 5.69 40.74
CA GLN E 95 -28.71 6.28 42.01
C GLN E 95 -29.40 5.62 43.21
N THR E 96 -30.67 5.28 43.05
CA THR E 96 -31.47 4.60 44.07
C THR E 96 -32.00 3.33 43.40
N PHE E 97 -31.35 2.19 43.63
CA PHE E 97 -31.70 1.00 42.87
C PHE E 97 -33.08 0.46 43.22
N TYR E 98 -33.31 0.07 44.49
CA TYR E 98 -34.59 -0.51 44.86
C TYR E 98 -35.18 0.17 46.09
N ILE E 99 -36.50 0.32 46.06
CA ILE E 99 -37.29 0.85 47.16
C ILE E 99 -38.24 -0.26 47.60
N PHE E 100 -38.06 -0.75 48.83
CA PHE E 100 -38.89 -1.81 49.40
C PHE E 100 -39.86 -1.28 50.45
N GLY E 101 -40.13 0.02 50.49
CA GLY E 101 -41.03 0.53 51.51
C GLY E 101 -42.39 -0.12 51.39
N GLY E 102 -43.02 -0.39 52.54
CA GLY E 102 -44.30 -1.05 52.51
C GLY E 102 -44.39 -2.19 53.49
N GLY E 103 -45.33 -3.09 53.20
CA GLY E 103 -45.65 -4.25 54.02
C GLY E 103 -47.11 -4.26 54.42
N THR E 104 -47.91 -5.03 53.67
CA THR E 104 -49.34 -5.17 53.90
C THR E 104 -49.64 -6.56 54.44
N ARG E 105 -50.26 -6.62 55.60
CA ARG E 105 -50.66 -7.89 56.19
C ARG E 105 -52.00 -8.27 55.59
N LEU E 106 -52.06 -9.39 54.87
CA LEU E 106 -53.28 -9.84 54.24
C LEU E 106 -53.95 -10.87 55.14
N THR E 107 -55.16 -10.58 55.58
CA THR E 107 -55.96 -11.45 56.43
C THR E 107 -57.08 -12.04 55.58
N VAL E 108 -57.17 -13.35 55.55
CA VAL E 108 -58.22 -14.06 54.81
C VAL E 108 -59.25 -14.52 55.82
N LEU E 109 -60.48 -14.03 55.68
CA LEU E 109 -61.52 -14.25 56.68
C LEU E 109 -62.12 -15.65 56.52
N GLU F 1 17.81 26.82 53.30
CA GLU F 1 16.65 27.23 54.15
C GLU F 1 15.58 27.84 53.27
N VAL F 2 14.35 27.39 53.46
CA VAL F 2 13.19 27.91 52.73
C VAL F 2 12.61 29.10 53.48
N GLN F 3 12.39 30.19 52.76
CA GLN F 3 11.81 31.41 53.31
C GLN F 3 10.59 31.80 52.50
N LEU F 4 9.45 31.95 53.17
CA LEU F 4 8.18 32.37 52.60
C LEU F 4 7.77 33.63 53.32
N VAL F 5 7.64 34.75 52.59
CA VAL F 5 7.32 36.05 53.19
C VAL F 5 6.07 36.62 52.55
N GLU F 6 5.01 36.76 53.34
CA GLU F 6 3.77 37.38 52.90
C GLU F 6 3.94 38.90 52.90
N THR F 7 3.49 39.55 51.82
CA THR F 7 3.55 41.00 51.69
C THR F 7 2.18 41.62 51.50
N GLY F 8 1.11 40.88 51.81
CA GLY F 8 -0.23 41.37 51.61
C GLY F 8 -0.64 42.38 52.67
N GLY F 9 -1.72 43.11 52.38
CA GLY F 9 -2.20 44.11 53.32
C GLY F 9 -3.02 43.49 54.42
N GLY F 10 -3.29 44.29 55.46
CA GLY F 10 -4.05 43.85 56.61
C GLY F 10 -5.38 44.48 56.98
N LEU F 11 -5.95 45.37 56.16
CA LEU F 11 -7.21 46.01 56.53
C LEU F 11 -8.04 46.32 55.30
N VAL F 12 -9.27 45.81 55.29
CA VAL F 12 -10.23 46.01 54.21
C VAL F 12 -11.60 46.26 54.82
N GLN F 13 -12.47 47.05 54.08
CA GLN F 13 -13.84 47.24 54.56
C GLN F 13 -14.76 46.14 54.02
N PRO F 14 -15.86 45.82 54.72
CA PRO F 14 -16.78 44.78 54.24
C PRO F 14 -17.27 45.07 52.82
N GLY F 15 -17.28 44.03 51.99
CA GLY F 15 -17.71 44.15 50.62
C GLY F 15 -16.61 44.52 49.64
N GLY F 16 -15.42 44.86 50.13
CA GLY F 16 -14.31 45.25 49.29
C GLY F 16 -13.47 44.05 48.92
N SER F 17 -12.26 44.33 48.46
CA SER F 17 -11.35 43.27 48.02
C SER F 17 -9.94 43.58 48.51
N LEU F 18 -9.16 42.52 48.64
CA LEU F 18 -7.77 42.63 49.09
C LEU F 18 -6.95 41.55 48.41
N LYS F 19 -5.80 41.93 47.87
CA LYS F 19 -4.88 41.00 47.26
C LYS F 19 -3.70 40.78 48.20
N LEU F 20 -3.38 39.52 48.44
CA LEU F 20 -2.24 39.09 49.23
C LEU F 20 -1.23 38.48 48.29
N SER F 21 0.04 38.55 48.67
CA SER F 21 1.06 37.86 47.89
C SER F 21 2.14 37.34 48.83
N CYS F 22 2.80 36.30 48.36
CA CYS F 22 3.86 35.61 49.07
C CYS F 22 5.08 35.45 48.18
N ARG F 23 6.22 35.92 48.66
CA ARG F 23 7.48 35.82 47.97
C ARG F 23 8.15 34.59 48.56
N ALA F 24 8.93 33.87 47.76
CA ALA F 24 9.58 32.67 48.27
C ALA F 24 10.97 32.48 47.71
N SER F 25 11.82 31.85 48.52
CA SER F 25 13.17 31.52 48.11
C SER F 25 13.64 30.33 48.92
N GLY F 26 14.78 29.77 48.48
CA GLY F 26 15.41 28.65 49.14
C GLY F 26 15.10 27.29 48.52
N TYR F 27 14.22 27.26 47.52
CA TYR F 27 13.83 26.04 46.84
C TYR F 27 13.39 26.44 45.44
N THR F 28 13.27 25.46 44.55
CA THR F 28 12.78 25.77 43.22
C THR F 28 11.27 25.97 43.33
N PHE F 29 10.83 27.19 43.00
CA PHE F 29 9.43 27.56 43.16
C PHE F 29 8.53 26.69 42.30
N SER F 30 8.90 26.49 41.05
CA SER F 30 8.12 25.73 40.09
C SER F 30 8.02 24.24 40.39
N SER F 31 8.78 23.72 41.36
CA SER F 31 8.73 22.31 41.67
C SER F 31 7.70 21.91 42.73
N PHE F 32 7.09 22.87 43.44
CA PHE F 32 6.17 22.57 44.53
C PHE F 32 4.81 23.21 44.34
N ALA F 33 3.78 22.50 44.78
CA ALA F 33 2.44 23.04 44.90
C ALA F 33 2.40 23.98 46.10
N MET F 34 1.47 24.94 46.07
CA MET F 34 1.34 25.87 47.19
C MET F 34 -0.12 26.08 47.54
N SER F 35 -0.34 26.58 48.74
CA SER F 35 -1.69 26.80 49.25
C SER F 35 -1.72 27.98 50.21
N TRP F 36 -2.94 28.44 50.50
CA TRP F 36 -3.20 29.41 51.54
C TRP F 36 -4.07 28.72 52.58
N VAL F 37 -3.69 28.88 53.84
CA VAL F 37 -4.39 28.34 55.00
C VAL F 37 -4.69 29.50 55.94
N ARG F 38 -5.89 29.57 56.52
CA ARG F 38 -6.22 30.69 57.39
C ARG F 38 -6.57 30.21 58.78
N GLN F 39 -6.33 31.10 59.75
CA GLN F 39 -6.64 30.87 61.16
C GLN F 39 -7.36 32.07 61.75
N ALA F 40 -8.62 31.91 62.15
CA ALA F 40 -9.33 33.01 62.76
C ALA F 40 -8.61 33.31 64.08
N PRO F 41 -8.64 34.56 64.57
CA PRO F 41 -7.90 34.90 65.80
C PRO F 41 -8.14 33.95 66.97
N GLY F 42 -9.34 33.42 67.15
CA GLY F 42 -9.65 32.50 68.24
C GLY F 42 -9.87 31.06 67.87
N LYS F 43 -9.59 30.65 66.64
CA LYS F 43 -9.88 29.30 66.14
C LYS F 43 -8.60 28.60 65.70
N GLY F 44 -8.78 27.40 65.15
CA GLY F 44 -7.70 26.60 64.63
C GLY F 44 -7.45 26.92 63.18
N LEU F 45 -6.76 26.02 62.48
CA LEU F 45 -6.40 26.27 61.09
C LEU F 45 -7.52 25.82 60.17
N GLU F 46 -7.70 26.59 59.09
CA GLU F 46 -8.65 26.27 58.04
C GLU F 46 -7.96 26.38 56.68
N TRP F 47 -8.12 25.36 55.84
CA TRP F 47 -7.57 25.42 54.49
C TRP F 47 -8.46 26.32 53.66
N VAL F 48 -7.86 27.20 52.86
CA VAL F 48 -8.60 28.13 52.01
C VAL F 48 -8.45 27.81 50.54
N SER F 49 -7.21 27.68 50.05
CA SER F 49 -7.04 27.44 48.62
C SER F 49 -5.77 26.69 48.34
N LEU F 50 -5.74 26.00 47.19
CA LEU F 50 -4.60 25.20 46.75
C LEU F 50 -4.37 25.40 45.27
N ILE F 51 -3.11 25.60 44.87
CA ILE F 51 -2.72 25.70 43.48
C ILE F 51 -1.59 24.71 43.23
N ASN F 52 -1.57 24.11 42.05
CA ASN F 52 -0.49 23.17 41.72
C ASN F 52 0.76 23.96 41.37
N ASP F 53 1.81 23.24 40.95
CA ASP F 53 3.08 23.92 40.68
C ASP F 53 3.03 24.70 39.38
N ARG F 54 2.37 24.16 38.35
CA ARG F 54 2.31 24.86 37.07
C ARG F 54 1.42 26.10 37.16
N GLY F 55 0.35 26.03 37.93
CA GLY F 55 -0.57 27.14 38.12
C GLY F 55 -1.88 27.00 37.39
N GLY F 56 -2.02 25.98 36.52
CA GLY F 56 -3.24 25.78 35.77
C GLY F 56 -4.41 25.20 36.56
N LEU F 57 -4.14 24.53 37.67
CA LEU F 57 -5.19 23.89 38.47
C LEU F 57 -5.28 24.54 39.83
N THR F 58 -6.49 25.00 40.17
CA THR F 58 -6.77 25.66 41.43
C THR F 58 -7.95 24.95 42.09
N PHE F 59 -7.91 24.87 43.42
CA PHE F 59 -8.97 24.28 44.21
C PHE F 59 -9.25 25.23 45.38
N TYR F 60 -10.52 25.29 45.79
CA TYR F 60 -10.90 26.17 46.88
C TYR F 60 -11.84 25.46 47.84
N VAL F 61 -11.82 25.91 49.09
CA VAL F 61 -12.82 25.46 50.05
C VAL F 61 -14.15 26.06 49.62
N ASP F 62 -15.25 25.31 49.81
CA ASP F 62 -16.57 25.73 49.36
C ASP F 62 -16.93 27.15 49.76
N SER F 63 -16.54 27.56 50.97
CA SER F 63 -16.92 28.88 51.46
C SER F 63 -16.33 30.05 50.65
N VAL F 64 -15.31 29.82 49.82
CA VAL F 64 -14.69 30.88 49.04
C VAL F 64 -14.69 30.62 47.53
N LYS F 65 -15.35 29.56 47.05
CA LYS F 65 -15.23 29.21 45.63
C LYS F 65 -15.66 30.34 44.71
N GLY F 66 -16.65 31.12 45.09
CA GLY F 66 -17.13 32.21 44.27
C GLY F 66 -16.52 33.55 44.56
N ARG F 67 -15.52 33.62 45.44
CA ARG F 67 -14.95 34.90 45.86
C ARG F 67 -13.44 35.03 45.72
N PHE F 68 -12.68 33.95 45.92
CA PHE F 68 -11.22 34.03 45.94
C PHE F 68 -10.65 33.44 44.66
N THR F 69 -9.53 34.03 44.20
CA THR F 69 -8.75 33.50 43.10
C THR F 69 -7.31 33.30 43.54
N ILE F 70 -6.76 32.11 43.32
CA ILE F 70 -5.37 31.80 43.65
C ILE F 70 -4.61 31.67 42.34
N SER F 71 -3.45 32.30 42.26
CA SER F 71 -2.63 32.24 41.06
C SER F 71 -1.18 32.32 41.48
N ARG F 72 -0.28 31.96 40.57
CA ARG F 72 1.13 32.01 40.88
C ARG F 72 1.93 32.41 39.64
N ASP F 73 2.98 33.17 39.89
CA ASP F 73 3.95 33.58 38.88
C ASP F 73 5.21 32.75 39.06
N ASN F 74 5.49 31.88 38.08
CA ASN F 74 6.66 31.00 38.11
C ASN F 74 7.84 31.66 37.40
N SER F 75 7.64 32.86 36.87
CA SER F 75 8.69 33.73 36.36
C SER F 75 8.63 34.75 37.47
N LYS F 76 9.72 34.91 38.22
CA LYS F 76 9.73 35.57 39.52
C LYS F 76 9.22 34.42 40.39
N ASN F 77 9.12 34.59 41.70
CA ASN F 77 8.68 33.50 42.57
C ASN F 77 7.57 34.05 43.45
N THR F 78 6.38 34.23 42.89
CA THR F 78 5.30 34.89 43.64
C THR F 78 4.01 34.10 43.62
N LEU F 79 3.43 33.88 44.80
CA LEU F 79 2.13 33.26 44.94
C LEU F 79 1.16 34.38 45.30
N SER F 80 0.04 34.50 44.59
CA SER F 80 -0.92 35.56 44.85
C SER F 80 -2.30 35.00 45.13
N LEU F 81 -3.03 35.70 45.99
CA LEU F 81 -4.42 35.40 46.30
C LEU F 81 -5.24 36.69 46.26
N GLN F 82 -6.21 36.75 45.36
CA GLN F 82 -7.08 37.91 45.22
C GLN F 82 -8.41 37.55 45.87
N MET F 83 -8.76 38.24 46.94
CA MET F 83 -9.98 37.97 47.70
C MET F 83 -10.99 39.07 47.45
N HIS F 84 -12.13 38.69 46.86
CA HIS F 84 -13.22 39.63 46.59
C HIS F 84 -14.34 39.40 47.59
N SER F 85 -15.16 40.44 47.77
CA SER F 85 -16.36 40.40 48.61
C SER F 85 -16.09 39.80 49.99
N LEU F 86 -15.06 40.33 50.65
CA LEU F 86 -14.70 39.84 51.97
C LEU F 86 -15.76 40.19 53.01
N ARG F 87 -15.95 39.28 53.95
CA ARG F 87 -16.93 39.36 55.02
C ARG F 87 -16.23 39.39 56.36
N ASP F 88 -16.97 39.78 57.40
CA ASP F 88 -16.39 39.83 58.74
C ASP F 88 -15.93 38.45 59.20
N GLY F 89 -16.58 37.40 58.72
CA GLY F 89 -16.22 36.03 59.05
C GLY F 89 -14.89 35.59 58.47
N ASP F 90 -14.31 36.38 57.57
CA ASP F 90 -13.04 36.06 56.94
C ASP F 90 -11.84 36.69 57.64
N THR F 91 -12.04 37.35 58.79
CA THR F 91 -10.90 37.92 59.49
C THR F 91 -10.03 36.77 60.00
N ALA F 92 -8.76 36.80 59.65
CA ALA F 92 -7.88 35.69 60.02
C ALA F 92 -6.45 36.01 59.67
N VAL F 93 -5.52 35.24 60.24
CA VAL F 93 -4.15 35.25 59.74
C VAL F 93 -4.13 34.27 58.58
N TYR F 94 -3.64 34.72 57.43
CA TYR F 94 -3.53 33.92 56.21
C TYR F 94 -2.08 33.53 56.00
N TYR F 95 -1.81 32.23 56.08
CA TYR F 95 -0.47 31.69 55.97
C TYR F 95 -0.24 31.16 54.57
N CYS F 96 0.93 31.47 54.04
CA CYS F 96 1.45 30.95 52.79
C CYS F 96 2.11 29.62 53.09
N ALA F 97 1.74 28.55 52.38
CA ALA F 97 2.37 27.28 52.65
C ALA F 97 2.72 26.55 51.37
N THR F 98 3.82 25.82 51.44
CA THR F 98 4.34 25.01 50.34
C THR F 98 4.04 23.56 50.65
N GLY F 99 3.38 22.89 49.70
CA GLY F 99 2.95 21.51 49.77
C GLY F 99 1.47 21.42 49.49
N GLY F 100 0.90 20.27 49.82
CA GLY F 100 -0.50 20.00 49.60
C GLY F 100 -0.85 19.25 48.34
N MET F 101 0.06 19.14 47.38
CA MET F 101 -0.27 18.43 46.15
C MET F 101 1.01 18.12 45.38
N SER F 102 1.03 16.95 44.73
CA SER F 102 2.13 16.55 43.88
C SER F 102 1.61 16.27 42.47
N SER F 103 2.41 16.64 41.47
CA SER F 103 1.99 16.58 40.07
C SER F 103 2.19 15.22 39.40
N ALA F 104 1.52 14.20 39.92
CA ALA F 104 1.50 12.87 39.31
C ALA F 104 2.84 12.13 39.14
N LEU F 105 3.92 12.83 38.78
CA LEU F 105 5.23 12.23 38.56
C LEU F 105 6.14 12.42 39.77
N GLN F 106 5.62 12.97 40.86
CA GLN F 106 6.33 13.24 42.10
C GLN F 106 5.72 12.40 43.19
N SER F 107 6.49 12.16 44.25
CA SER F 107 5.96 11.40 45.38
C SER F 107 4.78 12.14 46.01
N SER F 108 3.86 11.38 46.57
CA SER F 108 2.67 11.94 47.17
C SER F 108 3.02 12.84 48.35
N LYS F 109 2.22 13.89 48.51
CA LYS F 109 2.32 14.76 49.68
C LYS F 109 1.00 14.76 50.45
N TYR F 110 0.07 15.63 50.07
CA TYR F 110 -1.19 15.81 50.80
C TYR F 110 -0.93 16.30 52.21
N TYR F 111 0.14 17.08 52.37
CA TYR F 111 0.52 17.71 53.62
C TYR F 111 1.27 18.97 53.24
N PHE F 112 1.49 19.86 54.19
CA PHE F 112 2.16 21.12 53.92
C PHE F 112 3.59 21.03 54.44
N ASP F 113 4.57 21.31 53.56
CA ASP F 113 5.98 21.19 53.94
C ASP F 113 6.56 22.44 54.60
N PHE F 114 6.21 23.62 54.11
CA PHE F 114 6.80 24.86 54.61
C PHE F 114 5.71 25.89 54.85
N TRP F 115 5.92 26.73 55.86
CA TRP F 115 4.97 27.78 56.21
C TRP F 115 5.65 29.14 56.33
N GLY F 116 4.92 30.18 55.92
CA GLY F 116 5.32 31.54 56.12
C GLY F 116 4.83 31.99 57.48
N GLN F 117 5.02 33.27 57.79
CA GLN F 117 4.59 33.74 59.11
C GLN F 117 3.15 34.24 59.10
N GLY F 118 2.64 34.58 57.94
CA GLY F 118 1.25 34.92 57.72
C GLY F 118 0.94 36.41 57.78
N ALA F 119 -0.02 36.83 56.98
CA ALA F 119 -0.52 38.19 56.97
C ALA F 119 -1.80 38.21 57.79
N LEU F 120 -2.01 39.23 58.60
CA LEU F 120 -3.25 39.34 59.36
C LEU F 120 -4.22 40.23 58.61
N VAL F 121 -5.37 39.68 58.22
CA VAL F 121 -6.39 40.40 57.46
C VAL F 121 -7.58 40.62 58.37
N THR F 122 -7.91 41.89 58.59
CA THR F 122 -9.07 42.31 59.38
C THR F 122 -10.08 42.92 58.43
N VAL F 123 -11.33 42.49 58.56
CA VAL F 123 -12.44 43.03 57.77
C VAL F 123 -13.27 43.89 58.71
N SER F 124 -13.40 45.17 58.35
CA SER F 124 -14.07 46.25 59.11
C SER F 124 -13.06 46.86 60.09
N GLU G 1 -44.21 41.58 11.21
CA GLU G 1 -44.38 41.60 12.69
C GLU G 1 -44.43 40.15 13.20
N VAL G 2 -43.63 39.89 14.23
CA VAL G 2 -43.57 38.56 14.84
C VAL G 2 -44.74 38.38 15.80
N GLN G 3 -45.46 37.27 15.64
CA GLN G 3 -46.60 36.95 16.49
C GLN G 3 -46.47 35.53 17.03
N LEU G 4 -46.78 35.39 18.32
CA LEU G 4 -46.82 34.12 19.04
C LEU G 4 -48.20 34.00 19.68
N VAL G 5 -48.92 32.92 19.37
CA VAL G 5 -50.27 32.74 19.89
C VAL G 5 -50.33 31.40 20.62
N GLU G 6 -50.60 31.45 21.94
CA GLU G 6 -50.63 30.28 22.83
C GLU G 6 -52.00 29.61 22.79
N THR G 7 -52.25 28.86 21.71
CA THR G 7 -53.53 28.19 21.52
C THR G 7 -53.60 26.90 22.35
N GLY G 8 -53.59 27.08 23.67
CA GLY G 8 -53.56 25.98 24.60
C GLY G 8 -54.82 25.87 25.44
N GLY G 9 -54.77 24.97 26.43
CA GLY G 9 -55.90 24.72 27.30
C GLY G 9 -56.06 25.73 28.41
N GLY G 10 -57.10 25.49 29.23
CA GLY G 10 -57.47 26.35 30.34
C GLY G 10 -57.47 25.71 31.71
N LEU G 11 -58.66 25.40 32.22
CA LEU G 11 -58.83 24.82 33.55
C LEU G 11 -58.60 23.32 33.55
N VAL G 12 -57.84 22.85 34.55
CA VAL G 12 -57.60 21.44 34.79
C VAL G 12 -57.89 21.14 36.25
N GLN G 13 -58.23 19.89 36.54
CA GLN G 13 -58.40 19.46 37.93
C GLN G 13 -57.04 19.14 38.55
N PRO G 14 -56.90 19.24 39.88
CA PRO G 14 -55.63 18.83 40.50
C PRO G 14 -55.30 17.39 40.16
N GLY G 15 -54.04 17.14 39.81
CA GLY G 15 -53.58 15.82 39.46
C GLY G 15 -53.75 15.46 38.00
N GLY G 16 -54.40 16.31 37.22
CA GLY G 16 -54.64 16.04 35.82
C GLY G 16 -53.51 16.55 34.96
N SER G 17 -53.72 16.48 33.64
CA SER G 17 -52.73 16.89 32.66
C SER G 17 -53.34 17.89 31.70
N LEU G 18 -52.51 18.80 31.20
CA LEU G 18 -52.94 19.79 30.23
C LEU G 18 -51.81 20.09 29.26
N LYS G 19 -52.13 20.21 27.98
CA LYS G 19 -51.13 20.55 26.97
C LYS G 19 -51.40 21.95 26.47
N LEU G 20 -50.32 22.71 26.29
CA LEU G 20 -50.33 24.04 25.68
C LEU G 20 -49.61 24.00 24.35
N SER G 21 -50.14 24.75 23.39
CA SER G 21 -49.50 24.90 22.09
C SER G 21 -49.16 26.37 21.93
N CYS G 22 -48.21 26.64 21.03
CA CYS G 22 -47.83 27.98 20.64
C CYS G 22 -47.51 28.02 19.15
N ARG G 23 -48.30 28.77 18.40
CA ARG G 23 -48.11 28.92 16.97
C ARG G 23 -47.32 30.21 16.81
N ALA G 24 -46.47 30.27 15.78
CA ALA G 24 -45.65 31.46 15.58
C ALA G 24 -45.52 31.80 14.11
N SER G 25 -45.36 33.09 13.85
CA SER G 25 -45.18 33.57 12.49
C SER G 25 -44.43 34.90 12.51
N GLY G 26 -43.96 35.31 11.33
CA GLY G 26 -43.26 36.55 11.13
C GLY G 26 -41.75 36.44 11.15
N TYR G 27 -41.21 35.24 11.32
CA TYR G 27 -39.77 35.00 11.36
C TYR G 27 -39.55 33.54 10.99
N THR G 28 -38.30 33.19 10.72
CA THR G 28 -38.00 31.78 10.46
C THR G 28 -38.06 31.06 11.80
N PHE G 29 -39.00 30.14 11.92
CA PHE G 29 -39.22 29.44 13.18
C PHE G 29 -38.00 28.64 13.60
N SER G 30 -37.45 27.84 12.69
CA SER G 30 -36.30 26.98 12.99
C SER G 30 -34.98 27.76 12.92
N SER G 31 -34.89 28.78 13.76
CA SER G 31 -33.67 29.59 13.84
C SER G 31 -33.46 30.20 15.23
N PHE G 32 -34.48 30.19 16.09
CA PHE G 32 -34.44 30.71 17.44
C PHE G 32 -34.74 29.59 18.42
N ALA G 33 -34.12 29.67 19.59
CA ALA G 33 -34.52 28.80 20.68
C ALA G 33 -35.81 29.36 21.24
N MET G 34 -36.57 28.52 21.94
CA MET G 34 -37.82 28.97 22.52
C MET G 34 -37.95 28.47 23.94
N SER G 35 -38.77 29.17 24.72
CA SER G 35 -38.98 28.84 26.10
C SER G 35 -40.39 29.20 26.55
N TRP G 36 -40.76 28.64 27.70
CA TRP G 36 -42.00 28.97 28.37
C TRP G 36 -41.62 29.60 29.69
N VAL G 37 -42.30 30.71 30.00
CA VAL G 37 -42.15 31.47 31.24
C VAL G 37 -43.53 31.62 31.84
N ARG G 38 -43.67 31.43 33.15
CA ARG G 38 -44.99 31.53 33.77
C ARG G 38 -45.00 32.64 34.81
N GLN G 39 -46.19 33.20 35.00
CA GLN G 39 -46.45 34.24 36.00
C GLN G 39 -47.68 33.90 36.82
N ALA G 40 -47.51 33.64 38.11
CA ALA G 40 -48.66 33.37 38.94
C ALA G 40 -49.51 34.64 38.94
N PRO G 41 -50.84 34.53 39.12
CA PRO G 41 -51.69 35.75 39.05
C PRO G 41 -51.21 36.92 39.89
N GLY G 42 -50.63 36.68 41.07
CA GLY G 42 -50.15 37.76 41.93
C GLY G 42 -48.65 37.90 42.05
N LYS G 43 -47.87 37.20 41.22
CA LYS G 43 -46.41 37.18 41.33
C LYS G 43 -45.76 37.71 40.05
N GLY G 44 -44.44 37.62 40.01
CA GLY G 44 -43.65 38.05 38.87
C GLY G 44 -43.46 36.90 37.91
N LEU G 45 -42.49 37.06 37.01
CA LEU G 45 -42.27 36.05 35.97
C LEU G 45 -41.37 34.96 36.52
N GLU G 46 -41.65 33.72 36.11
CA GLU G 46 -40.84 32.56 36.45
C GLU G 46 -40.54 31.77 35.19
N TRP G 47 -39.26 31.48 34.94
CA TRP G 47 -38.92 30.66 33.78
C TRP G 47 -39.33 29.22 34.09
N VAL G 48 -39.91 28.54 33.10
CA VAL G 48 -40.37 27.16 33.25
C VAL G 48 -39.53 26.19 32.43
N SER G 49 -39.36 26.44 31.14
CA SER G 49 -38.64 25.47 30.31
C SER G 49 -38.00 26.15 29.11
N LEU G 50 -36.97 25.51 28.58
CA LEU G 50 -36.23 26.01 27.42
C LEU G 50 -35.91 24.87 26.49
N ILE G 51 -36.13 25.09 25.18
CA ILE G 51 -35.82 24.14 24.13
C ILE G 51 -34.98 24.83 23.07
N ASN G 52 -34.05 24.06 22.49
CA ASN G 52 -33.12 24.56 21.48
C ASN G 52 -33.85 24.81 20.16
N ASP G 53 -33.12 25.30 19.16
CA ASP G 53 -33.72 25.60 17.87
C ASP G 53 -34.06 24.32 17.12
N ARG G 54 -33.23 23.30 17.26
CA ARG G 54 -33.44 22.02 16.60
C ARG G 54 -34.35 21.09 17.39
N GLY G 55 -34.59 21.38 18.67
CA GLY G 55 -35.46 20.58 19.50
C GLY G 55 -34.81 19.41 20.19
N GLY G 56 -33.52 19.16 19.95
CA GLY G 56 -32.88 18.01 20.56
C GLY G 56 -32.56 18.17 22.03
N LEU G 57 -32.41 19.41 22.51
CA LEU G 57 -32.05 19.68 23.90
C LEU G 57 -33.18 20.41 24.61
N THR G 58 -33.52 19.96 25.81
CA THR G 58 -34.53 20.58 26.64
C THR G 58 -33.99 20.78 28.04
N PHE G 59 -34.40 21.85 28.69
CA PHE G 59 -34.02 22.16 30.06
C PHE G 59 -35.27 22.58 30.82
N TYR G 60 -35.34 22.24 32.10
CA TYR G 60 -36.48 22.56 32.93
C TYR G 60 -36.03 23.05 34.30
N VAL G 61 -36.90 23.81 34.96
CA VAL G 61 -36.67 24.11 36.38
C VAL G 61 -36.93 22.82 37.15
N ASP G 62 -36.18 22.64 38.25
CA ASP G 62 -36.30 21.43 39.05
C ASP G 62 -37.74 21.16 39.47
N SER G 63 -38.51 22.22 39.76
CA SER G 63 -39.87 22.03 40.24
C SER G 63 -40.79 21.37 39.21
N VAL G 64 -40.41 21.34 37.93
CA VAL G 64 -41.21 20.72 36.88
C VAL G 64 -40.44 19.66 36.11
N LYS G 65 -39.20 19.34 36.53
CA LYS G 65 -38.31 18.52 35.70
C LYS G 65 -38.90 17.17 35.37
N GLY G 66 -39.61 16.56 36.31
CA GLY G 66 -40.21 15.26 36.10
C GLY G 66 -41.67 15.29 35.68
N ARG G 67 -42.23 16.47 35.41
CA ARG G 67 -43.65 16.62 35.10
C ARG G 67 -43.93 17.25 33.75
N PHE G 68 -43.09 18.18 33.27
CA PHE G 68 -43.34 18.90 32.02
C PHE G 68 -42.43 18.39 30.92
N THR G 69 -42.94 18.35 29.70
CA THR G 69 -42.17 18.05 28.51
C THR G 69 -42.35 19.17 27.49
N ILE G 70 -41.24 19.71 26.99
CA ILE G 70 -41.26 20.78 25.98
C ILE G 70 -40.84 20.16 24.66
N SER G 71 -41.57 20.46 23.59
CA SER G 71 -41.25 19.90 22.28
C SER G 71 -41.57 20.90 21.19
N ARG G 72 -41.00 20.67 20.01
CA ARG G 72 -41.23 21.50 18.84
C ARG G 72 -41.47 20.63 17.61
N ASP G 73 -42.20 21.21 16.66
CA ASP G 73 -42.39 20.64 15.33
C ASP G 73 -42.14 21.80 14.38
N ASN G 74 -40.96 21.78 13.75
CA ASN G 74 -40.51 22.88 12.92
C ASN G 74 -41.19 22.90 11.57
N SER G 75 -41.94 21.85 11.21
CA SER G 75 -42.61 21.83 9.91
C SER G 75 -43.94 22.56 9.97
N LYS G 76 -44.48 22.76 11.17
CA LYS G 76 -45.76 23.44 11.38
C LYS G 76 -45.57 24.73 12.17
N ASN G 77 -44.32 25.13 12.43
CA ASN G 77 -44.03 26.30 13.24
C ASN G 77 -44.75 26.22 14.59
N THR G 78 -44.69 25.04 15.23
CA THR G 78 -45.42 24.84 16.48
C THR G 78 -44.52 24.41 17.62
N LEU G 79 -44.67 25.09 18.76
CA LEU G 79 -44.03 24.80 20.03
C LEU G 79 -45.10 24.25 20.94
N SER G 80 -44.79 23.26 21.78
CA SER G 80 -45.80 22.81 22.73
C SER G 80 -45.16 22.40 24.04
N LEU G 81 -45.98 22.47 25.09
CA LEU G 81 -45.60 22.09 26.44
C LEU G 81 -46.67 21.15 27.00
N GLN G 82 -46.28 19.93 27.32
CA GLN G 82 -47.19 18.93 27.87
C GLN G 82 -46.93 18.89 29.37
N MET G 83 -47.92 19.26 30.18
CA MET G 83 -47.78 19.33 31.62
C MET G 83 -48.58 18.21 32.26
N HIS G 84 -47.88 17.34 32.99
CA HIS G 84 -48.50 16.23 33.70
C HIS G 84 -48.53 16.59 35.18
N SER G 85 -49.44 15.95 35.92
CA SER G 85 -49.53 16.08 37.38
C SER G 85 -49.55 17.53 37.83
N LEU G 86 -50.43 18.33 37.22
CA LEU G 86 -50.53 19.73 37.62
C LEU G 86 -51.11 19.88 39.02
N ARG G 87 -50.56 20.82 39.77
CA ARG G 87 -50.92 21.11 41.14
C ARG G 87 -51.33 22.58 41.27
N ASP G 88 -51.89 22.93 42.44
CA ASP G 88 -52.36 24.29 42.66
C ASP G 88 -51.24 25.31 42.54
N GLY G 89 -49.99 24.90 42.81
CA GLY G 89 -48.87 25.81 42.70
C GLY G 89 -48.50 26.16 41.27
N ASP G 90 -49.08 25.48 40.28
CA ASP G 90 -48.80 25.70 38.87
C ASP G 90 -49.79 26.65 38.20
N THR G 91 -50.73 27.24 38.94
CA THR G 91 -51.65 28.17 38.32
C THR G 91 -50.88 29.42 37.89
N ALA G 92 -50.98 29.76 36.62
CA ALA G 92 -50.22 30.89 36.11
C ALA G 92 -50.62 31.18 34.68
N VAL G 93 -50.25 32.38 34.21
CA VAL G 93 -50.28 32.68 32.79
C VAL G 93 -48.96 32.19 32.24
N TYR G 94 -49.01 31.37 31.20
CA TYR G 94 -47.84 30.79 30.55
C TYR G 94 -47.57 31.49 29.22
N TYR G 95 -46.43 32.19 29.16
CA TYR G 95 -46.03 32.97 28.00
C TYR G 95 -45.01 32.18 27.18
N CYS G 96 -45.22 32.21 25.87
CA CYS G 96 -44.33 31.65 24.87
C CYS G 96 -43.31 32.71 24.48
N ALA G 97 -42.01 32.37 24.43
CA ALA G 97 -41.03 33.36 24.00
C ALA G 97 -39.95 32.74 23.13
N THR G 98 -39.52 33.53 22.13
CA THR G 98 -38.51 33.13 21.15
C THR G 98 -37.06 33.36 21.60
N GLY G 99 -36.65 32.72 22.68
CA GLY G 99 -35.27 32.90 23.05
C GLY G 99 -34.88 32.15 24.30
N GLY G 100 -33.64 32.41 24.71
CA GLY G 100 -33.04 31.80 25.87
C GLY G 100 -31.84 30.92 25.56
N MET G 101 -31.52 30.70 24.29
CA MET G 101 -30.38 29.88 23.91
C MET G 101 -30.07 30.13 22.44
N SER G 102 -28.87 29.73 22.03
CA SER G 102 -28.50 29.76 20.63
C SER G 102 -27.56 28.60 20.34
N SER G 103 -27.60 28.12 19.10
CA SER G 103 -26.90 26.88 18.75
C SER G 103 -25.43 27.09 18.34
N ALA G 104 -24.64 27.65 19.26
CA ALA G 104 -23.19 27.73 19.12
C ALA G 104 -22.61 28.53 17.95
N LEU G 105 -23.24 28.49 16.77
CA LEU G 105 -22.76 29.21 15.61
C LEU G 105 -23.48 30.54 15.41
N GLN G 106 -24.44 30.85 16.27
CA GLN G 106 -25.23 32.06 16.26
C GLN G 106 -24.73 32.94 17.39
N SER G 107 -25.03 34.23 17.32
CA SER G 107 -24.67 35.09 18.43
C SER G 107 -25.43 34.68 19.68
N SER G 108 -24.86 34.98 20.84
CA SER G 108 -25.51 34.67 22.10
C SER G 108 -26.81 35.44 22.22
N LYS G 109 -27.83 34.80 22.81
CA LYS G 109 -29.09 35.48 23.03
C LYS G 109 -29.32 35.60 24.53
N TYR G 110 -30.05 34.67 25.15
CA TYR G 110 -30.44 34.80 26.56
C TYR G 110 -31.31 36.04 26.72
N TYR G 111 -32.12 36.36 25.70
CA TYR G 111 -32.95 37.57 25.70
C TYR G 111 -34.43 37.39 25.97
N PHE G 112 -35.07 36.35 25.42
CA PHE G 112 -36.54 36.28 25.41
C PHE G 112 -37.05 37.58 24.80
N ASP G 113 -36.84 37.73 23.50
CA ASP G 113 -37.16 39.00 22.86
C ASP G 113 -38.63 39.13 22.45
N PHE G 114 -39.19 38.17 21.73
CA PHE G 114 -40.58 38.24 21.29
C PHE G 114 -41.44 37.40 22.22
N TRP G 115 -42.54 37.99 22.69
CA TRP G 115 -43.45 37.34 23.60
C TRP G 115 -44.84 37.27 22.99
N GLY G 116 -45.58 36.24 23.37
CA GLY G 116 -46.96 36.07 22.97
C GLY G 116 -47.87 36.76 23.96
N GLN G 117 -49.13 36.37 23.97
CA GLN G 117 -50.11 37.00 24.83
C GLN G 117 -50.30 36.25 26.14
N GLY G 118 -50.08 34.95 26.11
CA GLY G 118 -50.14 34.10 27.28
C GLY G 118 -51.41 33.31 27.49
N ALA G 119 -51.28 32.01 27.76
CA ALA G 119 -52.42 31.16 28.04
C ALA G 119 -52.60 31.18 29.55
N LEU G 120 -53.85 31.21 30.02
CA LEU G 120 -54.10 31.17 31.46
C LEU G 120 -54.46 29.74 31.85
N VAL G 121 -53.62 29.14 32.70
CA VAL G 121 -53.80 27.77 33.16
C VAL G 121 -54.09 27.83 34.64
N THR G 122 -55.21 27.23 35.05
CA THR G 122 -55.63 27.22 36.44
C THR G 122 -55.87 25.78 36.88
N VAL G 123 -55.70 25.55 38.17
CA VAL G 123 -55.92 24.24 38.79
C VAL G 123 -56.98 24.42 39.87
N SER G 124 -58.05 23.64 39.78
CA SER G 124 -59.15 23.74 40.74
C SER G 124 -58.68 23.31 42.13
N ALA H 1 -34.70 34.43 42.84
CA ALA H 1 -33.62 34.59 43.82
C ALA H 1 -33.03 36.00 43.82
N LEU H 2 -33.54 36.88 42.96
CA LEU H 2 -33.09 38.27 42.89
C LEU H 2 -34.02 39.15 43.72
N THR H 3 -33.46 40.21 44.30
CA THR H 3 -34.19 41.16 45.12
C THR H 3 -34.36 42.47 44.34
N GLN H 4 -35.58 42.98 44.31
CA GLN H 4 -35.95 44.22 43.65
C GLN H 4 -36.78 45.08 44.59
N PRO H 5 -36.75 46.40 44.43
CA PRO H 5 -37.63 47.25 45.25
C PRO H 5 -39.08 47.00 44.86
N PRO H 6 -40.01 46.92 45.83
CA PRO H 6 -41.42 46.78 45.45
C PRO H 6 -41.93 47.84 44.48
N SER H 7 -41.47 49.09 44.58
CA SER H 7 -41.94 50.11 43.68
C SER H 7 -40.97 51.29 43.66
N VAL H 8 -41.03 52.05 42.56
CA VAL H 8 -40.31 53.29 42.38
C VAL H 8 -41.29 54.29 41.79
N SER H 9 -40.95 55.57 41.88
CA SER H 9 -41.79 56.60 41.31
C SER H 9 -40.98 57.84 40.95
N GLY H 10 -41.60 58.69 40.15
CA GLY H 10 -41.04 59.99 39.82
C GLY H 10 -42.01 60.74 38.93
N SER H 11 -41.75 62.04 38.78
CA SER H 11 -42.59 62.90 37.97
C SER H 11 -42.18 62.85 36.51
N PRO H 12 -43.09 63.19 35.59
CA PRO H 12 -42.71 63.23 34.17
C PRO H 12 -41.51 64.14 33.93
N GLY H 13 -40.58 63.66 33.12
CA GLY H 13 -39.37 64.40 32.79
C GLY H 13 -38.19 64.10 33.68
N GLN H 14 -38.42 63.43 34.81
CA GLN H 14 -37.37 63.09 35.77
C GLN H 14 -36.77 61.73 35.41
N SER H 15 -35.56 61.49 35.91
CA SER H 15 -34.93 60.19 35.76
C SER H 15 -35.25 59.34 36.99
N VAL H 16 -35.48 58.05 36.76
CA VAL H 16 -35.69 57.08 37.82
C VAL H 16 -34.77 55.89 37.58
N THR H 17 -34.48 55.15 38.65
CA THR H 17 -33.70 53.93 38.53
C THR H 17 -34.37 52.78 39.26
N ILE H 18 -34.17 51.58 38.71
CA ILE H 18 -34.60 50.31 39.29
C ILE H 18 -33.36 49.43 39.41
N SER H 19 -33.13 48.86 40.59
CA SER H 19 -31.97 48.00 40.79
C SER H 19 -32.40 46.57 41.09
N CYS H 20 -31.52 45.64 40.73
CA CYS H 20 -31.63 44.22 41.04
C CYS H 20 -30.33 43.77 41.68
N THR H 21 -30.43 42.99 42.75
CA THR H 21 -29.24 42.42 43.39
C THR H 21 -29.35 40.90 43.37
N GLY H 22 -28.25 40.26 43.02
CA GLY H 22 -28.12 38.81 42.97
C GLY H 22 -26.92 38.37 43.78
N THR H 23 -26.25 37.35 43.25
CA THR H 23 -25.06 36.77 43.86
C THR H 23 -23.96 36.70 42.82
N SER H 24 -22.79 36.22 43.23
CA SER H 24 -21.65 36.18 42.31
C SER H 24 -21.87 35.18 41.18
N SER H 25 -22.66 34.13 41.41
CA SER H 25 -22.91 33.12 40.40
C SER H 25 -23.89 33.52 39.31
N ASP H 26 -24.59 34.66 39.44
CA ASP H 26 -25.58 35.06 38.44
C ASP H 26 -25.35 36.49 37.90
N ILE H 27 -25.68 37.56 38.63
CA ILE H 27 -25.48 38.89 38.08
C ILE H 27 -23.99 39.15 37.87
N GLY H 28 -23.18 38.78 38.85
CA GLY H 28 -21.75 39.01 38.82
C GLY H 28 -20.97 38.36 37.70
N SER H 29 -20.95 37.03 37.70
CA SER H 29 -20.16 36.29 36.72
C SER H 29 -20.65 36.41 35.30
N TYR H 30 -21.96 36.51 35.06
CA TYR H 30 -22.49 36.53 33.70
C TYR H 30 -23.02 37.90 33.33
N ASN H 31 -22.55 38.43 32.19
CA ASN H 31 -23.00 39.72 31.69
C ASN H 31 -24.21 39.55 30.77
N TYR H 32 -25.25 38.87 31.25
CA TYR H 32 -26.43 38.57 30.44
C TYR H 32 -27.71 39.01 31.13
N VAL H 33 -27.65 40.10 31.88
CA VAL H 33 -28.83 40.60 32.59
C VAL H 33 -29.69 41.37 31.61
N SER H 34 -30.98 41.05 31.58
CA SER H 34 -31.94 41.74 30.72
C SER H 34 -33.05 42.31 31.59
N TRP H 35 -33.72 43.34 31.07
CA TRP H 35 -34.83 44.00 31.74
C TRP H 35 -36.06 43.97 30.86
N TYR H 36 -37.23 43.75 31.50
CA TYR H 36 -38.53 43.69 30.84
C TYR H 36 -39.49 44.72 31.42
N GLN H 37 -40.37 45.22 30.57
CA GLN H 37 -41.44 46.16 30.90
C GLN H 37 -42.79 45.49 30.65
N GLN H 38 -43.55 45.23 31.72
CA GLN H 38 -44.85 44.57 31.65
C GLN H 38 -45.97 45.53 32.02
N HIS H 39 -46.76 45.95 31.02
CA HIS H 39 -47.87 46.83 31.35
C HIS H 39 -48.98 45.96 31.95
N PRO H 40 -49.74 46.45 32.93
CA PRO H 40 -50.83 45.61 33.47
C PRO H 40 -51.76 45.17 32.35
N GLY H 41 -52.10 43.88 32.35
CA GLY H 41 -52.98 43.31 31.36
C GLY H 41 -52.30 42.89 30.08
N LYS H 42 -51.00 43.14 29.93
CA LYS H 42 -50.24 42.82 28.73
C LYS H 42 -49.07 41.90 29.05
N ALA H 43 -48.63 41.19 28.03
CA ALA H 43 -47.42 40.39 28.13
C ALA H 43 -46.18 41.28 28.21
N PRO H 44 -45.13 40.86 28.92
CA PRO H 44 -43.92 41.67 28.97
C PRO H 44 -43.22 41.69 27.63
N LYS H 45 -42.52 42.79 27.36
CA LYS H 45 -41.63 42.88 26.20
C LYS H 45 -40.23 43.18 26.69
N LEU H 46 -39.25 42.82 25.86
CA LEU H 46 -37.85 43.05 26.19
C LEU H 46 -37.51 44.52 26.04
N MET H 47 -36.86 45.09 27.06
CA MET H 47 -36.41 46.48 27.03
C MET H 47 -34.90 46.60 26.96
N ILE H 48 -34.17 45.82 27.76
CA ILE H 48 -32.71 45.89 27.79
C ILE H 48 -32.18 44.47 27.76
N TYR H 49 -31.07 44.25 27.06
CA TYR H 49 -30.44 42.93 27.03
C TYR H 49 -28.94 43.10 27.06
N ASP H 50 -28.26 42.04 27.47
CA ASP H 50 -26.80 42.01 27.62
C ASP H 50 -26.31 43.19 28.46
N VAL H 51 -27.05 43.45 29.55
CA VAL H 51 -26.78 44.48 30.54
C VAL H 51 -27.01 45.89 30.01
N THR H 52 -26.36 46.25 28.90
CA THR H 52 -26.41 47.63 28.40
C THR H 52 -27.14 47.82 27.08
N GLN H 53 -27.40 46.77 26.31
CA GLN H 53 -27.93 46.94 24.97
C GLN H 53 -29.45 46.96 24.99
N ARG H 54 -30.05 47.65 24.01
CA ARG H 54 -31.49 47.68 23.84
C ARG H 54 -31.88 47.13 22.47
N PRO H 55 -33.05 46.50 22.34
CA PRO H 55 -33.48 46.03 21.01
C PRO H 55 -33.95 47.19 20.15
N SER H 56 -33.93 46.96 18.84
CA SER H 56 -34.54 47.91 17.92
C SER H 56 -36.04 47.96 18.21
N GLY H 57 -36.63 49.14 18.02
CA GLY H 57 -38.06 49.33 18.25
C GLY H 57 -38.41 50.09 19.50
N VAL H 58 -37.46 50.34 20.42
CA VAL H 58 -37.69 51.12 21.62
C VAL H 58 -36.78 52.33 21.62
N SER H 59 -37.16 53.31 22.43
CA SER H 59 -36.45 54.57 22.57
C SER H 59 -35.19 54.41 23.41
N ASP H 60 -34.38 55.46 23.42
CA ASP H 60 -33.13 55.48 24.18
C ASP H 60 -33.32 56.04 25.59
N ARG H 61 -34.56 56.17 26.05
CA ARG H 61 -34.80 56.58 27.43
C ARG H 61 -34.31 55.50 28.39
N PHE H 62 -34.39 54.24 27.96
CA PHE H 62 -34.07 53.08 28.78
C PHE H 62 -32.62 52.70 28.55
N SER H 63 -31.85 52.60 29.63
CA SER H 63 -30.46 52.18 29.54
C SER H 63 -30.15 51.41 30.81
N GLY H 64 -29.11 50.56 30.76
CA GLY H 64 -28.71 49.80 31.92
C GLY H 64 -27.22 49.83 32.18
N SER H 65 -26.86 49.22 33.31
CA SER H 65 -25.47 49.08 33.73
C SER H 65 -25.40 47.98 34.76
N LYS H 66 -24.18 47.54 35.07
CA LYS H 66 -23.93 46.61 36.15
C LYS H 66 -22.69 47.05 36.91
N SER H 67 -22.71 46.85 38.23
CA SER H 67 -21.56 47.08 39.09
C SER H 67 -21.55 45.99 40.15
N GLY H 68 -20.48 45.19 40.17
CA GLY H 68 -20.42 44.10 41.12
C GLY H 68 -21.55 43.14 40.81
N ASN H 69 -22.37 42.85 41.83
CA ASN H 69 -23.50 41.95 41.69
C ASN H 69 -24.80 42.71 41.59
N THR H 70 -24.76 44.02 41.35
CA THR H 70 -25.96 44.84 41.25
C THR H 70 -26.17 45.32 39.81
N ALA H 71 -27.35 45.04 39.28
CA ALA H 71 -27.75 45.49 37.95
C ALA H 71 -28.65 46.69 38.13
N SER H 72 -28.63 47.62 37.19
CA SER H 72 -29.47 48.81 37.28
C SER H 72 -29.99 49.25 35.93
N LEU H 73 -31.26 49.65 35.93
CA LEU H 73 -31.95 50.22 34.78
C LEU H 73 -32.28 51.66 35.10
N THR H 74 -31.86 52.58 34.23
CA THR H 74 -32.14 53.99 34.40
C THR H 74 -33.08 54.38 33.27
N ILE H 75 -34.16 55.06 33.64
CA ILE H 75 -35.16 55.55 32.70
C ILE H 75 -35.14 57.07 32.81
N SER H 76 -34.55 57.73 31.82
CA SER H 76 -34.46 59.18 31.83
C SER H 76 -35.62 59.72 31.00
N GLY H 77 -35.97 60.98 31.24
CA GLY H 77 -37.01 61.56 30.40
C GLY H 77 -38.34 60.87 30.57
N LEU H 78 -38.66 60.46 31.80
CA LEU H 78 -39.85 59.66 32.10
C LEU H 78 -41.10 60.25 31.47
N GLN H 79 -41.85 59.41 30.77
CA GLN H 79 -43.08 59.79 30.09
C GLN H 79 -44.29 59.36 30.90
N ALA H 80 -45.43 60.01 30.61
CA ALA H 80 -46.68 59.69 31.29
C ALA H 80 -47.08 58.22 31.12
N ASP H 81 -46.73 57.62 29.99
CA ASP H 81 -47.13 56.24 29.70
C ASP H 81 -46.13 55.20 30.21
N ASP H 82 -45.06 55.60 30.88
CA ASP H 82 -44.06 54.65 31.38
C ASP H 82 -44.45 54.14 32.77
N GLU H 83 -45.67 53.59 32.86
CA GLU H 83 -46.20 53.04 34.11
C GLU H 83 -46.28 51.53 33.92
N ALA H 84 -45.42 50.78 34.63
CA ALA H 84 -45.37 49.35 34.34
C ALA H 84 -44.63 48.60 35.44
N ASP H 85 -44.80 47.27 35.43
CA ASP H 85 -44.02 46.40 36.30
C ASP H 85 -42.75 45.97 35.57
N TYR H 86 -41.60 46.29 36.15
CA TYR H 86 -40.31 45.98 35.56
C TYR H 86 -39.65 44.78 36.23
N TYR H 87 -39.03 43.93 35.42
CA TYR H 87 -38.38 42.71 35.91
C TYR H 87 -36.96 42.58 35.36
N CYS H 88 -36.07 41.99 36.17
CA CYS H 88 -34.79 41.49 35.72
C CYS H 88 -34.85 40.02 35.37
N SER H 89 -33.99 39.64 34.41
CA SER H 89 -33.77 38.24 34.08
C SER H 89 -32.27 38.03 33.99
N ALA H 90 -31.72 37.21 34.88
CA ALA H 90 -30.29 36.94 34.92
C ALA H 90 -30.06 35.51 34.46
N TYR H 91 -28.93 35.29 33.80
CA TYR H 91 -28.51 33.95 33.41
C TYR H 91 -27.70 33.36 34.56
N ALA H 92 -28.15 32.21 35.09
CA ALA H 92 -27.51 31.63 36.27
C ALA H 92 -26.49 30.53 35.97
N GLY H 93 -26.52 29.91 34.79
CA GLY H 93 -25.58 28.85 34.47
C GLY H 93 -26.25 27.70 33.76
N ARG H 94 -25.54 26.56 33.72
CA ARG H 94 -26.03 25.37 33.03
C ARG H 94 -27.04 24.59 33.86
N GLN H 95 -26.91 24.62 35.19
CA GLN H 95 -27.82 23.86 36.05
C GLN H 95 -29.12 24.63 36.24
N THR H 96 -29.01 25.95 36.40
CA THR H 96 -30.13 26.86 36.53
C THR H 96 -29.92 27.85 35.42
N PHE H 97 -30.92 28.00 34.54
CA PHE H 97 -30.75 28.88 33.39
C PHE H 97 -31.13 30.33 33.66
N TYR H 98 -32.36 30.60 34.11
CA TYR H 98 -32.78 31.99 34.31
C TYR H 98 -33.38 32.19 35.69
N ILE H 99 -33.07 33.35 36.25
CA ILE H 99 -33.62 33.80 37.52
C ILE H 99 -34.28 35.15 37.29
N PHE H 100 -35.54 35.26 37.71
CA PHE H 100 -36.26 36.51 37.64
C PHE H 100 -36.45 37.06 39.05
N GLY H 101 -36.47 38.38 39.14
CA GLY H 101 -36.74 39.05 40.40
C GLY H 101 -38.22 39.34 40.53
N GLY H 102 -38.58 40.01 41.62
CA GLY H 102 -39.95 40.41 41.79
C GLY H 102 -40.18 41.64 40.95
N GLY H 103 -41.42 41.97 40.64
CA GLY H 103 -41.64 43.14 39.82
C GLY H 103 -41.52 44.42 40.63
N THR H 104 -41.01 45.45 39.96
CA THR H 104 -40.95 46.79 40.52
C THR H 104 -42.03 47.61 39.83
N ARG H 105 -42.94 48.18 40.60
CA ARG H 105 -44.02 48.97 40.03
C ARG H 105 -43.51 50.39 39.81
N LEU H 106 -43.47 50.82 38.55
CA LEU H 106 -43.07 52.18 38.21
C LEU H 106 -44.36 52.94 37.97
N THR H 107 -44.59 53.96 38.80
CA THR H 107 -45.76 54.83 38.74
C THR H 107 -45.27 56.22 38.38
N VAL H 108 -45.96 56.88 37.45
CA VAL H 108 -45.56 58.20 36.97
C VAL H 108 -46.49 59.22 37.63
N LEU H 109 -45.89 60.18 38.33
CA LEU H 109 -46.64 61.12 39.15
C LEU H 109 -47.17 62.26 38.29
N GLU I 2 -38.25 -5.01 24.08
CA GLU I 2 -37.31 -4.92 25.18
C GLU I 2 -36.53 -3.60 25.20
N ASN I 3 -36.91 -2.66 24.33
CA ASN I 3 -36.18 -1.38 24.19
C ASN I 3 -34.70 -1.63 23.91
N LEU I 4 -34.43 -2.42 22.88
CA LEU I 4 -33.06 -2.78 22.54
C LEU I 4 -32.44 -1.71 21.65
N TRP I 5 -31.11 -1.58 21.75
CA TRP I 5 -30.35 -0.56 21.04
C TRP I 5 -29.27 -1.23 20.20
N VAL I 6 -28.87 -0.56 19.13
CA VAL I 6 -27.80 -1.07 18.27
C VAL I 6 -26.47 -0.86 18.97
N THR I 7 -25.70 -1.94 19.12
CA THR I 7 -24.35 -1.87 19.66
C THR I 7 -23.38 -2.34 18.58
N VAL I 8 -22.33 -1.54 18.36
CA VAL I 8 -21.33 -1.78 17.34
C VAL I 8 -20.15 -2.52 17.93
N TYR I 9 -19.78 -3.64 17.32
CA TYR I 9 -18.69 -4.50 17.76
C TYR I 9 -17.63 -4.53 16.67
N TYR I 10 -16.38 -4.29 17.05
CA TYR I 10 -15.24 -4.32 16.14
C TYR I 10 -14.35 -5.46 16.60
N GLY I 11 -14.02 -6.36 15.68
CA GLY I 11 -13.25 -7.54 15.98
C GLY I 11 -14.13 -8.77 16.00
N VAL I 12 -15.27 -8.72 15.32
CA VAL I 12 -16.24 -9.82 15.27
C VAL I 12 -15.68 -11.00 14.46
N PRO I 13 -15.71 -12.25 14.98
CA PRO I 13 -15.13 -13.41 14.28
C PRO I 13 -16.00 -13.90 13.12
N VAL I 14 -16.17 -13.06 12.10
CA VAL I 14 -16.90 -13.42 10.90
C VAL I 14 -16.07 -13.10 9.67
N TRP I 15 -16.46 -13.73 8.57
CA TRP I 15 -15.77 -13.54 7.30
C TRP I 15 -16.72 -13.75 6.15
N LYS I 16 -16.31 -13.29 4.99
CA LYS I 16 -17.04 -13.47 3.74
C LYS I 16 -16.09 -14.01 2.68
N ASP I 17 -16.63 -14.79 1.75
CA ASP I 17 -15.79 -15.33 0.69
C ASP I 17 -15.19 -14.18 -0.11
N ALA I 18 -13.91 -14.29 -0.45
CA ALA I 18 -13.26 -13.21 -1.18
C ALA I 18 -12.09 -13.75 -2.00
N GLU I 19 -11.76 -12.99 -3.03
CA GLU I 19 -10.60 -13.26 -3.89
C GLU I 19 -9.62 -12.11 -3.71
N THR I 20 -8.42 -12.41 -3.21
CA THR I 20 -7.39 -11.42 -3.02
C THR I 20 -6.07 -11.96 -3.56
N THR I 21 -5.03 -11.12 -3.49
CA THR I 21 -3.71 -11.50 -3.96
C THR I 21 -2.93 -12.09 -2.79
N LEU I 22 -2.47 -13.33 -2.96
CA LEU I 22 -1.67 -14.03 -1.96
C LEU I 22 -0.20 -13.87 -2.32
N PHE I 23 0.66 -13.91 -1.30
CA PHE I 23 2.10 -13.85 -1.54
C PHE I 23 2.69 -15.20 -1.18
N CYS I 24 3.85 -15.51 -1.75
CA CYS I 24 4.48 -16.79 -1.47
C CYS I 24 5.53 -16.67 -0.37
N ALA I 25 5.76 -17.79 0.29
CA ALA I 25 6.77 -17.92 1.33
C ALA I 25 7.47 -19.26 1.18
N SER I 26 8.71 -19.31 1.66
CA SER I 26 9.49 -20.54 1.65
C SER I 26 10.78 -20.36 2.44
N HIS I 36 19.42 -20.19 -7.63
CA HIS I 36 19.75 -21.59 -7.89
C HIS I 36 18.51 -22.46 -8.09
N ASN I 37 17.34 -21.84 -8.12
CA ASN I 37 16.08 -22.56 -8.30
C ASN I 37 15.12 -21.64 -9.05
N VAL I 38 14.19 -22.24 -9.80
CA VAL I 38 13.18 -21.43 -10.47
C VAL I 38 12.33 -20.70 -9.44
N TRP I 39 11.96 -21.39 -8.36
CA TRP I 39 11.02 -20.87 -7.37
C TRP I 39 11.75 -20.41 -6.12
N ALA I 40 11.14 -19.45 -5.44
CA ALA I 40 11.59 -18.91 -4.16
C ALA I 40 13.03 -18.43 -4.19
N THR I 41 13.39 -17.70 -5.24
CA THR I 41 14.73 -17.12 -5.33
C THR I 41 14.73 -16.00 -4.31
N HIS I 42 14.12 -14.89 -4.72
CA HIS I 42 13.91 -13.69 -3.92
C HIS I 42 12.44 -13.33 -3.88
N ALA I 43 11.62 -13.98 -4.71
CA ALA I 43 10.20 -13.69 -4.82
C ALA I 43 9.44 -13.96 -3.54
N CYS I 44 9.85 -14.94 -2.75
CA CYS I 44 9.09 -15.34 -1.57
C CYS I 44 9.72 -14.86 -0.26
N VAL I 45 8.81 -14.60 0.68
CA VAL I 45 9.10 -14.14 2.04
C VAL I 45 9.50 -15.33 2.91
N SER I 46 10.47 -15.12 3.80
CA SER I 46 10.86 -16.22 4.68
C SER I 46 9.64 -16.68 5.47
N THR I 47 9.48 -18.00 5.58
CA THR I 47 8.34 -18.59 6.24
C THR I 47 8.47 -18.52 7.76
N ASP I 48 7.36 -18.15 8.41
CA ASP I 48 7.29 -18.16 9.85
C ASP I 48 7.26 -19.61 10.32
N PRO I 49 8.25 -20.10 11.07
CA PRO I 49 8.29 -21.54 11.40
C PRO I 49 7.16 -22.00 12.31
N ASN I 50 6.38 -21.11 12.92
CA ASN I 50 5.34 -21.52 13.85
C ASN I 50 4.06 -21.95 13.14
N PRO I 51 3.61 -23.24 13.26
CA PRO I 51 2.40 -23.72 12.56
C PRO I 51 1.14 -23.27 13.29
N GLN I 52 0.84 -21.97 13.21
CA GLN I 52 -0.23 -21.37 14.02
C GLN I 52 -1.61 -21.71 13.42
N GLU I 53 -1.97 -22.98 13.57
CA GLU I 53 -3.24 -23.51 13.09
C GLU I 53 -4.22 -23.51 14.26
N ILE I 54 -5.38 -22.88 14.05
CA ILE I 54 -6.42 -22.78 15.06
C ILE I 54 -7.64 -23.56 14.60
N HIS I 55 -8.04 -24.57 15.37
CA HIS I 55 -9.22 -25.35 15.02
C HIS I 55 -10.46 -24.52 15.33
N LEU I 56 -11.44 -24.52 14.41
CA LEU I 56 -12.69 -23.79 14.60
C LEU I 56 -13.82 -24.76 14.95
N GLU I 57 -14.07 -24.95 16.25
CA GLU I 57 -15.08 -25.92 16.64
C GLU I 57 -16.46 -25.40 16.24
N ASN I 58 -17.33 -26.31 15.81
CA ASN I 58 -18.72 -26.00 15.46
C ASN I 58 -18.84 -25.03 14.28
N VAL I 59 -17.80 -24.88 13.46
CA VAL I 59 -17.85 -24.02 12.28
C VAL I 59 -17.88 -24.88 11.04
N THR I 60 -18.97 -24.80 10.28
CA THR I 60 -19.13 -25.54 9.04
C THR I 60 -18.93 -24.53 7.92
N GLU I 61 -18.01 -24.82 7.01
CA GLU I 61 -17.66 -23.92 5.91
C GLU I 61 -17.88 -24.65 4.59
N GLU I 62 -18.51 -23.99 3.63
CA GLU I 62 -18.74 -24.60 2.33
C GLU I 62 -17.55 -24.34 1.42
N PHE I 63 -16.99 -25.41 0.87
CA PHE I 63 -15.83 -25.36 -0.01
C PHE I 63 -16.23 -25.71 -1.44
N ASN I 64 -15.44 -25.22 -2.40
CA ASN I 64 -15.61 -25.62 -3.79
C ASN I 64 -14.22 -25.55 -4.43
N MET I 65 -13.57 -26.71 -4.57
CA MET I 65 -12.21 -26.73 -5.06
C MET I 65 -12.08 -26.30 -6.52
N TRP I 66 -13.18 -26.27 -7.28
CA TRP I 66 -13.14 -25.92 -8.69
C TRP I 66 -13.44 -24.45 -8.94
N LYS I 67 -13.70 -23.68 -7.89
CA LYS I 67 -13.96 -22.25 -7.96
C LYS I 67 -12.97 -21.50 -7.07
N ASN I 68 -11.89 -22.18 -6.71
CA ASN I 68 -10.87 -21.70 -5.77
C ASN I 68 -9.87 -20.84 -6.51
N ASN I 69 -9.82 -19.54 -6.21
CA ASN I 69 -8.94 -18.66 -6.95
C ASN I 69 -7.48 -18.83 -6.56
N MET I 70 -7.20 -19.69 -5.58
CA MET I 70 -5.81 -19.95 -5.23
C MET I 70 -5.16 -20.77 -6.31
N VAL I 71 -5.96 -21.51 -7.08
CA VAL I 71 -5.42 -22.35 -8.13
C VAL I 71 -4.97 -21.45 -9.26
N GLU I 72 -5.80 -20.45 -9.59
CA GLU I 72 -5.49 -19.53 -10.66
C GLU I 72 -4.26 -18.71 -10.29
N GLN I 73 -4.15 -18.31 -9.01
CA GLN I 73 -2.97 -17.56 -8.62
C GLN I 73 -1.72 -18.44 -8.65
N MET I 74 -1.83 -19.69 -8.19
CA MET I 74 -0.67 -20.57 -8.21
C MET I 74 -0.22 -20.80 -9.64
N HIS I 75 -1.18 -20.97 -10.55
CA HIS I 75 -0.89 -21.19 -11.96
C HIS I 75 -0.14 -20.00 -12.55
N GLU I 76 -0.66 -18.80 -12.30
CA GLU I 76 -0.02 -17.61 -12.85
C GLU I 76 1.34 -17.38 -12.21
N ASP I 77 1.49 -17.69 -10.92
CA ASP I 77 2.76 -17.47 -10.26
C ASP I 77 3.81 -18.43 -10.78
N ILE I 78 3.43 -19.68 -11.03
CA ILE I 78 4.39 -20.66 -11.54
C ILE I 78 4.80 -20.30 -12.95
N ILE I 79 3.86 -19.90 -13.80
CA ILE I 79 4.23 -19.52 -15.17
C ILE I 79 5.13 -18.29 -15.14
N SER I 80 4.76 -17.28 -14.34
CA SER I 80 5.56 -16.07 -14.26
C SER I 80 6.97 -16.36 -13.77
N LEU I 81 7.11 -17.18 -12.73
CA LEU I 81 8.44 -17.49 -12.23
C LEU I 81 9.23 -18.27 -13.27
N TRP I 82 8.57 -19.18 -14.00
CA TRP I 82 9.24 -19.94 -15.04
C TRP I 82 9.80 -19.01 -16.10
N ASP I 83 8.99 -18.05 -16.55
CA ASP I 83 9.45 -17.12 -17.57
C ASP I 83 10.54 -16.21 -17.04
N GLN I 84 10.44 -15.79 -15.77
CA GLN I 84 11.48 -14.94 -15.21
C GLN I 84 12.80 -15.70 -15.13
N SER I 85 12.73 -16.99 -14.78
CA SER I 85 13.94 -17.80 -14.70
C SER I 85 14.59 -17.99 -16.06
N LEU I 86 13.79 -18.27 -17.10
CA LEU I 86 14.38 -18.52 -18.42
C LEU I 86 14.74 -17.26 -19.20
N LYS I 87 14.10 -16.12 -18.93
CA LYS I 87 14.38 -14.88 -19.66
C LYS I 87 15.87 -14.51 -19.66
N PRO I 88 16.55 -14.36 -18.51
CA PRO I 88 17.97 -13.98 -18.54
C PRO I 88 18.89 -15.17 -18.80
N CYS I 89 18.73 -15.80 -19.96
CA CYS I 89 19.49 -17.00 -20.28
C CYS I 89 19.93 -16.92 -21.75
N VAL I 90 20.75 -17.89 -22.14
CA VAL I 90 21.32 -17.92 -23.47
C VAL I 90 20.27 -18.36 -24.48
N LYS I 91 20.10 -17.56 -25.53
CA LYS I 91 19.18 -17.91 -26.61
C LYS I 91 19.95 -18.74 -27.62
N LEU I 92 19.27 -19.69 -28.24
CA LEU I 92 19.88 -20.59 -29.22
C LEU I 92 19.52 -20.26 -30.66
N THR I 93 19.15 -19.02 -30.95
CA THR I 93 18.84 -18.67 -32.33
C THR I 93 20.04 -18.88 -33.26
N PRO I 94 21.30 -18.69 -32.86
CA PRO I 94 22.41 -19.00 -33.79
C PRO I 94 22.49 -20.46 -34.19
N LEU I 95 21.82 -21.38 -33.49
CA LEU I 95 21.86 -22.80 -33.82
C LEU I 95 20.73 -23.26 -34.72
N CYS I 96 19.87 -22.35 -35.18
CA CYS I 96 18.81 -22.72 -36.12
C CYS I 96 19.43 -22.80 -37.52
N VAL I 97 20.17 -23.88 -37.73
CA VAL I 97 20.83 -24.18 -38.99
C VAL I 97 20.51 -25.63 -39.31
N GLY I 98 20.75 -26.03 -40.55
CA GLY I 98 20.57 -27.41 -40.91
C GLY I 98 21.63 -28.28 -40.25
N LEU I 99 21.21 -29.49 -39.89
CA LEU I 99 22.07 -30.48 -39.26
C LEU I 99 22.33 -31.63 -40.22
N GLN I 100 23.55 -32.15 -40.22
CA GLN I 100 23.88 -33.37 -40.94
C GLN I 100 23.83 -34.47 -39.90
N CYS I 101 22.81 -35.32 -39.98
CA CYS I 101 22.56 -36.35 -38.97
C CYS I 101 22.69 -37.74 -39.57
N THR I 102 23.36 -38.61 -38.82
CA THR I 102 23.52 -40.01 -39.18
C THR I 102 23.13 -40.86 -37.97
N ASN I 103 23.12 -42.17 -38.19
CA ASN I 103 22.81 -43.09 -37.10
C ASN I 103 23.94 -43.11 -36.08
N VAL I 104 23.58 -43.26 -34.82
CA VAL I 104 24.56 -43.34 -33.75
C VAL I 104 25.31 -44.66 -33.90
N THR I 105 26.64 -44.63 -33.80
CA THR I 105 27.47 -45.79 -34.08
C THR I 105 27.72 -46.67 -32.86
N ASN I 106 27.15 -46.35 -31.70
CA ASN I 106 27.32 -47.14 -30.50
C ASN I 106 26.37 -48.33 -30.60
N ASN I 107 26.37 -49.20 -29.59
CA ASN I 107 25.48 -50.34 -29.61
C ASN I 107 24.07 -49.86 -29.27
N ILE I 108 23.13 -50.09 -30.18
CA ILE I 108 21.76 -49.63 -30.04
C ILE I 108 20.86 -50.84 -29.79
N THR I 109 20.05 -50.76 -28.75
CA THR I 109 19.12 -51.83 -28.46
C THR I 109 17.94 -51.78 -29.43
N ASP I 110 17.10 -52.81 -29.38
CA ASP I 110 16.00 -52.93 -30.33
C ASP I 110 15.05 -51.74 -30.27
N ASP I 111 14.86 -51.17 -29.08
CA ASP I 111 13.90 -50.09 -28.88
C ASP I 111 14.49 -48.69 -29.07
N MET I 112 15.79 -48.59 -29.39
CA MET I 112 16.45 -47.31 -29.58
C MET I 112 16.87 -47.05 -31.04
N ARG I 113 16.40 -47.87 -31.98
CA ARG I 113 16.82 -47.73 -33.36
C ARG I 113 16.11 -46.52 -33.97
N GLY I 114 16.90 -45.50 -34.29
CA GLY I 114 16.39 -44.25 -34.83
C GLY I 114 15.92 -43.25 -33.80
N GLU I 115 16.02 -43.56 -32.51
CA GLU I 115 15.56 -42.64 -31.48
C GLU I 115 16.56 -41.51 -31.27
N LEU I 116 17.84 -41.80 -31.37
CA LEU I 116 18.92 -40.86 -31.12
C LEU I 116 19.78 -40.80 -32.37
N LYS I 117 20.13 -39.60 -32.82
CA LYS I 117 20.96 -39.42 -34.01
C LYS I 117 22.18 -38.56 -33.70
N ASN I 118 23.26 -38.87 -34.42
CA ASN I 118 24.54 -38.19 -34.32
C ASN I 118 24.57 -37.09 -35.38
N CYS I 119 24.37 -35.85 -34.94
CA CYS I 119 24.21 -34.69 -35.80
C CYS I 119 25.43 -33.80 -35.72
N SER I 120 25.74 -33.12 -36.83
CA SER I 120 26.82 -32.15 -36.89
C SER I 120 26.35 -30.87 -37.56
N PHE I 121 26.92 -29.75 -37.13
CA PHE I 121 26.54 -28.46 -37.67
C PHE I 121 27.65 -27.43 -37.50
N ASN I 122 27.55 -26.35 -38.28
CA ASN I 122 28.49 -25.23 -38.21
C ASN I 122 27.91 -24.11 -37.35
N ALA I 123 28.39 -24.03 -36.13
CA ALA I 123 27.92 -23.10 -35.11
C ALA I 123 28.81 -21.86 -35.09
N THR I 124 28.27 -20.79 -34.53
CA THR I 124 29.05 -19.59 -34.31
C THR I 124 30.00 -19.81 -33.14
N THR I 125 30.93 -18.88 -32.97
CA THR I 125 31.91 -18.93 -31.90
C THR I 125 31.92 -17.60 -31.15
N GLU I 126 32.91 -17.42 -30.27
CA GLU I 126 33.01 -16.18 -29.51
C GLU I 126 33.08 -14.96 -30.42
N LEU I 127 33.65 -15.12 -31.63
CA LEU I 127 33.82 -14.03 -32.56
C LEU I 127 32.83 -14.16 -33.72
N ARG I 128 32.31 -13.03 -34.15
CA ARG I 128 31.30 -12.99 -35.21
C ARG I 128 31.80 -13.57 -36.53
N ASN I 129 33.07 -13.40 -36.85
CA ASN I 129 33.62 -13.83 -38.13
C ASN I 129 34.18 -15.25 -38.15
N LYS I 130 33.96 -16.04 -37.10
CA LYS I 130 34.45 -17.41 -37.06
C LYS I 130 33.29 -18.40 -36.96
N ARG I 131 33.57 -19.63 -37.40
CA ARG I 131 32.64 -20.73 -37.32
C ARG I 131 33.38 -21.95 -36.80
N GLN I 132 32.64 -22.86 -36.16
CA GLN I 132 33.21 -24.11 -35.67
C GLN I 132 32.27 -25.25 -36.02
N LYS I 133 32.84 -26.43 -36.29
CA LYS I 133 32.02 -27.59 -36.56
C LYS I 133 31.83 -28.31 -35.22
N VAL I 134 30.57 -28.58 -34.89
CA VAL I 134 30.18 -29.14 -33.62
C VAL I 134 29.42 -30.43 -33.89
N TYR I 135 29.74 -31.47 -33.12
CA TYR I 135 29.05 -32.74 -33.18
C TYR I 135 28.29 -32.91 -31.87
N SER I 136 27.05 -33.39 -31.98
CA SER I 136 26.23 -33.61 -30.79
C SER I 136 25.22 -34.70 -31.10
N LEU I 137 24.68 -35.30 -30.05
CA LEU I 137 23.63 -36.31 -30.19
C LEU I 137 22.29 -35.69 -29.82
N PHE I 138 21.34 -35.74 -30.76
CA PHE I 138 19.99 -35.21 -30.54
C PHE I 138 18.98 -36.34 -30.59
N TYR I 139 17.93 -36.20 -29.81
CA TYR I 139 16.85 -37.18 -29.85
C TYR I 139 16.03 -36.90 -31.09
N ARG I 140 15.48 -37.96 -31.68
CA ARG I 140 14.66 -37.79 -32.88
C ARG I 140 13.52 -36.82 -32.64
N LEU I 141 12.97 -36.80 -31.43
CA LEU I 141 11.86 -35.90 -31.12
C LEU I 141 12.25 -34.42 -31.22
N ASP I 142 13.54 -34.11 -31.11
CA ASP I 142 14.01 -32.73 -31.11
C ASP I 142 14.37 -32.19 -32.48
N ILE I 143 14.38 -33.04 -33.50
CA ILE I 143 14.77 -32.66 -34.86
C ILE I 143 13.69 -33.13 -35.82
N VAL I 144 13.59 -32.44 -36.96
CA VAL I 144 12.66 -32.84 -38.01
C VAL I 144 13.39 -32.86 -39.36
N PRO I 145 12.95 -33.69 -40.31
CA PRO I 145 13.61 -33.70 -41.63
C PRO I 145 13.53 -32.38 -42.35
N MET I 146 14.61 -32.08 -43.08
CA MET I 146 14.69 -30.90 -43.92
C MET I 146 15.53 -31.29 -45.14
N VAL I 147 15.20 -30.70 -46.28
CA VAL I 147 15.96 -30.93 -47.52
C VAL I 147 16.84 -29.71 -47.72
N ASP I 148 18.15 -29.94 -47.82
CA ASP I 148 19.09 -28.85 -48.03
C ASP I 148 20.34 -29.43 -48.68
N LEU I 149 21.29 -28.56 -48.94
CA LEU I 149 22.60 -28.94 -49.47
C LEU I 149 23.54 -29.24 -48.29
N TRP I 150 23.95 -30.51 -48.17
CA TRP I 150 24.77 -31.02 -47.07
C TRP I 150 24.11 -31.05 -45.69
N THR I 151 22.78 -31.14 -45.57
CA THR I 151 22.16 -31.31 -44.25
C THR I 151 21.01 -32.28 -44.41
N ASN I 152 20.51 -32.80 -43.27
CA ASN I 152 19.35 -33.68 -43.25
C ASN I 152 18.21 -33.20 -42.35
N TYR I 153 18.50 -32.57 -41.20
CA TYR I 153 17.49 -32.24 -40.22
C TYR I 153 17.72 -30.83 -39.68
N ARG I 154 16.67 -30.28 -39.06
CA ARG I 154 16.78 -29.02 -38.33
C ARG I 154 16.03 -29.15 -37.01
N LEU I 155 16.29 -28.26 -36.07
CA LEU I 155 15.60 -28.34 -34.79
C LEU I 155 14.11 -28.08 -34.96
N ILE I 156 13.30 -28.88 -34.27
CA ILE I 156 11.85 -28.85 -34.39
C ILE I 156 11.22 -27.49 -34.12
N SER I 157 11.77 -26.69 -33.19
CA SER I 157 11.14 -25.41 -32.87
C SER I 157 11.63 -24.22 -33.68
N CYS I 158 12.64 -24.34 -34.53
CA CYS I 158 13.14 -23.15 -35.22
C CYS I 158 12.14 -22.59 -36.23
N ASN I 159 11.12 -23.36 -36.58
CA ASN I 159 10.06 -22.97 -37.50
C ASN I 159 8.85 -22.38 -36.76
N THR I 160 8.88 -22.34 -35.43
CA THR I 160 7.78 -21.84 -34.60
C THR I 160 8.20 -20.66 -33.73
N SER I 161 9.29 -20.79 -32.99
CA SER I 161 9.69 -19.75 -32.05
C SER I 161 11.18 -19.90 -31.74
N ALA I 162 11.74 -18.86 -31.14
CA ALA I 162 13.12 -18.93 -30.67
C ALA I 162 13.24 -19.94 -29.55
N ILE I 163 14.34 -20.67 -29.54
CA ILE I 163 14.63 -21.66 -28.51
C ILE I 163 15.59 -21.02 -27.51
N THR I 164 15.19 -20.97 -26.25
CA THR I 164 16.00 -20.39 -25.19
C THR I 164 16.61 -21.53 -24.38
N GLN I 165 17.91 -21.47 -24.15
CA GLN I 165 18.56 -22.49 -23.34
C GLN I 165 18.33 -22.18 -21.87
N ALA I 166 17.96 -23.19 -21.10
CA ALA I 166 17.77 -22.96 -19.67
C ALA I 166 19.13 -22.62 -19.07
N CYS I 167 19.15 -21.68 -18.13
CA CYS I 167 20.40 -21.31 -17.49
C CYS I 167 20.99 -22.50 -16.72
N PRO I 168 22.27 -22.83 -16.92
CA PRO I 168 22.84 -23.97 -16.20
C PRO I 168 22.91 -23.67 -14.72
N LYS I 169 22.84 -24.71 -13.90
CA LYS I 169 22.91 -24.62 -12.44
C LYS I 169 21.68 -23.95 -11.83
N VAL I 170 20.61 -23.75 -12.60
CA VAL I 170 19.34 -23.27 -12.08
C VAL I 170 18.42 -24.49 -12.09
N SER I 171 18.13 -24.98 -10.88
CA SER I 171 17.39 -26.21 -10.70
C SER I 171 15.91 -26.07 -11.05
N PHE I 172 15.36 -27.14 -11.62
CA PHE I 172 13.93 -27.26 -11.90
C PHE I 172 13.27 -28.15 -10.86
N GLU I 173 13.99 -28.52 -9.80
CA GLU I 173 13.43 -29.37 -8.76
C GLU I 173 12.29 -28.63 -8.05
N PRO I 174 11.11 -29.21 -7.94
CA PRO I 174 10.04 -28.53 -7.21
C PRO I 174 10.35 -28.50 -5.73
N ILE I 175 10.10 -27.34 -5.11
CA ILE I 175 10.30 -27.15 -3.67
C ILE I 175 8.98 -26.66 -3.09
N PRO I 176 8.67 -26.94 -1.82
CA PRO I 176 7.38 -26.50 -1.28
C PRO I 176 7.27 -24.98 -1.26
N ILE I 177 6.11 -24.50 -1.69
CA ILE I 177 5.77 -23.08 -1.69
C ILE I 177 4.56 -22.90 -0.81
N HIS I 178 4.62 -21.95 0.12
CA HIS I 178 3.51 -21.66 1.01
C HIS I 178 2.82 -20.42 0.49
N TYR I 179 1.51 -20.50 0.22
CA TYR I 179 0.78 -19.32 -0.25
C TYR I 179 0.10 -18.70 0.96
N CYS I 180 0.52 -17.50 1.32
CA CYS I 180 0.11 -16.87 2.57
C CYS I 180 -0.69 -15.62 2.26
N ALA I 181 -1.75 -15.41 3.08
CA ALA I 181 -2.69 -14.31 2.99
C ALA I 181 -2.14 -13.04 3.63
N PRO I 182 -2.52 -11.87 3.12
CA PRO I 182 -2.18 -10.62 3.82
C PRO I 182 -3.04 -10.46 5.06
N ALA I 183 -2.57 -9.60 5.97
CA ALA I 183 -3.34 -9.34 7.18
C ALA I 183 -4.70 -8.80 6.78
N GLY I 184 -5.71 -9.17 7.56
CA GLY I 184 -7.09 -8.83 7.27
C GLY I 184 -7.83 -9.96 6.56
N PHE I 185 -7.10 -10.96 6.07
CA PHE I 185 -7.61 -12.13 5.39
C PHE I 185 -7.12 -13.36 6.14
N ALA I 186 -7.78 -14.48 5.93
CA ALA I 186 -7.39 -15.73 6.58
C ALA I 186 -7.61 -16.87 5.61
N ILE I 187 -6.89 -17.98 5.82
CA ILE I 187 -7.07 -19.17 4.99
C ILE I 187 -7.69 -20.24 5.88
N LEU I 188 -8.79 -20.81 5.43
CA LEU I 188 -9.47 -21.86 6.16
C LEU I 188 -9.09 -23.18 5.54
N LYS I 189 -8.81 -24.17 6.38
CA LYS I 189 -8.44 -25.51 5.97
C LYS I 189 -9.55 -26.47 6.35
N CYS I 190 -9.83 -27.43 5.47
CA CYS I 190 -10.82 -28.47 5.72
C CYS I 190 -10.11 -29.73 6.20
N LYS I 191 -10.15 -29.98 7.51
CA LYS I 191 -9.49 -31.15 8.08
C LYS I 191 -10.50 -32.29 8.17
N ASP I 192 -11.00 -32.68 7.01
CA ASP I 192 -12.08 -33.66 6.90
C ASP I 192 -11.60 -34.88 6.15
N LYS I 193 -11.49 -36.00 6.86
CA LYS I 193 -11.04 -37.22 6.22
C LYS I 193 -12.10 -37.62 5.20
N LYS I 194 -11.66 -38.09 4.02
CA LYS I 194 -12.61 -38.48 2.97
C LYS I 194 -13.41 -37.29 2.48
N PHE I 195 -12.78 -36.12 2.38
CA PHE I 195 -13.48 -34.93 1.92
C PHE I 195 -13.75 -34.98 0.41
N ASN I 196 -15.01 -34.75 0.07
CA ASN I 196 -15.52 -34.79 -1.29
C ASN I 196 -14.88 -33.76 -2.20
N GLY I 197 -14.35 -32.68 -1.63
CA GLY I 197 -13.78 -31.59 -2.40
C GLY I 197 -14.76 -30.48 -2.72
N THR I 198 -16.00 -30.60 -2.25
CA THR I 198 -17.06 -29.62 -2.49
C THR I 198 -18.08 -29.80 -1.38
N GLY I 199 -18.81 -28.73 -1.08
CA GLY I 199 -19.87 -28.80 -0.11
C GLY I 199 -19.41 -28.47 1.30
N PRO I 200 -20.31 -28.64 2.28
CA PRO I 200 -19.96 -28.26 3.65
C PRO I 200 -18.86 -29.14 4.24
N CYS I 201 -18.00 -28.51 5.04
CA CYS I 201 -16.92 -29.14 5.77
C CYS I 201 -17.05 -28.73 7.22
N GLN I 202 -17.29 -29.70 8.10
CA GLN I 202 -17.47 -29.42 9.52
C GLN I 202 -16.17 -29.23 10.30
N ASN I 203 -15.11 -30.05 10.09
CA ASN I 203 -13.86 -29.81 10.85
C ASN I 203 -12.99 -28.72 10.24
N VAL I 204 -13.55 -27.51 10.15
CA VAL I 204 -12.83 -26.38 9.60
C VAL I 204 -11.83 -25.85 10.63
N SER I 205 -10.70 -25.35 10.14
CA SER I 205 -9.71 -24.73 11.00
C SER I 205 -9.13 -23.53 10.26
N THR I 206 -8.56 -22.59 11.01
CA THR I 206 -7.98 -21.38 10.44
C THR I 206 -6.46 -21.46 10.48
N VAL I 207 -5.83 -21.15 9.35
CA VAL I 207 -4.39 -21.09 9.24
C VAL I 207 -4.02 -19.74 8.64
N GLN I 208 -2.78 -19.34 8.90
CA GLN I 208 -2.26 -18.16 8.24
C GLN I 208 -1.96 -18.49 6.78
N CYS I 209 -1.43 -19.69 6.54
CA CYS I 209 -1.08 -20.12 5.19
C CYS I 209 -0.95 -21.63 5.10
N THR I 210 -0.74 -22.09 3.87
CA THR I 210 -0.70 -23.51 3.53
C THR I 210 0.56 -24.20 4.05
N HIS I 211 0.53 -25.53 3.96
CA HIS I 211 1.57 -26.42 4.51
C HIS I 211 2.84 -26.46 3.67
N GLY I 212 2.83 -25.90 2.47
CA GLY I 212 4.00 -25.95 1.60
C GLY I 212 3.72 -26.92 0.48
N ILE I 213 3.35 -26.38 -0.67
CA ILE I 213 2.90 -27.13 -1.83
C ILE I 213 4.01 -27.11 -2.86
N LYS I 214 4.43 -28.28 -3.30
CA LYS I 214 5.51 -28.36 -4.28
C LYS I 214 4.94 -28.17 -5.69
N PRO I 215 5.50 -27.26 -6.51
CA PRO I 215 4.96 -27.05 -7.86
C PRO I 215 5.43 -28.16 -8.81
N VAL I 216 4.97 -29.37 -8.55
CA VAL I 216 5.39 -30.53 -9.33
C VAL I 216 4.58 -30.52 -10.62
N VAL I 217 5.29 -30.59 -11.75
CA VAL I 217 4.66 -30.59 -13.07
C VAL I 217 4.67 -32.02 -13.59
N SER I 218 3.47 -32.54 -13.87
CA SER I 218 3.35 -33.88 -14.42
C SER I 218 2.01 -33.97 -15.13
N THR I 219 1.85 -35.03 -15.91
CA THR I 219 0.58 -35.37 -16.53
C THR I 219 0.19 -36.79 -16.16
N GLN I 220 -1.10 -37.07 -16.25
CA GLN I 220 -1.67 -38.40 -16.01
C GLN I 220 -1.50 -38.92 -14.59
N LEU I 221 -0.27 -38.97 -14.09
CA LEU I 221 0.03 -39.39 -12.74
C LEU I 221 0.52 -38.19 -11.94
N LEU I 222 0.00 -38.05 -10.72
CA LEU I 222 0.38 -36.97 -9.82
C LEU I 222 1.51 -37.46 -8.92
N LEU I 223 2.68 -36.82 -9.04
CA LEU I 223 3.86 -37.24 -8.29
C LEU I 223 4.11 -36.29 -7.12
N ASN I 224 4.68 -36.85 -6.05
CA ASN I 224 5.16 -36.09 -4.89
C ASN I 224 4.09 -35.16 -4.32
N GLY I 225 2.85 -35.63 -4.27
CA GLY I 225 1.75 -34.87 -3.70
C GLY I 225 1.40 -35.34 -2.31
N SER I 226 0.16 -35.08 -1.91
CA SER I 226 -0.34 -35.46 -0.59
C SER I 226 -1.24 -36.68 -0.74
N LEU I 227 -1.21 -37.54 0.27
CA LEU I 227 -2.03 -38.73 0.31
C LEU I 227 -3.32 -38.52 1.08
N ALA I 228 -4.34 -39.30 0.72
CA ALA I 228 -5.60 -39.27 1.44
C ALA I 228 -5.38 -39.83 2.84
N GLU I 229 -6.15 -39.33 3.80
CA GLU I 229 -5.94 -39.76 5.19
C GLU I 229 -6.30 -41.23 5.39
N GLU I 230 -7.42 -41.72 4.79
CA GLU I 230 -7.83 -43.11 5.02
C GLU I 230 -8.15 -43.90 3.76
N GLU I 231 -8.86 -43.30 2.79
CA GLU I 231 -9.32 -44.01 1.61
C GLU I 231 -9.07 -43.19 0.36
N VAL I 232 -9.05 -43.88 -0.79
CA VAL I 232 -8.89 -43.20 -2.06
C VAL I 232 -10.11 -42.31 -2.27
N ILE I 233 -9.88 -41.05 -2.67
CA ILE I 233 -10.95 -40.08 -2.84
C ILE I 233 -11.06 -39.71 -4.31
N ILE I 234 -12.27 -39.86 -4.86
CA ILE I 234 -12.58 -39.56 -6.25
C ILE I 234 -13.22 -38.17 -6.26
N ARG I 235 -12.58 -37.20 -6.92
CA ARG I 235 -13.09 -35.82 -6.97
C ARG I 235 -13.35 -35.40 -8.41
N SER I 236 -14.53 -34.87 -8.68
CA SER I 236 -14.84 -34.38 -10.01
C SER I 236 -15.87 -33.26 -9.91
N GLU I 237 -15.69 -32.22 -10.74
CA GLU I 237 -16.64 -31.11 -10.75
C GLU I 237 -18.05 -31.60 -11.03
N ASN I 238 -18.20 -32.51 -11.99
CA ASN I 238 -19.48 -33.11 -12.33
C ASN I 238 -19.19 -34.52 -12.84
N ILE I 239 -19.31 -35.51 -11.95
CA ILE I 239 -18.90 -36.87 -12.30
C ILE I 239 -19.74 -37.41 -13.45
N THR I 240 -20.98 -36.94 -13.59
CA THR I 240 -21.84 -37.34 -14.70
C THR I 240 -21.28 -36.88 -16.04
N ASN I 241 -20.68 -35.69 -16.10
CA ASN I 241 -20.21 -35.13 -17.36
C ASN I 241 -18.82 -35.66 -17.66
N ASN I 242 -18.72 -36.46 -18.73
CA ASN I 242 -17.47 -37.11 -19.11
C ASN I 242 -16.40 -36.13 -19.58
N ALA I 243 -16.75 -34.87 -19.84
CA ALA I 243 -15.76 -33.90 -20.29
C ALA I 243 -14.89 -33.36 -19.16
N LYS I 244 -15.26 -33.61 -17.91
CA LYS I 244 -14.52 -33.14 -16.76
C LYS I 244 -13.46 -34.18 -16.41
N ASN I 245 -12.36 -33.72 -15.84
CA ASN I 245 -11.36 -34.65 -15.36
C ASN I 245 -11.68 -35.07 -13.93
N ILE I 246 -11.25 -36.28 -13.59
CA ILE I 246 -11.44 -36.87 -12.28
C ILE I 246 -10.07 -36.92 -11.60
N LEU I 247 -9.97 -36.33 -10.42
CA LEU I 247 -8.73 -36.33 -9.65
C LEU I 247 -8.88 -37.40 -8.58
N VAL I 248 -7.99 -38.39 -8.61
CA VAL I 248 -8.03 -39.50 -7.66
C VAL I 248 -6.89 -39.30 -6.69
N GLN I 249 -7.20 -39.11 -5.41
CA GLN I 249 -6.18 -38.93 -4.39
C GLN I 249 -6.02 -40.26 -3.68
N LEU I 250 -4.82 -40.81 -3.70
CA LEU I 250 -4.57 -42.11 -3.10
C LEU I 250 -4.33 -41.99 -1.62
N ASN I 251 -4.63 -43.06 -0.88
CA ASN I 251 -4.36 -43.11 0.56
C ASN I 251 -3.06 -43.80 0.89
N THR I 252 -2.34 -44.32 -0.11
CA THR I 252 -1.04 -44.95 0.01
C THR I 252 -0.25 -44.51 -1.21
N SER I 253 1.06 -44.31 -1.09
CA SER I 253 1.83 -43.96 -2.28
C SER I 253 2.10 -45.21 -3.08
N VAL I 254 2.29 -45.04 -4.39
CA VAL I 254 2.85 -46.11 -5.23
C VAL I 254 4.22 -45.63 -5.64
N GLN I 255 5.26 -46.38 -5.32
CA GLN I 255 6.60 -45.90 -5.62
C GLN I 255 6.94 -46.24 -7.07
N ILE I 256 7.35 -45.21 -7.83
CA ILE I 256 7.74 -45.35 -9.22
C ILE I 256 9.21 -44.98 -9.31
N ASN I 257 10.01 -45.86 -9.92
CA ASN I 257 11.45 -45.65 -10.05
C ASN I 257 11.79 -45.44 -11.52
N CYS I 258 12.14 -44.21 -11.89
CA CYS I 258 12.36 -43.80 -13.27
C CYS I 258 13.84 -43.57 -13.50
N THR I 259 14.35 -44.02 -14.65
CA THR I 259 15.77 -43.86 -14.90
C THR I 259 16.11 -43.72 -16.38
N ARG I 260 17.26 -43.09 -16.60
CA ARG I 260 17.94 -42.97 -17.89
C ARG I 260 19.32 -43.59 -17.65
N PRO I 261 19.51 -44.88 -18.00
CA PRO I 261 20.75 -45.60 -17.65
C PRO I 261 22.00 -45.16 -18.40
N ASN I 262 21.89 -44.42 -19.50
CA ASN I 262 23.06 -44.07 -20.30
C ASN I 262 23.96 -43.07 -19.59
N ASN I 263 25.28 -43.29 -19.66
CA ASN I 263 26.21 -42.36 -19.01
C ASN I 263 26.60 -41.28 -20.02
N ASN I 264 25.95 -40.12 -19.94
CA ASN I 264 26.18 -39.08 -20.93
C ASN I 264 27.43 -38.26 -20.61
N THR I 265 28.23 -38.01 -21.65
CA THR I 265 29.36 -37.10 -21.56
C THR I 265 28.87 -35.83 -22.23
N VAL I 266 28.84 -34.75 -21.45
CA VAL I 266 28.31 -33.45 -21.86
C VAL I 266 29.46 -32.48 -22.12
N LYS I 267 29.43 -31.86 -23.28
CA LYS I 267 30.43 -30.91 -23.76
C LYS I 267 29.71 -29.58 -23.95
N SER I 268 30.48 -28.50 -24.06
CA SER I 268 29.89 -27.20 -24.30
C SER I 268 30.77 -26.38 -25.23
N ILE I 269 30.12 -25.44 -25.91
CA ILE I 269 30.73 -24.50 -26.83
C ILE I 269 30.27 -23.08 -26.55
N ARG I 270 31.06 -22.12 -27.01
CA ARG I 270 30.66 -20.73 -26.97
C ARG I 270 29.99 -20.41 -28.31
N ILE I 271 28.90 -19.65 -28.26
CA ILE I 271 28.18 -19.25 -29.46
C ILE I 271 28.06 -17.73 -29.56
N GLY I 272 28.86 -17.00 -28.80
CA GLY I 272 28.82 -15.56 -28.79
C GLY I 272 29.55 -15.06 -27.57
N PRO I 273 29.72 -13.74 -27.44
CA PRO I 273 30.44 -13.23 -26.26
C PRO I 273 29.61 -13.49 -25.01
N GLY I 274 30.17 -14.29 -24.10
CA GLY I 274 29.53 -14.61 -22.85
C GLY I 274 28.43 -15.64 -22.95
N GLN I 275 28.26 -16.27 -24.11
CA GLN I 275 27.20 -17.25 -24.36
C GLN I 275 27.78 -18.64 -24.18
N ALA I 276 26.91 -19.61 -23.92
CA ALA I 276 27.35 -21.00 -23.89
C ALA I 276 26.18 -21.91 -24.25
N PHE I 277 26.49 -22.93 -25.04
CA PHE I 277 25.54 -23.96 -25.44
C PHE I 277 26.00 -25.30 -24.92
N TYR I 278 25.10 -26.04 -24.28
CA TYR I 278 25.38 -27.34 -23.71
C TYR I 278 24.71 -28.41 -24.56
N TYR I 279 25.44 -29.50 -24.80
CA TYR I 279 24.94 -30.61 -25.61
C TYR I 279 25.60 -31.90 -25.16
N THR I 280 24.98 -33.00 -25.53
CA THR I 280 25.54 -34.31 -25.23
C THR I 280 26.68 -34.56 -26.21
N GLY I 281 27.86 -34.83 -25.68
CA GLY I 281 29.03 -35.06 -26.50
C GLY I 281 29.04 -36.49 -26.96
N ASP I 282 28.89 -37.42 -26.02
CA ASP I 282 28.88 -38.83 -26.37
C ASP I 282 28.15 -39.60 -25.28
N ILE I 283 27.99 -40.91 -25.49
CA ILE I 283 27.40 -41.78 -24.49
C ILE I 283 28.39 -42.86 -24.11
N ILE I 284 28.62 -43.00 -22.82
CA ILE I 284 29.46 -44.02 -22.23
C ILE I 284 28.54 -45.18 -21.87
N GLY I 285 28.91 -46.36 -22.35
CA GLY I 285 28.14 -47.58 -22.19
C GLY I 285 27.18 -47.77 -23.34
N ASP I 286 26.41 -48.85 -23.26
CA ASP I 286 25.46 -49.14 -24.32
C ASP I 286 24.31 -48.15 -24.23
N ILE I 287 23.61 -47.96 -25.34
CA ILE I 287 22.45 -47.06 -25.37
C ILE I 287 21.20 -47.88 -25.15
N ARG I 288 20.46 -47.52 -24.11
CA ARG I 288 19.25 -48.20 -23.67
C ARG I 288 18.14 -47.17 -23.55
N GLN I 289 16.90 -47.65 -23.61
CA GLN I 289 15.76 -46.74 -23.51
C GLN I 289 15.47 -46.41 -22.05
N ALA I 290 15.12 -45.15 -21.80
CA ALA I 290 14.73 -44.73 -20.46
C ALA I 290 13.45 -45.44 -20.08
N HIS I 291 13.28 -45.71 -18.78
CA HIS I 291 12.07 -46.42 -18.37
C HIS I 291 11.75 -46.15 -16.91
N CYS I 292 10.52 -46.46 -16.54
CA CYS I 292 10.05 -46.40 -15.16
C CYS I 292 9.52 -47.75 -14.72
N ASN I 293 9.85 -48.15 -13.50
CA ASN I 293 9.40 -49.41 -12.91
C ASN I 293 8.37 -49.11 -11.83
N VAL I 294 7.17 -49.68 -11.99
CA VAL I 294 6.07 -49.58 -11.05
C VAL I 294 5.79 -51.01 -10.56
N SER I 295 5.83 -51.22 -9.24
CA SER I 295 5.62 -52.56 -8.71
C SER I 295 4.25 -53.08 -9.15
N LYS I 296 4.22 -54.29 -9.71
CA LYS I 296 2.96 -54.81 -10.24
C LYS I 296 1.92 -55.05 -9.14
N ALA I 297 2.32 -55.63 -8.01
CA ALA I 297 1.35 -55.93 -6.97
C ALA I 297 0.76 -54.67 -6.37
N THR I 298 1.61 -53.66 -6.15
CA THR I 298 1.14 -52.42 -5.54
C THR I 298 0.17 -51.73 -6.49
N TRP I 299 0.52 -51.66 -7.77
CA TRP I 299 -0.36 -51.03 -8.74
C TRP I 299 -1.69 -51.75 -8.85
N ASN I 300 -1.66 -53.09 -8.86
CA ASN I 300 -2.90 -53.85 -8.95
C ASN I 300 -3.80 -53.58 -7.76
N GLU I 301 -3.22 -53.47 -6.56
CA GLU I 301 -4.03 -53.13 -5.39
C GLU I 301 -4.55 -51.70 -5.49
N THR I 302 -3.73 -50.80 -6.01
CA THR I 302 -4.12 -49.40 -6.13
C THR I 302 -5.31 -49.28 -7.07
N LEU I 303 -5.27 -49.96 -8.22
CA LEU I 303 -6.41 -49.85 -9.12
C LEU I 303 -7.61 -50.58 -8.55
N GLY I 304 -7.41 -51.65 -7.79
CA GLY I 304 -8.54 -52.30 -7.16
C GLY I 304 -9.28 -51.34 -6.26
N LYS I 305 -8.52 -50.55 -5.48
CA LYS I 305 -9.12 -49.55 -4.62
C LYS I 305 -9.81 -48.46 -5.44
N VAL I 306 -9.20 -48.05 -6.55
CA VAL I 306 -9.79 -46.99 -7.36
C VAL I 306 -11.12 -47.45 -7.94
N VAL I 307 -11.19 -48.69 -8.45
CA VAL I 307 -12.47 -49.12 -9.00
C VAL I 307 -13.48 -49.32 -7.88
N LYS I 308 -13.02 -49.77 -6.70
CA LYS I 308 -13.92 -49.90 -5.56
C LYS I 308 -14.59 -48.57 -5.25
N GLN I 309 -13.82 -47.49 -5.31
CA GLN I 309 -14.39 -46.17 -5.04
C GLN I 309 -15.24 -45.66 -6.20
N LEU I 310 -14.84 -45.95 -7.45
CA LEU I 310 -15.61 -45.49 -8.61
C LEU I 310 -16.99 -46.13 -8.64
N ARG I 311 -17.11 -47.40 -8.22
CA ARG I 311 -18.41 -48.05 -8.27
C ARG I 311 -19.46 -47.34 -7.42
N LYS I 312 -19.05 -46.59 -6.39
CA LYS I 312 -20.04 -45.87 -5.59
C LYS I 312 -20.78 -44.83 -6.42
N HIS I 313 -20.16 -44.32 -7.49
CA HIS I 313 -20.79 -43.34 -8.35
C HIS I 313 -21.29 -43.92 -9.66
N PHE I 314 -20.73 -45.05 -10.10
CA PHE I 314 -21.08 -45.65 -11.38
C PHE I 314 -21.89 -46.94 -11.27
N GLY I 315 -22.11 -47.45 -10.06
CA GLY I 315 -22.91 -48.65 -9.85
C GLY I 315 -22.15 -49.81 -9.26
N ASN I 316 -22.76 -50.47 -8.27
CA ASN I 316 -22.08 -51.55 -7.57
C ASN I 316 -21.80 -52.75 -8.47
N ASN I 317 -22.62 -52.95 -9.53
CA ASN I 317 -22.47 -54.08 -10.44
C ASN I 317 -21.93 -53.71 -11.82
N THR I 318 -21.27 -52.56 -11.97
CA THR I 318 -20.73 -52.18 -13.27
C THR I 318 -19.29 -52.65 -13.41
N ILE I 319 -18.90 -53.00 -14.63
CA ILE I 319 -17.54 -53.39 -14.93
C ILE I 319 -16.79 -52.12 -15.30
N ILE I 320 -15.62 -51.91 -14.68
CA ILE I 320 -14.80 -50.73 -14.96
C ILE I 320 -13.58 -51.19 -15.73
N ARG I 321 -13.32 -50.55 -16.87
CA ARG I 321 -12.19 -50.87 -17.73
C ARG I 321 -11.24 -49.68 -17.77
N PHE I 322 -9.94 -49.96 -17.82
CA PHE I 322 -8.92 -48.95 -18.00
C PHE I 322 -8.28 -49.16 -19.36
N ALA I 323 -7.94 -48.06 -20.01
CA ALA I 323 -7.30 -48.05 -21.33
C ALA I 323 -6.30 -46.90 -21.40
N GLN I 324 -5.40 -46.97 -22.36
CA GLN I 324 -4.41 -45.93 -22.53
C GLN I 324 -5.05 -44.69 -23.15
N SER I 325 -4.24 -43.65 -23.34
CA SER I 325 -4.76 -42.38 -23.85
C SER I 325 -5.30 -42.54 -25.27
N SER I 326 -6.24 -41.65 -25.62
CA SER I 326 -6.92 -41.73 -26.91
C SER I 326 -6.11 -41.18 -28.08
N GLY I 327 -5.09 -40.37 -27.83
CA GLY I 327 -4.30 -39.78 -28.88
C GLY I 327 -4.10 -38.29 -28.68
N GLY I 328 -3.27 -37.72 -29.55
CA GLY I 328 -2.88 -36.32 -29.49
C GLY I 328 -1.40 -36.15 -29.20
N ASP I 329 -1.06 -34.91 -28.83
CA ASP I 329 0.33 -34.54 -28.62
C ASP I 329 0.98 -35.35 -27.50
N LEU I 330 2.27 -35.63 -27.68
CA LEU I 330 3.04 -36.41 -26.72
C LEU I 330 2.93 -35.83 -25.30
N GLU I 331 2.88 -34.51 -25.19
CA GLU I 331 2.79 -33.85 -23.89
C GLU I 331 1.56 -34.24 -23.08
N VAL I 332 0.50 -34.74 -23.71
CA VAL I 332 -0.70 -35.14 -23.00
C VAL I 332 -1.03 -36.62 -23.16
N THR I 333 -0.50 -37.31 -24.16
CA THR I 333 -0.78 -38.73 -24.35
C THR I 333 0.10 -39.62 -23.48
N THR I 334 1.23 -39.09 -23.01
CA THR I 334 2.15 -39.79 -22.13
C THR I 334 2.24 -39.09 -20.77
N HIS I 335 2.93 -39.76 -19.86
CA HIS I 335 3.20 -39.25 -18.51
C HIS I 335 4.46 -38.41 -18.58
N SER I 336 4.28 -37.09 -18.54
CA SER I 336 5.39 -36.17 -18.62
C SER I 336 5.86 -35.86 -17.20
N PHE I 337 7.18 -35.78 -17.00
CA PHE I 337 7.67 -35.32 -15.70
C PHE I 337 9.14 -34.94 -15.79
N ASN I 338 9.56 -34.12 -14.83
CA ASN I 338 10.98 -33.79 -14.65
C ASN I 338 11.64 -34.79 -13.71
N CYS I 339 12.84 -35.24 -14.09
CA CYS I 339 13.65 -36.17 -13.33
C CYS I 339 15.12 -35.82 -13.49
N GLY I 340 15.73 -35.23 -12.45
CA GLY I 340 17.13 -34.89 -12.53
C GLY I 340 17.41 -33.70 -13.40
N GLY I 341 16.37 -33.01 -13.85
CA GLY I 341 16.47 -31.91 -14.78
C GLY I 341 16.09 -32.33 -16.18
N GLU I 342 16.00 -33.63 -16.45
CA GLU I 342 15.60 -34.15 -17.74
C GLU I 342 14.09 -34.28 -17.80
N PHE I 343 13.54 -34.24 -19.00
CA PHE I 343 12.11 -34.38 -19.20
C PHE I 343 11.77 -35.73 -19.81
N PHE I 344 11.03 -36.54 -19.05
CA PHE I 344 10.64 -37.88 -19.42
C PHE I 344 9.20 -37.86 -19.92
N TYR I 345 8.92 -38.66 -20.95
CA TYR I 345 7.59 -38.84 -21.53
C TYR I 345 7.32 -40.34 -21.60
N CYS I 346 6.75 -40.88 -20.51
CA CYS I 346 6.63 -42.32 -20.31
C CYS I 346 5.29 -42.83 -20.82
N ASN I 347 5.32 -44.02 -21.43
CA ASN I 347 4.14 -44.65 -21.99
C ASN I 347 3.45 -45.43 -20.87
N THR I 348 2.25 -44.98 -20.51
CA THR I 348 1.48 -45.52 -19.39
C THR I 348 0.48 -46.58 -19.82
N SER I 349 0.54 -47.07 -21.06
CA SER I 349 -0.41 -48.08 -21.48
C SER I 349 -0.21 -49.39 -20.73
N GLY I 350 0.95 -49.58 -20.09
CA GLY I 350 1.19 -50.77 -19.30
C GLY I 350 0.56 -50.72 -17.93
N LEU I 351 0.08 -49.55 -17.50
CA LEU I 351 -0.57 -49.38 -16.20
C LEU I 351 -2.08 -49.34 -16.29
N PHE I 352 -2.65 -48.83 -17.38
CA PHE I 352 -4.08 -48.65 -17.53
C PHE I 352 -4.56 -49.48 -18.72
N ASN I 353 -4.52 -50.80 -18.56
CA ASN I 353 -4.91 -51.75 -19.61
C ASN I 353 -5.53 -52.95 -18.88
N SER I 354 -6.78 -52.81 -18.43
CA SER I 354 -7.34 -53.88 -17.63
C SER I 354 -8.84 -53.76 -17.53
N THR I 355 -9.49 -54.84 -17.08
CA THR I 355 -10.91 -54.82 -16.76
C THR I 355 -11.13 -55.33 -15.35
N TRP I 356 -12.13 -54.77 -14.68
CA TRP I 356 -12.52 -55.13 -13.33
C TRP I 356 -14.02 -55.41 -13.29
N SER I 373 6.83 -56.57 -11.51
CA SER I 373 7.37 -55.29 -11.94
C SER I 373 6.89 -54.94 -13.34
N ILE I 374 6.23 -53.79 -13.46
CA ILE I 374 5.74 -53.28 -14.74
C ILE I 374 6.73 -52.22 -15.19
N THR I 375 7.29 -52.40 -16.40
CA THR I 375 8.25 -51.47 -16.96
C THR I 375 7.56 -50.64 -18.04
N LEU I 376 7.65 -49.32 -17.88
CA LEU I 376 7.07 -48.36 -18.81
C LEU I 376 8.18 -47.75 -19.64
N PRO I 377 8.20 -47.88 -20.97
CA PRO I 377 9.28 -47.23 -21.72
C PRO I 377 9.06 -45.73 -21.69
N CYS I 378 10.15 -44.98 -21.73
CA CYS I 378 10.09 -43.53 -21.71
C CYS I 378 10.93 -42.92 -22.81
N ARG I 379 10.45 -41.80 -23.33
CA ARG I 379 11.19 -40.98 -24.29
C ARG I 379 11.76 -39.77 -23.58
N ILE I 380 12.86 -39.24 -24.10
CA ILE I 380 13.48 -38.04 -23.59
C ILE I 380 13.43 -37.00 -24.69
N LYS I 381 13.03 -35.77 -24.33
CA LYS I 381 12.93 -34.68 -25.27
C LYS I 381 13.62 -33.47 -24.66
N GLN I 382 14.56 -32.87 -25.39
CA GLN I 382 15.31 -31.73 -24.86
C GLN I 382 14.68 -30.39 -25.17
N ILE I 383 13.97 -30.25 -26.30
CA ILE I 383 13.32 -29.01 -26.67
C ILE I 383 11.85 -29.21 -26.36
N ILE I 384 11.33 -28.47 -25.38
CA ILE I 384 9.97 -28.65 -24.91
C ILE I 384 9.19 -27.34 -24.88
N ASN I 385 7.87 -27.50 -24.83
CA ASN I 385 6.93 -26.40 -24.63
C ASN I 385 6.29 -26.73 -23.29
N MET I 386 6.58 -25.93 -22.27
CA MET I 386 6.12 -26.29 -20.94
C MET I 386 4.60 -26.27 -20.79
N TRP I 387 3.90 -25.42 -21.55
CA TRP I 387 2.45 -25.37 -21.49
C TRP I 387 1.88 -25.39 -22.91
N GLN I 388 0.56 -25.39 -23.00
CA GLN I 388 -0.12 -25.43 -24.29
C GLN I 388 0.14 -24.16 -25.12
N ARG I 389 0.62 -23.09 -24.49
CA ARG I 389 0.91 -21.86 -25.22
C ARG I 389 1.97 -22.10 -26.29
N ILE I 390 1.78 -21.47 -27.44
CA ILE I 390 2.69 -21.58 -28.57
C ILE I 390 3.31 -20.21 -28.81
N GLY I 391 4.60 -20.21 -29.12
CA GLY I 391 5.39 -19.03 -29.38
C GLY I 391 6.61 -18.91 -28.47
N GLN I 392 6.77 -19.84 -27.54
CA GLN I 392 7.90 -19.92 -26.63
C GLN I 392 8.40 -21.35 -26.64
N ALA I 393 9.70 -21.53 -26.48
CA ALA I 393 10.28 -22.86 -26.39
C ALA I 393 11.53 -22.76 -25.55
N MET I 394 11.86 -23.85 -24.87
CA MET I 394 13.04 -23.94 -24.02
C MET I 394 13.83 -25.19 -24.36
N TYR I 395 15.15 -25.07 -24.33
CA TYR I 395 16.05 -26.19 -24.53
C TYR I 395 16.58 -26.63 -23.17
N ALA I 396 16.29 -27.86 -22.80
CA ALA I 396 16.76 -28.38 -21.52
C ALA I 396 18.17 -28.93 -21.72
N PRO I 397 19.20 -28.40 -21.05
CA PRO I 397 20.53 -28.91 -21.31
C PRO I 397 20.64 -30.34 -20.82
N PRO I 398 21.48 -31.16 -21.45
CA PRO I 398 21.65 -32.52 -20.95
C PRO I 398 22.40 -32.49 -19.63
N ILE I 399 22.13 -33.50 -18.81
CA ILE I 399 22.78 -33.66 -17.52
C ILE I 399 23.79 -34.80 -17.62
N GLN I 400 25.01 -34.51 -17.21
CA GLN I 400 26.10 -35.48 -17.27
C GLN I 400 25.82 -36.66 -16.33
N GLY I 401 26.18 -37.86 -16.77
CA GLY I 401 26.00 -39.05 -15.97
C GLY I 401 24.73 -39.84 -16.21
N VAL I 402 24.27 -40.55 -15.18
CA VAL I 402 23.17 -41.48 -15.24
C VAL I 402 22.13 -40.98 -14.24
N ILE I 403 20.86 -40.95 -14.66
CA ILE I 403 19.80 -40.40 -13.81
C ILE I 403 18.84 -41.47 -13.34
N ARG I 404 18.59 -41.49 -12.03
CA ARG I 404 17.59 -42.38 -11.46
C ARG I 404 16.86 -41.59 -10.38
N CYS I 405 15.52 -41.57 -10.47
CA CYS I 405 14.65 -40.88 -9.54
C CYS I 405 13.71 -41.89 -8.91
N VAL I 406 13.42 -41.69 -7.62
CA VAL I 406 12.40 -42.46 -6.91
C VAL I 406 11.37 -41.45 -6.48
N SER I 407 10.12 -41.67 -6.88
CA SER I 407 9.06 -40.72 -6.54
C SER I 407 7.81 -41.49 -6.15
N ASN I 408 6.91 -40.80 -5.48
CA ASN I 408 5.66 -41.39 -5.03
C ASN I 408 4.55 -40.94 -5.97
N ILE I 409 3.73 -41.89 -6.42
CA ILE I 409 2.51 -41.58 -7.14
C ILE I 409 1.47 -41.42 -6.05
N THR I 410 0.94 -40.21 -5.91
CA THR I 410 0.00 -39.87 -4.84
C THR I 410 -1.40 -39.68 -5.37
N GLY I 411 -1.56 -39.52 -6.68
CA GLY I 411 -2.89 -39.41 -7.26
C GLY I 411 -2.82 -39.59 -8.76
N LEU I 412 -3.99 -39.80 -9.33
CA LEU I 412 -4.19 -40.01 -10.75
C LEU I 412 -5.09 -38.94 -11.32
N ILE I 413 -4.92 -38.63 -12.61
CA ILE I 413 -5.89 -37.83 -13.35
C ILE I 413 -6.51 -38.80 -14.36
N LEU I 414 -7.81 -39.02 -14.24
CA LEU I 414 -8.56 -39.92 -15.11
C LEU I 414 -9.61 -39.15 -15.89
N THR I 415 -9.92 -39.66 -17.08
CA THR I 415 -11.01 -39.12 -17.90
C THR I 415 -11.91 -40.30 -18.25
N ARG I 416 -13.21 -40.10 -18.15
CA ARG I 416 -14.16 -41.17 -18.45
C ARG I 416 -14.52 -41.14 -19.92
N ASP I 417 -14.55 -42.31 -20.54
CA ASP I 417 -14.90 -42.40 -21.95
C ASP I 417 -16.35 -41.97 -22.15
N GLY I 418 -16.58 -41.22 -23.23
CA GLY I 418 -17.93 -40.76 -23.53
C GLY I 418 -18.93 -41.89 -23.74
N GLY I 419 -18.45 -43.04 -24.21
CA GLY I 419 -19.33 -44.17 -24.47
C GLY I 419 -19.91 -44.77 -23.21
N SER I 423 -26.18 -48.76 -22.67
CA SER I 423 -24.73 -48.88 -22.68
C SER I 423 -24.18 -48.96 -21.26
N THR I 424 -23.34 -49.98 -21.02
CA THR I 424 -22.69 -50.20 -19.73
C THR I 424 -21.21 -50.45 -19.96
N THR I 425 -20.51 -50.68 -18.85
CA THR I 425 -19.07 -50.92 -18.80
C THR I 425 -18.30 -49.63 -19.07
N GLU I 426 -18.13 -48.81 -18.04
CA GLU I 426 -17.44 -47.53 -18.20
C GLU I 426 -15.95 -47.76 -18.43
N THR I 427 -15.37 -46.96 -19.33
CA THR I 427 -13.95 -47.01 -19.66
C THR I 427 -13.30 -45.71 -19.23
N PHE I 428 -12.18 -45.82 -18.50
CA PHE I 428 -11.40 -44.70 -18.01
C PHE I 428 -10.03 -44.71 -18.64
N ARG I 429 -9.50 -43.53 -18.92
CA ARG I 429 -8.20 -43.35 -19.53
C ARG I 429 -7.40 -42.34 -18.72
N PRO I 430 -6.06 -42.35 -18.83
CA PRO I 430 -5.28 -41.26 -18.25
C PRO I 430 -5.73 -39.94 -18.82
N GLY I 431 -5.73 -38.90 -17.99
CA GLY I 431 -6.18 -37.59 -18.40
C GLY I 431 -5.08 -36.81 -19.07
N GLY I 432 -5.26 -35.51 -19.16
CA GLY I 432 -4.35 -34.67 -19.92
C GLY I 432 -3.37 -33.89 -19.06
N GLY I 433 -3.04 -32.70 -19.53
CA GLY I 433 -2.03 -31.85 -18.93
C GLY I 433 -2.49 -30.43 -18.73
N ASP I 434 -3.70 -30.24 -18.19
CA ASP I 434 -4.23 -28.89 -18.04
C ASP I 434 -3.57 -28.14 -16.89
N MET I 435 -2.73 -28.80 -16.10
CA MET I 435 -1.96 -28.22 -15.00
C MET I 435 -2.81 -27.77 -13.81
N ARG I 436 -3.96 -27.13 -14.04
CA ARG I 436 -4.80 -26.78 -12.91
C ARG I 436 -5.16 -28.02 -12.13
N ASP I 437 -5.33 -29.15 -12.83
CA ASP I 437 -5.60 -30.42 -12.15
C ASP I 437 -4.47 -30.75 -11.20
N ASN I 438 -3.23 -30.43 -11.60
CA ASN I 438 -2.09 -30.74 -10.76
C ASN I 438 -2.09 -29.87 -9.53
N TRP I 439 -2.66 -28.66 -9.64
CA TRP I 439 -2.72 -27.69 -8.57
C TRP I 439 -4.13 -27.60 -7.98
N ARG I 440 -4.89 -28.68 -8.14
CA ARG I 440 -6.18 -28.91 -7.48
C ARG I 440 -6.08 -30.18 -6.67
N SER I 441 -5.09 -31.04 -6.95
CA SER I 441 -4.80 -32.18 -6.09
C SER I 441 -4.41 -31.65 -4.73
N GLU I 442 -3.71 -30.52 -4.75
CA GLU I 442 -3.32 -29.73 -3.61
C GLU I 442 -4.22 -28.50 -3.70
N LEU I 443 -4.37 -27.76 -2.60
CA LEU I 443 -5.22 -26.58 -2.54
C LEU I 443 -6.71 -26.92 -2.67
N TYR I 444 -7.11 -28.18 -2.46
CA TYR I 444 -8.53 -28.51 -2.49
C TYR I 444 -9.15 -28.35 -1.11
N LYS I 445 -8.32 -28.27 -0.08
CA LYS I 445 -8.74 -28.16 1.30
C LYS I 445 -8.65 -26.75 1.83
N TYR I 446 -8.22 -25.79 1.00
CA TYR I 446 -8.03 -24.41 1.45
C TYR I 446 -8.97 -23.46 0.73
N LYS I 447 -9.44 -22.48 1.49
CA LYS I 447 -10.30 -21.42 1.02
C LYS I 447 -9.77 -20.11 1.60
N VAL I 448 -9.82 -19.03 0.82
CA VAL I 448 -9.39 -17.71 1.28
C VAL I 448 -10.64 -16.93 1.64
N VAL I 449 -10.67 -16.36 2.84
CA VAL I 449 -11.81 -15.56 3.29
C VAL I 449 -11.34 -14.21 3.78
N LYS I 450 -12.19 -13.20 3.57
CA LYS I 450 -11.95 -11.84 4.03
C LYS I 450 -12.59 -11.68 5.39
N ILE I 451 -11.86 -11.08 6.31
CA ILE I 451 -12.35 -10.84 7.66
C ILE I 451 -13.16 -9.55 7.66
N GLU I 452 -14.31 -9.58 8.34
CA GLU I 452 -15.22 -8.44 8.45
C GLU I 452 -15.31 -8.09 9.93
N PRO I 453 -14.33 -7.33 10.45
CA PRO I 453 -14.28 -7.09 11.91
C PRO I 453 -15.46 -6.35 12.47
N LEU I 454 -16.24 -5.65 11.66
CA LEU I 454 -17.39 -4.89 12.15
C LEU I 454 -18.67 -5.69 12.08
N GLY I 455 -19.51 -5.47 13.08
CA GLY I 455 -20.83 -6.04 13.11
C GLY I 455 -21.63 -5.28 14.14
N VAL I 456 -22.94 -5.49 14.11
CA VAL I 456 -23.85 -4.81 15.02
C VAL I 456 -24.77 -5.86 15.63
N ALA I 457 -25.32 -5.54 16.79
CA ALA I 457 -26.28 -6.46 17.39
C ALA I 457 -27.12 -5.71 18.41
N PRO I 458 -28.35 -6.15 18.66
CA PRO I 458 -29.13 -5.50 19.71
C PRO I 458 -28.61 -5.86 21.09
N THR I 459 -28.50 -4.84 21.94
CA THR I 459 -28.14 -5.01 23.34
C THR I 459 -29.02 -4.08 24.14
N ARG I 460 -28.92 -4.16 25.45
CA ARG I 460 -29.64 -3.22 26.31
C ARG I 460 -28.83 -1.97 26.59
N CYS I 461 -27.66 -1.82 25.99
CA CYS I 461 -26.74 -0.74 26.28
C CYS I 461 -26.95 0.45 25.35
N LYS I 462 -27.15 1.63 25.93
CA LYS I 462 -27.31 2.88 25.19
C LYS I 462 -26.38 3.93 25.78
N ARG I 463 -26.08 4.95 24.97
CA ARG I 463 -25.25 6.05 25.46
C ARG I 463 -25.99 6.85 26.52
N ARG I 464 -25.23 7.40 27.46
CA ARG I 464 -25.76 8.23 28.55
C ARG I 464 -26.71 7.41 29.42
N SER J 8 -8.21 -16.58 24.56
CA SER J 8 -7.23 -17.65 24.69
C SER J 8 -7.35 -18.69 23.57
N LEU J 9 -8.38 -18.56 22.72
CA LEU J 9 -8.60 -19.49 21.62
C LEU J 9 -7.87 -19.11 20.35
N GLY J 10 -7.27 -17.92 20.29
CA GLY J 10 -6.58 -17.47 19.10
C GLY J 10 -7.49 -16.82 18.09
N PHE J 11 -6.86 -16.37 17.01
CA PHE J 11 -7.54 -15.67 15.92
C PHE J 11 -8.69 -16.51 15.36
N LEU J 12 -9.89 -15.94 15.39
CA LEU J 12 -11.14 -16.55 14.95
C LEU J 12 -11.51 -17.80 15.74
N GLY J 13 -10.85 -18.08 16.86
CA GLY J 13 -11.16 -19.28 17.62
C GLY J 13 -12.58 -19.31 18.12
N ALA J 14 -13.18 -18.15 18.36
CA ALA J 14 -14.53 -18.00 18.86
C ALA J 14 -15.57 -17.99 17.74
N ALA J 15 -15.15 -18.17 16.48
CA ALA J 15 -16.08 -18.08 15.35
C ALA J 15 -17.26 -19.03 15.48
N GLY J 16 -17.05 -20.21 16.08
CA GLY J 16 -18.14 -21.15 16.25
C GLY J 16 -18.83 -21.05 17.59
N SER J 17 -18.41 -20.12 18.45
CA SER J 17 -18.99 -19.95 19.77
C SER J 17 -20.18 -19.03 19.66
N THR J 18 -20.93 -18.89 20.76
CA THR J 18 -22.09 -18.03 20.70
C THR J 18 -21.65 -16.58 20.65
N MET J 19 -22.57 -15.70 20.27
CA MET J 19 -22.24 -14.28 20.17
C MET J 19 -21.78 -13.74 21.52
N GLY J 20 -22.42 -14.18 22.61
CA GLY J 20 -22.01 -13.70 23.92
C GLY J 20 -20.58 -14.07 24.24
N ALA J 21 -20.25 -15.36 24.10
CA ALA J 21 -18.89 -15.82 24.40
C ALA J 21 -17.90 -15.15 23.46
N ALA J 22 -18.25 -15.02 22.19
CA ALA J 22 -17.34 -14.46 21.20
C ALA J 22 -17.10 -12.97 21.42
N SER J 23 -18.02 -12.26 22.06
CA SER J 23 -17.82 -10.83 22.29
C SER J 23 -16.66 -10.53 23.23
N MET J 24 -16.17 -11.54 23.96
CA MET J 24 -15.07 -11.37 24.90
C MET J 24 -13.70 -11.59 24.27
N THR J 25 -13.63 -11.90 22.97
CA THR J 25 -12.38 -12.20 22.28
C THR J 25 -12.11 -11.20 21.16
N LEU J 26 -12.65 -9.99 21.24
CA LEU J 26 -12.49 -9.04 20.15
C LEU J 26 -11.03 -8.64 19.96
N THR J 27 -10.28 -8.54 21.06
CA THR J 27 -8.88 -8.11 20.96
C THR J 27 -7.99 -9.24 20.46
N VAL J 28 -8.47 -10.48 20.53
CA VAL J 28 -7.67 -11.62 20.12
C VAL J 28 -7.42 -11.55 18.62
N GLN J 29 -8.44 -11.17 17.85
CA GLN J 29 -8.34 -11.05 16.41
C GLN J 29 -8.16 -9.63 15.92
N ALA J 30 -8.51 -8.61 16.71
CA ALA J 30 -8.33 -7.24 16.25
C ALA J 30 -6.87 -6.97 15.91
N ARG J 31 -5.95 -7.57 16.67
CA ARG J 31 -4.52 -7.38 16.43
C ARG J 31 -4.05 -8.00 15.12
N ASN J 32 -4.84 -8.89 14.53
CA ASN J 32 -4.48 -9.62 13.33
C ASN J 32 -5.00 -8.98 12.04
N LEU J 33 -5.48 -7.75 12.12
CA LEU J 33 -5.94 -7.05 10.93
C LEU J 33 -4.83 -6.27 10.25
N LEU J 34 -3.80 -5.87 11.00
CA LEU J 34 -2.64 -5.19 10.46
C LEU J 34 -1.46 -6.13 10.23
N SER J 35 -1.34 -7.18 11.01
CA SER J 35 -0.21 -8.11 10.90
C SER J 35 -0.62 -9.50 11.38
N HIS J 59 6.42 -7.74 -11.48
CA HIS J 59 7.51 -7.94 -10.54
C HIS J 59 6.80 -8.35 -9.24
N TRP J 60 7.37 -9.33 -8.53
CA TRP J 60 6.73 -9.86 -7.32
C TRP J 60 6.59 -8.85 -6.20
N GLY J 61 7.38 -7.79 -6.20
CA GLY J 61 7.26 -6.78 -5.16
C GLY J 61 5.91 -6.09 -5.18
N ILE J 62 5.32 -5.95 -6.36
CA ILE J 62 4.06 -5.25 -6.48
C ILE J 62 2.92 -6.06 -5.88
N LYS J 63 2.87 -7.38 -6.11
CA LYS J 63 1.77 -8.14 -5.54
C LYS J 63 1.75 -8.08 -4.02
N GLN J 64 2.92 -8.23 -3.38
CA GLN J 64 2.96 -8.18 -1.92
C GLN J 64 2.67 -6.77 -1.43
N LEU J 65 3.21 -5.78 -2.13
CA LEU J 65 3.05 -4.40 -1.70
C LEU J 65 1.59 -3.97 -1.83
N GLN J 66 0.93 -4.39 -2.92
CA GLN J 66 -0.49 -4.09 -3.08
C GLN J 66 -1.30 -4.80 -2.00
N ALA J 67 -0.93 -6.03 -1.66
CA ALA J 67 -1.69 -6.74 -0.62
C ALA J 67 -1.56 -6.00 0.71
N ARG J 68 -0.37 -5.46 1.00
CA ARG J 68 -0.17 -4.71 2.24
C ARG J 68 -0.98 -3.41 2.22
N VAL J 69 -1.00 -2.74 1.07
CA VAL J 69 -1.76 -1.50 0.96
C VAL J 69 -3.24 -1.79 1.12
N LEU J 70 -3.74 -2.87 0.52
CA LEU J 70 -5.15 -3.19 0.67
C LEU J 70 -5.49 -3.49 2.12
N ALA J 71 -4.60 -4.21 2.82
CA ALA J 71 -4.86 -4.48 4.23
C ALA J 71 -4.99 -3.18 5.02
N VAL J 72 -4.14 -2.21 4.68
CA VAL J 72 -4.19 -0.90 5.33
C VAL J 72 -5.49 -0.18 4.97
N GLU J 73 -5.86 -0.20 3.69
CA GLU J 73 -7.07 0.50 3.28
C GLU J 73 -8.31 -0.09 3.94
N HIS J 74 -8.37 -1.41 4.11
CA HIS J 74 -9.55 -1.99 4.74
C HIS J 74 -9.59 -1.61 6.22
N TYR J 75 -8.43 -1.66 6.88
CA TYR J 75 -8.36 -1.29 8.29
C TYR J 75 -8.81 0.16 8.47
N LEU J 76 -8.26 1.05 7.65
CA LEU J 76 -8.59 2.46 7.79
C LEU J 76 -10.04 2.75 7.44
N ARG J 77 -10.62 2.06 6.46
CA ARG J 77 -12.03 2.28 6.20
C ARG J 77 -12.88 1.88 7.39
N ASP J 78 -12.52 0.77 8.05
CA ASP J 78 -13.30 0.37 9.22
C ASP J 78 -13.10 1.36 10.37
N GLN J 79 -11.87 1.85 10.56
CA GLN J 79 -11.65 2.80 11.64
C GLN J 79 -12.32 4.13 11.36
N GLN J 80 -12.33 4.56 10.10
CA GLN J 80 -12.99 5.80 9.76
C GLN J 80 -14.48 5.65 10.01
N LEU J 81 -15.03 4.50 9.65
CA LEU J 81 -16.46 4.30 9.83
C LEU J 81 -16.81 4.33 11.32
N LEU J 82 -15.96 3.74 12.16
CA LEU J 82 -16.18 3.82 13.60
C LEU J 82 -16.09 5.28 14.07
N GLY J 83 -15.17 6.05 13.50
CA GLY J 83 -15.06 7.46 13.86
C GLY J 83 -16.31 8.24 13.51
N ILE J 84 -16.90 7.97 12.34
CA ILE J 84 -18.10 8.66 11.90
C ILE J 84 -19.23 8.42 12.89
N TRP J 85 -19.30 7.21 13.44
CA TRP J 85 -20.33 6.81 14.39
C TRP J 85 -20.03 7.27 15.81
N GLY J 86 -18.87 7.88 16.07
CA GLY J 86 -18.50 8.25 17.42
C GLY J 86 -18.01 7.11 18.26
N CYS J 87 -17.49 6.06 17.63
CA CYS J 87 -17.03 4.85 18.30
C CYS J 87 -15.51 4.69 18.23
N SER J 88 -14.79 5.77 17.92
CA SER J 88 -13.35 5.69 17.76
C SER J 88 -12.68 5.27 19.06
N GLY J 89 -11.75 4.32 18.96
CA GLY J 89 -10.97 3.86 20.09
C GLY J 89 -11.64 2.81 20.95
N LYS J 90 -12.85 2.37 20.59
CA LYS J 90 -13.59 1.39 21.37
C LYS J 90 -13.88 0.16 20.51
N LEU J 91 -14.02 -0.98 21.17
CA LEU J 91 -14.36 -2.23 20.51
C LEU J 91 -15.81 -2.60 20.70
N ILE J 92 -16.41 -2.23 21.83
CA ILE J 92 -17.83 -2.46 22.11
C ILE J 92 -18.39 -1.06 22.31
N CYS J 93 -19.06 -0.54 21.29
CA CYS J 93 -19.55 0.83 21.28
C CYS J 93 -21.07 0.84 21.35
N CYS J 94 -21.62 1.45 22.39
CA CYS J 94 -23.06 1.56 22.56
C CYS J 94 -23.51 2.82 21.86
N THR J 95 -24.70 2.78 21.27
CA THR J 95 -25.21 3.91 20.51
C THR J 95 -26.60 4.31 20.98
N ASN J 96 -27.14 5.33 20.31
CA ASN J 96 -28.47 5.86 20.55
C ASN J 96 -29.49 5.48 19.48
N VAL J 97 -29.19 4.48 18.64
CA VAL J 97 -30.11 4.06 17.59
C VAL J 97 -30.91 2.87 18.12
N PRO J 98 -32.24 2.96 18.21
CA PRO J 98 -33.01 1.83 18.72
C PRO J 98 -33.09 0.70 17.71
N TRP J 99 -33.27 -0.51 18.21
CA TRP J 99 -33.51 -1.65 17.35
C TRP J 99 -34.99 -1.62 16.99
N ASN J 100 -35.32 -1.71 15.70
CA ASN J 100 -36.71 -1.54 15.28
C ASN J 100 -37.52 -2.83 15.18
N SER J 101 -36.96 -3.97 15.55
CA SER J 101 -37.59 -5.29 15.53
C SER J 101 -37.94 -5.81 14.15
N SER J 102 -37.63 -5.08 13.06
CA SER J 102 -37.87 -5.57 11.72
C SER J 102 -36.59 -6.10 11.09
N TRP J 103 -35.44 -5.62 11.56
CA TRP J 103 -34.16 -6.10 11.08
C TRP J 103 -33.99 -7.56 11.50
N SER J 104 -34.41 -7.85 12.73
CA SER J 104 -34.45 -9.19 13.31
C SER J 104 -35.32 -9.07 14.54
N ASN J 105 -36.28 -9.98 14.70
CA ASN J 105 -37.20 -9.96 15.83
C ASN J 105 -36.83 -10.98 16.90
N ARG J 106 -35.63 -11.51 16.87
CA ARG J 106 -35.20 -12.45 17.89
C ARG J 106 -34.94 -11.72 19.20
N ASN J 107 -35.22 -12.39 20.31
CA ASN J 107 -34.93 -11.81 21.61
C ASN J 107 -33.44 -11.95 21.92
N LEU J 108 -33.00 -11.26 22.97
CA LEU J 108 -31.58 -11.30 23.34
C LEU J 108 -31.12 -12.69 23.73
N SER J 109 -31.99 -13.49 24.34
CA SER J 109 -31.60 -14.84 24.74
C SER J 109 -31.18 -15.67 23.54
N GLU J 110 -31.98 -15.66 22.48
CA GLU J 110 -31.65 -16.42 21.29
C GLU J 110 -30.45 -15.84 20.56
N ILE J 111 -30.38 -14.50 20.47
CA ILE J 111 -29.30 -13.90 19.69
C ILE J 111 -27.95 -14.12 20.37
N TRP J 112 -27.87 -13.88 21.68
CA TRP J 112 -26.59 -13.97 22.36
C TRP J 112 -26.21 -15.35 22.89
N ASP J 113 -27.17 -16.19 23.30
CA ASP J 113 -26.83 -17.51 23.83
C ASP J 113 -27.02 -18.67 22.85
N ASN J 114 -27.81 -18.51 21.79
CA ASN J 114 -28.09 -19.61 20.87
C ASN J 114 -27.78 -19.27 19.42
N MET J 115 -26.83 -18.36 19.18
CA MET J 115 -26.47 -17.99 17.83
C MET J 115 -25.00 -17.60 17.78
N THR J 116 -24.38 -17.84 16.63
CA THR J 116 -23.00 -17.43 16.38
C THR J 116 -22.99 -16.12 15.59
N TRP J 117 -21.83 -15.48 15.53
CA TRP J 117 -21.75 -14.23 14.77
C TRP J 117 -21.90 -14.44 13.27
N LEU J 118 -21.48 -15.59 12.74
CA LEU J 118 -21.65 -15.82 11.31
C LEU J 118 -23.12 -15.91 10.94
N GLN J 119 -23.90 -16.58 11.78
CA GLN J 119 -25.32 -16.73 11.51
C GLN J 119 -26.01 -15.39 11.65
N TRP J 120 -25.62 -14.61 12.65
CA TRP J 120 -26.21 -13.29 12.83
C TRP J 120 -25.87 -12.39 11.64
N ASP J 121 -24.61 -12.40 11.20
CA ASP J 121 -24.21 -11.58 10.08
C ASP J 121 -25.02 -11.92 8.85
N LYS J 122 -25.27 -13.21 8.62
CA LYS J 122 -26.10 -13.59 7.49
C LYS J 122 -27.54 -13.11 7.68
N GLU J 123 -28.07 -13.29 8.89
CA GLU J 123 -29.46 -12.97 9.19
C GLU J 123 -29.81 -11.50 8.94
N ILE J 124 -28.90 -10.57 9.27
CA ILE J 124 -29.18 -9.14 9.08
C ILE J 124 -28.30 -8.52 8.00
N SER J 125 -27.75 -9.32 7.08
CA SER J 125 -26.87 -8.74 6.07
C SER J 125 -27.58 -7.67 5.26
N ASN J 126 -28.85 -7.93 4.93
CA ASN J 126 -29.60 -7.03 4.05
C ASN J 126 -29.93 -5.70 4.70
N TYR J 127 -29.70 -5.55 5.99
CA TYR J 127 -30.03 -4.33 6.70
C TYR J 127 -28.80 -3.60 7.19
N THR J 128 -27.58 -4.08 6.89
CA THR J 128 -26.43 -3.42 7.50
C THR J 128 -26.24 -2.01 6.97
N GLN J 129 -26.60 -1.78 5.71
CA GLN J 129 -26.42 -0.44 5.17
C GLN J 129 -27.43 0.49 5.77
N ILE J 130 -28.60 -0.03 6.13
CA ILE J 130 -29.60 0.82 6.76
C ILE J 130 -29.10 1.21 8.14
N ILE J 131 -28.59 0.23 8.89
CA ILE J 131 -28.14 0.47 10.26
C ILE J 131 -26.99 1.45 10.27
N TYR J 132 -26.04 1.26 9.36
CA TYR J 132 -24.89 2.15 9.32
C TYR J 132 -25.33 3.57 9.03
N GLY J 133 -26.29 3.74 8.13
CA GLY J 133 -26.77 5.07 7.83
C GLY J 133 -27.38 5.74 9.05
N LEU J 134 -28.16 4.98 9.81
CA LEU J 134 -28.77 5.56 10.99
C LEU J 134 -27.71 5.93 12.01
N LEU J 135 -26.67 5.11 12.12
CA LEU J 135 -25.62 5.42 13.08
C LEU J 135 -24.95 6.72 12.72
N GLU J 136 -24.71 6.92 11.43
CA GLU J 136 -24.09 8.17 11.00
C GLU J 136 -24.98 9.34 11.34
N GLU J 137 -26.28 9.20 11.09
CA GLU J 137 -27.18 10.31 11.36
C GLU J 137 -27.24 10.58 12.86
N SER J 138 -27.23 9.51 13.66
CA SER J 138 -27.29 9.71 15.10
C SER J 138 -26.09 10.51 15.58
N GLN J 139 -24.90 10.18 15.09
CA GLN J 139 -23.73 10.92 15.55
C GLN J 139 -23.80 12.36 15.08
N ASN J 140 -24.32 12.59 13.87
CA ASN J 140 -24.39 13.96 13.39
C ASN J 140 -25.24 14.81 14.31
N GLN J 141 -26.34 14.23 14.81
CA GLN J 141 -27.16 15.01 15.74
C GLN J 141 -26.48 15.18 17.08
N GLN J 142 -25.82 14.11 17.56
CA GLN J 142 -25.16 14.18 18.86
C GLN J 142 -24.04 15.19 18.90
N GLU J 143 -23.24 15.28 17.85
CA GLU J 143 -22.16 16.25 17.87
C GLU J 143 -22.71 17.66 17.93
N LYS J 144 -23.80 17.93 17.19
CA LYS J 144 -24.37 19.26 17.27
C LYS J 144 -24.90 19.52 18.66
N ASN J 145 -25.50 18.50 19.28
CA ASN J 145 -26.03 18.70 20.62
C ASN J 145 -24.90 18.97 21.59
N GLU J 146 -23.77 18.26 21.43
CA GLU J 146 -22.66 18.50 22.34
C GLU J 146 -22.15 19.91 22.14
N GLN J 147 -22.07 20.34 20.88
CA GLN J 147 -21.57 21.67 20.60
C GLN J 147 -22.49 22.69 21.23
N ASP J 148 -23.80 22.46 21.14
CA ASP J 148 -24.74 23.43 21.70
C ASP J 148 -24.65 23.41 23.21
N LEU J 149 -24.44 22.24 23.81
CA LEU J 149 -24.30 22.21 25.25
C LEU J 149 -23.03 22.92 25.67
N LEU J 150 -21.97 22.76 24.89
CA LEU J 150 -20.69 23.40 25.21
C LEU J 150 -20.72 24.90 24.95
N ALA J 151 -21.70 25.40 24.19
CA ALA J 151 -21.84 26.82 23.96
C ALA J 151 -22.58 27.55 25.08
N LEU J 152 -23.13 26.83 26.05
CA LEU J 152 -23.77 27.48 27.19
C LEU J 152 -22.71 27.88 28.19
N ASP J 153 -22.88 29.05 28.78
CA ASP J 153 -21.93 29.56 29.77
C ASP J 153 -22.35 29.16 31.18
N GLU K 2 -17.34 38.18 21.02
CA GLU K 2 -18.25 37.50 21.93
C GLU K 2 -17.53 36.35 22.64
N ASN K 3 -16.25 36.56 22.95
CA ASN K 3 -15.43 35.53 23.58
C ASN K 3 -15.46 34.24 22.76
N LEU K 4 -15.19 34.38 21.47
CA LEU K 4 -15.25 33.24 20.56
C LEU K 4 -14.02 32.36 20.73
N TRP K 5 -14.21 31.07 20.46
CA TRP K 5 -13.19 30.05 20.63
C TRP K 5 -12.96 29.34 19.30
N VAL K 6 -11.76 28.78 19.13
CA VAL K 6 -11.43 28.03 17.92
C VAL K 6 -12.19 26.71 17.96
N THR K 7 -12.88 26.37 16.87
CA THR K 7 -13.50 25.07 16.71
C THR K 7 -12.89 24.40 15.50
N VAL K 8 -12.49 23.14 15.69
CA VAL K 8 -11.85 22.35 14.65
C VAL K 8 -12.91 21.53 13.93
N TYR K 9 -12.91 21.58 12.60
CA TYR K 9 -13.83 20.82 11.77
C TYR K 9 -13.04 19.96 10.81
N TYR K 10 -13.49 18.71 10.66
CA TYR K 10 -12.88 17.77 9.73
C TYR K 10 -13.99 17.32 8.80
N GLY K 11 -13.73 17.39 7.50
CA GLY K 11 -14.72 17.09 6.49
C GLY K 11 -15.23 18.36 5.85
N VAL K 12 -14.44 19.42 5.87
CA VAL K 12 -14.84 20.72 5.30
C VAL K 12 -14.79 20.66 3.78
N PRO K 13 -15.87 21.05 3.06
CA PRO K 13 -15.91 20.95 1.58
C PRO K 13 -15.11 22.04 0.88
N VAL K 14 -13.78 22.03 1.08
CA VAL K 14 -12.88 22.98 0.42
C VAL K 14 -11.77 22.20 -0.26
N TRP K 15 -11.10 22.88 -1.19
CA TRP K 15 -10.03 22.26 -1.94
C TRP K 15 -9.01 23.30 -2.38
N LYS K 16 -7.84 22.79 -2.76
CA LYS K 16 -6.74 23.60 -3.28
C LYS K 16 -6.26 22.98 -4.57
N ASP K 17 -5.77 23.80 -5.49
CA ASP K 17 -5.27 23.28 -6.75
C ASP K 17 -4.10 22.34 -6.48
N ALA K 18 -4.04 21.22 -7.21
CA ALA K 18 -2.97 20.27 -6.99
C ALA K 18 -2.67 19.49 -8.27
N GLU K 19 -1.45 18.97 -8.33
CA GLU K 19 -0.96 18.12 -9.41
C GLU K 19 -0.70 16.74 -8.82
N THR K 20 -1.53 15.76 -9.18
CA THR K 20 -1.36 14.40 -8.67
C THR K 20 -1.49 13.40 -9.81
N THR K 21 -1.20 12.15 -9.50
CA THR K 21 -1.30 11.09 -10.48
C THR K 21 -2.75 10.63 -10.60
N LEU K 22 -3.25 10.60 -11.82
CA LEU K 22 -4.59 10.11 -12.12
C LEU K 22 -4.46 8.71 -12.68
N PHE K 23 -5.48 7.88 -12.47
CA PHE K 23 -5.49 6.54 -13.04
C PHE K 23 -6.56 6.50 -14.12
N CYS K 24 -6.69 5.37 -14.81
CA CYS K 24 -7.64 5.24 -15.89
C CYS K 24 -8.67 4.15 -15.63
N ALA K 25 -9.84 4.33 -16.26
CA ALA K 25 -10.90 3.35 -16.34
C ALA K 25 -11.17 3.10 -17.82
N SER K 26 -11.43 1.83 -18.15
CA SER K 26 -11.71 1.27 -19.48
C SER K 26 -10.42 0.66 -20.04
N HIS K 36 -6.88 -7.47 -28.69
CA HIS K 36 -5.86 -6.64 -28.08
C HIS K 36 -5.92 -5.22 -28.63
N ASN K 37 -5.41 -4.26 -27.86
CA ASN K 37 -5.43 -2.86 -28.24
C ASN K 37 -4.20 -2.19 -27.62
N VAL K 38 -4.05 -0.90 -27.89
CA VAL K 38 -2.92 -0.16 -27.34
C VAL K 38 -3.09 -0.03 -25.83
N TRP K 39 -4.31 0.24 -25.38
CA TRP K 39 -4.61 0.38 -23.96
C TRP K 39 -4.84 -0.99 -23.34
N ALA K 40 -4.00 -1.30 -22.35
CA ALA K 40 -4.02 -2.58 -21.65
C ALA K 40 -5.19 -2.62 -20.67
N THR K 41 -5.62 -3.85 -20.35
CA THR K 41 -6.73 -3.99 -19.41
C THR K 41 -6.25 -3.93 -17.97
N HIS K 42 -5.02 -4.37 -17.68
CA HIS K 42 -4.55 -4.32 -16.30
C HIS K 42 -4.19 -2.89 -15.91
N ALA K 43 -4.01 -2.00 -16.90
CA ALA K 43 -3.68 -0.60 -16.65
C ALA K 43 -4.87 0.15 -16.07
N CYS K 44 -6.09 -0.24 -16.44
CA CYS K 44 -7.29 0.53 -16.11
C CYS K 44 -8.27 -0.33 -15.31
N VAL K 45 -9.15 0.38 -14.61
CA VAL K 45 -10.24 -0.23 -13.84
C VAL K 45 -11.43 -0.41 -14.77
N SER K 46 -12.51 -1.02 -14.24
CA SER K 46 -13.69 -1.34 -15.04
C SER K 46 -14.22 -0.14 -15.80
N THR K 47 -14.66 -0.41 -17.03
CA THR K 47 -15.17 0.60 -17.94
C THR K 47 -16.37 1.31 -17.35
N ASP K 48 -16.36 2.66 -17.42
CA ASP K 48 -17.42 3.57 -16.99
C ASP K 48 -18.17 3.10 -15.74
N PRO K 49 -17.51 2.99 -14.59
CA PRO K 49 -18.07 2.29 -13.42
C PRO K 49 -19.13 3.12 -12.70
N ASN K 50 -20.21 3.40 -13.42
CA ASN K 50 -21.34 4.20 -12.94
C ASN K 50 -20.93 5.51 -12.28
N PRO K 51 -20.22 6.39 -12.99
CA PRO K 51 -19.78 7.65 -12.38
C PRO K 51 -20.97 8.58 -12.18
N GLN K 52 -20.87 9.42 -11.17
CA GLN K 52 -21.88 10.42 -10.85
C GLN K 52 -21.30 11.82 -11.10
N GLU K 53 -22.21 12.77 -11.33
CA GLU K 53 -21.85 14.18 -11.46
C GLU K 53 -22.64 14.95 -10.44
N ILE K 54 -21.93 15.72 -9.61
CA ILE K 54 -22.51 16.50 -8.54
C ILE K 54 -22.45 17.97 -8.93
N HIS K 55 -23.60 18.60 -9.13
CA HIS K 55 -23.58 20.01 -9.49
C HIS K 55 -23.24 20.83 -8.26
N LEU K 56 -22.34 21.80 -8.42
CA LEU K 56 -21.96 22.70 -7.33
C LEU K 56 -22.65 24.05 -7.55
N GLU K 57 -23.61 24.37 -6.70
CA GLU K 57 -24.33 25.62 -6.82
C GLU K 57 -23.55 26.73 -6.12
N ASN K 58 -23.72 27.95 -6.62
CA ASN K 58 -23.15 29.15 -6.01
C ASN K 58 -21.63 29.06 -5.84
N VAL K 59 -20.93 28.51 -6.83
CA VAL K 59 -19.48 28.46 -6.82
C VAL K 59 -18.95 29.01 -8.14
N THR K 60 -17.71 29.48 -8.09
CA THR K 60 -16.97 29.86 -9.28
C THR K 60 -15.57 29.29 -9.10
N GLU K 61 -15.06 28.64 -10.13
CA GLU K 61 -13.72 28.05 -10.12
C GLU K 61 -12.95 28.63 -11.29
N GLU K 62 -11.72 29.04 -11.05
CA GLU K 62 -10.89 29.56 -12.13
C GLU K 62 -10.16 28.41 -12.80
N PHE K 63 -10.35 28.28 -14.11
CA PHE K 63 -9.77 27.22 -14.91
C PHE K 63 -8.68 27.78 -15.81
N ASN K 64 -7.71 26.94 -16.15
CA ASN K 64 -6.68 27.31 -17.12
C ASN K 64 -6.27 26.02 -17.81
N MET K 65 -6.77 25.78 -19.03
CA MET K 65 -6.50 24.49 -19.65
C MET K 65 -5.04 24.33 -20.05
N TRP K 66 -4.27 25.42 -20.13
CA TRP K 66 -2.88 25.31 -20.58
C TRP K 66 -1.93 25.04 -19.43
N LYS K 67 -2.46 24.94 -18.20
CA LYS K 67 -1.70 24.61 -17.00
C LYS K 67 -2.27 23.35 -16.37
N ASN K 68 -3.08 22.60 -17.13
CA ASN K 68 -3.80 21.44 -16.64
C ASN K 68 -2.88 20.23 -16.68
N ASN K 69 -2.46 19.76 -15.50
CA ASN K 69 -1.51 18.65 -15.42
C ASN K 69 -2.06 17.36 -16.01
N MET K 70 -3.38 17.16 -16.05
CA MET K 70 -3.85 15.89 -16.60
C MET K 70 -3.59 15.79 -18.09
N VAL K 71 -3.39 16.91 -18.79
CA VAL K 71 -3.10 16.80 -20.22
C VAL K 71 -1.69 16.24 -20.37
N GLU K 72 -0.74 16.74 -19.58
CA GLU K 72 0.61 16.24 -19.63
C GLU K 72 0.65 14.77 -19.22
N GLN K 73 -0.16 14.40 -18.22
CA GLN K 73 -0.19 13.00 -17.81
C GLN K 73 -0.80 12.13 -18.91
N MET K 74 -1.84 12.62 -19.58
CA MET K 74 -2.43 11.85 -20.66
C MET K 74 -1.42 11.61 -21.76
N HIS K 75 -0.63 12.65 -22.07
CA HIS K 75 0.39 12.54 -23.09
C HIS K 75 1.43 11.49 -22.70
N GLU K 76 1.93 11.58 -21.47
CA GLU K 76 2.91 10.61 -21.01
C GLU K 76 2.34 9.19 -21.00
N ASP K 77 1.10 9.03 -20.55
CA ASP K 77 0.51 7.70 -20.48
C ASP K 77 0.31 7.12 -21.86
N ILE K 78 -0.11 7.95 -22.83
CA ILE K 78 -0.32 7.44 -24.17
C ILE K 78 1.01 7.02 -24.78
N ILE K 79 2.08 7.81 -24.60
CA ILE K 79 3.36 7.40 -25.17
C ILE K 79 3.83 6.11 -24.51
N SER K 80 3.69 6.01 -23.18
CA SER K 80 4.12 4.81 -22.48
C SER K 80 3.38 3.58 -22.98
N LEU K 81 2.06 3.70 -23.15
CA LEU K 81 1.29 2.58 -23.66
C LEU K 81 1.62 2.31 -25.11
N TRP K 82 1.99 3.34 -25.86
CA TRP K 82 2.40 3.15 -27.24
C TRP K 82 3.61 2.23 -27.29
N ASP K 83 4.59 2.48 -26.43
CA ASP K 83 5.77 1.63 -26.43
C ASP K 83 5.43 0.25 -25.89
N GLN K 84 4.53 0.18 -24.91
CA GLN K 84 4.10 -1.11 -24.41
C GLN K 84 3.25 -1.76 -25.48
N SER K 85 3.32 -3.09 -25.58
CA SER K 85 2.60 -3.88 -26.57
C SER K 85 3.07 -3.62 -28.00
N LEU K 86 4.09 -2.80 -28.20
CA LEU K 86 4.81 -2.64 -29.46
C LEU K 86 6.20 -3.23 -29.34
N LYS K 87 6.89 -2.92 -28.23
CA LYS K 87 8.20 -3.49 -27.93
C LYS K 87 8.24 -5.00 -28.14
N PRO K 88 7.34 -5.81 -27.53
CA PRO K 88 7.39 -7.27 -27.77
C PRO K 88 6.75 -7.65 -29.10
N CYS K 89 7.36 -7.19 -30.19
CA CYS K 89 6.87 -7.44 -31.54
C CYS K 89 8.09 -7.65 -32.42
N VAL K 90 7.84 -8.02 -33.68
CA VAL K 90 8.92 -8.34 -34.59
C VAL K 90 9.69 -7.08 -34.98
N LYS K 91 11.00 -7.13 -34.82
CA LYS K 91 11.88 -6.03 -35.21
C LYS K 91 12.29 -6.25 -36.66
N LEU K 92 12.46 -5.16 -37.40
CA LEU K 92 12.84 -5.24 -38.80
C LEU K 92 14.31 -4.92 -39.04
N THR K 93 15.13 -4.95 -37.99
CA THR K 93 16.57 -4.79 -38.12
C THR K 93 17.16 -5.68 -39.22
N PRO K 94 16.86 -6.98 -39.28
CA PRO K 94 17.41 -7.82 -40.37
C PRO K 94 16.99 -7.44 -41.78
N LEU K 95 15.99 -6.57 -41.98
CA LEU K 95 15.60 -6.20 -43.34
C LEU K 95 16.25 -4.92 -43.84
N CYS K 96 17.14 -4.30 -43.06
CA CYS K 96 17.89 -3.12 -43.49
C CYS K 96 19.02 -3.61 -44.39
N VAL K 97 18.68 -3.97 -45.64
CA VAL K 97 19.66 -4.53 -46.56
C VAL K 97 19.89 -3.70 -47.81
N GLY K 98 18.98 -2.83 -48.22
CA GLY K 98 19.15 -2.15 -49.49
C GLY K 98 18.21 -2.79 -50.49
N LEU K 99 17.39 -1.99 -51.15
CA LEU K 99 16.37 -2.47 -52.06
C LEU K 99 16.73 -2.16 -53.51
N GLN K 100 16.32 -3.07 -54.41
CA GLN K 100 16.36 -2.82 -55.86
C GLN K 100 14.92 -2.55 -56.29
N CYS K 101 14.56 -1.27 -56.30
CA CYS K 101 13.19 -0.83 -56.56
C CYS K 101 13.05 -0.40 -58.00
N THR K 102 11.98 -0.85 -58.64
CA THR K 102 11.63 -0.48 -60.01
C THR K 102 10.19 0.00 -60.00
N ASN K 103 9.77 0.57 -61.12
CA ASN K 103 8.39 1.05 -61.19
C ASN K 103 7.43 -0.12 -61.14
N VAL K 104 6.28 0.10 -60.49
CA VAL K 104 5.24 -0.89 -60.41
C VAL K 104 4.63 -1.10 -61.80
N THR K 105 4.41 -2.37 -62.17
CA THR K 105 4.00 -2.76 -63.51
C THR K 105 2.48 -2.79 -63.72
N ASN K 106 1.69 -2.44 -62.72
CA ASN K 106 0.25 -2.46 -62.81
C ASN K 106 -0.23 -1.18 -63.52
N ASN K 107 -1.53 -1.04 -63.71
CA ASN K 107 -2.10 0.13 -64.38
C ASN K 107 -2.23 1.26 -63.37
N ILE K 108 -1.34 2.24 -63.50
CA ILE K 108 -1.20 3.35 -62.55
C ILE K 108 -1.68 4.63 -63.22
N THR K 109 -2.57 5.34 -62.55
CA THR K 109 -3.07 6.60 -63.07
C THR K 109 -2.02 7.69 -62.86
N ASP K 110 -2.26 8.85 -63.48
CA ASP K 110 -1.27 9.93 -63.44
C ASP K 110 -1.03 10.40 -62.01
N ASP K 111 -2.06 10.39 -61.16
CA ASP K 111 -1.93 10.89 -59.80
C ASP K 111 -1.01 10.02 -58.94
N MET K 112 -0.81 8.76 -59.30
CA MET K 112 -0.01 7.80 -58.55
C MET K 112 1.34 7.48 -59.17
N ARG K 113 1.80 8.25 -60.17
CA ARG K 113 3.06 7.90 -60.78
C ARG K 113 4.18 8.17 -59.77
N GLY K 114 5.01 7.16 -59.55
CA GLY K 114 6.13 7.30 -58.64
C GLY K 114 5.78 7.08 -57.17
N GLU K 115 4.50 6.84 -56.85
CA GLU K 115 4.10 6.67 -55.46
C GLU K 115 4.39 5.29 -54.90
N LEU K 116 4.39 4.26 -55.75
CA LEU K 116 4.64 2.88 -55.34
C LEU K 116 5.83 2.35 -56.13
N LYS K 117 6.65 1.53 -55.47
CA LYS K 117 7.74 0.88 -56.15
C LYS K 117 7.79 -0.60 -55.80
N ASN K 118 8.19 -1.41 -56.77
CA ASN K 118 8.33 -2.86 -56.65
C ASN K 118 9.79 -3.11 -56.28
N CYS K 119 10.02 -3.40 -55.00
CA CYS K 119 11.34 -3.48 -54.39
C CYS K 119 11.74 -4.92 -54.12
N SER K 120 12.89 -5.32 -54.65
CA SER K 120 13.47 -6.64 -54.45
C SER K 120 14.56 -6.58 -53.39
N PHE K 121 14.59 -7.56 -52.50
CA PHE K 121 15.64 -7.58 -51.48
C PHE K 121 15.84 -9.00 -50.97
N ASN K 122 16.98 -9.20 -50.30
CA ASN K 122 17.31 -10.48 -49.67
C ASN K 122 17.01 -10.43 -48.19
N ALA K 123 15.87 -11.02 -47.81
CA ALA K 123 15.38 -11.06 -46.46
C ALA K 123 16.04 -12.21 -45.70
N THR K 124 16.06 -12.11 -44.38
CA THR K 124 16.51 -13.24 -43.59
C THR K 124 15.40 -14.28 -43.57
N THR K 125 15.71 -15.48 -43.08
CA THR K 125 14.74 -16.55 -43.01
C THR K 125 14.95 -17.32 -41.72
N GLU K 126 14.26 -18.47 -41.61
CA GLU K 126 14.29 -19.25 -40.38
C GLU K 126 15.70 -19.69 -40.02
N LEU K 127 16.55 -19.96 -41.02
CA LEU K 127 17.90 -20.42 -40.77
C LEU K 127 18.90 -19.27 -40.83
N ARG K 128 19.85 -19.30 -39.90
CA ARG K 128 20.83 -18.22 -39.77
C ARG K 128 21.63 -17.99 -41.04
N ASN K 129 22.02 -19.07 -41.74
CA ASN K 129 22.89 -18.96 -42.89
C ASN K 129 22.18 -19.07 -44.24
N LYS K 130 20.87 -18.88 -44.26
CA LYS K 130 20.09 -18.88 -45.50
C LYS K 130 19.49 -17.51 -45.70
N ARG K 131 19.22 -17.18 -46.96
CA ARG K 131 18.56 -15.92 -47.28
C ARG K 131 17.45 -16.18 -48.27
N GLN K 132 16.37 -15.41 -48.14
CA GLN K 132 15.17 -15.55 -48.93
C GLN K 132 15.02 -14.33 -49.83
N LYS K 133 15.05 -14.53 -51.15
CA LYS K 133 14.89 -13.41 -52.06
C LYS K 133 13.41 -13.13 -52.16
N VAL K 134 13.01 -11.89 -51.86
CA VAL K 134 11.60 -11.52 -51.86
C VAL K 134 11.39 -10.21 -52.62
N TYR K 135 10.13 -9.98 -52.99
CA TYR K 135 9.69 -8.75 -53.62
C TYR K 135 8.55 -8.20 -52.78
N SER K 136 8.47 -6.88 -52.67
CA SER K 136 7.37 -6.24 -51.97
C SER K 136 7.11 -4.89 -52.61
N LEU K 137 5.91 -4.35 -52.39
CA LEU K 137 5.57 -3.03 -52.89
C LEU K 137 5.61 -2.02 -51.74
N PHE K 138 6.48 -1.03 -51.86
CA PHE K 138 6.63 0.00 -50.84
C PHE K 138 6.17 1.35 -51.37
N TYR K 139 5.66 2.17 -50.45
CA TYR K 139 5.25 3.52 -50.78
C TYR K 139 6.50 4.38 -50.91
N ARG K 140 6.46 5.34 -51.83
CA ARG K 140 7.63 6.19 -52.06
C ARG K 140 8.10 6.90 -50.79
N LEU K 141 7.18 7.25 -49.88
CA LEU K 141 7.58 7.99 -48.69
C LEU K 141 8.44 7.16 -47.75
N ASP K 142 8.42 5.83 -47.88
CA ASP K 142 9.16 4.93 -47.02
C ASP K 142 10.50 4.53 -47.63
N ILE K 143 10.83 5.06 -48.80
CA ILE K 143 11.99 4.69 -49.58
C ILE K 143 12.90 5.92 -49.66
N VAL K 144 14.19 5.77 -49.35
CA VAL K 144 15.16 6.85 -49.48
C VAL K 144 16.27 6.41 -50.43
N PRO K 145 16.64 7.21 -51.44
CA PRO K 145 17.71 6.81 -52.37
C PRO K 145 19.07 6.56 -51.73
N MET K 146 19.81 5.63 -52.34
CA MET K 146 21.19 5.30 -52.01
C MET K 146 21.86 5.03 -53.34
N VAL K 147 23.17 5.30 -53.45
CA VAL K 147 23.82 5.09 -54.74
C VAL K 147 24.26 3.64 -54.91
N ASP K 148 25.03 3.13 -53.96
CA ASP K 148 25.50 1.73 -53.92
C ASP K 148 26.10 1.33 -55.28
N LEU K 149 26.01 0.05 -55.64
CA LEU K 149 26.44 -0.54 -56.90
C LEU K 149 25.32 -1.39 -57.49
N TRP K 150 24.56 -2.09 -56.65
CA TRP K 150 23.54 -3.05 -57.05
C TRP K 150 22.17 -2.57 -56.61
N THR K 151 22.04 -2.11 -55.37
CA THR K 151 20.77 -1.67 -54.83
C THR K 151 20.53 -0.22 -55.24
N ASN K 152 19.27 0.21 -55.13
CA ASN K 152 18.88 1.58 -55.43
C ASN K 152 18.43 2.38 -54.23
N TYR K 153 17.74 1.77 -53.27
CA TYR K 153 17.15 2.50 -52.16
C TYR K 153 17.26 1.72 -50.86
N ARG K 154 17.15 2.42 -49.73
CA ARG K 154 17.05 1.83 -48.40
C ARG K 154 15.79 2.37 -47.72
N LEU K 155 15.40 1.74 -46.60
CA LEU K 155 14.26 2.25 -45.85
C LEU K 155 14.65 3.52 -45.09
N ILE K 156 13.69 4.44 -44.98
CA ILE K 156 13.96 5.76 -44.39
C ILE K 156 14.44 5.71 -42.94
N SER K 157 14.04 4.71 -42.15
CA SER K 157 14.48 4.70 -40.76
C SER K 157 15.74 3.89 -40.48
N CYS K 158 16.26 3.11 -41.43
CA CYS K 158 17.44 2.29 -41.12
C CYS K 158 18.66 3.18 -40.88
N ASN K 159 18.58 4.41 -41.37
CA ASN K 159 19.61 5.43 -41.28
C ASN K 159 19.84 5.93 -39.85
N THR K 160 18.79 5.95 -39.02
CA THR K 160 18.90 6.47 -37.65
C THR K 160 18.39 5.56 -36.54
N SER K 161 17.49 4.62 -36.79
CA SER K 161 16.91 3.85 -35.69
C SER K 161 16.38 2.51 -36.17
N ALA K 162 16.23 1.59 -35.21
CA ALA K 162 15.62 0.31 -35.51
C ALA K 162 14.13 0.49 -35.77
N ILE K 163 13.61 -0.31 -36.70
CA ILE K 163 12.19 -0.29 -37.06
C ILE K 163 11.52 -1.49 -36.41
N THR K 164 10.50 -1.23 -35.58
CA THR K 164 9.77 -2.29 -34.91
C THR K 164 8.46 -2.48 -35.65
N GLN K 165 8.14 -3.72 -36.01
CA GLN K 165 6.87 -3.99 -36.67
C GLN K 165 5.76 -4.03 -35.63
N ALA K 166 4.66 -3.35 -35.90
CA ALA K 166 3.55 -3.42 -34.97
C ALA K 166 2.97 -4.83 -35.04
N CYS K 167 2.57 -5.37 -33.89
CA CYS K 167 1.94 -6.68 -33.90
C CYS K 167 0.58 -6.59 -34.56
N PRO K 168 0.29 -7.36 -35.63
CA PRO K 168 -1.02 -7.25 -36.28
C PRO K 168 -2.20 -7.54 -35.36
N LYS K 169 -1.97 -8.24 -34.25
CA LYS K 169 -3.06 -8.56 -33.33
C LYS K 169 -3.50 -7.35 -32.51
N VAL K 170 -2.69 -6.30 -32.45
CA VAL K 170 -2.97 -5.14 -31.62
C VAL K 170 -3.59 -4.07 -32.51
N SER K 171 -4.77 -3.62 -32.11
CA SER K 171 -5.51 -2.59 -32.82
C SER K 171 -5.07 -1.20 -32.37
N PHE K 172 -5.21 -0.23 -33.27
CA PHE K 172 -4.95 1.17 -32.99
C PHE K 172 -6.25 1.95 -32.80
N GLU K 173 -7.38 1.25 -32.68
CA GLU K 173 -8.67 1.88 -32.50
C GLU K 173 -8.66 2.79 -31.26
N PRO K 174 -9.14 4.05 -31.37
CA PRO K 174 -9.11 4.98 -30.22
C PRO K 174 -10.20 4.66 -29.19
N ILE K 175 -10.02 3.57 -28.47
CA ILE K 175 -11.01 3.14 -27.46
C ILE K 175 -11.17 4.23 -26.39
N PRO K 176 -12.39 4.65 -26.05
CA PRO K 176 -12.56 5.70 -25.03
C PRO K 176 -11.93 5.33 -23.69
N ILE K 177 -11.18 6.26 -23.12
CA ILE K 177 -10.51 6.11 -21.82
C ILE K 177 -11.02 7.20 -20.89
N HIS K 178 -11.36 6.82 -19.66
CA HIS K 178 -11.84 7.77 -18.66
C HIS K 178 -10.72 7.97 -17.65
N TYR K 179 -10.40 9.23 -17.33
CA TYR K 179 -9.42 9.49 -16.28
C TYR K 179 -10.13 9.71 -14.95
N CYS K 180 -9.61 9.07 -13.91
CA CYS K 180 -10.21 9.06 -12.59
C CYS K 180 -9.19 9.53 -11.55
N ALA K 181 -9.65 10.38 -10.63
CA ALA K 181 -8.83 10.87 -9.54
C ALA K 181 -8.70 9.83 -8.43
N PRO K 182 -7.56 9.80 -7.72
CA PRO K 182 -7.45 8.94 -6.54
C PRO K 182 -8.24 9.52 -5.38
N ALA K 183 -8.50 8.67 -4.38
CA ALA K 183 -9.21 9.13 -3.20
C ALA K 183 -8.44 10.27 -2.55
N GLY K 184 -9.18 11.28 -2.08
CA GLY K 184 -8.62 12.46 -1.47
C GLY K 184 -8.53 13.63 -2.42
N PHE K 185 -8.76 13.38 -3.71
CA PHE K 185 -8.75 14.35 -4.79
C PHE K 185 -10.09 14.28 -5.51
N ALA K 186 -10.40 15.32 -6.26
CA ALA K 186 -11.63 15.36 -7.03
C ALA K 186 -11.35 16.11 -8.32
N ILE K 187 -12.18 15.85 -9.35
CA ILE K 187 -12.06 16.53 -10.62
C ILE K 187 -13.27 17.46 -10.76
N LEU K 188 -13.01 18.73 -11.03
CA LEU K 188 -14.06 19.70 -11.22
C LEU K 188 -14.25 19.87 -12.71
N LYS K 189 -15.50 19.93 -13.15
CA LYS K 189 -15.86 20.08 -14.55
C LYS K 189 -16.55 21.42 -14.75
N CYS K 190 -16.22 22.10 -15.83
CA CYS K 190 -16.85 23.35 -16.22
C CYS K 190 -17.98 23.04 -17.20
N LYS K 191 -19.21 23.42 -16.83
CA LYS K 191 -20.38 23.16 -17.65
C LYS K 191 -20.82 24.40 -18.44
N ASP K 192 -20.03 25.47 -18.41
CA ASP K 192 -20.41 26.70 -19.11
C ASP K 192 -20.25 26.48 -20.61
N LYS K 193 -21.36 26.55 -21.32
CA LYS K 193 -21.40 26.26 -22.76
C LYS K 193 -20.54 27.22 -23.59
N LYS K 194 -20.23 28.39 -23.05
CA LYS K 194 -19.42 29.40 -23.74
C LYS K 194 -17.99 29.48 -23.22
N PHE K 195 -17.57 28.52 -22.39
CA PHE K 195 -16.25 28.56 -21.79
C PHE K 195 -15.15 28.46 -22.85
N ASN K 196 -14.20 29.40 -22.78
CA ASN K 196 -13.13 29.53 -23.76
C ASN K 196 -11.81 28.94 -23.29
N GLY K 197 -11.84 28.03 -22.32
CA GLY K 197 -10.64 27.36 -21.88
C GLY K 197 -9.84 28.07 -20.79
N THR K 198 -10.28 29.24 -20.34
CA THR K 198 -9.53 29.96 -19.31
C THR K 198 -10.47 30.90 -18.57
N GLY K 199 -10.15 31.14 -17.30
CA GLY K 199 -10.87 32.10 -16.48
C GLY K 199 -11.97 31.50 -15.62
N PRO K 200 -12.68 32.37 -14.91
CA PRO K 200 -13.74 31.92 -14.00
C PRO K 200 -14.84 31.15 -14.72
N CYS K 201 -15.29 30.06 -14.09
CA CYS K 201 -16.40 29.24 -14.57
C CYS K 201 -17.36 29.05 -13.41
N GLN K 202 -18.58 29.56 -13.57
CA GLN K 202 -19.61 29.50 -12.54
C GLN K 202 -20.31 28.15 -12.46
N ASN K 203 -20.80 27.56 -13.59
CA ASN K 203 -21.50 26.26 -13.46
C ASN K 203 -20.53 25.10 -13.33
N VAL K 204 -19.86 25.04 -12.18
CA VAL K 204 -18.89 23.99 -11.88
C VAL K 204 -19.60 22.80 -11.25
N SER K 205 -19.07 21.60 -11.51
CA SER K 205 -19.60 20.39 -10.92
C SER K 205 -18.43 19.48 -10.55
N THR K 206 -18.68 18.53 -9.65
CA THR K 206 -17.65 17.60 -9.18
C THR K 206 -17.89 16.19 -9.71
N VAL K 207 -16.84 15.59 -10.26
CA VAL K 207 -16.85 14.22 -10.74
C VAL K 207 -15.63 13.51 -10.17
N GLN K 208 -15.70 12.18 -10.16
CA GLN K 208 -14.56 11.36 -9.81
C GLN K 208 -13.79 10.96 -11.06
N CYS K 209 -14.51 10.72 -12.16
CA CYS K 209 -13.95 10.31 -13.42
C CYS K 209 -14.42 11.26 -14.51
N THR K 210 -13.56 11.50 -15.50
CA THR K 210 -13.93 12.33 -16.63
C THR K 210 -14.79 11.52 -17.60
N HIS K 211 -15.39 12.19 -18.57
CA HIS K 211 -16.08 11.43 -19.61
C HIS K 211 -15.00 10.69 -20.39
N GLY K 212 -15.39 9.66 -21.13
CA GLY K 212 -14.39 8.93 -21.85
C GLY K 212 -13.80 9.80 -22.96
N ILE K 213 -12.47 9.75 -23.06
CA ILE K 213 -11.72 10.51 -24.05
C ILE K 213 -11.18 9.51 -25.05
N LYS K 214 -11.44 9.74 -26.32
CA LYS K 214 -10.91 8.87 -27.35
C LYS K 214 -9.49 9.32 -27.65
N PRO K 215 -8.46 8.47 -27.50
CA PRO K 215 -7.09 8.93 -27.76
C PRO K 215 -6.80 8.99 -29.26
N VAL K 216 -7.53 9.88 -29.94
CA VAL K 216 -7.44 10.00 -31.38
C VAL K 216 -6.26 10.90 -31.68
N VAL K 217 -5.39 10.45 -32.58
CA VAL K 217 -4.26 11.23 -33.03
C VAL K 217 -4.60 11.85 -34.37
N SER K 218 -4.41 13.15 -34.46
CA SER K 218 -4.61 13.90 -35.69
C SER K 218 -3.76 15.14 -35.59
N THR K 219 -3.67 15.89 -36.69
CA THR K 219 -2.84 17.08 -36.72
C THR K 219 -3.63 18.35 -37.02
N GLN K 220 -3.86 18.62 -38.30
CA GLN K 220 -4.55 19.85 -38.70
C GLN K 220 -6.00 19.86 -38.26
N LEU K 221 -6.68 18.72 -38.31
CA LEU K 221 -8.09 18.61 -37.95
C LEU K 221 -8.26 17.60 -36.83
N LEU K 222 -9.10 17.94 -35.86
CA LEU K 222 -9.39 17.09 -34.72
C LEU K 222 -10.59 16.22 -35.06
N LEU K 223 -10.40 14.91 -35.03
CA LEU K 223 -11.44 13.94 -35.39
C LEU K 223 -12.00 13.25 -34.15
N ASN K 224 -13.30 12.93 -34.22
CA ASN K 224 -13.99 12.13 -33.21
C ASN K 224 -13.87 12.72 -31.80
N GLY K 225 -13.90 14.05 -31.70
CA GLY K 225 -13.88 14.74 -30.42
C GLY K 225 -15.27 15.17 -30.00
N SER K 226 -15.32 16.08 -29.03
CA SER K 226 -16.60 16.58 -28.57
C SER K 226 -16.98 17.80 -29.41
N LEU K 227 -18.27 18.10 -29.43
CA LEU K 227 -18.80 19.28 -30.11
C LEU K 227 -19.22 20.35 -29.11
N ALA K 228 -19.16 21.60 -29.55
CA ALA K 228 -19.65 22.71 -28.73
C ALA K 228 -21.16 22.59 -28.59
N GLU K 229 -21.68 22.99 -27.42
CA GLU K 229 -23.12 22.89 -27.21
C GLU K 229 -23.90 23.90 -28.05
N GLU K 230 -23.39 25.13 -28.20
CA GLU K 230 -24.14 26.18 -28.89
C GLU K 230 -23.43 26.76 -30.11
N GLU K 231 -22.15 27.13 -29.98
CA GLU K 231 -21.45 27.87 -31.03
C GLU K 231 -20.00 27.43 -31.09
N VAL K 232 -19.35 27.77 -32.21
CA VAL K 232 -17.94 27.46 -32.37
C VAL K 232 -17.16 28.26 -31.32
N ILE K 233 -16.23 27.59 -30.63
CA ILE K 233 -15.44 28.23 -29.57
C ILE K 233 -13.99 28.31 -29.99
N ILE K 234 -13.43 29.51 -29.92
CA ILE K 234 -12.04 29.81 -30.26
C ILE K 234 -11.26 29.86 -28.95
N ARG K 235 -10.22 29.04 -28.80
CA ARG K 235 -9.43 28.99 -27.58
C ARG K 235 -7.96 29.15 -27.88
N SER K 236 -7.28 30.05 -27.17
CA SER K 236 -5.85 30.21 -27.38
C SER K 236 -5.23 30.69 -26.08
N GLU K 237 -3.97 30.32 -25.86
CA GLU K 237 -3.28 30.75 -24.65
C GLU K 237 -3.18 32.27 -24.61
N ASN K 238 -2.86 32.88 -25.74
CA ASN K 238 -2.75 34.33 -25.87
C ASN K 238 -3.14 34.65 -27.31
N ILE K 239 -4.37 35.15 -27.50
CA ILE K 239 -4.86 35.36 -28.86
C ILE K 239 -4.06 36.44 -29.57
N THR K 240 -3.53 37.42 -28.83
CA THR K 240 -2.70 38.45 -29.45
C THR K 240 -1.42 37.85 -30.01
N ASN K 241 -0.83 36.89 -29.29
CA ASN K 241 0.41 36.26 -29.72
C ASN K 241 0.17 35.39 -30.94
N ASN K 242 1.00 35.56 -31.96
CA ASN K 242 0.87 34.79 -33.20
C ASN K 242 1.74 33.54 -33.24
N ALA K 243 2.35 33.15 -32.12
CA ALA K 243 3.13 31.92 -32.04
C ALA K 243 2.35 30.79 -31.40
N LYS K 244 1.38 31.12 -30.56
CA LYS K 244 0.55 30.14 -29.87
C LYS K 244 -0.49 29.62 -30.86
N ASN K 245 -0.87 28.35 -30.68
CA ASN K 245 -1.87 27.78 -31.57
C ASN K 245 -3.26 28.13 -31.06
N ILE K 246 -4.19 28.17 -32.00
CA ILE K 246 -5.61 28.43 -31.74
C ILE K 246 -6.38 27.15 -31.96
N LEU K 247 -7.11 26.69 -30.95
CA LEU K 247 -7.92 25.49 -31.05
C LEU K 247 -9.34 25.95 -31.31
N VAL K 248 -9.99 25.35 -32.29
CA VAL K 248 -11.36 25.70 -32.66
C VAL K 248 -12.22 24.49 -32.41
N GLN K 249 -13.22 24.62 -31.55
CA GLN K 249 -14.14 23.54 -31.27
C GLN K 249 -15.44 23.86 -32.00
N LEU K 250 -15.89 22.93 -32.84
CA LEU K 250 -17.08 23.15 -33.65
C LEU K 250 -18.34 22.79 -32.88
N ASN K 251 -19.45 23.42 -33.24
CA ASN K 251 -20.75 23.08 -32.67
C ASN K 251 -21.54 22.15 -33.57
N THR K 252 -20.99 21.76 -34.72
CA THR K 252 -21.60 20.82 -35.64
C THR K 252 -20.45 19.94 -36.12
N SER K 253 -20.67 18.64 -36.34
CA SER K 253 -19.60 17.84 -36.92
C SER K 253 -19.56 18.09 -38.41
N VAL K 254 -18.38 17.88 -39.01
CA VAL K 254 -18.28 17.82 -40.47
C VAL K 254 -17.84 16.41 -40.80
N GLN K 255 -18.62 15.71 -41.59
CA GLN K 255 -18.29 14.32 -41.89
C GLN K 255 -17.25 14.28 -42.99
N ILE K 256 -16.20 13.50 -42.78
CA ILE K 256 -15.12 13.33 -43.75
C ILE K 256 -15.00 11.84 -44.07
N ASN K 257 -15.10 11.51 -45.36
CA ASN K 257 -15.04 10.13 -45.84
C ASN K 257 -13.68 9.88 -46.48
N CYS K 258 -12.82 9.12 -45.81
CA CYS K 258 -11.44 8.89 -46.27
C CYS K 258 -11.32 7.44 -46.73
N THR K 259 -10.61 7.24 -47.83
CA THR K 259 -10.46 5.88 -48.37
C THR K 259 -9.12 5.68 -49.05
N ARG K 260 -8.73 4.41 -49.10
CA ARG K 260 -7.56 3.87 -49.80
C ARG K 260 -8.16 2.83 -50.73
N PRO K 261 -8.61 3.25 -51.99
CA PRO K 261 -9.40 2.42 -52.90
C PRO K 261 -8.53 1.44 -53.70
N ASN K 262 -7.72 0.65 -53.00
CA ASN K 262 -6.78 -0.27 -53.64
C ASN K 262 -6.85 -1.60 -52.92
N ASN K 263 -7.21 -2.65 -53.66
CA ASN K 263 -7.41 -3.97 -53.07
C ASN K 263 -6.05 -4.66 -52.94
N ASN K 264 -5.26 -4.13 -52.00
CA ASN K 264 -3.93 -4.66 -51.74
C ASN K 264 -4.02 -6.06 -51.20
N THR K 265 -3.17 -6.96 -51.70
CA THR K 265 -3.09 -8.33 -51.20
C THR K 265 -1.77 -8.43 -50.47
N VAL K 266 -1.88 -8.78 -49.18
CA VAL K 266 -0.78 -8.82 -48.23
C VAL K 266 -0.24 -10.24 -48.11
N LYS K 267 1.08 -10.34 -48.18
CA LYS K 267 1.80 -11.60 -48.09
C LYS K 267 2.70 -11.47 -46.88
N SER K 268 3.20 -12.60 -46.38
CA SER K 268 4.11 -12.56 -45.25
C SER K 268 5.19 -13.60 -45.41
N ILE K 269 6.33 -13.31 -44.77
CA ILE K 269 7.49 -14.18 -44.73
C ILE K 269 7.97 -14.29 -43.30
N ARG K 270 8.67 -15.38 -43.02
CA ARG K 270 9.33 -15.57 -41.73
C ARG K 270 10.77 -15.09 -41.88
N ILE K 271 11.21 -14.24 -40.96
CA ILE K 271 12.53 -13.63 -40.98
C ILE K 271 13.37 -14.07 -39.79
N GLY K 272 12.96 -15.13 -39.09
CA GLY K 272 13.66 -15.64 -37.95
C GLY K 272 12.81 -16.68 -37.25
N PRO K 273 13.30 -17.19 -36.14
CA PRO K 273 12.58 -18.27 -35.46
C PRO K 273 11.30 -17.75 -34.81
N GLY K 274 10.25 -17.66 -35.62
CA GLY K 274 8.96 -17.14 -35.20
C GLY K 274 8.80 -15.65 -35.41
N GLN K 275 9.66 -15.03 -36.21
CA GLN K 275 9.63 -13.60 -36.51
C GLN K 275 9.01 -13.43 -37.89
N ALA K 276 7.77 -12.96 -37.94
CA ALA K 276 7.05 -12.82 -39.21
C ALA K 276 6.98 -11.36 -39.61
N PHE K 277 7.26 -11.11 -40.90
CA PHE K 277 7.19 -9.79 -41.52
C PHE K 277 6.04 -9.75 -42.51
N TYR K 278 5.25 -8.68 -42.45
CA TYR K 278 4.10 -8.51 -43.33
C TYR K 278 4.38 -7.37 -44.30
N TYR K 279 3.99 -7.57 -45.56
CA TYR K 279 4.20 -6.59 -46.61
C TYR K 279 3.13 -6.76 -47.67
N THR K 280 2.96 -5.72 -48.47
CA THR K 280 2.01 -5.80 -49.57
C THR K 280 2.66 -6.62 -50.67
N GLY K 281 2.00 -7.70 -51.08
CA GLY K 281 2.58 -8.55 -52.08
C GLY K 281 2.18 -8.09 -53.46
N ASP K 282 0.93 -7.66 -53.60
CA ASP K 282 0.45 -7.22 -54.91
C ASP K 282 -0.75 -6.32 -54.71
N ILE K 283 -1.27 -5.77 -55.81
CA ILE K 283 -2.48 -4.97 -55.80
C ILE K 283 -3.41 -5.55 -56.84
N ILE K 284 -4.66 -5.81 -56.46
CA ILE K 284 -5.67 -6.35 -57.37
C ILE K 284 -6.47 -5.16 -57.89
N GLY K 285 -6.52 -5.01 -59.21
CA GLY K 285 -7.21 -3.90 -59.82
C GLY K 285 -6.32 -2.71 -60.03
N ASP K 286 -6.94 -1.61 -60.47
CA ASP K 286 -6.19 -0.41 -60.80
C ASP K 286 -5.65 0.23 -59.52
N ILE K 287 -4.59 1.00 -59.68
CA ILE K 287 -3.98 1.74 -58.58
C ILE K 287 -4.47 3.18 -58.64
N ARG K 288 -5.12 3.61 -57.56
CA ARG K 288 -5.73 4.92 -57.45
C ARG K 288 -5.20 5.57 -56.18
N GLN K 289 -5.22 6.89 -56.14
CA GLN K 289 -4.74 7.62 -54.99
C GLN K 289 -5.76 7.65 -53.86
N ALA K 290 -5.27 7.49 -52.64
CA ALA K 290 -6.13 7.62 -51.46
C ALA K 290 -6.61 9.05 -51.35
N HIS K 291 -7.83 9.23 -50.83
CA HIS K 291 -8.36 10.58 -50.75
C HIS K 291 -9.44 10.67 -49.69
N CYS K 292 -9.77 11.91 -49.31
CA CYS K 292 -10.86 12.20 -48.39
C CYS K 292 -11.85 13.15 -49.04
N ASN K 293 -13.14 12.88 -48.85
CA ASN K 293 -14.22 13.71 -49.37
C ASN K 293 -14.89 14.44 -48.21
N VAL K 294 -14.88 15.77 -48.27
CA VAL K 294 -15.51 16.65 -47.29
C VAL K 294 -16.60 17.42 -48.02
N SER K 295 -17.84 17.36 -47.53
CA SER K 295 -18.93 18.05 -48.21
C SER K 295 -18.62 19.54 -48.31
N LYS K 296 -18.75 20.10 -49.51
CA LYS K 296 -18.37 21.50 -49.71
C LYS K 296 -19.29 22.46 -48.96
N ALA K 297 -20.61 22.25 -49.03
CA ALA K 297 -21.52 23.20 -48.37
C ALA K 297 -21.35 23.17 -46.86
N THR K 298 -21.17 21.97 -46.30
CA THR K 298 -21.02 21.86 -44.86
C THR K 298 -19.73 22.55 -44.42
N TRP K 299 -18.65 22.33 -45.17
CA TRP K 299 -17.37 22.94 -44.84
C TRP K 299 -17.45 24.45 -44.94
N ASN K 300 -18.11 24.99 -45.98
CA ASN K 300 -18.20 26.44 -46.09
C ASN K 300 -19.03 27.02 -44.94
N GLU K 301 -20.07 26.31 -44.50
CA GLU K 301 -20.83 26.81 -43.35
C GLU K 301 -19.96 26.78 -42.10
N THR K 302 -19.16 25.73 -41.96
CA THR K 302 -18.30 25.55 -40.81
C THR K 302 -17.28 26.67 -40.73
N LEU K 303 -16.67 27.00 -41.87
CA LEU K 303 -15.70 28.09 -41.84
C LEU K 303 -16.40 29.42 -41.70
N GLY K 304 -17.63 29.57 -42.20
CA GLY K 304 -18.33 30.83 -41.96
C GLY K 304 -18.50 31.07 -40.47
N LYS K 305 -18.80 30.00 -39.74
CA LYS K 305 -18.92 30.11 -38.29
C LYS K 305 -17.58 30.43 -37.65
N VAL K 306 -16.51 29.81 -38.16
CA VAL K 306 -15.17 30.09 -37.62
C VAL K 306 -14.80 31.54 -37.89
N VAL K 307 -15.10 32.04 -39.08
CA VAL K 307 -14.78 33.43 -39.41
C VAL K 307 -15.51 34.38 -38.47
N LYS K 308 -16.80 34.15 -38.24
CA LYS K 308 -17.52 35.02 -37.31
C LYS K 308 -16.89 34.99 -35.91
N GLN K 309 -16.54 33.81 -35.43
CA GLN K 309 -15.96 33.73 -34.09
C GLN K 309 -14.57 34.33 -34.05
N LEU K 310 -13.80 34.21 -35.12
CA LEU K 310 -12.49 34.84 -35.12
C LEU K 310 -12.64 36.36 -35.13
N ARG K 311 -13.62 36.87 -35.88
CA ARG K 311 -13.84 38.31 -35.91
C ARG K 311 -14.18 38.83 -34.52
N LYS K 312 -14.90 38.03 -33.73
CA LYS K 312 -15.20 38.44 -32.36
C LYS K 312 -13.94 38.74 -31.55
N HIS K 313 -12.82 38.07 -31.83
CA HIS K 313 -11.58 38.29 -31.10
C HIS K 313 -10.59 39.21 -31.81
N PHE K 314 -10.61 39.26 -33.14
CA PHE K 314 -9.64 40.02 -33.92
C PHE K 314 -10.18 41.33 -34.48
N GLY K 315 -11.48 41.59 -34.35
CA GLY K 315 -12.05 42.83 -34.85
C GLY K 315 -12.95 42.54 -36.04
N ASN K 316 -14.06 43.27 -36.12
CA ASN K 316 -15.00 43.09 -37.20
C ASN K 316 -14.53 43.95 -38.38
N ASN K 317 -15.26 43.87 -39.50
CA ASN K 317 -14.94 44.64 -40.70
C ASN K 317 -13.47 44.43 -41.11
N THR K 318 -13.00 43.19 -40.93
CA THR K 318 -11.63 42.79 -41.18
C THR K 318 -11.67 41.51 -42.01
N ILE K 319 -10.83 41.45 -43.04
CA ILE K 319 -10.79 40.28 -43.93
C ILE K 319 -9.99 39.18 -43.25
N ILE K 320 -10.56 37.98 -43.21
CA ILE K 320 -9.92 36.78 -42.69
C ILE K 320 -9.62 35.86 -43.87
N ARG K 321 -8.36 35.51 -44.05
CA ARG K 321 -7.93 34.67 -45.17
C ARG K 321 -7.41 33.34 -44.64
N PHE K 322 -7.86 32.24 -45.23
CA PHE K 322 -7.35 30.91 -44.92
C PHE K 322 -6.44 30.48 -46.06
N ALA K 323 -5.30 29.90 -45.67
CA ALA K 323 -4.27 29.46 -46.60
C ALA K 323 -3.71 28.12 -46.15
N GLN K 324 -2.83 27.56 -46.97
CA GLN K 324 -2.25 26.25 -46.75
C GLN K 324 -1.13 26.32 -45.71
N SER K 325 -0.55 25.15 -45.42
CA SER K 325 0.51 25.04 -44.43
C SER K 325 1.78 25.72 -44.92
N SER K 326 2.63 26.11 -43.98
CA SER K 326 3.83 26.87 -44.30
C SER K 326 5.02 26.03 -44.72
N GLY K 327 5.08 24.75 -44.33
CA GLY K 327 6.23 23.92 -44.66
C GLY K 327 6.65 22.96 -43.56
N GLY K 328 7.74 22.26 -43.79
CA GLY K 328 8.24 21.25 -42.87
C GLY K 328 7.80 19.85 -43.22
N ASP K 329 7.93 18.96 -42.24
CA ASP K 329 7.64 17.55 -42.43
C ASP K 329 6.15 17.32 -42.63
N LEU K 330 5.82 16.17 -43.24
CA LEU K 330 4.43 15.83 -43.51
C LEU K 330 3.60 15.80 -42.24
N GLU K 331 4.22 15.48 -41.10
CA GLU K 331 3.52 15.45 -39.82
C GLU K 331 2.79 16.75 -39.53
N VAL K 332 3.32 17.89 -39.99
CA VAL K 332 2.69 19.19 -39.75
C VAL K 332 2.12 19.84 -41.00
N THR K 333 2.59 19.47 -42.20
CA THR K 333 2.09 20.09 -43.42
C THR K 333 0.82 19.43 -43.93
N THR K 334 0.52 18.22 -43.48
CA THR K 334 -0.65 17.47 -43.89
C THR K 334 -1.47 17.05 -42.68
N HIS K 335 -2.64 16.50 -42.97
CA HIS K 335 -3.56 15.94 -41.98
C HIS K 335 -3.19 14.48 -41.79
N SER K 336 -2.53 14.17 -40.68
CA SER K 336 -2.03 12.82 -40.40
C SER K 336 -3.03 12.10 -39.50
N PHE K 337 -3.51 10.94 -39.93
CA PHE K 337 -4.46 10.21 -39.09
C PHE K 337 -4.45 8.72 -39.41
N ASN K 338 -4.93 7.93 -38.44
CA ASN K 338 -5.07 6.48 -38.59
C ASN K 338 -6.47 6.13 -39.09
N CYS K 339 -6.55 5.57 -40.30
CA CYS K 339 -7.77 5.18 -40.99
C CYS K 339 -7.72 3.68 -41.25
N GLY K 340 -8.36 2.90 -40.36
CA GLY K 340 -8.39 1.47 -40.57
C GLY K 340 -7.07 0.76 -40.39
N GLY K 341 -6.14 1.35 -39.67
CA GLY K 341 -4.81 0.79 -39.50
C GLY K 341 -3.77 1.40 -40.41
N GLU K 342 -4.19 2.16 -41.44
CA GLU K 342 -3.25 2.82 -42.34
C GLU K 342 -3.10 4.27 -41.90
N PHE K 343 -1.93 4.83 -42.12
CA PHE K 343 -1.66 6.22 -41.75
C PHE K 343 -1.72 7.10 -42.98
N PHE K 344 -2.75 7.95 -43.02
CA PHE K 344 -3.02 8.85 -44.13
C PHE K 344 -2.38 10.18 -43.81
N TYR K 345 -1.85 10.84 -44.85
CA TYR K 345 -1.28 12.18 -44.80
C TYR K 345 -1.95 12.97 -45.90
N CYS K 346 -3.09 13.58 -45.57
CA CYS K 346 -3.97 14.20 -46.54
C CYS K 346 -3.64 15.67 -46.73
N ASN K 347 -3.69 16.11 -47.98
CA ASN K 347 -3.39 17.49 -48.35
C ASN K 347 -4.67 18.31 -48.25
N THR K 348 -4.72 19.20 -47.26
CA THR K 348 -5.90 19.97 -46.91
C THR K 348 -5.97 21.29 -47.67
N SER K 349 -5.21 21.41 -48.76
CA SER K 349 -5.18 22.65 -49.54
C SER K 349 -6.55 23.01 -50.10
N GLY K 350 -7.47 22.05 -50.24
CA GLY K 350 -8.78 22.40 -50.75
C GLY K 350 -9.75 22.86 -49.70
N LEU K 351 -9.37 22.80 -48.42
CA LEU K 351 -10.22 23.24 -47.32
C LEU K 351 -9.86 24.63 -46.82
N PHE K 352 -8.58 25.03 -46.94
CA PHE K 352 -8.09 26.29 -46.43
C PHE K 352 -7.49 27.14 -47.55
N ASN K 353 -8.33 27.48 -48.53
CA ASN K 353 -7.95 28.26 -49.70
C ASN K 353 -9.09 29.24 -49.96
N SER K 354 -9.32 30.17 -49.04
CA SER K 354 -10.49 31.03 -49.21
C SER K 354 -10.35 32.28 -48.35
N THR K 355 -10.80 33.41 -48.89
CA THR K 355 -10.75 34.69 -48.20
C THR K 355 -12.16 35.24 -48.00
N TRP K 356 -12.45 35.61 -46.75
CA TRP K 356 -13.73 36.20 -46.36
C TRP K 356 -13.52 37.68 -46.05
N SER K 373 -18.59 18.43 -53.40
CA SER K 373 -17.66 17.67 -52.57
C SER K 373 -16.21 18.08 -52.85
N ILE K 374 -15.47 18.36 -51.78
CA ILE K 374 -14.07 18.71 -51.86
C ILE K 374 -13.28 17.43 -51.68
N THR K 375 -12.41 17.11 -52.62
CA THR K 375 -11.59 15.90 -52.59
C THR K 375 -10.17 16.32 -52.24
N LEU K 376 -9.63 15.72 -51.18
CA LEU K 376 -8.29 15.97 -50.69
C LEU K 376 -7.42 14.77 -51.03
N PRO K 377 -6.32 14.89 -51.78
CA PRO K 377 -5.49 13.71 -52.04
C PRO K 377 -4.76 13.34 -50.77
N CYS K 378 -4.50 12.05 -50.60
CA CYS K 378 -3.80 11.56 -49.42
C CYS K 378 -2.66 10.64 -49.80
N ARG K 379 -1.59 10.72 -49.01
CA ARG K 379 -0.44 9.83 -49.13
C ARG K 379 -0.50 8.81 -48.00
N ILE K 380 0.10 7.65 -48.24
CA ILE K 380 0.17 6.58 -47.24
C ILE K 380 1.64 6.33 -46.94
N LYS K 381 1.97 6.22 -45.67
CA LYS K 381 3.33 5.99 -45.20
C LYS K 381 3.29 4.84 -44.21
N GLN K 382 4.11 3.81 -44.44
CA GLN K 382 4.11 2.65 -43.55
C GLN K 382 5.13 2.74 -42.42
N ILE K 383 6.23 3.44 -42.61
CA ILE K 383 7.25 3.60 -41.58
C ILE K 383 7.06 5.01 -41.05
N ILE K 384 6.65 5.12 -39.79
CA ILE K 384 6.29 6.39 -39.18
C ILE K 384 7.07 6.60 -37.90
N ASN K 385 7.17 7.88 -37.49
CA ASN K 385 7.91 8.30 -36.29
C ASN K 385 6.95 9.16 -35.47
N MET K 386 6.05 8.51 -34.74
CA MET K 386 5.06 9.26 -33.99
C MET K 386 5.70 9.90 -32.76
N TRP K 387 4.99 10.89 -32.22
CA TRP K 387 5.37 11.62 -31.01
C TRP K 387 6.61 12.47 -31.20
N GLN K 388 6.98 12.73 -32.46
CA GLN K 388 8.13 13.54 -32.83
C GLN K 388 9.43 13.02 -32.21
N ARG K 389 9.54 11.69 -32.08
CA ARG K 389 10.76 11.09 -31.54
C ARG K 389 11.69 10.71 -32.68
N ILE K 390 12.99 10.74 -32.41
CA ILE K 390 14.00 10.40 -33.40
C ILE K 390 14.49 8.97 -33.23
N GLY K 391 14.69 8.53 -31.98
CA GLY K 391 15.31 7.26 -31.72
C GLY K 391 14.44 6.03 -31.89
N GLN K 392 13.16 6.19 -32.20
CA GLN K 392 12.24 5.07 -32.39
C GLN K 392 11.52 5.23 -33.73
N ALA K 393 11.12 4.09 -34.29
CA ALA K 393 10.32 4.05 -35.49
C ALA K 393 9.45 2.81 -35.43
N MET K 394 8.29 2.88 -36.08
CA MET K 394 7.36 1.77 -36.13
C MET K 394 6.93 1.54 -37.57
N TYR K 395 6.80 0.27 -37.94
CA TYR K 395 6.34 -0.13 -39.26
C TYR K 395 4.88 -0.55 -39.15
N ALA K 396 4.00 0.16 -39.83
CA ALA K 396 2.58 -0.17 -39.80
C ALA K 396 2.36 -1.22 -40.88
N PRO K 397 1.99 -2.46 -40.53
CA PRO K 397 1.86 -3.47 -41.58
C PRO K 397 0.69 -3.13 -42.48
N PRO K 398 0.72 -3.56 -43.75
CA PRO K 398 -0.42 -3.27 -44.62
C PRO K 398 -1.64 -4.07 -44.19
N ILE K 399 -2.81 -3.48 -44.47
CA ILE K 399 -4.10 -4.08 -44.18
C ILE K 399 -4.68 -4.67 -45.46
N GLN K 400 -5.07 -5.94 -45.40
CA GLN K 400 -5.62 -6.63 -46.56
C GLN K 400 -6.88 -5.93 -47.06
N GLY K 401 -6.94 -5.69 -48.36
CA GLY K 401 -8.12 -5.09 -48.97
C GLY K 401 -8.18 -3.57 -49.00
N VAL K 402 -9.40 -3.11 -49.28
CA VAL K 402 -9.76 -1.71 -49.48
C VAL K 402 -10.18 -1.11 -48.16
N ILE K 403 -9.70 0.11 -47.87
CA ILE K 403 -10.05 0.80 -46.62
C ILE K 403 -10.92 2.01 -46.88
N ARG K 404 -12.00 2.10 -46.12
CA ARG K 404 -12.84 3.29 -46.11
C ARG K 404 -13.22 3.53 -44.66
N CYS K 405 -13.08 4.77 -44.20
CA CYS K 405 -13.44 5.18 -42.86
C CYS K 405 -14.19 6.50 -42.95
N VAL K 406 -15.18 6.67 -42.09
CA VAL K 406 -15.93 7.92 -42.01
C VAL K 406 -15.74 8.48 -40.61
N SER K 407 -15.23 9.71 -40.53
CA SER K 407 -14.92 10.34 -39.26
C SER K 407 -15.68 11.66 -39.16
N ASN K 408 -15.83 12.13 -37.92
CA ASN K 408 -16.42 13.43 -37.65
C ASN K 408 -15.30 14.41 -37.35
N ILE K 409 -15.26 15.52 -38.08
CA ILE K 409 -14.35 16.61 -37.77
C ILE K 409 -15.05 17.44 -36.72
N THR K 410 -14.45 17.51 -35.54
CA THR K 410 -15.02 18.20 -34.40
C THR K 410 -14.27 19.45 -34.02
N GLY K 411 -13.05 19.64 -34.55
CA GLY K 411 -12.32 20.86 -34.28
C GLY K 411 -11.12 20.98 -35.20
N LEU K 412 -10.58 22.19 -35.22
CA LEU K 412 -9.44 22.57 -36.03
C LEU K 412 -8.32 23.11 -35.15
N ILE K 413 -7.08 22.98 -35.61
CA ILE K 413 -5.95 23.69 -35.02
C ILE K 413 -5.49 24.68 -36.07
N LEU K 414 -5.52 25.96 -35.74
CA LEU K 414 -5.11 27.05 -36.63
C LEU K 414 -3.91 27.81 -36.05
N THR K 415 -3.10 28.35 -36.94
CA THR K 415 -2.01 29.24 -36.59
C THR K 415 -2.26 30.55 -37.32
N ARG K 416 -1.58 31.60 -36.88
CA ARG K 416 -1.74 32.93 -37.47
C ARG K 416 -0.38 33.50 -37.80
N ASP K 417 -0.29 34.20 -38.92
CA ASP K 417 0.96 34.83 -39.33
C ASP K 417 1.09 36.26 -38.85
N GLY K 418 -0.01 36.99 -38.73
CA GLY K 418 -0.02 38.40 -38.39
C GLY K 418 -0.40 39.23 -39.59
N GLY K 419 -1.17 40.29 -39.35
CA GLY K 419 -1.63 41.17 -40.41
C GLY K 419 -0.50 41.81 -41.19
N SER K 423 -0.95 46.37 -42.38
CA SER K 423 -0.90 45.59 -41.15
C SER K 423 -2.29 45.03 -40.80
N THR K 424 -3.08 44.74 -41.82
CA THR K 424 -4.43 44.19 -41.67
C THR K 424 -4.56 42.96 -42.57
N THR K 425 -5.77 42.39 -42.58
CA THR K 425 -6.08 41.17 -43.32
C THR K 425 -5.31 40.01 -42.71
N GLU K 426 -5.82 39.46 -41.61
CA GLU K 426 -5.16 38.37 -40.93
C GLU K 426 -5.28 37.08 -41.73
N THR K 427 -4.18 36.33 -41.78
CA THR K 427 -4.13 35.05 -42.48
C THR K 427 -3.93 33.90 -41.49
N PHE K 428 -4.77 32.88 -41.62
CA PHE K 428 -4.78 31.69 -40.78
C PHE K 428 -4.40 30.48 -41.62
N ARG K 429 -3.63 29.58 -41.02
CA ARG K 429 -3.17 28.37 -41.68
C ARG K 429 -3.41 27.16 -40.79
N PRO K 430 -3.61 25.97 -41.35
CA PRO K 430 -3.63 24.77 -40.51
C PRO K 430 -2.34 24.65 -39.74
N GLY K 431 -2.44 24.25 -38.48
CA GLY K 431 -1.31 24.09 -37.62
C GLY K 431 -0.87 22.66 -37.43
N GLY K 432 -0.35 22.39 -36.24
CA GLY K 432 0.19 21.09 -35.89
C GLY K 432 0.87 21.25 -34.55
N GLY K 433 1.51 20.18 -34.10
CA GLY K 433 2.13 20.27 -32.80
C GLY K 433 2.63 18.92 -32.31
N ASP K 434 2.81 18.88 -31.00
CA ASP K 434 3.34 17.75 -30.24
C ASP K 434 2.21 16.84 -29.76
N MET K 435 0.99 17.06 -30.25
CA MET K 435 -0.25 16.35 -29.95
C MET K 435 -0.77 16.65 -28.55
N ARG K 436 -0.17 17.61 -27.84
CA ARG K 436 -0.74 18.02 -26.56
C ARG K 436 -1.98 18.85 -26.81
N ASP K 437 -2.00 19.57 -27.94
CA ASP K 437 -3.16 20.39 -28.29
C ASP K 437 -4.36 19.51 -28.62
N ASN K 438 -4.12 18.30 -29.12
CA ASN K 438 -5.24 17.42 -29.42
C ASN K 438 -5.97 17.07 -28.14
N TRP K 439 -5.23 17.00 -27.03
CA TRP K 439 -5.75 16.65 -25.71
C TRP K 439 -5.94 17.88 -24.83
N ARG K 440 -6.04 19.05 -25.45
CA ARG K 440 -6.47 20.29 -24.83
C ARG K 440 -7.82 20.69 -25.36
N SER K 441 -8.13 20.29 -26.59
CA SER K 441 -9.47 20.51 -27.12
C SER K 441 -10.42 19.67 -26.28
N GLU K 442 -10.07 18.40 -26.08
CA GLU K 442 -10.74 17.57 -25.10
C GLU K 442 -10.06 17.89 -23.77
N LEU K 443 -10.76 17.62 -22.67
CA LEU K 443 -10.29 17.87 -21.31
C LEU K 443 -10.13 19.35 -21.03
N TYR K 444 -10.69 20.22 -21.89
CA TYR K 444 -10.61 21.65 -21.67
C TYR K 444 -11.42 22.08 -20.45
N LYS K 445 -12.40 21.27 -20.06
CA LYS K 445 -13.32 21.58 -19.00
C LYS K 445 -12.99 20.97 -17.66
N TYR K 446 -11.86 20.26 -17.50
CA TYR K 446 -11.55 19.60 -16.23
C TYR K 446 -10.33 20.18 -15.53
N LYS K 447 -10.41 20.16 -14.20
CA LYS K 447 -9.36 20.58 -13.29
C LYS K 447 -9.25 19.57 -12.16
N VAL K 448 -8.03 19.28 -11.69
CA VAL K 448 -7.81 18.37 -10.57
C VAL K 448 -7.57 19.20 -9.34
N VAL K 449 -8.32 18.93 -8.26
CA VAL K 449 -8.15 19.64 -7.00
C VAL K 449 -7.96 18.65 -5.86
N LYS K 450 -7.17 19.05 -4.88
CA LYS K 450 -6.93 18.29 -3.65
C LYS K 450 -7.94 18.72 -2.61
N ILE K 451 -8.52 17.75 -1.92
CA ILE K 451 -9.50 18.02 -0.87
C ILE K 451 -8.75 18.28 0.44
N GLU K 452 -9.14 19.36 1.12
CA GLU K 452 -8.52 19.78 2.38
C GLU K 452 -9.60 19.74 3.44
N PRO K 453 -9.90 18.54 3.99
CA PRO K 453 -11.09 18.38 4.83
C PRO K 453 -10.97 19.04 6.20
N LEU K 454 -9.78 19.46 6.61
CA LEU K 454 -9.55 20.00 7.94
C LEU K 454 -9.49 21.52 7.90
N GLY K 455 -10.16 22.16 8.85
CA GLY K 455 -10.15 23.60 8.96
C GLY K 455 -10.64 24.03 10.32
N VAL K 456 -10.55 25.33 10.59
CA VAL K 456 -10.92 25.91 11.87
C VAL K 456 -11.82 27.12 11.66
N ALA K 457 -12.62 27.42 12.68
CA ALA K 457 -13.45 28.61 12.60
C ALA K 457 -13.88 29.04 14.01
N PRO K 458 -14.15 30.33 14.23
CA PRO K 458 -14.64 30.75 15.55
C PRO K 458 -16.07 30.33 15.81
N THR K 459 -16.33 29.86 17.02
CA THR K 459 -17.67 29.53 17.48
C THR K 459 -17.77 29.94 18.94
N ARG K 460 -18.96 29.83 19.51
CA ARG K 460 -19.13 30.07 20.94
C ARG K 460 -18.82 28.82 21.78
N CYS K 461 -18.47 27.72 21.12
CA CYS K 461 -18.27 26.43 21.77
C CYS K 461 -16.84 26.30 22.32
N LYS K 462 -16.73 25.97 23.61
CA LYS K 462 -15.45 25.77 24.29
C LYS K 462 -15.42 24.38 24.90
N ARG K 463 -14.22 23.82 24.99
CA ARG K 463 -14.05 22.44 25.48
C ARG K 463 -14.67 22.24 26.85
N ARG K 464 -14.52 23.22 27.74
CA ARG K 464 -15.06 23.10 29.09
C ARG K 464 -16.57 23.31 29.11
N SER L 8 -26.48 13.84 1.26
CA SER L 8 -27.73 14.38 0.73
C SER L 8 -27.45 15.20 -0.52
N LEU L 9 -26.57 16.18 -0.40
CA LEU L 9 -26.21 17.05 -1.52
C LEU L 9 -25.05 16.52 -2.34
N GLY L 10 -24.41 15.42 -1.93
CA GLY L 10 -23.27 14.87 -2.64
C GLY L 10 -21.96 15.25 -1.98
N PHE L 11 -20.90 14.63 -2.52
CA PHE L 11 -19.54 14.75 -1.97
C PHE L 11 -19.11 16.19 -1.70
N LEU L 12 -19.26 17.09 -2.67
CA LEU L 12 -18.97 18.51 -2.45
C LEU L 12 -20.20 19.38 -2.67
N GLY L 13 -21.40 18.81 -2.50
CA GLY L 13 -22.62 19.56 -2.78
C GLY L 13 -22.75 20.82 -1.95
N ALA L 14 -22.20 20.80 -0.74
CA ALA L 14 -22.26 21.93 0.17
C ALA L 14 -21.14 22.93 -0.06
N ALA L 15 -20.27 22.70 -1.04
CA ALA L 15 -19.11 23.56 -1.24
C ALA L 15 -19.50 25.02 -1.44
N GLY L 16 -20.63 25.28 -2.09
CA GLY L 16 -21.08 26.64 -2.30
C GLY L 16 -22.06 27.14 -1.27
N SER L 17 -22.38 26.33 -0.27
CA SER L 17 -23.35 26.69 0.76
C SER L 17 -22.62 27.48 1.84
N THR L 18 -23.37 28.09 2.75
CA THR L 18 -22.70 28.86 3.77
C THR L 18 -22.00 27.92 4.74
N MET L 19 -21.09 28.49 5.54
CA MET L 19 -20.33 27.69 6.50
C MET L 19 -21.24 26.96 7.47
N GLY L 20 -22.32 27.59 7.90
CA GLY L 20 -23.23 26.88 8.80
C GLY L 20 -23.89 25.69 8.14
N ALA L 21 -24.46 25.90 6.94
CA ALA L 21 -25.15 24.81 6.26
C ALA L 21 -24.18 23.67 5.95
N ALA L 22 -22.95 24.01 5.58
CA ALA L 22 -22.01 22.98 5.19
C ALA L 22 -21.48 22.21 6.38
N SER L 23 -21.78 22.66 7.59
CA SER L 23 -21.31 21.98 8.78
C SER L 23 -22.18 20.76 9.06
N MET L 24 -23.30 20.60 8.34
CA MET L 24 -24.17 19.46 8.51
C MET L 24 -23.80 18.29 7.60
N THR L 25 -22.79 18.45 6.74
CA THR L 25 -22.40 17.45 5.74
C THR L 25 -21.00 16.91 5.95
N LEU L 26 -20.43 17.09 7.15
CA LEU L 26 -19.05 16.69 7.39
C LEU L 26 -18.80 15.21 7.13
N THR L 27 -19.80 14.36 7.34
CA THR L 27 -19.61 12.94 7.10
C THR L 27 -19.61 12.63 5.62
N VAL L 28 -20.22 13.48 4.81
CA VAL L 28 -20.31 13.24 3.37
C VAL L 28 -18.92 13.37 2.77
N GLN L 29 -18.18 14.40 3.19
CA GLN L 29 -16.81 14.58 2.69
C GLN L 29 -15.87 13.61 3.39
N ALA L 30 -16.05 13.38 4.68
CA ALA L 30 -15.12 12.51 5.41
C ALA L 30 -15.13 11.08 4.88
N ARG L 31 -16.30 10.56 4.50
CA ARG L 31 -16.36 9.17 4.07
C ARG L 31 -15.80 8.92 2.68
N ASN L 32 -15.45 9.96 1.93
CA ASN L 32 -14.90 9.84 0.58
C ASN L 32 -13.41 10.15 0.51
N LEU L 33 -12.71 10.20 1.63
CA LEU L 33 -11.28 10.48 1.62
C LEU L 33 -10.42 9.23 1.42
N LEU L 34 -10.92 8.05 1.78
CA LEU L 34 -10.19 6.81 1.59
C LEU L 34 -10.55 6.09 0.30
N SER L 35 -11.76 6.26 -0.20
CA SER L 35 -12.20 5.55 -1.40
C SER L 35 -13.50 6.16 -1.95
N HIS L 59 5.23 2.91 -14.73
CA HIS L 59 4.74 1.58 -14.44
C HIS L 59 3.34 1.79 -13.82
N TRP L 60 2.36 0.97 -14.20
CA TRP L 60 1.00 1.16 -13.71
C TRP L 60 0.85 0.74 -12.25
N GLY L 61 1.59 -0.27 -11.82
CA GLY L 61 1.49 -0.73 -10.46
C GLY L 61 2.07 0.30 -9.52
N ILE L 62 3.21 0.87 -9.90
CA ILE L 62 3.85 1.89 -9.07
C ILE L 62 2.96 3.12 -8.98
N LYS L 63 2.40 3.56 -10.11
CA LYS L 63 1.53 4.74 -10.07
C LYS L 63 0.31 4.51 -9.19
N GLN L 64 -0.29 3.31 -9.27
CA GLN L 64 -1.46 3.03 -8.44
C GLN L 64 -1.09 2.96 -6.97
N LEU L 65 0.06 2.35 -6.67
CA LEU L 65 0.51 2.28 -5.29
C LEU L 65 0.88 3.65 -4.74
N GLN L 66 1.50 4.50 -5.55
CA GLN L 66 1.83 5.84 -5.06
C GLN L 66 0.55 6.61 -4.78
N ALA L 67 -0.46 6.46 -5.65
CA ALA L 67 -1.72 7.16 -5.41
C ALA L 67 -2.36 6.68 -4.12
N ARG L 68 -2.33 5.37 -3.86
CA ARG L 68 -2.97 4.85 -2.65
C ARG L 68 -2.18 5.24 -1.41
N VAL L 69 -0.86 5.15 -1.47
CA VAL L 69 -0.03 5.47 -0.31
C VAL L 69 -0.14 6.94 0.00
N LEU L 70 -0.13 7.79 -1.03
CA LEU L 70 -0.24 9.23 -0.77
C LEU L 70 -1.59 9.55 -0.14
N ALA L 71 -2.68 8.95 -0.64
CA ALA L 71 -3.99 9.21 -0.05
C ALA L 71 -4.02 8.77 1.41
N VAL L 72 -3.40 7.62 1.70
CA VAL L 72 -3.34 7.12 3.06
C VAL L 72 -2.51 8.04 3.94
N GLU L 73 -1.36 8.50 3.45
CA GLU L 73 -0.53 9.38 4.26
C GLU L 73 -1.25 10.68 4.55
N HIS L 74 -1.99 11.23 3.58
CA HIS L 74 -2.68 12.48 3.87
C HIS L 74 -3.76 12.25 4.92
N TYR L 75 -4.48 11.13 4.80
CA TYR L 75 -5.52 10.82 5.78
C TYR L 75 -4.90 10.68 7.17
N LEU L 76 -3.82 9.91 7.27
CA LEU L 76 -3.21 9.67 8.56
C LEU L 76 -2.59 10.93 9.15
N ARG L 77 -2.00 11.79 8.32
CA ARG L 77 -1.46 13.02 8.87
C ARG L 77 -2.58 13.88 9.45
N ASP L 78 -3.73 13.92 8.78
CA ASP L 78 -4.83 14.72 9.33
C ASP L 78 -5.39 14.08 10.59
N GLN L 79 -5.47 12.74 10.63
CA GLN L 79 -5.97 12.10 11.84
C GLN L 79 -4.99 12.24 12.99
N GLN L 80 -3.69 12.17 12.71
CA GLN L 80 -2.70 12.36 13.75
C GLN L 80 -2.79 13.76 14.30
N LEU L 81 -2.97 14.73 13.40
CA LEU L 81 -3.03 16.11 13.83
C LEU L 81 -4.25 16.34 14.71
N LEU L 82 -5.39 15.74 14.35
CA LEU L 82 -6.56 15.85 15.21
C LEU L 82 -6.30 15.19 16.56
N GLY L 83 -5.60 14.06 16.56
CA GLY L 83 -5.28 13.39 17.82
C GLY L 83 -4.41 14.23 18.72
N ILE L 84 -3.42 14.92 18.14
CA ILE L 84 -2.53 15.79 18.90
C ILE L 84 -3.32 16.88 19.59
N TRP L 85 -4.34 17.41 18.92
CA TRP L 85 -5.19 18.44 19.46
C TRP L 85 -6.23 17.92 20.45
N GLY L 86 -6.31 16.61 20.65
CA GLY L 86 -7.32 16.04 21.52
C GLY L 86 -8.67 15.88 20.87
N CYS L 87 -8.72 15.87 19.54
CA CYS L 87 -9.96 15.81 18.77
C CYS L 87 -10.13 14.47 18.06
N SER L 88 -9.40 13.44 18.48
CA SER L 88 -9.49 12.13 17.83
C SER L 88 -10.90 11.59 17.92
N GLY L 89 -11.39 11.06 16.80
CA GLY L 89 -12.69 10.44 16.74
C GLY L 89 -13.86 11.39 16.55
N LYS L 90 -13.59 12.69 16.38
CA LYS L 90 -14.64 13.69 16.23
C LYS L 90 -14.50 14.39 14.88
N LEU L 91 -15.64 14.86 14.37
CA LEU L 91 -15.67 15.71 13.18
C LEU L 91 -15.80 17.18 13.55
N ILE L 92 -16.46 17.48 14.67
CA ILE L 92 -16.58 18.82 15.20
C ILE L 92 -15.95 18.74 16.58
N CYS L 93 -14.94 19.57 16.83
CA CYS L 93 -14.22 19.53 18.08
C CYS L 93 -13.99 20.93 18.62
N CYS L 94 -14.37 21.15 19.87
CA CYS L 94 -14.25 22.44 20.52
C CYS L 94 -13.07 22.40 21.47
N THR L 95 -12.20 23.40 21.38
CA THR L 95 -11.01 23.52 22.20
C THR L 95 -11.10 24.71 23.17
N ASN L 96 -10.00 24.91 23.89
CA ASN L 96 -9.83 25.98 24.87
C ASN L 96 -8.95 27.12 24.35
N VAL L 97 -8.68 27.17 23.05
CA VAL L 97 -7.88 28.22 22.45
C VAL L 97 -8.81 29.38 22.07
N PRO L 98 -8.63 30.58 22.61
CA PRO L 98 -9.52 31.68 22.28
C PRO L 98 -9.26 32.15 20.86
N TRP L 99 -10.28 32.74 20.23
CA TRP L 99 -10.09 33.30 18.90
C TRP L 99 -9.51 34.70 19.04
N ASN L 100 -8.43 34.94 18.31
CA ASN L 100 -7.76 36.23 18.27
C ASN L 100 -8.34 37.08 17.13
N SER L 101 -8.78 38.29 17.47
CA SER L 101 -9.40 39.16 16.47
C SER L 101 -8.43 39.57 15.37
N SER L 102 -7.12 39.39 15.58
CA SER L 102 -6.15 39.70 14.54
C SER L 102 -6.19 38.68 13.40
N TRP L 103 -6.73 37.49 13.64
CA TRP L 103 -6.85 36.49 12.59
C TRP L 103 -8.03 36.80 11.70
N SER L 104 -9.16 37.14 12.32
CA SER L 104 -10.36 37.55 11.60
C SER L 104 -11.24 38.26 12.63
N ASN L 105 -11.70 39.47 12.30
CA ASN L 105 -12.55 40.24 13.18
C ASN L 105 -14.00 40.24 12.74
N ARG L 106 -14.39 39.30 11.88
CA ARG L 106 -15.75 39.20 11.43
C ARG L 106 -16.58 38.51 12.50
N ASN L 107 -17.80 38.97 12.70
CA ASN L 107 -18.66 38.36 13.71
C ASN L 107 -19.30 37.09 13.15
N LEU L 108 -20.00 36.37 14.04
CA LEU L 108 -20.57 35.08 13.68
C LEU L 108 -21.57 35.19 12.55
N SER L 109 -22.28 36.31 12.44
CA SER L 109 -23.27 36.46 11.39
C SER L 109 -22.63 36.71 10.02
N GLU L 110 -21.32 36.96 9.99
CA GLU L 110 -20.57 37.18 8.76
C GLU L 110 -19.72 35.97 8.38
N ILE L 111 -19.63 34.96 9.24
CA ILE L 111 -18.80 33.79 9.02
C ILE L 111 -19.67 32.56 8.80
N TRP L 112 -20.64 32.33 9.67
CA TRP L 112 -21.46 31.13 9.60
C TRP L 112 -22.67 31.32 8.69
N ASP L 113 -22.87 32.53 8.19
CA ASP L 113 -23.92 32.87 7.26
C ASP L 113 -23.28 33.93 6.35
N ASN L 114 -23.82 34.09 5.16
CA ASN L 114 -23.28 35.05 4.20
C ASN L 114 -21.82 34.76 3.84
N MET L 115 -21.35 33.53 4.03
CA MET L 115 -19.97 33.18 3.69
C MET L 115 -19.83 31.67 3.56
N THR L 116 -19.00 31.24 2.60
CA THR L 116 -18.71 29.84 2.36
C THR L 116 -17.36 29.45 2.98
N TRP L 117 -17.13 28.13 3.04
CA TRP L 117 -15.86 27.65 3.59
C TRP L 117 -14.68 27.97 2.67
N LEU L 118 -14.90 28.08 1.36
CA LEU L 118 -13.78 28.41 0.47
C LEU L 118 -13.30 29.83 0.73
N GLN L 119 -14.22 30.76 0.92
CA GLN L 119 -13.81 32.14 1.19
C GLN L 119 -13.11 32.20 2.54
N TRP L 120 -13.61 31.44 3.50
CA TRP L 120 -12.98 31.43 4.82
C TRP L 120 -11.58 30.88 4.74
N ASP L 121 -11.38 29.78 4.00
CA ASP L 121 -10.05 29.22 3.86
C ASP L 121 -9.12 30.23 3.20
N LYS L 122 -9.64 31.00 2.24
CA LYS L 122 -8.82 32.02 1.61
C LYS L 122 -8.41 33.08 2.63
N GLU L 123 -9.33 33.42 3.55
CA GLU L 123 -8.99 34.41 4.57
C GLU L 123 -8.09 33.83 5.66
N ILE L 124 -8.36 32.60 6.12
CA ILE L 124 -7.52 31.98 7.15
C ILE L 124 -6.50 31.10 6.45
N SER L 125 -5.46 31.74 5.95
CA SER L 125 -4.34 31.10 5.27
C SER L 125 -3.05 31.41 6.02
N ASN L 126 -2.72 32.69 6.14
CA ASN L 126 -1.51 33.14 6.82
C ASN L 126 -1.52 32.80 8.31
N TYR L 127 -2.70 32.49 8.88
CA TYR L 127 -2.85 32.23 10.31
C TYR L 127 -3.08 30.77 10.65
N THR L 128 -3.12 29.88 9.65
CA THR L 128 -3.44 28.48 9.91
C THR L 128 -2.36 27.82 10.78
N GLN L 129 -1.08 28.10 10.52
CA GLN L 129 -0.04 27.45 11.30
C GLN L 129 0.02 27.99 12.72
N ILE L 130 -0.36 29.25 12.92
CA ILE L 130 -0.37 29.82 14.26
C ILE L 130 -1.45 29.11 15.07
N ILE L 131 -2.63 28.94 14.46
CA ILE L 131 -3.74 28.29 15.16
C ILE L 131 -3.37 26.86 15.47
N TYR L 132 -2.76 26.15 14.51
CA TYR L 132 -2.40 24.76 14.77
C TYR L 132 -1.39 24.66 15.91
N GLY L 133 -0.42 25.57 15.96
CA GLY L 133 0.53 25.56 17.05
C GLY L 133 -0.14 25.79 18.39
N LEU L 134 -1.09 26.71 18.43
CA LEU L 134 -1.81 26.97 19.67
C LEU L 134 -2.64 25.77 20.07
N LEU L 135 -3.24 25.09 19.10
CA LEU L 135 -4.05 23.91 19.42
C LEU L 135 -3.18 22.81 20.03
N GLU L 136 -1.98 22.62 19.48
CA GLU L 136 -1.07 21.64 20.03
C GLU L 136 -0.66 21.99 21.45
N GLU L 137 -0.34 23.26 21.69
CA GLU L 137 0.09 23.64 23.04
C GLU L 137 -1.07 23.52 24.03
N SER L 138 -2.26 23.90 23.60
CA SER L 138 -3.42 23.81 24.49
C SER L 138 -3.68 22.37 24.88
N GLN L 139 -3.59 21.45 23.91
CA GLN L 139 -3.82 20.06 24.28
C GLN L 139 -2.71 19.54 25.18
N ASN L 140 -1.47 19.97 24.97
CA ASN L 140 -0.41 19.50 25.87
C ASN L 140 -0.71 19.92 27.30
N GLN L 141 -1.20 21.15 27.48
CA GLN L 141 -1.54 21.59 28.81
C GLN L 141 -2.74 20.83 29.35
N GLN L 142 -3.70 20.53 28.48
CA GLN L 142 -4.88 19.79 28.90
C GLN L 142 -4.50 18.39 29.37
N GLU L 143 -3.57 17.74 28.67
CA GLU L 143 -3.16 16.40 29.05
C GLU L 143 -2.41 16.42 30.37
N LYS L 144 -1.54 17.41 30.57
CA LYS L 144 -0.83 17.46 31.85
C LYS L 144 -1.80 17.74 33.00
N ASN L 145 -2.78 18.62 32.77
CA ASN L 145 -3.74 18.92 33.83
C ASN L 145 -4.61 17.72 34.14
N GLU L 146 -5.00 16.95 33.12
CA GLU L 146 -5.80 15.76 33.38
C GLU L 146 -4.98 14.74 34.15
N GLN L 147 -3.70 14.59 33.80
CA GLN L 147 -2.87 13.64 34.50
C GLN L 147 -2.73 14.02 35.97
N ASP L 148 -2.57 15.32 36.25
CA ASP L 148 -2.44 15.73 37.64
C ASP L 148 -3.77 15.56 38.39
N LEU L 149 -4.89 15.85 37.75
CA LEU L 149 -6.17 15.72 38.44
C LEU L 149 -6.47 14.26 38.74
N LEU L 150 -6.14 13.37 37.80
CA LEU L 150 -6.37 11.95 37.99
C LEU L 150 -5.41 11.34 38.99
N ALA L 151 -4.30 12.00 39.28
CA ALA L 151 -3.37 11.53 40.30
C ALA L 151 -3.79 11.89 41.71
N LEU L 152 -4.82 12.70 41.90
CA LEU L 152 -5.29 13.02 43.24
C LEU L 152 -6.08 11.83 43.77
N ASP L 153 -5.78 11.42 44.99
CA ASP L 153 -6.49 10.28 45.56
C ASP L 153 -7.89 10.72 45.97
N GLU M 2 3.33 2.28 47.62
CA GLU M 2 3.60 3.35 46.66
C GLU M 2 2.35 3.64 45.82
N ASN M 3 1.55 2.60 45.59
CA ASN M 3 0.32 2.70 44.80
C ASN M 3 0.54 3.32 43.42
N LEU M 4 1.57 2.84 42.73
CA LEU M 4 1.88 3.33 41.39
C LEU M 4 1.08 2.54 40.35
N TRP M 5 0.77 3.21 39.24
CA TRP M 5 -0.03 2.66 38.16
C TRP M 5 0.74 2.79 36.85
N VAL M 6 0.43 1.89 35.91
CA VAL M 6 1.06 1.96 34.59
C VAL M 6 0.45 3.10 33.80
N THR M 7 1.29 3.99 33.28
CA THR M 7 0.88 5.07 32.40
C THR M 7 1.54 4.85 31.05
N VAL M 8 0.74 4.93 29.99
CA VAL M 8 1.19 4.70 28.62
C VAL M 8 1.52 6.05 27.98
N TYR M 9 2.73 6.17 27.45
CA TYR M 9 3.23 7.38 26.81
C TYR M 9 3.52 7.08 25.35
N TYR M 10 3.02 7.93 24.46
CA TYR M 10 3.24 7.80 23.02
C TYR M 10 3.99 9.05 22.58
N GLY M 11 5.08 8.85 21.87
CA GLY M 11 5.95 9.92 21.45
C GLY M 11 7.21 9.96 22.28
N VAL M 12 7.60 8.85 22.89
CA VAL M 12 8.78 8.77 23.75
C VAL M 12 10.05 8.85 22.91
N PRO M 13 11.02 9.75 23.24
CA PRO M 13 12.25 9.89 22.42
C PRO M 13 13.27 8.78 22.65
N VAL M 14 12.90 7.55 22.29
CA VAL M 14 13.80 6.40 22.38
C VAL M 14 13.85 5.70 21.04
N TRP M 15 14.90 4.88 20.87
CA TRP M 15 15.10 4.17 19.62
C TRP M 15 15.87 2.89 19.86
N LYS M 16 15.83 2.02 18.85
CA LYS M 16 16.55 0.75 18.86
C LYS M 16 17.30 0.62 17.54
N ASP M 17 18.40 -0.15 17.57
CA ASP M 17 19.15 -0.37 16.34
C ASP M 17 18.25 -1.02 15.31
N ALA M 18 18.33 -0.56 14.06
CA ALA M 18 17.51 -1.15 13.01
C ALA M 18 18.17 -1.00 11.66
N GLU M 19 17.80 -1.91 10.76
CA GLU M 19 18.24 -1.92 9.37
C GLU M 19 17.00 -1.74 8.51
N THR M 20 16.95 -0.65 7.74
CA THR M 20 15.80 -0.38 6.88
C THR M 20 16.27 0.13 5.53
N THR M 21 15.29 0.44 4.68
CA THR M 21 15.54 0.97 3.35
C THR M 21 15.63 2.48 3.42
N LEU M 22 16.72 3.04 2.93
CA LEU M 22 16.92 4.49 2.87
C LEU M 22 16.70 4.91 1.43
N PHE M 23 16.30 6.18 1.24
CA PHE M 23 16.11 6.70 -0.11
C PHE M 23 17.12 7.80 -0.42
N CYS M 24 17.35 7.99 -1.71
CA CYS M 24 18.23 9.03 -2.21
C CYS M 24 17.58 10.40 -2.30
N ALA M 25 18.34 11.41 -1.89
CA ALA M 25 18.00 12.80 -2.15
C ALA M 25 19.22 13.41 -2.85
N SER M 26 18.96 14.30 -3.80
CA SER M 26 20.03 14.95 -4.55
C SER M 26 19.60 16.30 -5.12
N HIS M 36 21.93 12.22 -18.44
CA HIS M 36 23.07 13.12 -18.29
C HIS M 36 23.99 12.72 -17.14
N ASN M 37 23.52 11.81 -16.28
CA ASN M 37 24.31 11.33 -15.15
C ASN M 37 23.86 9.92 -14.83
N VAL M 38 24.73 9.18 -14.15
CA VAL M 38 24.38 7.81 -13.76
C VAL M 38 23.14 7.82 -12.86
N TRP M 39 23.07 8.79 -11.95
CA TRP M 39 21.90 8.90 -11.08
C TRP M 39 20.71 9.48 -11.85
N ALA M 40 20.97 10.50 -12.67
CA ALA M 40 19.97 11.20 -13.50
C ALA M 40 18.76 11.70 -12.71
N THR M 41 18.83 11.77 -11.38
CA THR M 41 17.75 12.13 -10.47
C THR M 41 16.65 11.07 -10.40
N HIS M 42 16.72 10.00 -11.20
CA HIS M 42 15.59 9.08 -11.31
C HIS M 42 15.35 8.33 -10.01
N ALA M 43 16.42 8.00 -9.29
CA ALA M 43 16.32 7.29 -8.02
C ALA M 43 16.26 8.21 -6.81
N CYS M 44 16.24 9.54 -7.02
CA CYS M 44 16.39 10.50 -5.94
C CYS M 44 15.21 11.46 -5.89
N VAL M 45 15.03 12.06 -4.72
CA VAL M 45 14.02 13.08 -4.48
C VAL M 45 14.74 14.39 -4.20
N SER M 46 13.97 15.47 -4.11
CA SER M 46 14.55 16.77 -3.85
C SER M 46 15.26 16.79 -2.50
N THR M 47 16.37 17.52 -2.44
CA THR M 47 17.14 17.66 -1.21
C THR M 47 16.48 18.69 -0.32
N ASP M 48 16.43 18.40 0.97
CA ASP M 48 15.91 19.35 1.94
C ASP M 48 16.76 20.61 1.85
N PRO M 49 16.20 21.76 1.48
CA PRO M 49 17.05 22.96 1.33
C PRO M 49 17.67 23.44 2.63
N ASN M 50 17.18 23.01 3.79
CA ASN M 50 17.74 23.45 5.08
C ASN M 50 17.62 22.32 6.09
N PRO M 51 18.48 21.31 5.99
CA PRO M 51 18.38 20.15 6.89
C PRO M 51 18.54 20.61 8.33
N GLN M 52 17.77 20.00 9.23
CA GLN M 52 17.81 20.32 10.65
C GLN M 52 18.53 19.23 11.43
N GLU M 53 19.71 19.57 11.93
CA GLU M 53 20.53 18.67 12.73
C GLU M 53 20.23 19.00 14.18
N ILE M 54 19.73 18.03 14.92
CA ILE M 54 19.34 18.23 16.31
C ILE M 54 20.38 17.61 17.22
N HIS M 55 21.09 18.46 17.96
CA HIS M 55 22.13 17.94 18.85
C HIS M 55 21.47 17.26 20.02
N LEU M 56 21.95 16.08 20.39
CA LEU M 56 21.40 15.35 21.52
C LEU M 56 22.36 15.48 22.69
N GLU M 57 22.00 16.33 23.66
CA GLU M 57 22.87 16.51 24.81
C GLU M 57 22.74 15.31 25.74
N ASN M 58 23.86 14.94 26.36
CA ASN M 58 23.90 13.85 27.34
C ASN M 58 23.41 12.54 26.72
N VAL M 59 23.70 12.32 25.44
CA VAL M 59 23.36 11.07 24.77
C VAL M 59 24.62 10.44 24.21
N THR M 60 25.00 9.28 24.74
CA THR M 60 26.16 8.54 24.29
C THR M 60 25.61 7.40 23.47
N GLU M 61 26.08 7.26 22.23
CA GLU M 61 25.53 6.26 21.31
C GLU M 61 26.64 5.37 20.81
N GLU M 62 26.43 4.05 20.86
CA GLU M 62 27.43 3.11 20.41
C GLU M 62 27.35 2.92 18.90
N PHE M 63 28.46 3.18 18.21
CA PHE M 63 28.54 3.07 16.76
C PHE M 63 29.47 1.92 16.40
N ASN M 64 29.27 1.34 15.22
CA ASN M 64 30.18 0.33 14.68
C ASN M 64 30.13 0.46 13.17
N MET M 65 31.15 1.09 12.58
CA MET M 65 31.11 1.36 11.15
C MET M 65 31.19 0.09 10.31
N TRP M 66 31.72 -1.01 10.86
CA TRP M 66 31.89 -2.23 10.08
C TRP M 66 30.66 -3.12 10.12
N LYS M 67 29.62 -2.70 10.85
CA LYS M 67 28.35 -3.41 10.94
C LYS M 67 27.22 -2.52 10.45
N ASN M 68 27.57 -1.43 9.77
CA ASN M 68 26.64 -0.41 9.30
C ASN M 68 25.97 -0.87 8.02
N ASN M 69 24.68 -1.20 8.10
CA ASN M 69 23.96 -1.70 6.94
C ASN M 69 23.87 -0.65 5.84
N MET M 70 24.11 0.63 6.16
CA MET M 70 24.05 1.68 5.18
C MET M 70 25.09 1.47 4.09
N VAL M 71 26.23 0.87 4.45
CA VAL M 71 27.28 0.66 3.46
C VAL M 71 26.86 -0.42 2.48
N GLU M 72 26.30 -1.53 2.97
CA GLU M 72 25.89 -2.58 2.07
C GLU M 72 24.75 -2.09 1.19
N GLN M 73 23.85 -1.29 1.76
CA GLN M 73 22.74 -0.78 0.97
C GLN M 73 23.25 0.17 -0.10
N MET M 74 24.23 1.02 0.25
CA MET M 74 24.81 1.92 -0.74
C MET M 74 25.49 1.12 -1.84
N HIS M 75 26.23 0.08 -1.48
CA HIS M 75 26.93 -0.74 -2.46
C HIS M 75 25.94 -1.33 -3.45
N GLU M 76 24.85 -1.91 -2.92
CA GLU M 76 23.83 -2.49 -3.77
C GLU M 76 23.16 -1.45 -4.65
N ASP M 77 22.94 -0.25 -4.12
CA ASP M 77 22.29 0.79 -4.91
C ASP M 77 23.21 1.29 -6.01
N ILE M 78 24.51 1.40 -5.75
CA ILE M 78 25.43 1.87 -6.78
C ILE M 78 25.50 0.83 -7.89
N ILE M 79 25.58 -0.45 -7.54
CA ILE M 79 25.69 -1.46 -8.60
C ILE M 79 24.40 -1.54 -9.40
N SER M 80 23.24 -1.55 -8.73
CA SER M 80 21.97 -1.64 -9.45
C SER M 80 21.79 -0.43 -10.36
N LEU M 81 22.12 0.76 -9.85
CA LEU M 81 22.00 1.97 -10.64
C LEU M 81 22.94 1.94 -11.83
N TRP M 82 24.18 1.49 -11.61
CA TRP M 82 25.15 1.37 -12.68
C TRP M 82 24.61 0.49 -13.80
N ASP M 83 24.07 -0.67 -13.44
CA ASP M 83 23.52 -1.56 -14.46
C ASP M 83 22.37 -0.91 -15.19
N GLN M 84 21.52 -0.17 -14.47
CA GLN M 84 20.42 0.50 -15.14
C GLN M 84 20.93 1.57 -16.10
N SER M 85 22.00 2.26 -15.70
CA SER M 85 22.58 3.31 -16.53
C SER M 85 23.15 2.74 -17.83
N LEU M 86 23.85 1.61 -17.75
CA LEU M 86 24.45 1.05 -18.96
C LEU M 86 23.49 0.22 -19.81
N LYS M 87 22.42 -0.31 -19.23
CA LYS M 87 21.47 -1.15 -19.97
C LYS M 87 20.97 -0.48 -21.25
N PRO M 88 20.39 0.74 -21.23
CA PRO M 88 19.89 1.35 -22.47
C PRO M 88 20.99 2.02 -23.29
N CYS M 89 22.00 1.24 -23.70
CA CYS M 89 23.14 1.79 -24.44
C CYS M 89 23.52 0.80 -25.54
N VAL M 90 24.49 1.23 -26.36
CA VAL M 90 24.88 0.45 -27.54
C VAL M 90 25.69 -0.78 -27.13
N LYS M 91 25.28 -1.94 -27.66
CA LYS M 91 25.98 -3.20 -27.47
C LYS M 91 27.07 -3.30 -28.53
N LEU M 92 28.24 -3.81 -28.14
CA LEU M 92 29.35 -3.95 -29.07
C LEU M 92 29.57 -5.38 -29.56
N THR M 93 28.58 -6.26 -29.34
CA THR M 93 28.63 -7.65 -29.83
C THR M 93 29.11 -7.76 -31.28
N PRO M 94 28.59 -7.00 -32.25
CA PRO M 94 29.08 -7.15 -33.64
C PRO M 94 30.55 -6.80 -33.82
N LEU M 95 31.19 -6.14 -32.86
CA LEU M 95 32.61 -5.80 -32.98
C LEU M 95 33.52 -6.83 -32.32
N CYS M 96 32.97 -7.96 -31.84
CA CYS M 96 33.80 -9.06 -31.36
C CYS M 96 34.29 -9.84 -32.57
N VAL M 97 35.25 -9.22 -33.27
CA VAL M 97 35.84 -9.75 -34.49
C VAL M 97 37.34 -9.72 -34.32
N GLY M 98 38.05 -10.41 -35.19
CA GLY M 98 39.50 -10.36 -35.16
C GLY M 98 39.99 -8.99 -35.60
N LEU M 99 41.08 -8.56 -34.97
CA LEU M 99 41.72 -7.30 -35.28
C LEU M 99 43.07 -7.56 -35.95
N GLN M 100 43.43 -6.66 -36.87
CA GLN M 100 44.74 -6.67 -37.51
C GLN M 100 45.47 -5.47 -36.95
N CYS M 101 46.39 -5.69 -36.01
CA CYS M 101 47.03 -4.64 -35.23
C CYS M 101 48.48 -4.48 -35.63
N THR M 102 48.88 -3.22 -35.82
CA THR M 102 50.25 -2.85 -36.13
C THR M 102 50.69 -1.79 -35.13
N ASN M 103 51.99 -1.50 -35.12
CA ASN M 103 52.49 -0.44 -34.27
C ASN M 103 52.00 0.92 -34.75
N VAL M 104 51.76 1.82 -33.80
CA VAL M 104 51.31 3.17 -34.13
C VAL M 104 52.48 3.92 -34.76
N THR M 105 52.20 4.65 -35.84
CA THR M 105 53.23 5.30 -36.64
C THR M 105 53.63 6.69 -36.17
N ASN M 106 53.06 7.18 -35.07
CA ASN M 106 53.36 8.50 -34.55
C ASN M 106 54.65 8.45 -33.72
N ASN M 107 55.04 9.61 -33.17
CA ASN M 107 56.25 9.72 -32.38
C ASN M 107 55.94 9.25 -30.96
N ILE M 108 56.47 8.09 -30.60
CA ILE M 108 56.14 7.40 -29.36
C ILE M 108 57.37 7.44 -28.46
N THR M 109 57.16 7.88 -27.22
CA THR M 109 58.25 7.97 -26.27
C THR M 109 58.64 6.58 -25.75
N ASP M 110 59.74 6.56 -24.99
CA ASP M 110 60.32 5.28 -24.54
C ASP M 110 59.35 4.46 -23.69
N ASP M 111 58.49 5.12 -22.92
CA ASP M 111 57.58 4.41 -22.02
C ASP M 111 56.25 4.03 -22.66
N MET M 112 56.05 4.38 -23.93
CA MET M 112 54.82 4.10 -24.66
C MET M 112 55.02 3.12 -25.80
N ARG M 113 56.18 2.47 -25.88
CA ARG M 113 56.47 1.58 -27.00
C ARG M 113 55.70 0.28 -26.79
N GLY M 114 54.74 0.03 -27.68
CA GLY M 114 53.87 -1.13 -27.61
C GLY M 114 52.67 -0.96 -26.72
N GLU M 115 52.48 0.22 -26.12
CA GLU M 115 51.34 0.44 -25.24
C GLU M 115 50.06 0.63 -26.04
N LEU M 116 50.15 1.29 -27.19
CA LEU M 116 49.03 1.62 -28.04
C LEU M 116 49.22 0.93 -29.38
N LYS M 117 48.15 0.34 -29.92
CA LYS M 117 48.19 -0.35 -31.20
C LYS M 117 47.19 0.25 -32.17
N ASN M 118 47.56 0.26 -33.45
CA ASN M 118 46.70 0.71 -34.54
C ASN M 118 46.08 -0.52 -35.17
N CYS M 119 44.80 -0.76 -34.85
CA CYS M 119 44.12 -2.01 -35.21
C CYS M 119 43.01 -1.73 -36.21
N SER M 120 43.01 -2.48 -37.31
CA SER M 120 41.97 -2.41 -38.33
C SER M 120 41.08 -3.63 -38.22
N PHE M 121 39.82 -3.46 -38.63
CA PHE M 121 38.87 -4.57 -38.59
C PHE M 121 37.69 -4.29 -39.52
N ASN M 122 36.95 -5.36 -39.80
CA ASN M 122 35.73 -5.28 -40.61
C ASN M 122 34.54 -5.05 -39.69
N ALA M 123 34.09 -3.81 -39.60
CA ALA M 123 32.98 -3.42 -38.74
C ALA M 123 31.67 -3.61 -39.49
N THR M 124 30.60 -3.83 -38.74
CA THR M 124 29.29 -3.86 -39.37
C THR M 124 28.84 -2.43 -39.64
N THR M 125 27.75 -2.30 -40.40
CA THR M 125 27.16 -1.00 -40.73
C THR M 125 25.68 -1.04 -40.41
N GLU M 126 25.01 0.08 -40.69
CA GLU M 126 23.57 0.17 -40.46
C GLU M 126 22.78 -0.77 -41.37
N LEU M 127 23.39 -1.30 -42.43
CA LEU M 127 22.75 -2.27 -43.31
C LEU M 127 23.34 -3.65 -43.02
N ARG M 128 22.46 -4.64 -42.89
CA ARG M 128 22.89 -5.99 -42.52
C ARG M 128 23.88 -6.61 -43.49
N ASN M 129 23.75 -6.34 -44.79
CA ASN M 129 24.56 -7.02 -45.79
C ASN M 129 25.74 -6.20 -46.28
N LYS M 130 26.20 -5.21 -45.50
CA LYS M 130 27.37 -4.44 -45.86
C LYS M 130 28.27 -4.29 -44.65
N ARG M 131 29.58 -4.19 -44.92
CA ARG M 131 30.58 -4.01 -43.89
C ARG M 131 31.44 -2.81 -44.27
N GLN M 132 32.06 -2.23 -43.26
CA GLN M 132 32.93 -1.07 -43.41
C GLN M 132 34.30 -1.42 -42.84
N LYS M 133 35.35 -1.21 -43.61
CA LYS M 133 36.69 -1.47 -43.09
C LYS M 133 37.09 -0.22 -42.32
N VAL M 134 37.39 -0.38 -41.04
CA VAL M 134 37.71 0.73 -40.16
C VAL M 134 38.98 0.41 -39.40
N TYR M 135 39.56 1.44 -38.79
CA TYR M 135 40.68 1.25 -37.89
C TYR M 135 40.53 2.19 -36.72
N SER M 136 41.16 1.82 -35.61
CA SER M 136 41.12 2.62 -34.40
C SER M 136 42.38 2.33 -33.59
N LEU M 137 42.65 3.20 -32.63
CA LEU M 137 43.75 3.02 -31.70
C LEU M 137 43.24 2.40 -30.41
N PHE M 138 43.78 1.22 -30.06
CA PHE M 138 43.42 0.50 -28.85
C PHE M 138 44.61 0.45 -27.92
N TYR M 139 44.33 0.37 -26.63
CA TYR M 139 45.42 0.21 -25.68
C TYR M 139 45.73 -1.28 -25.63
N ARG M 140 47.00 -1.60 -25.34
CA ARG M 140 47.38 -3.02 -25.25
C ARG M 140 46.50 -3.76 -24.24
N LEU M 141 46.07 -3.08 -23.18
CA LEU M 141 45.25 -3.71 -22.16
C LEU M 141 43.83 -4.03 -22.63
N ASP M 142 43.41 -3.52 -23.78
CA ASP M 142 42.07 -3.75 -24.30
C ASP M 142 41.99 -4.94 -25.24
N ILE M 143 43.13 -5.44 -25.73
CA ILE M 143 43.18 -6.48 -26.74
C ILE M 143 44.12 -7.57 -26.27
N VAL M 144 43.94 -8.76 -26.82
CA VAL M 144 44.82 -9.90 -26.53
C VAL M 144 45.26 -10.58 -27.83
N PRO M 145 46.44 -11.21 -27.85
CA PRO M 145 46.88 -11.93 -29.05
C PRO M 145 45.93 -13.03 -29.49
N MET M 146 45.81 -13.18 -30.81
CA MET M 146 44.99 -14.21 -31.43
C MET M 146 45.75 -14.68 -32.65
N VAL M 147 45.57 -15.95 -33.01
CA VAL M 147 46.20 -16.53 -34.19
C VAL M 147 45.12 -16.76 -35.24
N ASP M 148 45.30 -16.16 -36.41
CA ASP M 148 44.34 -16.31 -37.50
C ASP M 148 45.06 -16.11 -38.83
N LEU M 149 44.32 -16.28 -39.92
CA LEU M 149 44.89 -16.09 -41.26
C LEU M 149 45.11 -14.62 -41.58
N TRP M 150 44.16 -13.76 -41.21
CA TRP M 150 44.20 -12.34 -41.53
C TRP M 150 44.28 -11.41 -40.34
N THR M 151 43.99 -11.89 -39.12
CA THR M 151 43.93 -11.06 -37.94
C THR M 151 44.90 -11.63 -36.91
N ASN M 152 45.24 -10.80 -35.91
CA ASN M 152 46.13 -11.24 -34.84
C ASN M 152 45.74 -10.81 -33.44
N TYR M 153 44.63 -10.09 -33.24
CA TYR M 153 44.19 -9.70 -31.91
C TYR M 153 42.67 -9.76 -31.82
N ARG M 154 42.18 -9.89 -30.58
CA ARG M 154 40.76 -9.77 -30.30
C ARG M 154 40.54 -8.92 -29.06
N LEU M 155 39.34 -8.39 -28.89
CA LEU M 155 39.04 -7.62 -27.68
C LEU M 155 39.09 -8.55 -26.48
N ILE M 156 39.70 -8.06 -25.40
CA ILE M 156 39.95 -8.89 -24.22
C ILE M 156 38.70 -9.52 -23.60
N SER M 157 37.55 -8.83 -23.62
CA SER M 157 36.37 -9.40 -22.97
C SER M 157 35.47 -10.26 -23.85
N CYS M 158 35.70 -10.34 -25.16
CA CYS M 158 34.77 -11.09 -26.00
C CYS M 158 34.82 -12.59 -25.72
N ASN M 159 35.83 -13.07 -24.99
CA ASN M 159 35.93 -14.49 -24.66
C ASN M 159 34.98 -14.93 -23.55
N THR M 160 34.66 -14.04 -22.60
CA THR M 160 33.84 -14.40 -21.45
C THR M 160 32.64 -13.50 -21.21
N SER M 161 32.67 -12.24 -21.64
CA SER M 161 31.66 -11.27 -21.24
C SER M 161 31.14 -10.50 -22.44
N ALA M 162 29.90 -10.04 -22.33
CA ALA M 162 29.36 -9.11 -23.31
C ALA M 162 29.96 -7.75 -23.02
N ILE M 163 30.21 -6.98 -24.08
CA ILE M 163 30.75 -5.63 -23.94
C ILE M 163 29.65 -4.66 -24.34
N THR M 164 29.33 -3.74 -23.43
CA THR M 164 28.31 -2.72 -23.65
C THR M 164 29.01 -1.37 -23.64
N GLN M 165 28.73 -0.55 -24.64
CA GLN M 165 29.33 0.78 -24.70
C GLN M 165 28.54 1.72 -23.81
N ALA M 166 29.23 2.49 -22.98
CA ALA M 166 28.54 3.47 -22.15
C ALA M 166 27.93 4.52 -23.05
N CYS M 167 26.75 5.00 -22.67
CA CYS M 167 26.11 6.05 -23.46
C CYS M 167 26.97 7.31 -23.44
N PRO M 168 27.31 7.89 -24.60
CA PRO M 168 28.24 9.04 -24.61
C PRO M 168 27.68 10.28 -23.94
N LYS M 169 26.38 10.35 -23.72
CA LYS M 169 25.73 11.51 -23.12
C LYS M 169 25.59 11.40 -21.61
N VAL M 170 25.98 10.27 -21.00
CA VAL M 170 25.81 10.06 -19.57
C VAL M 170 27.18 10.17 -18.91
N SER M 171 27.31 11.18 -18.06
CA SER M 171 28.56 11.46 -17.35
C SER M 171 28.78 10.47 -16.21
N PHE M 172 30.06 10.21 -15.92
CA PHE M 172 30.45 9.39 -14.78
C PHE M 172 30.87 10.24 -13.59
N GLU M 173 30.72 11.56 -13.68
CA GLU M 173 31.13 12.46 -12.61
C GLU M 173 30.39 12.13 -11.32
N PRO M 174 31.09 11.88 -10.21
CA PRO M 174 30.37 11.65 -8.95
C PRO M 174 29.54 12.87 -8.56
N ILE M 175 28.29 12.60 -8.17
CA ILE M 175 27.35 13.63 -7.73
C ILE M 175 27.08 13.37 -6.24
N PRO M 176 27.15 14.38 -5.37
CA PRO M 176 26.87 14.12 -3.95
C PRO M 176 25.49 13.51 -3.75
N ILE M 177 25.44 12.40 -3.00
CA ILE M 177 24.20 11.69 -2.71
C ILE M 177 23.90 11.78 -1.23
N HIS M 178 22.67 12.19 -0.90
CA HIS M 178 22.22 12.29 0.47
C HIS M 178 21.34 11.09 0.76
N TYR M 179 21.68 10.30 1.77
CA TYR M 179 20.83 9.17 2.14
C TYR M 179 19.89 9.62 3.24
N CYS M 180 18.59 9.38 3.04
CA CYS M 180 17.56 9.87 3.93
C CYS M 180 16.76 8.70 4.48
N ALA M 181 16.47 8.76 5.78
CA ALA M 181 15.68 7.74 6.44
C ALA M 181 14.18 7.95 6.16
N PRO M 182 13.40 6.87 6.10
CA PRO M 182 11.94 7.03 6.01
C PRO M 182 11.38 7.47 7.33
N ALA M 183 10.16 8.01 7.30
CA ALA M 183 9.51 8.43 8.53
C ALA M 183 9.40 7.23 9.47
N GLY M 184 9.63 7.48 10.75
CA GLY M 184 9.62 6.47 11.78
C GLY M 184 11.01 6.01 12.15
N PHE M 185 12.01 6.41 11.35
CA PHE M 185 13.42 6.10 11.54
C PHE M 185 14.17 7.42 11.58
N ALA M 186 15.39 7.38 12.10
CA ALA M 186 16.23 8.57 12.15
C ALA M 186 17.68 8.14 11.98
N ILE M 187 18.53 9.07 11.55
CA ILE M 187 19.95 8.80 11.39
C ILE M 187 20.68 9.59 12.46
N LEU M 188 21.49 8.91 13.25
CA LEU M 188 22.28 9.56 14.28
C LEU M 188 23.67 9.79 13.73
N LYS M 189 24.20 10.98 13.96
CA LYS M 189 25.52 11.38 13.49
C LYS M 189 26.45 11.52 14.68
N CYS M 190 27.65 10.98 14.54
CA CYS M 190 28.70 11.06 15.55
C CYS M 190 29.54 12.29 15.26
N LYS M 191 29.58 13.21 16.22
CA LYS M 191 30.31 14.46 16.10
C LYS M 191 31.59 14.46 16.93
N ASP M 192 32.02 13.30 17.40
CA ASP M 192 33.18 13.19 18.26
C ASP M 192 34.45 13.24 17.43
N LYS M 193 35.25 14.28 17.61
CA LYS M 193 36.48 14.39 16.85
C LYS M 193 37.41 13.26 17.26
N LYS M 194 38.22 12.78 16.32
CA LYS M 194 39.14 11.68 16.57
C LYS M 194 38.39 10.41 16.94
N PHE M 195 37.25 10.18 16.29
CA PHE M 195 36.46 8.97 16.47
C PHE M 195 36.98 7.88 15.55
N ASN M 196 37.29 6.72 16.12
CA ASN M 196 37.96 5.66 15.36
C ASN M 196 36.97 4.70 14.69
N GLY M 197 35.70 5.08 14.58
CA GLY M 197 34.72 4.28 13.88
C GLY M 197 34.02 3.20 14.68
N THR M 198 34.29 3.08 15.98
CA THR M 198 33.65 2.05 16.77
C THR M 198 33.61 2.48 18.23
N GLY M 199 32.59 2.00 18.93
CA GLY M 199 32.46 2.25 20.36
C GLY M 199 31.56 3.43 20.65
N PRO M 200 31.40 3.73 21.94
CA PRO M 200 30.50 4.83 22.33
C PRO M 200 31.00 6.18 21.83
N CYS M 201 30.09 6.94 21.23
CA CYS M 201 30.34 8.29 20.74
C CYS M 201 29.64 9.22 21.73
N GLN M 202 30.43 10.04 22.44
CA GLN M 202 29.87 10.91 23.46
C GLN M 202 28.89 11.94 22.91
N ASN M 203 29.26 12.82 21.98
CA ASN M 203 28.24 13.64 21.33
C ASN M 203 27.50 12.85 20.27
N VAL M 204 26.25 13.22 20.06
CA VAL M 204 25.44 12.64 18.99
C VAL M 204 24.41 13.67 18.57
N SER M 205 24.03 13.63 17.29
CA SER M 205 22.98 14.51 16.80
C SER M 205 22.09 13.71 15.87
N THR M 206 20.85 14.17 15.70
CA THR M 206 19.88 13.49 14.85
C THR M 206 19.67 14.26 13.56
N VAL M 207 19.75 13.55 12.44
CA VAL M 207 19.49 14.09 11.12
C VAL M 207 18.49 13.18 10.42
N GLN M 208 17.83 13.74 9.41
CA GLN M 208 16.96 12.94 8.54
C GLN M 208 17.72 12.46 7.33
N CYS M 209 18.66 13.27 6.84
CA CYS M 209 19.45 12.98 5.65
C CYS M 209 20.94 13.16 5.96
N THR M 210 21.77 12.32 5.36
CA THR M 210 23.21 12.44 5.53
C THR M 210 23.75 13.60 4.71
N HIS M 211 25.02 13.93 4.93
CA HIS M 211 25.67 14.95 4.12
C HIS M 211 25.80 14.42 2.70
N GLY M 212 26.25 15.27 1.78
CA GLY M 212 26.36 14.77 0.43
C GLY M 212 27.61 13.94 0.29
N ILE M 213 27.40 12.66 0.01
CA ILE M 213 28.47 11.68 -0.14
C ILE M 213 28.69 11.48 -1.63
N LYS M 214 29.90 11.75 -2.10
CA LYS M 214 30.17 11.59 -3.51
C LYS M 214 30.49 10.12 -3.80
N PRO M 215 29.79 9.46 -4.75
CA PRO M 215 30.13 8.06 -5.03
C PRO M 215 31.38 7.96 -5.89
N VAL M 216 32.51 8.35 -5.29
CA VAL M 216 33.78 8.35 -6.00
C VAL M 216 34.29 6.92 -6.02
N VAL M 217 34.67 6.44 -7.20
CA VAL M 217 35.20 5.10 -7.37
C VAL M 217 36.68 5.19 -7.58
N SER M 218 37.45 4.69 -6.61
CA SER M 218 38.89 4.69 -6.68
C SER M 218 39.40 3.52 -5.85
N THR M 219 40.67 3.18 -6.03
CA THR M 219 41.33 2.15 -5.26
C THR M 219 42.56 2.74 -4.58
N GLN M 220 42.98 2.12 -3.50
CA GLN M 220 44.20 2.45 -2.77
C GLN M 220 44.18 3.82 -2.10
N LEU M 221 43.88 4.88 -2.85
CA LEU M 221 43.78 6.24 -2.33
C LEU M 221 42.35 6.74 -2.54
N LEU M 222 41.73 7.23 -1.48
CA LEU M 222 40.36 7.72 -1.54
C LEU M 222 40.40 9.20 -1.88
N LEU M 223 39.75 9.56 -2.99
CA LEU M 223 39.74 10.92 -3.49
C LEU M 223 38.41 11.61 -3.20
N ASN M 224 38.49 12.93 -3.01
CA ASN M 224 37.31 13.79 -2.89
C ASN M 224 36.37 13.34 -1.76
N GLY M 225 36.94 12.88 -0.65
CA GLY M 225 36.17 12.48 0.52
C GLY M 225 36.20 13.52 1.61
N SER M 226 35.85 13.09 2.82
CA SER M 226 35.85 13.97 3.97
C SER M 226 37.20 13.89 4.67
N LEU M 227 37.64 15.00 5.23
CA LEU M 227 38.88 15.06 5.99
C LEU M 227 38.63 14.93 7.49
N ALA M 228 39.64 14.44 8.20
CA ALA M 228 39.57 14.36 9.66
C ALA M 228 39.54 15.77 10.23
N GLU M 229 38.82 15.94 11.34
CA GLU M 229 38.69 17.28 11.89
C GLU M 229 40.01 17.82 12.45
N GLU M 230 40.78 16.99 13.16
CA GLU M 230 42.01 17.45 13.81
C GLU M 230 43.26 16.68 13.41
N GLU M 231 43.21 15.35 13.46
CA GLU M 231 44.38 14.50 13.27
C GLU M 231 44.03 13.34 12.35
N VAL M 232 45.06 12.72 11.78
CA VAL M 232 44.85 11.55 10.95
C VAL M 232 44.24 10.46 11.80
N ILE M 233 43.18 9.83 11.30
CA ILE M 233 42.45 8.78 12.04
C ILE M 233 42.70 7.44 11.37
N ILE M 234 43.18 6.47 12.15
CA ILE M 234 43.45 5.12 11.69
C ILE M 234 42.25 4.28 12.13
N ARG M 235 41.57 3.63 11.18
CA ARG M 235 40.38 2.83 11.49
C ARG M 235 40.54 1.42 10.95
N SER M 236 40.28 0.42 11.78
CA SER M 236 40.34 -0.96 11.33
C SER M 236 39.39 -1.80 12.17
N GLU M 237 38.71 -2.74 11.52
CA GLU M 237 37.79 -3.62 12.25
C GLU M 237 38.51 -4.34 13.38
N ASN M 238 39.72 -4.83 13.10
CA ASN M 238 40.55 -5.48 14.10
C ASN M 238 42.00 -5.17 13.71
N ILE M 239 42.58 -4.13 14.32
CA ILE M 239 43.89 -3.66 13.90
C ILE M 239 44.95 -4.74 14.08
N THR M 240 44.76 -5.63 15.06
CA THR M 240 45.68 -6.73 15.27
C THR M 240 45.71 -7.68 14.08
N ASN M 241 44.56 -7.92 13.45
CA ASN M 241 44.46 -8.87 12.35
C ASN M 241 44.87 -8.20 11.05
N ASN M 242 46.01 -8.64 10.49
CA ASN M 242 46.59 -8.01 9.32
C ASN M 242 45.76 -8.24 8.05
N ALA M 243 44.77 -9.13 8.09
CA ALA M 243 43.95 -9.40 6.92
C ALA M 243 42.85 -8.36 6.72
N LYS M 244 42.63 -7.48 7.69
CA LYS M 244 41.61 -6.46 7.59
C LYS M 244 42.22 -5.23 6.94
N ASN M 245 41.39 -4.47 6.23
CA ASN M 245 41.86 -3.22 5.66
C ASN M 245 41.87 -2.13 6.71
N ILE M 246 42.89 -1.29 6.65
CA ILE M 246 43.05 -0.13 7.52
C ILE M 246 42.71 1.11 6.70
N LEU M 247 41.72 1.88 7.16
CA LEU M 247 41.31 3.08 6.48
C LEU M 247 41.96 4.24 7.19
N VAL M 248 42.68 5.07 6.46
CA VAL M 248 43.38 6.21 7.02
C VAL M 248 42.67 7.46 6.53
N GLN M 249 42.13 8.24 7.44
CA GLN M 249 41.44 9.48 7.09
C GLN M 249 42.39 10.62 7.41
N LEU M 250 42.75 11.39 6.38
CA LEU M 250 43.71 12.46 6.56
C LEU M 250 43.01 13.71 7.11
N ASN M 251 43.79 14.55 7.80
CA ASN M 251 43.27 15.82 8.28
C ASN M 251 43.59 16.97 7.35
N THR M 252 44.30 16.71 6.26
CA THR M 252 44.64 17.69 5.24
C THR M 252 44.54 16.97 3.90
N SER M 253 44.11 17.66 2.84
CA SER M 253 44.10 17.00 1.53
C SER M 253 45.50 16.97 0.97
N VAL M 254 45.77 15.99 0.11
CA VAL M 254 46.98 15.99 -0.70
C VAL M 254 46.52 16.17 -2.14
N GLN M 255 47.03 17.20 -2.82
CA GLN M 255 46.57 17.48 -4.17
C GLN M 255 47.31 16.60 -5.17
N ILE M 256 46.55 15.92 -6.03
CA ILE M 256 47.09 15.06 -7.07
C ILE M 256 46.58 15.56 -8.41
N ASN M 257 47.50 15.89 -9.32
CA ASN M 257 47.17 16.42 -10.64
C ASN M 257 47.35 15.33 -11.68
N CYS M 258 46.24 14.79 -12.20
CA CYS M 258 46.27 13.69 -13.14
C CYS M 258 46.04 14.23 -14.55
N THR M 259 46.73 13.64 -15.53
CA THR M 259 46.57 14.09 -16.91
C THR M 259 46.88 12.99 -17.92
N ARG M 260 46.27 13.15 -19.10
CA ARG M 260 46.50 12.35 -20.31
C ARG M 260 46.88 13.35 -21.39
N PRO M 261 48.25 13.64 -21.57
CA PRO M 261 48.74 14.73 -22.42
C PRO M 261 48.77 14.38 -23.91
N ASN M 262 47.63 13.93 -24.45
CA ASN M 262 47.54 13.48 -25.84
C ASN M 262 46.28 14.07 -26.45
N ASN M 263 46.43 14.87 -27.53
CA ASN M 263 45.25 15.56 -28.07
C ASN M 263 44.51 14.60 -29.01
N ASN M 264 43.84 13.64 -28.38
CA ASN M 264 43.13 12.58 -29.12
C ASN M 264 41.97 13.13 -29.94
N THR M 265 41.87 12.65 -31.19
CA THR M 265 40.78 13.01 -32.09
C THR M 265 39.91 11.76 -32.16
N VAL M 266 38.64 11.94 -31.82
CA VAL M 266 37.64 10.88 -31.72
C VAL M 266 36.78 10.82 -32.98
N LYS M 267 36.62 9.61 -33.51
CA LYS M 267 35.82 9.31 -34.68
C LYS M 267 34.73 8.34 -34.24
N SER M 268 33.65 8.27 -35.02
CA SER M 268 32.59 7.31 -34.70
C SER M 268 32.01 6.72 -35.97
N ILE M 269 31.49 5.50 -35.84
CA ILE M 269 30.83 4.76 -36.91
C ILE M 269 29.53 4.17 -36.39
N ARG M 270 28.61 3.93 -37.32
CA ARG M 270 27.36 3.23 -37.02
C ARG M 270 27.54 1.74 -37.25
N ILE M 271 27.12 0.92 -36.28
CA ILE M 271 27.22 -0.52 -36.34
C ILE M 271 25.84 -1.18 -36.33
N GLY M 272 24.79 -0.40 -36.57
CA GLY M 272 23.43 -0.89 -36.58
C GLY M 272 22.49 0.29 -36.62
N PRO M 273 21.18 0.06 -36.77
CA PRO M 273 20.28 1.22 -36.82
C PRO M 273 20.27 1.93 -35.49
N GLY M 274 20.91 3.10 -35.45
CA GLY M 274 21.02 3.91 -34.26
C GLY M 274 22.11 3.45 -33.31
N GLN M 275 22.89 2.44 -33.70
CA GLN M 275 23.94 1.86 -32.88
C GLN M 275 25.28 2.50 -33.23
N ALA M 276 25.55 3.66 -32.64
CA ALA M 276 26.79 4.36 -32.94
C ALA M 276 27.89 3.84 -32.04
N PHE M 277 29.05 3.60 -32.64
CA PHE M 277 30.26 3.17 -31.93
C PHE M 277 31.29 4.29 -31.96
N TYR M 278 31.88 4.57 -30.80
CA TYR M 278 32.86 5.64 -30.65
C TYR M 278 34.22 5.01 -30.39
N TYR M 279 35.24 5.57 -31.05
CA TYR M 279 36.61 5.09 -30.93
C TYR M 279 37.57 6.23 -31.16
N THR M 280 38.80 6.02 -30.71
CA THR M 280 39.85 7.01 -30.95
C THR M 280 40.31 6.87 -32.39
N GLY M 281 40.26 7.98 -33.11
CA GLY M 281 40.63 7.98 -34.52
C GLY M 281 42.12 8.18 -34.65
N ASP M 282 42.63 9.26 -34.08
CA ASP M 282 44.06 9.54 -34.16
C ASP M 282 44.45 10.32 -32.92
N ILE M 283 45.76 10.60 -32.79
CA ILE M 283 46.27 11.39 -31.68
C ILE M 283 47.05 12.56 -32.26
N ILE M 284 46.67 13.77 -31.88
CA ILE M 284 47.36 14.98 -32.29
C ILE M 284 48.48 15.21 -31.28
N GLY M 285 49.69 15.38 -31.81
CA GLY M 285 50.89 15.59 -31.03
C GLY M 285 51.59 14.29 -30.67
N ASP M 286 52.60 14.42 -29.82
CA ASP M 286 53.39 13.28 -29.43
C ASP M 286 52.58 12.35 -28.55
N ILE M 287 52.94 11.07 -28.56
CA ILE M 287 52.29 10.08 -27.70
C ILE M 287 53.16 9.94 -26.46
N ARG M 288 52.59 10.30 -25.32
CA ARG M 288 53.27 10.32 -24.03
C ARG M 288 52.42 9.54 -23.05
N GLN M 289 53.05 9.06 -21.98
CA GLN M 289 52.33 8.28 -20.99
C GLN M 289 51.54 9.19 -20.08
N ALA M 290 50.31 8.78 -19.77
CA ALA M 290 49.49 9.51 -18.82
C ALA M 290 50.15 9.42 -17.45
N HIS M 291 49.94 10.44 -16.63
CA HIS M 291 50.60 10.41 -15.32
C HIS M 291 49.84 11.28 -14.34
N CYS M 292 50.23 11.15 -13.06
CA CYS M 292 49.69 11.99 -12.00
C CYS M 292 50.84 12.52 -11.14
N ASN M 293 50.81 13.82 -10.87
CA ASN M 293 51.83 14.51 -10.10
C ASN M 293 51.33 14.73 -8.68
N VAL M 294 51.98 14.07 -7.72
CA VAL M 294 51.68 14.20 -6.30
C VAL M 294 52.78 15.06 -5.69
N SER M 295 52.40 16.16 -5.01
CA SER M 295 53.40 17.04 -4.42
C SER M 295 54.27 16.25 -3.45
N LYS M 296 55.59 16.36 -3.60
CA LYS M 296 56.47 15.52 -2.78
C LYS M 296 56.49 15.95 -1.31
N ALA M 297 56.58 17.26 -1.04
CA ALA M 297 56.67 17.70 0.36
C ALA M 297 55.37 17.41 1.10
N THR M 298 54.24 17.64 0.43
CA THR M 298 52.95 17.42 1.07
C THR M 298 52.77 15.95 1.37
N TRP M 299 53.09 15.10 0.39
CA TRP M 299 52.98 13.66 0.58
C TRP M 299 53.88 13.16 1.70
N ASN M 300 55.12 13.66 1.75
CA ASN M 300 56.04 13.21 2.80
C ASN M 300 55.53 13.62 4.19
N GLU M 301 54.95 14.81 4.31
CA GLU M 301 54.39 15.21 5.60
C GLU M 301 53.17 14.36 5.93
N THR M 302 52.37 14.05 4.91
CA THR M 302 51.17 13.23 5.11
C THR M 302 51.57 11.85 5.61
N LEU M 303 52.59 11.25 5.00
CA LEU M 303 53.02 9.94 5.47
C LEU M 303 53.60 10.06 6.87
N GLY M 304 54.32 11.14 7.17
CA GLY M 304 54.85 11.27 8.52
C GLY M 304 53.76 11.24 9.56
N LYS M 305 52.64 11.92 9.27
CA LYS M 305 51.50 11.90 10.19
C LYS M 305 50.90 10.51 10.29
N VAL M 306 50.80 9.80 9.16
CA VAL M 306 50.24 8.46 9.18
C VAL M 306 51.12 7.55 10.01
N VAL M 307 52.43 7.68 9.85
CA VAL M 307 53.38 6.87 10.60
C VAL M 307 53.24 7.14 12.09
N LYS M 308 53.11 8.42 12.47
CA LYS M 308 52.92 8.74 13.89
C LYS M 308 51.69 8.03 14.46
N GLN M 309 50.57 8.06 13.72
CA GLN M 309 49.37 7.43 14.26
C GLN M 309 49.50 5.90 14.26
N LEU M 310 50.18 5.36 13.26
CA LEU M 310 50.38 3.92 13.23
C LEU M 310 51.26 3.50 14.40
N ARG M 311 52.28 4.29 14.73
CA ARG M 311 53.12 3.96 15.88
C ARG M 311 52.29 3.97 17.15
N LYS M 312 51.36 4.93 17.25
CA LYS M 312 50.48 4.96 18.42
C LYS M 312 49.69 3.65 18.55
N HIS M 313 49.27 3.09 17.41
CA HIS M 313 48.53 1.82 17.48
C HIS M 313 49.41 0.59 17.62
N PHE M 314 50.61 0.58 17.03
CA PHE M 314 51.49 -0.58 17.00
C PHE M 314 52.67 -0.50 17.95
N GLY M 315 52.93 0.65 18.57
CA GLY M 315 54.02 0.77 19.51
C GLY M 315 55.10 1.74 19.06
N ASN M 316 55.81 2.28 20.04
CA ASN M 316 56.92 3.20 19.87
C ASN M 316 58.23 2.45 19.60
N ASN M 317 59.20 3.16 19.05
CA ASN M 317 60.53 2.61 18.76
C ASN M 317 60.49 1.39 17.85
N THR M 318 59.63 1.43 16.84
CA THR M 318 59.49 0.38 15.85
C THR M 318 59.73 0.99 14.47
N ILE M 319 59.75 0.16 13.44
CA ILE M 319 59.97 0.62 12.07
C ILE M 319 58.70 0.37 11.27
N ILE M 320 58.25 1.40 10.57
CA ILE M 320 57.11 1.34 9.66
C ILE M 320 57.62 1.55 8.26
N ARG M 321 57.28 0.63 7.36
CA ARG M 321 57.69 0.70 5.97
C ARG M 321 56.47 0.77 5.08
N PHE M 322 56.62 1.41 3.94
CA PHE M 322 55.60 1.47 2.91
C PHE M 322 56.17 0.82 1.66
N ALA M 323 55.32 0.03 1.00
CA ALA M 323 55.68 -0.71 -0.19
C ALA M 323 54.45 -0.81 -1.10
N GLN M 324 54.69 -1.18 -2.35
CA GLN M 324 53.57 -1.35 -3.27
C GLN M 324 52.88 -2.68 -2.96
N SER M 325 51.80 -2.99 -3.69
CA SER M 325 51.05 -4.18 -3.36
C SER M 325 51.79 -5.45 -3.76
N SER M 326 51.33 -6.57 -3.21
CA SER M 326 51.96 -7.86 -3.45
C SER M 326 51.69 -8.42 -4.84
N GLY M 327 50.70 -7.89 -5.56
CA GLY M 327 50.38 -8.38 -6.89
C GLY M 327 48.91 -8.67 -7.08
N GLY M 328 48.50 -8.80 -8.32
CA GLY M 328 47.14 -9.03 -8.73
C GLY M 328 46.88 -8.29 -10.02
N ASP M 329 45.61 -8.12 -10.38
CA ASP M 329 45.31 -7.44 -11.62
C ASP M 329 45.40 -5.93 -11.35
N LEU M 330 45.20 -5.12 -12.39
CA LEU M 330 45.33 -3.67 -12.23
C LEU M 330 44.32 -3.11 -11.24
N GLU M 331 43.16 -3.75 -11.11
CA GLU M 331 42.14 -3.28 -10.17
C GLU M 331 42.67 -3.14 -8.74
N VAL M 332 43.59 -4.01 -8.32
CA VAL M 332 44.11 -3.97 -6.96
C VAL M 332 45.57 -3.53 -6.89
N THR M 333 46.33 -3.67 -7.96
CA THR M 333 47.74 -3.29 -7.96
C THR M 333 47.97 -1.82 -8.29
N THR M 334 46.99 -1.16 -8.91
CA THR M 334 47.10 0.25 -9.26
C THR M 334 45.93 1.05 -8.69
N HIS M 335 46.10 2.37 -8.76
CA HIS M 335 45.10 3.35 -8.38
C HIS M 335 44.13 3.65 -9.52
N SER M 336 42.84 3.43 -9.29
CA SER M 336 41.81 3.77 -10.27
C SER M 336 41.40 5.20 -10.02
N PHE M 337 41.58 6.07 -11.02
CA PHE M 337 41.39 7.51 -10.82
C PHE M 337 40.08 8.04 -11.38
N ASN M 338 39.60 7.52 -12.51
CA ASN M 338 38.45 8.06 -13.23
C ASN M 338 38.58 9.56 -13.54
N CYS M 339 39.75 9.98 -14.04
CA CYS M 339 40.02 11.40 -14.31
C CYS M 339 39.30 11.88 -15.56
N GLY M 340 38.33 12.77 -15.41
CA GLY M 340 37.63 13.31 -16.56
C GLY M 340 36.60 12.39 -17.17
N GLY M 341 36.37 11.22 -16.57
CA GLY M 341 35.53 10.19 -17.11
C GLY M 341 36.31 9.11 -17.83
N GLU M 342 37.62 9.28 -17.99
CA GLU M 342 38.49 8.28 -18.57
C GLU M 342 38.99 7.48 -17.36
N PHE M 343 39.35 6.23 -17.57
CA PHE M 343 39.78 5.35 -16.48
C PHE M 343 41.29 5.14 -16.48
N PHE M 344 41.94 5.70 -15.46
CA PHE M 344 43.39 5.66 -15.27
C PHE M 344 43.73 4.58 -14.26
N TYR M 345 44.86 3.92 -14.47
CA TYR M 345 45.40 2.89 -13.58
C TYR M 345 46.83 3.28 -13.25
N CYS M 346 46.98 4.05 -12.18
CA CYS M 346 48.24 4.70 -11.82
C CYS M 346 49.06 3.80 -10.91
N ASN M 347 50.36 3.75 -11.18
CA ASN M 347 51.29 2.92 -10.41
C ASN M 347 51.77 3.69 -9.19
N THR M 348 51.25 3.31 -8.03
CA THR M 348 51.45 4.01 -6.77
C THR M 348 52.71 3.56 -6.05
N SER M 349 53.55 2.73 -6.67
CA SER M 349 54.81 2.35 -6.08
C SER M 349 55.75 3.54 -5.91
N GLY M 350 55.51 4.64 -6.61
CA GLY M 350 56.34 5.82 -6.43
C GLY M 350 56.05 6.60 -5.18
N LEU M 351 54.94 6.28 -4.49
CA LEU M 351 54.54 6.95 -3.26
C LEU M 351 54.80 6.07 -2.05
N PHE M 352 54.39 4.80 -2.12
CA PHE M 352 54.53 3.86 -1.02
C PHE M 352 55.86 3.12 -1.16
N ASN M 353 56.93 3.89 -0.98
CA ASN M 353 58.30 3.38 -1.11
C ASN M 353 59.14 4.08 -0.04
N SER M 354 59.05 3.61 1.21
CA SER M 354 59.82 4.29 2.24
C SER M 354 59.99 3.44 3.48
N THR M 355 61.00 3.77 4.28
CA THR M 355 61.24 3.19 5.59
C THR M 355 61.34 4.31 6.63
N TRP M 356 60.56 4.19 7.70
CA TRP M 356 60.50 5.16 8.78
C TRP M 356 60.94 4.48 10.07
N SER M 373 58.10 17.19 -7.05
CA SER M 373 56.90 16.44 -7.41
C SER M 373 57.23 14.99 -7.74
N ILE M 374 56.35 14.09 -7.34
CA ILE M 374 56.47 12.67 -7.64
C ILE M 374 55.53 12.38 -8.80
N THR M 375 56.06 11.83 -9.89
CA THR M 375 55.27 11.53 -11.08
C THR M 375 54.97 10.03 -11.07
N LEU M 376 53.67 9.70 -11.12
CA LEU M 376 53.21 8.33 -11.14
C LEU M 376 52.75 7.98 -12.54
N PRO M 377 53.30 6.97 -13.23
CA PRO M 377 52.78 6.65 -14.56
C PRO M 377 51.40 6.02 -14.42
N CYS M 378 50.55 6.25 -15.40
CA CYS M 378 49.20 5.70 -15.43
C CYS M 378 48.91 5.07 -16.77
N ARG M 379 48.28 3.89 -16.73
CA ARG M 379 47.81 3.19 -17.91
C ARG M 379 46.35 3.53 -18.12
N ILE M 380 45.88 3.40 -19.36
CA ILE M 380 44.48 3.65 -19.69
C ILE M 380 43.88 2.35 -20.21
N LYS M 381 42.65 2.07 -19.80
CA LYS M 381 41.88 0.94 -20.30
C LYS M 381 40.54 1.45 -20.80
N GLN M 382 40.00 0.79 -21.82
CA GLN M 382 38.66 1.08 -22.31
C GLN M 382 37.65 -0.02 -21.98
N ILE M 383 38.07 -1.28 -21.90
CA ILE M 383 37.17 -2.39 -21.58
C ILE M 383 37.42 -2.69 -20.11
N ILE M 384 36.43 -2.38 -19.28
CA ILE M 384 36.58 -2.38 -17.83
C ILE M 384 35.56 -3.31 -17.18
N ASN M 385 36.05 -4.25 -16.36
CA ASN M 385 35.18 -5.08 -15.55
C ASN M 385 35.20 -4.43 -14.16
N MET M 386 34.13 -3.72 -13.82
CA MET M 386 34.10 -3.01 -12.56
C MET M 386 33.65 -3.91 -11.40
N TRP M 387 34.03 -3.48 -10.20
CA TRP M 387 33.80 -4.16 -8.93
C TRP M 387 34.46 -5.54 -9.06
N GLN M 388 33.77 -6.63 -8.74
CA GLN M 388 34.33 -7.98 -8.81
C GLN M 388 33.45 -8.87 -9.69
N ARG M 389 32.79 -8.26 -10.67
CA ARG M 389 31.85 -8.98 -11.52
C ARG M 389 32.51 -9.59 -12.74
N ILE M 390 31.92 -10.67 -13.22
CA ILE M 390 32.35 -11.38 -14.42
C ILE M 390 31.11 -11.53 -15.31
N GLY M 391 31.30 -11.33 -16.61
CA GLY M 391 30.23 -11.53 -17.58
C GLY M 391 29.63 -10.28 -18.17
N GLN M 392 29.87 -9.10 -17.58
CA GLN M 392 29.35 -7.84 -18.11
C GLN M 392 30.48 -6.81 -18.07
N ALA M 393 30.96 -6.40 -19.24
CA ALA M 393 32.05 -5.44 -19.35
C ALA M 393 31.53 -4.16 -20.00
N MET M 394 32.10 -3.03 -19.58
CA MET M 394 31.80 -1.73 -20.14
C MET M 394 32.92 -1.32 -21.07
N TYR M 395 32.57 -0.68 -22.17
CA TYR M 395 33.52 -0.02 -23.06
C TYR M 395 33.39 1.47 -22.80
N ALA M 396 34.48 2.09 -22.36
CA ALA M 396 34.46 3.51 -22.06
C ALA M 396 34.76 4.31 -23.33
N PRO M 397 33.85 5.17 -23.81
CA PRO M 397 34.17 5.94 -25.00
C PRO M 397 35.38 6.83 -24.75
N PRO M 398 36.15 7.13 -25.78
CA PRO M 398 37.30 8.04 -25.57
C PRO M 398 36.81 9.46 -25.37
N ILE M 399 37.65 10.25 -24.70
CA ILE M 399 37.41 11.68 -24.51
C ILE M 399 38.30 12.43 -25.49
N GLN M 400 37.68 13.32 -26.25
CA GLN M 400 38.42 14.13 -27.22
C GLN M 400 39.27 15.16 -26.50
N GLY M 401 40.50 15.33 -26.95
CA GLY M 401 41.38 16.33 -26.37
C GLY M 401 42.22 15.80 -25.23
N VAL M 402 42.83 16.75 -24.53
CA VAL M 402 43.77 16.47 -23.45
C VAL M 402 42.99 16.40 -22.16
N ILE M 403 43.28 15.37 -21.35
CA ILE M 403 42.58 15.20 -20.08
C ILE M 403 43.46 15.78 -18.97
N ARG M 404 42.86 16.62 -18.14
CA ARG M 404 43.52 17.15 -16.96
C ARG M 404 42.48 17.26 -15.85
N CYS M 405 42.84 16.82 -14.65
CA CYS M 405 41.97 16.99 -13.51
C CYS M 405 42.86 17.12 -12.27
N VAL M 406 42.31 17.72 -11.23
CA VAL M 406 42.99 17.85 -9.95
C VAL M 406 42.06 17.32 -8.88
N SER M 407 42.53 16.37 -8.08
CA SER M 407 41.75 15.78 -7.01
C SER M 407 42.43 15.95 -5.67
N ASN M 408 41.63 15.83 -4.62
CA ASN M 408 42.11 15.87 -3.25
C ASN M 408 42.16 14.46 -2.71
N ILE M 409 43.34 14.00 -2.31
CA ILE M 409 43.46 12.71 -1.64
C ILE M 409 43.08 12.97 -0.19
N THR M 410 42.02 12.31 0.26
CA THR M 410 41.48 12.49 1.60
C THR M 410 41.69 11.29 2.49
N GLY M 411 42.01 10.13 1.92
CA GLY M 411 42.29 8.96 2.74
C GLY M 411 42.94 7.87 1.93
N LEU M 412 43.51 6.92 2.67
CA LEU M 412 44.25 5.78 2.14
C LEU M 412 43.63 4.48 2.64
N ILE M 413 43.79 3.41 1.85
CA ILE M 413 43.48 2.06 2.32
C ILE M 413 44.79 1.30 2.34
N LEU M 414 45.19 0.82 3.52
CA LEU M 414 46.43 0.09 3.72
C LEU M 414 46.16 -1.29 4.29
N THR M 415 47.05 -2.23 4.01
CA THR M 415 47.04 -3.56 4.61
C THR M 415 48.44 -3.82 5.14
N ARG M 416 48.57 -4.84 6.00
CA ARG M 416 49.86 -5.26 6.52
C ARG M 416 50.20 -6.65 5.98
N ASP M 417 51.49 -6.94 5.91
CA ASP M 417 51.97 -8.27 5.53
C ASP M 417 52.00 -9.17 6.76
N GLY M 418 52.57 -10.36 6.61
CA GLY M 418 52.60 -11.35 7.67
C GLY M 418 53.77 -11.23 8.63
N GLY M 419 54.59 -10.19 8.51
CA GLY M 419 55.75 -10.03 9.36
C GLY M 419 55.42 -9.36 10.68
N SER M 423 59.89 -10.40 15.13
CA SER M 423 58.54 -9.91 14.88
C SER M 423 58.48 -8.40 15.01
N THR M 424 59.25 -7.72 14.16
CA THR M 424 59.29 -6.26 14.12
C THR M 424 59.28 -5.81 12.66
N THR M 425 59.35 -4.50 12.47
CA THR M 425 59.33 -3.87 11.15
C THR M 425 58.05 -4.21 10.40
N GLU M 426 57.01 -3.42 10.63
CA GLU M 426 55.71 -3.61 9.99
C GLU M 426 55.75 -2.90 8.64
N THR M 427 55.31 -3.61 7.58
CA THR M 427 55.26 -3.04 6.24
C THR M 427 53.82 -2.93 5.78
N PHE M 428 53.45 -1.75 5.32
CA PHE M 428 52.12 -1.39 4.86
C PHE M 428 52.10 -1.28 3.34
N ARG M 429 51.06 -1.85 2.73
CA ARG M 429 50.88 -1.83 1.30
C ARG M 429 49.48 -1.34 0.94
N PRO M 430 49.29 -0.68 -0.20
CA PRO M 430 47.94 -0.31 -0.63
C PRO M 430 47.00 -1.50 -0.73
N GLY M 431 45.76 -1.30 -0.29
CA GLY M 431 44.74 -2.32 -0.35
C GLY M 431 44.04 -2.32 -1.69
N GLY M 432 43.10 -3.24 -1.87
CA GLY M 432 42.41 -3.39 -3.13
C GLY M 432 41.05 -2.71 -3.19
N GLY M 433 40.41 -2.91 -4.35
CA GLY M 433 39.12 -2.32 -4.68
C GLY M 433 37.88 -3.01 -4.17
N ASP M 434 37.73 -3.17 -2.86
CA ASP M 434 36.51 -3.80 -2.36
C ASP M 434 35.30 -2.88 -2.50
N MET M 435 35.54 -1.56 -2.57
CA MET M 435 34.55 -0.49 -2.69
C MET M 435 33.72 -0.28 -1.43
N ARG M 436 33.33 -1.34 -0.72
CA ARG M 436 32.61 -1.13 0.53
C ARG M 436 33.46 -0.30 1.47
N ASP M 437 34.78 -0.51 1.43
CA ASP M 437 35.70 0.24 2.27
C ASP M 437 35.79 1.70 1.86
N ASN M 438 35.52 2.03 0.59
CA ASN M 438 35.60 3.43 0.20
C ASN M 438 34.43 4.20 0.79
N TRP M 439 33.27 3.56 0.81
CA TRP M 439 32.04 4.13 1.32
C TRP M 439 32.01 4.12 2.84
N ARG M 440 32.71 3.17 3.46
CA ARG M 440 32.86 3.20 4.91
C ARG M 440 33.63 4.43 5.34
N SER M 441 34.55 4.93 4.50
CA SER M 441 35.31 6.10 4.87
C SER M 441 34.44 7.34 4.99
N GLU M 442 33.22 7.31 4.43
CA GLU M 442 32.26 8.39 4.54
C GLU M 442 31.12 8.03 5.48
N LEU M 443 30.61 6.81 5.40
CA LEU M 443 29.52 6.34 6.25
C LEU M 443 30.07 5.69 7.53
N TYR M 444 30.90 6.44 8.26
CA TYR M 444 31.47 5.94 9.50
C TYR M 444 30.89 6.65 10.71
N LYS M 445 30.29 7.82 10.50
CA LYS M 445 29.74 8.64 11.56
C LYS M 445 28.22 8.52 11.65
N TYR M 446 27.60 7.69 10.82
CA TYR M 446 26.15 7.58 10.79
C TYR M 446 25.67 6.19 11.19
N LYS M 447 24.54 6.18 11.89
CA LYS M 447 23.84 4.98 12.30
C LYS M 447 22.36 5.19 12.03
N VAL M 448 21.65 4.14 11.59
CA VAL M 448 20.20 4.23 11.38
C VAL M 448 19.52 3.56 12.57
N VAL M 449 18.58 4.27 13.18
CA VAL M 449 17.85 3.75 14.33
C VAL M 449 16.34 3.87 14.08
N LYS M 450 15.60 2.90 14.63
CA LYS M 450 14.15 2.89 14.57
C LYS M 450 13.61 3.59 15.80
N ILE M 451 12.64 4.46 15.61
CA ILE M 451 12.02 5.20 16.69
C ILE M 451 10.93 4.33 17.29
N GLU M 452 10.89 4.25 18.62
CA GLU M 452 9.92 3.45 19.37
C GLU M 452 9.12 4.41 20.24
N PRO M 453 8.15 5.10 19.65
CA PRO M 453 7.49 6.21 20.36
C PRO M 453 6.61 5.77 21.51
N LEU M 454 6.30 4.48 21.62
CA LEU M 454 5.39 3.95 22.62
C LEU M 454 6.18 3.31 23.76
N GLY M 455 5.80 3.64 24.99
CA GLY M 455 6.42 3.05 26.16
C GLY M 455 5.52 3.28 27.35
N VAL M 456 5.94 2.72 28.49
CA VAL M 456 5.17 2.79 29.72
C VAL M 456 6.06 3.26 30.85
N ALA M 457 5.43 3.79 31.90
CA ALA M 457 6.19 4.17 33.09
C ALA M 457 5.25 4.25 34.28
N PRO M 458 5.75 4.02 35.50
CA PRO M 458 4.90 4.19 36.68
C PRO M 458 4.62 5.65 36.99
N THR M 459 3.36 5.94 37.31
CA THR M 459 2.94 7.26 37.76
C THR M 459 1.92 7.02 38.87
N ARG M 460 1.44 8.07 39.52
CA ARG M 460 0.35 7.92 40.48
C ARG M 460 -1.01 8.13 39.85
N CYS M 461 -1.09 8.19 38.53
CA CYS M 461 -2.31 8.53 37.82
C CYS M 461 -3.12 7.28 37.46
N LYS M 462 -4.39 7.26 37.87
CA LYS M 462 -5.31 6.17 37.59
C LYS M 462 -6.53 6.74 36.87
N ARG M 463 -7.30 5.88 36.20
CA ARG M 463 -8.45 6.39 35.47
C ARG M 463 -9.60 6.79 36.38
N ARG M 464 -9.78 6.09 37.49
CA ARG M 464 -10.88 6.39 38.40
C ARG M 464 -10.57 7.61 39.25
N SER N 8 10.49 22.32 20.41
CA SER N 8 11.35 23.38 20.91
C SER N 8 12.82 22.96 20.83
N LEU N 9 13.13 21.84 21.47
CA LEU N 9 14.51 21.34 21.47
C LEU N 9 14.86 20.63 20.18
N GLY N 10 13.89 20.06 19.49
CA GLY N 10 14.12 19.31 18.26
C GLY N 10 13.47 17.94 18.33
N PHE N 11 13.56 17.25 17.18
CA PHE N 11 12.90 15.95 17.02
C PHE N 11 13.22 14.97 18.15
N LEU N 12 14.50 14.81 18.49
CA LEU N 12 14.90 13.99 19.63
C LEU N 12 15.69 14.82 20.64
N GLY N 13 15.43 16.14 20.68
CA GLY N 13 16.23 17.02 21.51
C GLY N 13 16.20 16.64 22.97
N ALA N 14 15.08 16.08 23.43
CA ALA N 14 14.90 15.67 24.81
C ALA N 14 15.37 14.25 25.07
N ALA N 15 15.94 13.57 24.06
CA ALA N 15 16.32 12.17 24.22
C ALA N 15 17.27 11.96 25.39
N GLY N 16 18.15 12.92 25.66
CA GLY N 16 19.09 12.79 26.76
C GLY N 16 18.61 13.42 28.04
N SER N 17 17.41 13.99 28.06
CA SER N 17 16.87 14.66 29.22
C SER N 17 16.18 13.63 30.10
N THR N 18 15.83 14.02 31.32
CA THR N 18 15.21 13.07 32.20
C THR N 18 13.78 12.80 31.73
N MET N 19 13.21 11.69 32.22
CA MET N 19 11.87 11.30 31.81
C MET N 19 10.84 12.39 32.09
N GLY N 20 11.00 13.09 33.22
CA GLY N 20 10.03 14.12 33.57
C GLY N 20 10.10 15.35 32.70
N ALA N 21 11.18 15.51 31.92
CA ALA N 21 11.33 16.62 31.00
C ALA N 21 10.96 16.20 29.60
N ALA N 22 11.41 15.01 29.20
CA ALA N 22 11.14 14.50 27.87
C ALA N 22 9.65 14.23 27.68
N SER N 23 8.93 13.93 28.76
CA SER N 23 7.49 13.67 28.65
C SER N 23 6.70 14.90 28.22
N MET N 24 7.29 16.09 28.22
CA MET N 24 6.62 17.31 27.78
C MET N 24 6.82 17.60 26.29
N THR N 25 7.56 16.75 25.57
CA THR N 25 7.86 16.94 24.16
C THR N 25 7.24 15.85 23.28
N LEU N 26 6.25 15.13 23.80
CA LEU N 26 5.68 13.98 23.07
C LEU N 26 5.12 14.37 21.72
N THR N 27 4.63 15.61 21.56
CA THR N 27 4.09 15.99 20.26
C THR N 27 5.20 16.20 19.25
N VAL N 28 6.40 16.52 19.70
CA VAL N 28 7.50 16.78 18.78
C VAL N 28 7.90 15.48 18.10
N GLN N 29 7.96 14.39 18.86
CA GLN N 29 8.29 13.11 18.27
C GLN N 29 7.10 12.55 17.50
N ALA N 30 5.89 12.73 18.03
CA ALA N 30 4.70 12.19 17.37
C ALA N 30 4.49 12.78 15.98
N ARG N 31 4.77 14.08 15.81
CA ARG N 31 4.53 14.70 14.51
C ARG N 31 5.52 14.28 13.43
N ASN N 32 6.61 13.60 13.79
CA ASN N 32 7.63 13.16 12.85
C ASN N 32 7.61 11.66 12.58
N LEU N 33 6.54 10.97 12.95
CA LEU N 33 6.45 9.54 12.68
C LEU N 33 5.87 9.23 11.30
N LEU N 34 5.08 10.13 10.72
CA LEU N 34 4.48 9.92 9.41
C LEU N 34 5.27 10.57 8.28
N SER N 35 5.97 11.67 8.56
CA SER N 35 6.72 12.37 7.51
C SER N 35 7.75 13.30 8.13
N HIS N 59 12.97 -1.66 -9.47
CA HIS N 59 12.65 -0.27 -9.82
C HIS N 59 12.67 0.48 -8.49
N TRP N 60 13.18 1.72 -8.49
CA TRP N 60 13.34 2.48 -7.26
C TRP N 60 11.99 2.80 -6.60
N GLY N 61 10.92 2.80 -7.39
CA GLY N 61 9.61 3.05 -6.85
C GLY N 61 9.22 2.00 -5.84
N ILE N 62 9.72 0.77 -6.02
CA ILE N 62 9.36 -0.30 -5.09
C ILE N 62 10.01 -0.02 -3.76
N LYS N 63 11.29 0.36 -3.76
CA LYS N 63 11.96 0.66 -2.49
C LYS N 63 11.28 1.82 -1.77
N GLN N 64 10.94 2.88 -2.52
CA GLN N 64 10.33 4.04 -1.88
C GLN N 64 8.94 3.70 -1.34
N LEU N 65 8.17 2.93 -2.09
CA LEU N 65 6.85 2.55 -1.61
C LEU N 65 6.95 1.60 -0.42
N GLN N 66 7.91 0.67 -0.43
CA GLN N 66 8.03 -0.22 0.72
C GLN N 66 8.40 0.58 1.95
N ALA N 67 9.27 1.57 1.81
CA ALA N 67 9.66 2.40 2.94
C ALA N 67 8.45 3.15 3.50
N ARG N 68 7.60 3.68 2.60
CA ARG N 68 6.45 4.45 3.05
C ARG N 68 5.39 3.55 3.65
N VAL N 69 5.16 2.38 3.05
CA VAL N 69 4.17 1.46 3.56
C VAL N 69 4.62 0.93 4.93
N LEU N 70 5.92 0.65 5.08
CA LEU N 70 6.40 0.16 6.36
C LEU N 70 6.22 1.22 7.44
N ALA N 71 6.52 2.49 7.12
CA ALA N 71 6.31 3.54 8.11
C ALA N 71 4.84 3.63 8.51
N VAL N 72 3.95 3.49 7.53
CA VAL N 72 2.51 3.52 7.81
C VAL N 72 2.12 2.31 8.66
N GLU N 73 2.61 1.14 8.31
CA GLU N 73 2.26 -0.07 9.06
C GLU N 73 2.71 0.05 10.51
N HIS N 74 3.91 0.58 10.75
CA HIS N 74 4.37 0.69 12.13
C HIS N 74 3.52 1.69 12.90
N TYR N 75 3.18 2.81 12.25
CA TYR N 75 2.32 3.80 12.89
C TYR N 75 0.99 3.18 13.28
N LEU N 76 0.37 2.45 12.34
CA LEU N 76 -0.93 1.86 12.61
C LEU N 76 -0.84 0.78 13.67
N ARG N 77 0.25 0.02 13.73
CA ARG N 77 0.37 -0.98 14.78
C ARG N 77 0.37 -0.31 16.13
N ASP N 78 1.05 0.83 16.25
CA ASP N 78 1.07 1.51 17.53
C ASP N 78 -0.28 2.13 17.85
N GLN N 79 -0.96 2.70 16.84
CA GLN N 79 -2.26 3.32 17.12
C GLN N 79 -3.29 2.25 17.47
N GLN N 80 -3.22 1.09 16.81
CA GLN N 80 -4.15 0.02 17.13
C GLN N 80 -3.90 -0.44 18.54
N LEU N 81 -2.64 -0.58 18.93
CA LEU N 81 -2.32 -1.07 20.26
C LEU N 81 -2.84 -0.08 21.30
N LEU N 82 -2.70 1.22 21.04
CA LEU N 82 -3.26 2.21 21.95
C LEU N 82 -4.78 2.09 22.02
N GLY N 83 -5.42 1.81 20.89
CA GLY N 83 -6.87 1.64 20.88
C GLY N 83 -7.31 0.46 21.72
N ILE N 84 -6.56 -0.64 21.66
CA ILE N 84 -6.89 -1.84 22.42
C ILE N 84 -6.87 -1.53 23.90
N TRP N 85 -5.93 -0.68 24.34
CA TRP N 85 -5.78 -0.31 25.73
C TRP N 85 -6.74 0.80 26.17
N GLY N 86 -7.52 1.36 25.25
CA GLY N 86 -8.39 2.47 25.59
C GLY N 86 -7.68 3.80 25.67
N CYS N 87 -6.55 3.94 24.98
CA CYS N 87 -5.72 5.14 25.01
C CYS N 87 -5.74 5.87 23.66
N SER N 88 -6.70 5.59 22.79
CA SER N 88 -6.73 6.22 21.49
C SER N 88 -6.90 7.72 21.62
N GLY N 89 -6.13 8.46 20.83
CA GLY N 89 -6.22 9.90 20.78
C GLY N 89 -5.49 10.63 21.87
N LYS N 90 -4.72 9.94 22.71
CA LYS N 90 -3.99 10.53 23.81
C LYS N 90 -2.51 10.23 23.68
N LEU N 91 -1.68 11.16 24.14
CA LEU N 91 -0.23 10.94 24.23
C LEU N 91 0.20 10.50 25.62
N ILE N 92 -0.52 10.94 26.66
CA ILE N 92 -0.27 10.54 28.03
C ILE N 92 -1.56 9.88 28.49
N CYS N 93 -1.55 8.57 28.62
CA CYS N 93 -2.75 7.79 28.93
C CYS N 93 -2.61 7.10 30.27
N CYS N 94 -3.47 7.43 31.21
CA CYS N 94 -3.46 6.83 32.53
C CYS N 94 -4.32 5.58 32.48
N THR N 95 -3.83 4.50 33.07
CA THR N 95 -4.56 3.23 33.07
C THR N 95 -4.76 2.74 34.50
N ASN N 96 -5.51 1.63 34.61
CA ASN N 96 -5.84 1.02 35.89
C ASN N 96 -4.97 -0.18 36.21
N VAL N 97 -3.87 -0.39 35.50
CA VAL N 97 -2.99 -1.50 35.80
C VAL N 97 -2.03 -1.09 36.92
N PRO N 98 -1.97 -1.79 38.05
CA PRO N 98 -1.05 -1.38 39.10
C PRO N 98 0.38 -1.67 38.67
N TRP N 99 1.32 -0.90 39.19
CA TRP N 99 2.72 -1.17 38.88
C TRP N 99 3.21 -2.26 39.81
N ASN N 100 3.87 -3.26 39.24
CA ASN N 100 4.46 -4.35 39.99
C ASN N 100 5.89 -3.99 40.38
N SER N 101 6.20 -4.11 41.67
CA SER N 101 7.54 -3.79 42.14
C SER N 101 8.59 -4.73 41.57
N SER N 102 8.18 -5.89 41.02
CA SER N 102 9.14 -6.80 40.41
C SER N 102 9.57 -6.32 39.03
N TRP N 103 8.79 -5.45 38.39
CA TRP N 103 9.16 -4.93 37.08
C TRP N 103 10.22 -3.86 37.22
N SER N 104 10.08 -3.00 38.23
CA SER N 104 11.05 -1.97 38.56
C SER N 104 10.80 -1.58 40.00
N ASN N 105 11.85 -1.60 40.82
CA ASN N 105 11.72 -1.25 42.23
C ASN N 105 12.27 0.13 42.54
N ARG N 106 12.45 0.97 41.53
CA ARG N 106 12.89 2.34 41.74
C ARG N 106 11.71 3.16 42.23
N ASN N 107 12.00 4.17 43.06
CA ASN N 107 10.91 5.03 43.49
C ASN N 107 10.58 6.02 42.38
N LEU N 108 9.39 6.61 42.49
CA LEU N 108 8.88 7.49 41.44
C LEU N 108 9.79 8.70 41.21
N SER N 109 10.38 9.22 42.28
CA SER N 109 11.27 10.36 42.13
C SER N 109 12.54 9.96 41.41
N GLU N 110 13.08 8.78 41.72
CA GLU N 110 14.29 8.33 41.05
C GLU N 110 14.04 8.12 39.57
N ILE N 111 12.88 7.56 39.21
CA ILE N 111 12.60 7.27 37.81
C ILE N 111 12.41 8.55 37.01
N TRP N 112 11.58 9.48 37.51
CA TRP N 112 11.29 10.67 36.73
C TRP N 112 12.33 11.79 36.83
N ASP N 113 13.10 11.88 37.93
CA ASP N 113 14.06 12.96 38.07
C ASP N 113 15.50 12.60 37.72
N ASN N 114 15.93 11.33 37.85
CA ASN N 114 17.32 10.97 37.64
C ASN N 114 17.52 9.90 36.57
N MET N 115 16.60 9.74 35.61
CA MET N 115 16.79 8.74 34.58
C MET N 115 16.18 9.21 33.26
N THR N 116 16.80 8.81 32.16
CA THR N 116 16.33 9.12 30.82
C THR N 116 15.41 8.02 30.31
N TRP N 117 14.71 8.29 29.21
CA TRP N 117 13.82 7.27 28.66
C TRP N 117 14.59 6.11 28.04
N LEU N 118 15.80 6.34 27.52
CA LEU N 118 16.55 5.22 26.95
C LEU N 118 16.95 4.23 28.03
N GLN N 119 17.38 4.73 29.18
CA GLN N 119 17.76 3.86 30.27
C GLN N 119 16.54 3.11 30.79
N TRP N 120 15.41 3.80 30.88
CA TRP N 120 14.18 3.14 31.32
C TRP N 120 13.77 2.06 30.34
N ASP N 121 13.82 2.38 29.03
CA ASP N 121 13.44 1.40 28.03
C ASP N 121 14.28 0.15 28.13
N LYS N 122 15.57 0.30 28.43
CA LYS N 122 16.41 -0.87 28.61
C LYS N 122 16.02 -1.62 29.87
N GLU N 123 15.82 -0.88 30.96
CA GLU N 123 15.50 -1.46 32.26
C GLU N 123 14.19 -2.25 32.24
N ILE N 124 13.18 -1.77 31.52
CA ILE N 124 11.85 -2.38 31.52
C ILE N 124 11.61 -3.26 30.29
N SER N 125 12.63 -3.48 29.46
CA SER N 125 12.42 -4.23 28.22
C SER N 125 11.87 -5.63 28.47
N ASN N 126 12.41 -6.34 29.46
CA ASN N 126 12.00 -7.73 29.65
C ASN N 126 10.59 -7.88 30.19
N TYR N 127 9.94 -6.79 30.60
CA TYR N 127 8.61 -6.83 31.15
C TYR N 127 7.61 -6.11 30.26
N THR N 128 8.06 -5.58 29.12
CA THR N 128 7.16 -4.79 28.30
C THR N 128 5.97 -5.60 27.79
N GLN N 129 6.22 -6.84 27.36
CA GLN N 129 5.10 -7.59 26.81
C GLN N 129 4.15 -8.01 27.92
N ILE N 130 4.69 -8.20 29.13
CA ILE N 130 3.81 -8.56 30.24
C ILE N 130 2.89 -7.40 30.52
N ILE N 131 3.47 -6.20 30.53
CA ILE N 131 2.68 -5.01 30.83
C ILE N 131 1.62 -4.86 29.75
N TYR N 132 2.01 -5.05 28.50
CA TYR N 132 1.05 -4.88 27.41
C TYR N 132 -0.11 -5.85 27.56
N GLY N 133 0.18 -7.10 27.96
CA GLY N 133 -0.91 -8.03 28.14
C GLY N 133 -1.88 -7.60 29.22
N LEU N 134 -1.35 -7.08 30.32
CA LEU N 134 -2.23 -6.64 31.40
C LEU N 134 -3.04 -5.45 30.95
N LEU N 135 -2.44 -4.56 30.15
CA LEU N 135 -3.20 -3.40 29.70
C LEU N 135 -4.37 -3.82 28.84
N GLU N 136 -4.16 -4.83 27.99
CA GLU N 136 -5.26 -5.33 27.19
C GLU N 136 -6.35 -5.92 28.06
N GLU N 137 -5.95 -6.71 29.06
CA GLU N 137 -6.95 -7.33 29.92
C GLU N 137 -7.71 -6.25 30.68
N SER N 138 -7.02 -5.20 31.10
CA SER N 138 -7.70 -4.16 31.86
C SER N 138 -8.79 -3.52 31.02
N GLN N 139 -8.47 -3.19 29.77
CA GLN N 139 -9.49 -2.55 28.95
C GLN N 139 -10.63 -3.50 28.67
N ASN N 140 -10.34 -4.79 28.49
CA ASN N 140 -11.42 -5.72 28.22
C ASN N 140 -12.38 -5.78 29.38
N GLN N 141 -11.87 -5.73 30.62
CA GLN N 141 -12.79 -5.75 31.73
C GLN N 141 -13.54 -4.43 31.83
N GLN N 142 -12.81 -3.32 31.64
CA GLN N 142 -13.42 -2.00 31.78
C GLN N 142 -14.50 -1.78 30.74
N GLU N 143 -14.24 -2.19 29.52
CA GLU N 143 -15.22 -1.96 28.47
C GLU N 143 -16.50 -2.73 28.75
N LYS N 144 -16.37 -3.97 29.24
CA LYS N 144 -17.57 -4.70 29.60
C LYS N 144 -18.27 -4.04 30.78
N ASN N 145 -17.49 -3.52 31.72
CA ASN N 145 -18.10 -2.89 32.87
C ASN N 145 -18.83 -1.62 32.43
N GLU N 146 -18.26 -0.89 31.47
CA GLU N 146 -18.94 0.31 31.02
C GLU N 146 -20.26 -0.06 30.36
N GLN N 147 -20.26 -1.15 29.60
CA GLN N 147 -21.48 -1.59 28.94
C GLN N 147 -22.54 -1.90 29.98
N ASP N 148 -22.14 -2.57 31.07
CA ASP N 148 -23.12 -2.93 32.08
C ASP N 148 -23.62 -1.68 32.80
N LEU N 149 -22.74 -0.70 33.01
CA LEU N 149 -23.23 0.52 33.66
C LEU N 149 -24.22 1.22 32.74
N LEU N 150 -23.94 1.22 31.44
CA LEU N 150 -24.84 1.85 30.47
C LEU N 150 -26.14 1.09 30.29
N ALA N 151 -26.16 -0.21 30.59
CA ALA N 151 -27.38 -0.99 30.48
C ALA N 151 -28.33 -0.83 31.67
N LEU N 152 -27.97 -0.04 32.67
CA LEU N 152 -28.89 0.24 33.77
C LEU N 152 -29.85 1.33 33.32
N ASP N 153 -31.14 1.12 33.53
CA ASP N 153 -32.14 2.09 33.13
C ASP N 153 -32.23 3.26 34.10
C1 NAG O . 2.23 -46.78 -25.92
C2 NAG O . 1.93 -46.06 -27.23
C3 NAG O . 0.70 -46.72 -27.84
C4 NAG O . 0.96 -48.21 -28.06
C5 NAG O . 1.33 -48.83 -26.72
C6 NAG O . 1.72 -50.28 -26.80
C7 NAG O . 2.52 -43.69 -26.96
C8 NAG O . 1.95 -42.33 -26.63
N2 NAG O . 1.61 -44.69 -26.95
O3 NAG O . 0.40 -46.09 -29.05
O4 NAG O . -0.24 -48.81 -28.46
O5 NAG O . 2.45 -48.15 -26.16
O6 NAG O . 2.98 -50.38 -27.43
O7 NAG O . 3.69 -43.86 -27.20
C1 NAG O . -0.16 -49.22 -29.85
C2 NAG O . -1.12 -50.39 -30.08
C3 NAG O . -1.08 -50.76 -31.55
C4 NAG O . -1.45 -49.53 -32.38
C5 NAG O . -0.46 -48.40 -32.06
C6 NAG O . -0.79 -47.11 -32.79
C7 NAG O . -1.44 -52.15 -28.38
C8 NAG O . -0.75 -53.30 -27.69
N2 NAG O . -0.69 -51.51 -29.30
O3 NAG O . -2.01 -51.78 -31.81
O4 NAG O . -1.41 -49.89 -33.74
O5 NAG O . -0.49 -48.13 -30.68
O6 NAG O . -0.72 -47.33 -34.18
O7 NAG O . -2.60 -51.86 -28.12
C1 NAG P . 10.01 -36.30 -5.90
C2 NAG P . 10.75 -35.83 -7.15
C3 NAG P . 12.07 -36.57 -7.24
C4 NAG P . 12.88 -36.28 -5.99
C5 NAG P . 12.07 -36.73 -4.77
C6 NAG P . 12.74 -36.39 -3.47
C7 NAG P . 9.46 -35.13 -9.15
C8 NAG P . 8.66 -35.65 -10.32
N2 NAG P . 9.95 -36.08 -8.33
O3 NAG P . 12.75 -36.15 -8.38
O4 NAG P . 14.08 -37.00 -6.07
O5 NAG P . 10.83 -36.08 -4.77
O6 NAG P . 11.82 -36.54 -2.42
O7 NAG P . 9.63 -33.94 -8.99
C1 NAG P . 15.17 -36.09 -5.75
C2 NAG P . 16.37 -36.92 -5.27
C3 NAG P . 17.51 -35.97 -4.97
C4 NAG P . 17.83 -35.15 -6.21
C5 NAG P . 16.58 -34.39 -6.64
C6 NAG P . 16.74 -33.62 -7.93
C7 NAG P . 16.13 -38.95 -3.88
C8 NAG P . 15.67 -39.43 -2.52
N2 NAG P . 16.00 -37.63 -4.07
O3 NAG P . 18.63 -36.72 -4.56
O4 NAG P . 18.84 -34.23 -5.91
O5 NAG P . 15.52 -35.31 -6.87
O6 NAG P . 16.79 -34.53 -9.00
O7 NAG P . 16.59 -39.72 -4.71
C1 BMA P . 20.05 -34.53 -6.66
C2 BMA P . 20.87 -33.23 -6.71
C3 BMA P . 22.18 -33.53 -7.47
C4 BMA P . 22.91 -34.66 -6.74
C5 BMA P . 22.01 -35.89 -6.68
C6 BMA P . 22.66 -37.04 -5.91
O2 BMA P . 21.13 -32.78 -5.41
O3 BMA P . 22.96 -32.37 -7.49
O4 BMA P . 24.09 -34.94 -7.45
O5 BMA P . 20.80 -35.56 -6.05
O6 BMA P . 22.67 -36.70 -4.53
C1 MAN P . 23.47 -32.14 -8.81
C2 MAN P . 24.58 -31.09 -8.72
C3 MAN P . 24.00 -29.77 -8.22
C4 MAN P . 22.83 -29.33 -9.08
C5 MAN P . 21.81 -30.47 -9.23
C6 MAN P . 20.75 -30.15 -10.27
O2 MAN P . 25.14 -30.96 -10.01
O3 MAN P . 25.04 -28.82 -8.23
O4 MAN P . 22.26 -28.20 -8.45
O5 MAN P . 22.45 -31.66 -9.66
O6 MAN P . 19.85 -29.21 -9.74
C1 MAN P . 23.43 -37.70 -3.83
C2 MAN P . 22.70 -38.01 -2.52
C3 MAN P . 22.70 -36.79 -1.61
C4 MAN P . 24.13 -36.33 -1.36
C5 MAN P . 24.83 -36.08 -2.70
C6 MAN P . 26.31 -35.79 -2.51
O2 MAN P . 23.38 -39.10 -1.93
O3 MAN P . 22.04 -37.14 -0.42
O4 MAN P . 24.07 -35.17 -0.56
O5 MAN P . 24.73 -37.22 -3.54
O6 MAN P . 26.46 -34.55 -1.87
C1 NAG Q . 29.44 -38.97 -34.31
C2 NAG Q . 30.22 -40.02 -33.50
C3 NAG Q . 31.59 -39.44 -33.17
C4 NAG Q . 32.31 -39.12 -34.46
C5 NAG Q . 31.46 -38.17 -35.29
C6 NAG Q . 32.05 -37.93 -36.66
C7 NAG Q . 28.83 -41.49 -32.12
C8 NAG Q . 28.23 -41.69 -30.75
N2 NAG Q . 29.56 -40.37 -32.27
O3 NAG Q . 32.30 -40.38 -32.42
O4 NAG Q . 33.49 -38.46 -34.07
O5 NAG Q . 30.17 -38.70 -35.49
O6 NAG Q . 32.23 -39.17 -37.32
O7 NAG Q . 28.66 -42.31 -33.00
C1 NAG Q . 34.66 -39.11 -34.62
C2 NAG Q . 35.88 -38.26 -34.21
C3 NAG Q . 37.13 -38.95 -34.73
C4 NAG Q . 37.19 -40.35 -34.17
C5 NAG Q . 35.94 -41.12 -34.60
C6 NAG Q . 35.88 -42.51 -34.01
C7 NAG Q . 35.28 -35.87 -34.17
C8 NAG Q . 35.25 -34.61 -35.02
N2 NAG Q . 35.75 -36.96 -34.81
O3 NAG Q . 38.25 -38.22 -34.33
O4 NAG Q . 38.36 -40.97 -34.67
O5 NAG Q . 34.79 -40.42 -34.12
O6 NAG Q . 34.79 -43.20 -34.58
O7 NAG Q . 34.91 -35.86 -33.01
C1 NAG R . 32.45 -25.34 -40.66
C2 NAG R . 32.66 -25.49 -42.17
C3 NAG R . 33.97 -26.25 -42.37
C4 NAG R . 35.11 -25.48 -41.71
C5 NAG R . 34.78 -25.29 -40.23
C6 NAG R . 35.75 -24.40 -39.50
C7 NAG R . 30.63 -25.68 -43.57
C8 NAG R . 29.53 -26.62 -43.95
N2 NAG R . 31.53 -26.19 -42.70
O3 NAG R . 34.23 -26.43 -43.73
O4 NAG R . 36.31 -26.24 -41.79
O5 NAG R . 33.54 -24.64 -40.09
O6 NAG R . 35.73 -23.12 -40.08
O7 NAG R . 30.68 -24.54 -44.01
C1 NAG R . 37.28 -25.69 -42.72
C2 NAG R . 38.70 -25.80 -42.13
C3 NAG R . 39.68 -25.26 -43.15
C4 NAG R . 39.55 -26.08 -44.42
C5 NAG R . 38.12 -26.01 -44.94
C6 NAG R . 37.88 -26.94 -46.09
C7 NAG R . 39.41 -25.45 -39.79
C8 NAG R . 39.43 -24.46 -38.64
N2 NAG R . 38.81 -25.02 -40.92
O3 NAG R . 40.96 -25.31 -42.59
O4 NAG R . 40.41 -25.51 -45.38
O5 NAG R . 37.22 -26.42 -43.92
O6 NAG R . 38.00 -28.26 -45.64
O7 NAG R . 39.91 -26.55 -39.66
C1 BMA R . 41.56 -26.37 -45.61
C2 BMA R . 42.27 -25.91 -46.88
C3 BMA R . 43.48 -26.84 -47.10
C4 BMA R . 44.37 -26.68 -45.84
C5 BMA R . 43.58 -27.12 -44.61
C6 BMA R . 44.39 -26.99 -43.33
O2 BMA R . 42.69 -24.58 -46.72
O3 BMA R . 44.18 -26.50 -48.28
O4 BMA R . 45.53 -27.48 -46.00
O5 BMA R . 42.42 -26.31 -44.49
O6 BMA R . 45.60 -27.71 -43.45
C1 MAN R . 44.13 -27.61 -49.21
C2 MAN R . 45.29 -27.46 -50.18
C3 MAN R . 45.12 -26.15 -50.96
C4 MAN R . 43.78 -26.13 -51.66
C5 MAN R . 42.66 -26.42 -50.66
C6 MAN R . 41.33 -26.64 -51.37
O2 MAN R . 45.27 -28.57 -51.04
O3 MAN R . 46.20 -26.07 -51.87
O4 MAN R . 43.63 -24.85 -52.23
O5 MAN R . 42.92 -27.61 -49.92
O6 MAN R . 41.27 -25.82 -52.51
C1 MAN R . 45.79 -29.72 -50.34
C2 MAN R . 46.66 -30.51 -51.30
C3 MAN R . 45.81 -31.09 -52.43
C4 MAN R . 44.65 -31.90 -51.85
C5 MAN R . 43.86 -31.04 -50.87
C6 MAN R . 42.79 -31.82 -50.16
O2 MAN R . 47.29 -31.52 -50.55
O3 MAN R . 46.65 -31.87 -53.24
O4 MAN R . 43.86 -32.32 -52.95
O5 MAN R . 44.73 -30.52 -49.87
O6 MAN R . 41.68 -31.98 -51.02
C1 NAG S . -1.22 20.37 -51.73
C2 NAG S . 0.30 20.47 -51.59
C3 NAG S . 0.69 21.88 -51.99
C4 NAG S . 0.23 22.17 -53.42
C5 NAG S . -1.28 21.96 -53.49
C6 NAG S . -1.82 22.10 -54.90
C7 NAG S . 1.05 19.10 -49.68
C8 NAG S . 1.40 19.15 -48.22
N2 NAG S . 0.68 20.28 -50.22
O3 NAG S . 2.09 21.99 -51.90
O4 NAG S . 0.43 23.54 -53.67
O5 NAG S . -1.61 20.66 -53.05
O6 NAG S . -3.23 21.98 -54.85
O7 NAG S . 1.11 18.07 -50.32
C1 NAG S . 1.50 23.75 -54.61
C2 NAG S . 1.29 25.14 -55.22
C3 NAG S . 2.45 25.40 -56.16
C4 NAG S . 3.76 25.30 -55.40
C5 NAG S . 3.87 23.89 -54.80
C6 NAG S . 5.09 23.69 -53.92
C7 NAG S . -1.05 25.81 -55.58
C8 NAG S . -2.23 25.64 -56.52
N2 NAG S . 0.06 25.13 -55.94
O3 NAG S . 2.34 26.70 -56.70
O4 NAG S . 4.82 25.55 -56.30
O5 NAG S . 2.75 23.66 -53.97
O6 NAG S . 4.99 22.47 -53.24
O7 NAG S . -1.14 26.51 -54.58
C1 NAG T . -13.87 7.82 -35.66
C2 NAG T . -12.64 7.00 -36.09
C3 NAG T . -13.06 6.03 -37.18
C4 NAG T . -14.19 5.15 -36.67
C5 NAG T . -15.36 6.05 -36.25
C6 NAG T . -16.52 5.30 -35.67
C7 NAG T . -10.43 8.09 -36.16
C8 NAG T . -9.61 9.11 -36.89
N2 NAG T . -11.67 7.92 -36.63
O3 NAG T . -11.97 5.22 -37.50
O4 NAG T . -14.62 4.34 -37.74
O5 NAG T . -14.90 6.95 -35.27
O6 NAG T . -16.08 4.55 -34.56
O7 NAG T . -9.98 7.49 -35.19
C1 NAG T . -14.41 2.95 -37.40
C2 NAG T . -15.40 2.10 -38.20
C3 NAG T . -15.13 0.64 -37.90
C4 NAG T . -13.69 0.33 -38.24
C5 NAG T . -12.76 1.23 -37.43
C6 NAG T . -11.31 1.04 -37.78
C7 NAG T . -17.74 2.76 -38.63
C8 NAG T . -19.05 3.08 -37.95
N2 NAG T . -16.73 2.45 -37.80
O3 NAG T . -15.99 -0.17 -38.66
O4 NAG T . -13.46 -1.04 -37.94
O5 NAG T . -13.08 2.58 -37.69
O6 NAG T . -10.93 -0.28 -37.50
O7 NAG T . -17.64 2.79 -39.85
C1 NAG U . 7.02 -7.04 -59.06
C2 NAG U . 5.74 -7.40 -59.85
C3 NAG U . 5.62 -8.91 -59.87
C4 NAG U . 6.84 -9.52 -60.51
C5 NAG U . 8.08 -9.06 -59.74
C6 NAG U . 9.36 -9.53 -60.39
C7 NAG U . 4.02 -5.68 -59.54
C8 NAG U . 2.79 -5.32 -58.75
N2 NAG U . 4.58 -6.85 -59.21
O3 NAG U . 4.48 -9.26 -60.59
O4 NAG U . 6.70 -10.92 -60.39
O5 NAG U . 8.12 -7.65 -59.70
O6 NAG U . 9.40 -9.07 -61.72
O7 NAG U . 4.45 -4.94 -60.42
C1 NAG U . 6.90 -11.56 -61.67
C2 NAG U . 7.08 -13.07 -61.39
C3 NAG U . 7.22 -13.77 -62.72
C4 NAG U . 6.01 -13.49 -63.58
C5 NAG U . 5.87 -11.97 -63.78
C6 NAG U . 4.63 -11.58 -64.55
C7 NAG U . 8.30 -13.42 -59.28
C8 NAG U . 9.68 -13.60 -58.71
N2 NAG U . 8.27 -13.26 -60.61
O3 NAG U . 7.34 -15.15 -62.51
O4 NAG U . 6.16 -14.14 -64.81
O5 NAG U . 5.79 -11.35 -62.51
O6 NAG U . 4.66 -10.21 -64.81
O7 NAG U . 7.31 -13.39 -58.57
C1 NAG V . 20.29 -10.69 -53.35
C2 NAG V . 20.94 -9.50 -54.06
C3 NAG V . 21.28 -9.93 -55.48
C4 NAG V . 22.23 -11.11 -55.44
C5 NAG V . 21.58 -12.24 -54.63
C6 NAG V . 22.52 -13.38 -54.37
C7 NAG V . 19.95 -7.44 -53.15
C8 NAG V . 18.92 -6.39 -53.43
N2 NAG V . 20.03 -8.39 -54.10
O3 NAG V . 21.87 -8.86 -56.16
O4 NAG V . 22.39 -11.54 -56.77
O5 NAG V . 21.21 -11.75 -53.36
O6 NAG V . 23.56 -12.94 -53.53
O7 NAG V . 20.65 -7.41 -52.16
C1 NAG V . 23.78 -11.77 -57.08
C2 NAG V . 23.83 -12.65 -58.35
C3 NAG V . 25.29 -12.84 -58.73
C4 NAG V . 25.94 -11.48 -58.92
C5 NAG V . 25.81 -10.67 -57.63
C6 NAG V . 26.40 -9.28 -57.72
C7 NAG V . 22.70 -14.75 -58.97
C8 NAG V . 22.16 -16.05 -58.40
N2 NAG V . 23.25 -13.93 -58.06
O3 NAG V . 25.38 -13.56 -59.92
O4 NAG V . 27.29 -11.67 -59.28
O5 NAG V . 24.45 -10.55 -57.29
O6 NAG V . 27.80 -9.40 -57.94
O7 NAG V . 22.63 -14.49 -60.16
C1 NAG W . 38.20 -7.52 -43.87
C2 NAG W . 39.64 -7.97 -43.61
C3 NAG W . 40.36 -8.07 -44.95
C4 NAG W . 39.64 -9.08 -45.84
C5 NAG W . 38.19 -8.63 -45.99
C6 NAG W . 37.33 -9.61 -46.74
C7 NAG W . 40.75 -7.27 -41.50
C8 NAG W . 41.40 -6.09 -40.85
N2 NAG W . 40.31 -7.02 -42.75
O3 NAG W . 41.70 -8.43 -44.74
O4 NAG W . 40.23 -9.10 -47.11
O5 NAG W . 37.60 -8.48 -44.72
O6 NAG W . 37.22 -10.78 -45.98
O7 NAG W . 40.63 -8.35 -40.94
C1 NAG W . 41.34 -10.01 -47.21
C2 NAG W . 41.19 -10.81 -48.51
C3 NAG W . 42.41 -11.71 -48.67
C4 NAG W . 43.67 -10.85 -48.64
C5 NAG W . 43.71 -10.08 -47.33
C6 NAG W . 44.91 -9.14 -47.22
C7 NAG W . 39.00 -11.68 -49.26
C8 NAG W . 37.89 -12.63 -48.89
N2 NAG W . 40.02 -11.63 -48.37
O3 NAG W . 42.28 -12.41 -49.88
O4 NAG W . 44.79 -11.71 -48.68
O5 NAG W . 42.55 -9.28 -47.21
O6 NAG W . 46.10 -9.88 -47.12
O7 NAG W . 38.96 -11.01 -50.28
C1 BMA W . 45.48 -11.58 -49.95
C2 BMA W . 46.82 -12.28 -49.82
C3 BMA W . 47.53 -12.22 -51.19
C4 BMA W . 46.62 -12.86 -52.24
C5 BMA W . 45.29 -12.12 -52.29
C6 BMA W . 44.28 -12.74 -53.24
O2 BMA W . 46.65 -13.61 -49.39
O3 BMA W . 48.74 -12.92 -51.10
O4 BMA W . 47.28 -12.79 -53.49
O5 BMA W . 44.72 -12.15 -50.99
O6 BMA W . 44.82 -12.69 -54.54
C1 NAG X . 22.33 17.61 30.00
C2 NAG X . 20.97 18.31 30.05
C3 NAG X . 21.22 19.73 30.52
C4 NAG X . 21.89 19.72 31.88
C5 NAG X . 23.20 18.93 31.77
C6 NAG X . 23.94 18.76 33.08
C7 NAG X . 19.18 17.95 28.39
C8 NAG X . 18.83 18.06 26.93
N2 NAG X . 20.43 18.33 28.72
O3 NAG X . 19.98 20.38 30.63
O4 NAG X . 22.18 21.08 32.15
O5 NAG X . 22.93 17.64 31.27
O6 NAG X . 25.09 17.98 32.86
O7 NAG X . 18.37 17.54 29.20
C1 NAG X . 21.95 21.55 33.51
C2 NAG X . 20.54 22.19 33.52
C3 NAG X . 20.28 22.74 34.91
C4 NAG X . 20.40 21.60 35.92
C5 NAG X . 21.79 20.97 35.82
C6 NAG X . 21.97 19.77 36.72
C7 NAG X . 19.37 23.61 31.89
C8 NAG X . 19.56 24.73 30.90
N2 NAG X . 20.49 23.23 32.54
O3 NAG X . 19.00 23.29 34.98
O4 NAG X . 20.17 22.13 37.20
O5 NAG X . 22.01 20.52 34.49
O6 NAG X . 21.82 20.18 38.06
O7 NAG X . 18.28 23.10 32.08
C1 NAG Y . 37.30 15.54 -7.54
C2 NAG Y . 37.09 14.75 -8.85
C3 NAG Y . 37.61 15.58 -10.00
C4 NAG Y . 36.89 16.91 -10.02
C5 NAG Y . 37.12 17.62 -8.69
C6 NAG Y . 36.41 18.93 -8.57
C7 NAG Y . 37.34 12.29 -8.82
C8 NAG Y . 38.34 11.18 -8.70
N2 NAG Y . 37.85 13.54 -8.76
O3 NAG Y . 37.38 14.90 -11.20
O4 NAG Y . 37.45 17.68 -11.06
O5 NAG Y . 36.66 16.78 -7.65
O6 NAG Y . 35.03 18.72 -8.74
O7 NAG Y . 36.15 12.06 -8.98
C1 NAG Y . 36.41 18.07 -11.98
C2 NAG Y . 36.94 19.24 -12.82
C3 NAG Y . 35.88 19.62 -13.83
C4 NAG Y . 35.56 18.40 -14.69
C5 NAG Y . 35.07 17.26 -13.78
C6 NAG Y . 34.76 15.99 -14.53
C7 NAG Y . 38.34 21.03 -11.85
C8 NAG Y . 38.35 22.15 -10.84
N2 NAG Y . 37.19 20.35 -11.93
O3 NAG Y . 36.35 20.65 -14.64
O4 NAG Y . 34.58 18.77 -15.62
O5 NAG Y . 36.06 16.97 -12.82
O6 NAG Y . 33.84 16.27 -15.56
O7 NAG Y . 39.32 20.79 -12.55
C1 NAG Z . -3.57 -55.34 -22.45
C2 NAG Z . -2.51 -55.23 -23.54
C3 NAG Z . -2.75 -56.32 -24.56
C4 NAG Z . -2.69 -57.67 -23.86
C5 NAG Z . -3.74 -57.70 -22.75
C6 NAG Z . -3.70 -58.97 -21.93
C7 NAG Z . -1.72 -52.94 -23.96
C8 NAG Z . -2.02 -51.65 -24.70
N2 NAG Z . -2.60 -53.93 -24.15
O3 NAG Z . -1.75 -56.27 -25.56
O4 NAG Z . -2.94 -58.68 -24.81
O5 NAG Z . -3.51 -56.62 -21.86
O6 NAG Z . -4.62 -58.87 -20.87
O7 NAG Z . -0.73 -53.03 -23.25
C1 NAG AA . -4.77 -58.35 -9.91
C2 NAG AA . -5.92 -58.47 -8.92
C3 NAG AA . -6.94 -59.45 -9.46
C4 NAG AA . -7.41 -58.96 -10.83
C5 NAG AA . -6.20 -58.83 -11.77
C6 NAG AA . -6.56 -58.24 -13.11
C7 NAG AA . -5.30 -58.27 -6.46
C8 NAG AA . -5.70 -56.82 -6.36
N2 NAG AA . -5.44 -58.93 -7.64
O3 NAG AA . -8.02 -59.55 -8.58
O4 NAG AA . -8.35 -59.88 -11.33
O5 NAG AA . -5.25 -57.96 -11.18
O6 NAG AA . -7.50 -59.07 -13.75
O7 NAG AA . -4.87 -58.84 -5.47
C1 NAG BA . 13.23 -52.42 -13.79
C2 NAG BA . 14.66 -52.16 -13.29
C3 NAG BA . 15.64 -52.90 -14.18
C4 NAG BA . 15.29 -54.38 -14.17
C5 NAG BA . 13.85 -54.54 -14.67
C6 NAG BA . 13.39 -55.98 -14.68
C7 NAG BA . 14.73 -49.90 -12.34
C8 NAG BA . 15.08 -48.47 -12.65
N2 NAG BA . 14.92 -50.76 -13.35
O3 NAG BA . 16.93 -52.72 -13.67
O4 NAG BA . 16.21 -55.04 -15.02
O5 NAG BA . 12.99 -53.81 -13.83
O6 NAG BA . 14.20 -56.72 -15.56
O7 NAG BA . 14.32 -50.23 -11.24
C1 NAG CA . 6.69 -41.57 -0.17
C2 NAG CA . 7.47 -40.36 0.34
C3 NAG CA . 8.26 -40.76 1.57
C4 NAG CA . 7.30 -41.28 2.62
C5 NAG CA . 6.52 -42.47 2.03
C6 NAG CA . 5.47 -43.02 2.97
C7 NAG CA . 8.18 -38.78 -1.41
C8 NAG CA . 9.25 -38.52 -2.45
N2 NAG CA . 8.35 -39.91 -0.69
O3 NAG CA . 8.97 -39.66 2.07
O4 NAG CA . 8.04 -41.66 3.76
O5 NAG CA . 5.85 -42.05 0.85
O6 NAG CA . 6.10 -43.50 4.14
O7 NAG CA . 7.25 -38.00 -1.26
C1 NAG DA . 30.68 -41.98 -16.88
C2 NAG DA . 30.69 -42.26 -15.36
C3 NAG DA . 31.76 -41.39 -14.72
C4 NAG DA . 33.10 -41.70 -15.35
C5 NAG DA . 33.01 -41.47 -16.86
C6 NAG DA . 34.28 -41.83 -17.59
C7 NAG DA . 28.49 -42.88 -14.46
C8 NAG DA . 27.25 -42.31 -13.83
N2 NAG DA . 29.43 -41.97 -14.76
O3 NAG DA . 31.81 -41.65 -13.34
O4 NAG DA . 34.07 -40.86 -14.76
O5 NAG DA . 31.96 -42.27 -17.38
O6 NAG DA . 35.34 -41.05 -17.07
O7 NAG DA . 28.61 -44.08 -14.68
C1 NAG EA . -18.86 -26.06 20.31
C2 NAG EA . -18.32 -25.02 21.28
C3 NAG EA . -18.16 -25.66 22.64
C4 NAG EA . -19.51 -26.21 23.08
C5 NAG EA . -20.00 -27.22 22.04
C6 NAG EA . -21.37 -27.79 22.35
C7 NAG EA . -16.68 -23.24 20.80
C8 NAG EA . -15.31 -22.95 20.25
N2 NAG EA . -17.05 -24.53 20.81
O3 NAG EA . -17.72 -24.72 23.58
O4 NAG EA . -19.36 -26.82 24.35
O5 NAG EA . -20.07 -26.58 20.78
O6 NAG EA . -21.34 -28.45 23.59
O7 NAG EA . -17.40 -22.34 21.19
C1 NAG FA . 6.20 -25.41 -39.01
C2 NAG FA . 5.73 -26.84 -38.75
C3 NAG FA . 4.32 -26.98 -39.31
C4 NAG FA . 3.42 -25.95 -38.64
C5 NAG FA . 3.99 -24.55 -38.91
C6 NAG FA . 3.22 -23.44 -38.23
C7 NAG FA . 6.83 -29.05 -39.13
C8 NAG FA . 7.86 -29.76 -39.97
N2 NAG FA . 6.65 -27.75 -39.40
O3 NAG FA . 3.81 -28.26 -39.05
O4 NAG FA . 2.13 -26.08 -39.18
O5 NAG FA . 5.32 -24.49 -38.42
O6 NAG FA . 3.41 -23.55 -36.84
O7 NAG FA . 6.21 -29.64 -38.26
C1 NAG GA . 19.39 -45.95 -39.08
C2 NAG GA . 19.62 -46.67 -40.41
C3 NAG GA . 18.28 -46.79 -41.13
C4 NAG GA . 17.31 -47.56 -40.23
C5 NAG GA . 17.17 -46.81 -38.90
C6 NAG GA . 16.29 -47.53 -37.90
C7 NAG GA . 21.85 -46.17 -41.31
C8 NAG GA . 22.61 -45.24 -42.23
N2 NAG GA . 20.54 -45.92 -41.22
O3 NAG GA . 18.46 -47.47 -42.34
O4 NAG GA . 16.08 -47.64 -40.90
O5 NAG GA . 18.45 -46.66 -38.31
O6 NAG GA . 15.00 -47.71 -38.45
O7 NAG GA . 22.41 -47.08 -40.72
C1 NAG HA . -19.52 -34.98 -4.02
C2 NAG HA . -20.54 -33.91 -4.44
C3 NAG HA . -21.51 -34.52 -5.44
C4 NAG HA . -20.68 -35.02 -6.63
C5 NAG HA . -19.64 -36.02 -6.15
C6 NAG HA . -18.69 -36.51 -7.22
C7 NAG HA . -21.82 -33.93 -2.32
C8 NAG HA . -22.42 -33.04 -1.25
N2 NAG HA . -21.20 -33.28 -3.31
O3 NAG HA . -22.43 -33.55 -5.84
O4 NAG HA . -21.58 -35.60 -7.55
O5 NAG HA . -18.82 -35.42 -5.16
O6 NAG HA . -17.58 -37.10 -6.59
O7 NAG HA . -21.89 -35.15 -2.23
C1 NAG IA . -23.52 -32.74 -15.15
C2 NAG IA . -24.56 -31.70 -14.74
C3 NAG IA . -25.93 -32.17 -15.21
C4 NAG IA . -25.90 -32.37 -16.72
C5 NAG IA . -24.81 -33.39 -17.05
C6 NAG IA . -24.64 -33.63 -18.53
C7 NAG IA . -24.01 -30.56 -12.62
C8 NAG IA . -24.14 -30.66 -11.13
N2 NAG IA . -24.56 -31.58 -13.31
O3 NAG IA . -26.90 -31.21 -14.87
O4 NAG IA . -27.16 -32.82 -17.13
O5 NAG IA . -23.58 -32.92 -16.55
O6 NAG IA . -25.83 -34.16 -19.06
O7 NAG IA . -23.45 -29.62 -13.15
C1 NAG JA . -37.17 -15.95 22.78
C2 NAG JA . -37.76 -16.43 24.11
C3 NAG JA . -37.90 -17.94 24.06
C4 NAG JA . -38.80 -18.30 22.88
C5 NAG JA . -38.20 -17.75 21.59
C6 NAG JA . -39.08 -17.97 20.38
C7 NAG JA . -37.10 -15.02 26.02
C8 NAG JA . -36.06 -14.83 27.10
N2 NAG JA . -36.90 -16.08 25.20
O3 NAG JA . -38.45 -18.43 25.24
O4 NAG JA . -38.91 -19.71 22.82
O5 NAG JA . -38.01 -16.36 21.73
O6 NAG JA . -38.47 -17.40 19.24
O7 NAG JA . -38.05 -14.26 25.91
C1 NAG KA . -7.14 28.66 -54.40
C2 NAG KA . -6.68 27.53 -55.33
C3 NAG KA . -6.18 28.13 -56.62
C4 NAG KA . -7.31 28.95 -57.25
C5 NAG KA . -7.74 30.03 -56.26
C6 NAG KA . -8.90 30.86 -56.75
C7 NAG KA . -5.72 25.53 -54.24
C8 NAG KA . -4.47 24.96 -53.63
N2 NAG KA . -5.62 26.79 -54.70
O3 NAG KA . -5.79 27.12 -57.50
O4 NAG KA . -6.83 29.51 -58.45
O5 NAG KA . -8.13 29.42 -55.04
O6 NAG KA . -8.54 31.47 -57.97
O7 NAG KA . -6.73 24.86 -54.33
C1 NAG LA . -20.86 12.10 -35.82
C2 NAG LA . -20.79 10.65 -35.34
C3 NAG LA . -22.18 10.05 -35.36
C4 NAG LA . -23.08 10.89 -34.46
C5 NAG LA . -23.08 12.33 -34.98
C6 NAG LA . -23.89 13.26 -34.10
C7 NAG LA . -18.82 9.24 -35.84
C8 NAG LA . -18.09 8.55 -36.96
N2 NAG LA . -19.93 9.91 -36.22
O3 NAG LA . -22.14 8.73 -34.89
O4 NAG LA . -24.38 10.34 -34.49
O5 NAG LA . -21.76 12.81 -35.01
O6 NAG LA . -25.23 12.82 -34.06
O7 NAG LA . -18.44 9.17 -34.68
C1 NAG MA . 9.48 5.40 -62.70
C2 NAG MA . 9.56 5.83 -64.16
C3 NAG MA . 10.42 7.08 -64.25
C4 NAG MA . 9.80 8.17 -63.37
C5 NAG MA . 9.72 7.65 -61.94
C6 NAG MA . 9.06 8.62 -60.99
C7 NAG MA . 9.55 3.95 -65.77
C8 NAG MA . 10.43 2.95 -66.47
N2 NAG MA . 10.19 4.80 -64.93
O3 NAG MA . 10.47 7.53 -65.58
O4 NAG MA . 10.61 9.32 -63.46
O5 NAG MA . 8.97 6.45 -61.91
O6 NAG MA . 9.83 9.80 -60.93
O7 NAG MA . 8.34 3.99 -65.97
C1 NAG NA . 20.57 10.04 -42.44
C2 NAG NA . 20.10 10.58 -43.80
C3 NAG NA . 20.77 11.90 -44.06
C4 NAG NA . 20.44 12.87 -42.93
C5 NAG NA . 20.91 12.25 -41.61
C6 NAG NA . 20.56 13.08 -40.40
C7 NAG NA . 19.66 8.77 -45.42
C8 NAG NA . 20.28 7.92 -46.49
N2 NAG NA . 20.48 9.66 -44.85
O3 NAG NA . 20.31 12.44 -45.27
O4 NAG NA . 21.06 14.10 -43.20
O5 NAG NA . 20.30 10.99 -41.44
O6 NAG NA . 20.98 12.38 -39.24
O7 NAG NA . 18.48 8.65 -45.10
C1 NAG OA . -9.61 -8.27 -53.16
C2 NAG OA . -11.12 -8.37 -53.42
C3 NAG OA . -11.66 -9.60 -52.70
C4 NAG OA . -10.91 -10.83 -53.19
C5 NAG OA . -9.41 -10.64 -52.95
C6 NAG OA . -8.57 -11.77 -53.49
C7 NAG OA . -12.17 -6.15 -53.69
C8 NAG OA . -12.88 -5.04 -52.95
N2 NAG OA . -11.80 -7.20 -52.93
O3 NAG OA . -13.02 -9.73 -52.95
O4 NAG OA . -11.40 -11.95 -52.49
O5 NAG OA . -8.98 -9.46 -53.59
O6 NAG OA . -8.95 -12.97 -52.86
O7 NAG OA . -11.97 -6.09 -54.88
C1 NAG PA . -15.33 11.20 -53.50
C2 NAG PA . -15.79 9.74 -53.53
C3 NAG PA . -15.42 9.14 -54.86
C4 NAG PA . -16.05 9.95 -55.96
C5 NAG PA . -15.56 11.40 -55.85
C6 NAG PA . -16.17 12.32 -56.89
C7 NAG PA . -15.63 8.79 -51.26
C8 NAG PA . -14.72 8.04 -50.32
N2 NAG PA . -15.11 9.05 -52.48
O3 NAG PA . -15.89 7.82 -54.92
O4 NAG PA . -15.69 9.38 -57.21
O5 NAG PA . -15.90 11.91 -54.57
O6 NAG PA . -15.79 11.88 -58.17
O7 NAG PA . -16.76 9.13 -50.93
C1 NAG QA . -19.88 9.46 -46.41
C2 NAG QA . -20.62 10.51 -47.24
C3 NAG QA . -22.06 10.58 -46.78
C4 NAG QA . -22.68 9.21 -46.93
C5 NAG QA . -21.88 8.20 -46.09
C6 NAG QA . -22.38 6.79 -46.21
C7 NAG QA . -19.39 12.51 -48.02
C8 NAG QA . -18.77 13.82 -47.55
N2 NAG QA . -19.97 11.78 -47.05
O3 NAG QA . -22.75 11.54 -47.53
O4 NAG QA . -24.03 9.27 -46.49
O5 NAG QA . -20.53 8.21 -46.53
O6 NAG QA . -23.70 6.73 -45.73
O7 NAG QA . -19.32 12.16 -49.19
C1 NAG RA . 0.32 38.18 -25.41
C2 NAG RA . 0.86 38.57 -24.04
C3 NAG RA . 1.20 40.05 -24.06
C4 NAG RA . 2.22 40.31 -25.15
C5 NAG RA . 1.61 39.88 -26.49
C6 NAG RA . 2.56 40.03 -27.66
C7 NAG RA . -0.21 37.20 -22.30
C8 NAG RA . -1.37 37.14 -21.33
N2 NAG RA . -0.15 38.32 -23.06
O3 NAG RA . 1.73 40.42 -22.81
O4 NAG RA . 2.52 41.69 -25.16
O5 NAG RA . 1.27 38.51 -26.41
O6 NAG RA . 2.91 41.39 -27.80
O7 NAG RA . 0.59 36.28 -22.39
C1 NAG SA . -11.66 33.92 -22.11
C2 NAG SA . -10.64 34.97 -22.58
C3 NAG SA . -10.22 35.79 -21.38
C4 NAG SA . -11.45 36.44 -20.78
C5 NAG SA . -12.46 35.34 -20.38
C6 NAG SA . -13.75 35.88 -19.82
C7 NAG SA . -9.32 34.06 -24.45
C8 NAG SA . -8.05 33.33 -24.79
N2 NAG SA . -9.50 34.29 -23.14
O3 NAG SA . -9.32 36.78 -21.78
O4 NAG SA . -11.05 37.19 -19.65
O5 NAG SA . -12.77 34.57 -21.52
O6 NAG SA . -13.50 36.52 -18.59
O7 NAG SA . -10.10 34.42 -25.32
C1 NAG TA . -27.29 28.88 -3.40
C2 NAG TA . -27.69 27.87 -2.32
C3 NAG TA . -29.20 27.82 -2.24
C4 NAG TA . -29.71 29.22 -1.93
C5 NAG TA . -29.25 30.18 -3.02
C6 NAG TA . -29.63 31.62 -2.76
C7 NAG TA . -26.41 25.82 -1.83
C8 NAG TA . -25.94 24.51 -2.40
N2 NAG TA . -27.14 26.59 -2.66
O3 NAG TA . -29.59 26.94 -1.22
O4 NAG TA . -31.12 29.17 -1.86
O5 NAG TA . -27.84 30.15 -3.10
O6 NAG TA . -29.16 32.41 -3.83
O7 NAG TA . -26.13 26.13 -0.68
C1 NAG UA . -21.20 41.80 11.77
C2 NAG UA . -22.41 42.52 12.37
C3 NAG UA . -23.18 43.19 11.25
C4 NAG UA . -22.26 44.16 10.53
C5 NAG UA . -21.05 43.38 9.98
C6 NAG UA . -20.03 44.25 9.30
C7 NAG UA . -23.44 41.44 14.35
C8 NAG UA . -24.38 40.34 14.76
N2 NAG UA . -23.26 41.55 13.01
O3 NAG UA . -24.26 43.89 11.79
O4 NAG UA . -22.99 44.77 9.48
O5 NAG UA . -20.40 42.72 11.05
O6 NAG UA . -20.64 44.90 8.21
O7 NAG UA . -22.90 42.16 15.17
C1 NAG VA . -3.30 38.39 18.33
C2 NAG VA . -2.56 38.30 19.68
C3 NAG VA . -1.66 39.52 19.80
C4 NAG VA . -0.70 39.55 18.63
C5 NAG VA . -1.50 39.58 17.32
C6 NAG VA . -0.63 39.52 16.09
C7 NAG VA . -3.84 37.25 21.50
C8 NAG VA . -4.89 37.50 22.55
N2 NAG VA . -3.52 38.31 20.74
O3 NAG VA . -0.94 39.45 21.00
O4 NAG VA . 0.12 40.69 18.75
O5 NAG VA . -2.36 38.46 17.29
O6 NAG VA . 0.21 40.66 16.05
O7 NAG VA . -3.35 36.13 21.36
C1 NAG WA . -0.71 36.74 3.58
C2 NAG WA . -1.86 37.74 3.35
C3 NAG WA . -1.80 38.23 1.92
C4 NAG WA . -0.44 38.87 1.69
C5 NAG WA . 0.66 37.84 1.97
C6 NAG WA . 2.06 38.40 1.82
C7 NAG WA . -4.05 37.44 4.44
C8 NAG WA . -5.29 36.57 4.48
N2 NAG WA . -3.12 37.07 3.57
O3 NAG WA . -2.81 39.17 1.70
O4 NAG WA . -0.39 39.32 0.35
O5 NAG WA . 0.53 37.37 3.30
O6 NAG WA . 2.23 38.81 0.48
O7 NAG WA . -3.96 38.41 5.18
C1 NAG XA . 46.65 3.25 -38.78
C2 NAG XA . 47.34 4.57 -39.09
C3 NAG XA . 46.70 5.17 -40.33
C4 NAG XA . 46.81 4.19 -41.48
C5 NAG XA . 46.12 2.89 -41.08
C6 NAG XA . 46.23 1.78 -42.11
C7 NAG XA . 48.03 5.65 -36.97
C8 NAG XA . 47.60 6.69 -35.96
N2 NAG XA . 47.17 5.49 -38.01
O3 NAG XA . 47.36 6.36 -40.67
O4 NAG XA . 46.20 4.76 -42.62
O5 NAG XA . 46.71 2.40 -39.90
O6 NAG XA . 45.69 0.61 -41.56
O7 NAG XA . 49.07 5.02 -36.86
C1 NAG YA . 56.28 -2.61 -32.10
C2 NAG YA . 57.35 -3.35 -32.94
C3 NAG YA . 57.90 -4.48 -32.10
C4 NAG YA . 58.49 -3.91 -30.81
C5 NAG YA . 57.37 -3.16 -30.06
C6 NAG YA . 57.86 -2.50 -28.80
C7 NAG YA . 56.75 -3.29 -35.33
C8 NAG YA . 56.04 -4.07 -36.42
N2 NAG YA . 56.74 -3.89 -34.12
O3 NAG YA . 58.90 -5.14 -32.82
O4 NAG YA . 58.99 -4.99 -30.04
O5 NAG YA . 56.85 -2.16 -30.89
O6 NAG YA . 58.41 -3.46 -27.94
O7 NAG YA . 57.26 -2.20 -35.55
C1 NAG ZA . 55.16 -0.14 -10.74
C2 NAG ZA . 54.86 -1.48 -11.41
C3 NAG ZA . 55.73 -2.54 -10.77
C4 NAG ZA . 57.19 -2.16 -10.92
C5 NAG ZA . 57.39 -0.79 -10.24
C6 NAG ZA . 58.81 -0.28 -10.35
C7 NAG ZA . 52.50 -1.81 -12.11
C8 NAG ZA . 51.16 -2.24 -11.60
N2 NAG ZA . 53.48 -1.82 -11.18
O3 NAG ZA . 55.50 -3.77 -11.41
O4 NAG ZA . 57.97 -3.15 -10.30
O5 NAG ZA . 56.54 0.16 -10.84
O6 NAG ZA . 59.68 -1.20 -9.73
O7 NAG ZA . 52.69 -1.50 -13.27
C1 NAG AB . 62.42 3.54 -3.63
C2 NAG AB . 62.49 3.46 -5.16
C3 NAG AB . 63.90 3.08 -5.56
C4 NAG AB . 64.86 4.13 -5.02
C5 NAG AB . 64.71 4.19 -3.50
C6 NAG AB . 65.57 5.27 -2.86
C7 NAG AB . 60.42 2.73 -6.31
C8 NAG AB . 59.60 1.52 -6.66
N2 NAG AB . 61.55 2.48 -5.61
O3 NAG AB . 63.99 3.04 -6.96
O4 NAG AB . 66.17 3.76 -5.38
O5 NAG AB . 63.36 4.48 -3.16
O6 NAG AB . 65.36 5.26 -1.47
O7 NAG AB . 60.07 3.86 -6.63
C1 NAG BB . 41.85 -9.79 16.14
C2 NAG BB . 40.83 -10.60 16.94
C3 NAG BB . 41.58 -11.46 17.94
C4 NAG BB . 42.57 -12.35 17.21
C5 NAG BB . 43.53 -11.45 16.42
C6 NAG BB . 44.53 -12.23 15.59
C7 NAG BB . 38.74 -9.34 17.20
C8 NAG BB . 37.99 -8.38 18.10
N2 NAG BB . 39.96 -9.70 17.63
O3 NAG BB . 40.67 -12.26 18.66
O4 NAG BB . 43.26 -13.14 18.16
O5 NAG BB . 42.79 -10.65 15.53
O6 NAG BB . 45.34 -13.01 16.45
O7 NAG BB . 38.24 -9.75 16.16
C1 NAG CB . 38.38 2.55 19.22
C2 NAG CB . 39.13 1.23 19.41
C3 NAG CB . 38.44 0.45 20.52
C4 NAG CB . 38.46 1.28 21.78
C5 NAG CB . 37.75 2.61 21.52
C6 NAG CB . 37.77 3.54 22.70
C7 NAG CB . 39.94 0.59 17.17
C8 NAG CB . 39.69 -0.34 16.01
N2 NAG CB . 39.09 0.45 18.19
O3 NAG CB . 39.11 -0.76 20.73
O4 NAG CB . 37.80 0.55 22.80
O5 NAG CB . 38.38 3.28 20.44
O6 NAG CB . 37.09 2.94 23.78
O7 NAG CB . 40.86 1.40 17.15
C1 NAG DB . 54.36 16.91 -13.62
C2 NAG DB . 53.73 17.93 -14.57
C3 NAG DB . 54.54 17.99 -15.85
C4 NAG DB . 55.97 18.34 -15.49
C5 NAG DB . 56.52 17.28 -14.52
C6 NAG DB . 57.94 17.57 -14.07
C7 NAG DB . 51.28 18.10 -14.35
C8 NAG DB . 49.98 17.45 -14.76
N2 NAG DB . 52.39 17.50 -14.83
O3 NAG DB . 54.01 18.98 -16.68
O4 NAG DB . 56.73 18.39 -16.68
O5 NAG DB . 55.70 17.24 -13.36
O6 NAG DB . 58.78 17.64 -15.20
O7 NAG DB . 51.29 19.08 -13.62
C1 NAG EB . 43.82 19.39 -30.85
C2 NAG EB . 43.50 20.66 -30.04
C3 NAG EB . 42.38 21.40 -30.73
C4 NAG EB . 42.81 21.73 -32.15
C5 NAG EB . 43.16 20.43 -32.88
C6 NAG EB . 43.67 20.66 -34.29
C7 NAG EB . 43.86 20.40 -27.61
C8 NAG EB . 43.20 19.97 -26.33
N2 NAG EB . 43.09 20.30 -28.71
O3 NAG EB . 42.10 22.58 -30.03
O4 NAG EB . 41.74 22.41 -32.79
O5 NAG EB . 44.17 19.75 -32.17
O6 NAG EB . 42.64 21.21 -35.07
O7 NAG EB . 45.01 20.81 -27.63
C1 NAG FB . 47.74 21.25 -10.00
C2 NAG FB . 49.03 21.75 -9.36
C3 NAG FB . 48.76 23.10 -8.72
C4 NAG FB . 48.24 24.07 -9.75
C5 NAG FB . 46.96 23.48 -10.36
C6 NAG FB . 46.38 24.32 -11.47
C7 NAG FB . 50.47 19.98 -8.41
C8 NAG FB . 50.65 19.08 -7.21
N2 NAG FB . 49.41 20.80 -8.35
O3 NAG FB . 49.96 23.60 -8.17
O4 NAG FB . 47.98 25.31 -9.13
O5 NAG FB . 47.25 22.21 -10.92
O6 NAG FB . 45.31 23.61 -12.07
O7 NAG FB . 51.25 19.95 -9.35
C1 NAG GB . 40.72 20.38 -1.70
C2 NAG GB . 39.34 20.82 -2.19
C3 NAG GB . 39.29 22.34 -2.24
C4 NAG GB . 39.58 22.87 -0.85
C5 NAG GB . 40.96 22.37 -0.41
C6 NAG GB . 41.32 22.78 1.00
C7 NAG GB . 38.33 19.22 -3.77
C8 NAG GB . 38.27 18.83 -5.23
N2 NAG GB . 39.12 20.27 -3.51
O3 NAG GB . 38.02 22.76 -2.66
O4 NAG GB . 39.55 24.28 -0.90
O5 NAG GB . 40.96 20.95 -0.44
O6 NAG GB . 41.35 24.19 1.08
O7 NAG GB . 37.71 18.59 -2.93
C1 NAG HB . 60.79 12.94 4.18
C2 NAG HB . 60.78 13.26 5.67
C3 NAG HB . 62.01 12.66 6.31
C4 NAG HB . 61.99 11.15 6.07
C5 NAG HB . 61.96 10.89 4.57
C6 NAG HB . 61.80 9.42 4.25
C7 NAG HB . 59.74 15.50 6.30
C8 NAG HB . 58.39 14.91 6.64
N2 NAG HB . 60.75 14.69 5.88
O3 NAG HB . 62.02 12.92 7.69
O4 NAG HB . 63.15 10.61 6.67
O5 NAG HB . 60.84 11.55 4.00
O6 NAG HB . 61.77 9.25 2.85
O7 NAG HB . 59.90 16.71 6.41
C1 NAG IB . 55.11 7.09 22.15
C2 NAG IB . 54.97 7.12 23.68
C3 NAG IB . 53.87 8.09 24.05
C4 NAG IB . 54.19 9.46 23.49
C5 NAG IB . 54.33 9.35 21.97
C6 NAG IB . 54.73 10.65 21.32
C7 NAG IB . 55.50 4.97 24.75
C8 NAG IB . 54.91 3.64 25.16
N2 NAG IB . 54.64 5.81 24.15
O3 NAG IB . 53.74 8.15 25.45
O4 NAG IB . 53.15 10.34 23.84
O5 NAG IB . 55.35 8.40 21.67
O6 NAG IB . 53.70 11.59 21.50
O7 NAG IB . 56.68 5.23 24.96
C1 NAG JB . 3.91 -9.14 40.44
C2 NAG JB . 2.48 -9.55 40.79
C3 NAG JB . 2.55 -10.77 41.69
C4 NAG JB . 3.29 -11.87 40.96
C5 NAG JB . 4.69 -11.37 40.59
C6 NAG JB . 5.51 -12.38 39.80
C7 NAG JB . 1.03 -7.55 40.87
C8 NAG JB . 0.47 -6.49 41.78
N2 NAG JB . 1.83 -8.46 41.46
O3 NAG JB . 1.24 -11.19 42.00
O4 NAG JB . 3.36 -12.99 41.81
O5 NAG JB . 4.57 -10.21 39.80
O6 NAG JB . 5.72 -13.52 40.60
O7 NAG JB . 0.76 -7.57 39.68
C1 NAG KB . 16.50 -9.65 30.39
C2 NAG KB . 17.37 -8.99 31.47
C3 NAG KB . 18.83 -9.25 31.14
C4 NAG KB . 19.05 -10.75 31.07
C5 NAG KB . 18.12 -11.35 30.00
C6 NAG KB . 18.22 -12.85 29.89
C7 NAG KB . 16.60 -6.88 32.51
C8 NAG KB . 16.43 -5.41 32.26
N2 NAG KB . 17.11 -7.57 31.48
O3 NAG KB . 19.63 -8.70 32.14
O4 NAG KB . 20.40 -10.98 30.73
O5 NAG KB . 16.78 -11.03 30.33
O6 NAG KB . 19.52 -13.19 29.50
O7 NAG KB . 16.28 -7.38 33.57
C1 NAG LB . 14.74 6.65 45.82
C2 NAG LB . 14.71 7.48 47.10
C3 NAG LB . 16.08 8.10 47.31
C4 NAG LB . 17.12 7.00 47.38
C5 NAG LB . 17.06 6.19 46.08
C6 NAG LB . 18.02 5.01 46.06
C7 NAG LB . 12.51 8.47 47.56
C8 NAG LB . 11.62 9.67 47.30
N2 NAG LB . 13.72 8.51 46.99
O3 NAG LB . 16.08 8.85 48.50
O4 NAG LB . 18.38 7.60 47.56
O5 NAG LB . 15.76 5.69 45.90
O6 NAG LB . 19.33 5.48 46.24
O7 NAG LB . 12.11 7.53 48.25
#